data_9V12
#
_entry.id   9V12
#
loop_
_entity.id
_entity.type
_entity.pdbx_description
1 polymer 'Xanthosine/inosine triphosphate pyrophosphatase'
2 polymer 'NAD-dependent protein deacetylase'
3 non-polymer "2'-deoxyinosine 5'-triphosphate"
4 non-polymer 'ZINC ION'
5 non-polymer NICOTINAMIDE-ADENINE-DINUCLEOTIDE
#
loop_
_entity_poly.entity_id
_entity_poly.type
_entity_poly.pdbx_seq_one_letter_code
_entity_poly.pdbx_strand_id
1 'polypeptide(L)'
;MAPTWFYNTTNSEKLRELQHVLGGSAKLGYLTAKVTEILDVDLETVIRAKAIAAYRAVRVPVIVEHGALCIDALNGLPGA
LVKPFWESLDTRLCEVIPAGQRTARARGALCYCDGRERHVLIEETEGEIAPSARGTGGFHWDPIFIPKGQTRTFAEMSLD
EKLSFSPLGRLHTRLRTELGL
;
I,K,M,O,R,T,V,X
2 'polypeptide(L)'
;MTTLTLSEAAPLLKKEFREGRLIPFLGAGFSKPLKLPDGSQLIASLAKTLGFEPELFDMHGRFEQLAEFFAISAPNRLQR
LVYEMSLSFDSAEAEALREKSPMHRALAALDWRTIYTTAYDKHVEGALRDAGKQAAVLASFADFQGPRARDVCEVIKFAG
TLDQPDTIVLTESSYFQRMALDAPPDQRLRADLLANSFLFIGYSFSDTNIRYIWYRMNQLREQSQLGVKHSQARRCFFAT
HGAGLVQPDILQQWNIDVIQLDPTDKSASVARLLESIA
;
i,j,k,l,m,n,o,p
#
loop_
_chem_comp.id
_chem_comp.type
_chem_comp.name
_chem_comp.formula
NAD non-polymer NICOTINAMIDE-ADENINE-DINUCLEOTIDE 'C21 H27 N7 O14 P2'
Y43 non-polymer '2'-deoxyinosine 5'-triphosphate' 'C10 H15 N4 O13 P3'
ZN non-polymer 'ZINC ION' 'Zn 2'
#
# COMPACT_ATOMS: atom_id res chain seq x y z
N ALA A 2 39.53 6.30 -43.47
CA ALA A 2 38.44 5.34 -43.32
C ALA A 2 37.76 5.06 -44.65
N PRO A 3 37.35 3.82 -44.88
CA PRO A 3 36.64 3.49 -46.10
C PRO A 3 35.26 4.12 -46.15
N THR A 4 34.70 4.20 -47.35
CA THR A 4 33.33 4.61 -47.54
C THR A 4 32.47 3.55 -48.21
N TRP A 5 33.06 2.60 -48.91
CA TRP A 5 32.35 1.48 -49.50
C TRP A 5 32.90 0.18 -48.95
N PHE A 6 32.03 -0.79 -48.74
CA PHE A 6 32.39 -2.02 -48.06
C PHE A 6 31.96 -3.20 -48.92
N TYR A 7 32.91 -4.04 -49.28
CA TYR A 7 32.63 -5.21 -50.10
C TYR A 7 32.34 -6.39 -49.20
N ASN A 8 31.10 -6.86 -49.23
CA ASN A 8 30.63 -7.91 -48.33
C ASN A 8 30.68 -9.25 -49.06
N THR A 9 31.46 -10.18 -48.51
CA THR A 9 31.43 -11.55 -48.99
C THR A 9 31.86 -12.48 -47.87
N THR A 10 31.31 -13.69 -47.87
CA THR A 10 31.78 -14.74 -46.99
C THR A 10 32.72 -15.70 -47.69
N ASN A 11 32.84 -15.59 -49.00
CA ASN A 11 33.68 -16.48 -49.80
C ASN A 11 35.08 -15.89 -49.82
N SER A 12 36.04 -16.59 -49.20
CA SER A 12 37.38 -16.05 -49.08
C SER A 12 38.17 -16.12 -50.37
N GLU A 13 37.67 -16.81 -51.39
CA GLU A 13 38.33 -16.83 -52.68
C GLU A 13 37.89 -15.67 -53.55
N LYS A 14 36.67 -15.18 -53.37
CA LYS A 14 36.25 -13.95 -54.01
C LYS A 14 36.97 -12.76 -53.41
N LEU A 15 37.33 -12.85 -52.14
CA LEU A 15 37.95 -11.72 -51.45
C LEU A 15 39.38 -11.48 -51.95
N ARG A 16 40.15 -12.54 -52.17
CA ARG A 16 41.50 -12.34 -52.66
C ARG A 16 41.55 -12.08 -54.15
N GLU A 17 40.46 -12.29 -54.88
CA GLU A 17 40.43 -11.84 -56.26
C GLU A 17 40.20 -10.34 -56.34
N LEU A 18 39.24 -9.84 -55.59
CA LEU A 18 38.93 -8.42 -55.66
C LEU A 18 39.96 -7.57 -54.93
N GLN A 19 40.70 -8.14 -53.98
CA GLN A 19 41.84 -7.44 -53.42
C GLN A 19 43.07 -7.50 -54.31
N HIS A 20 43.05 -8.31 -55.36
CA HIS A 20 44.20 -8.33 -56.24
C HIS A 20 44.22 -7.12 -57.16
N VAL A 21 43.04 -6.52 -57.41
CA VAL A 21 42.91 -5.43 -58.37
C VAL A 21 42.43 -4.15 -57.68
N LEU A 22 41.36 -4.24 -56.89
CA LEU A 22 40.87 -3.11 -56.12
C LEU A 22 41.46 -3.06 -54.71
N GLY A 23 42.56 -3.75 -54.48
CA GLY A 23 43.15 -3.77 -53.15
C GLY A 23 43.89 -2.50 -52.80
N GLY A 24 44.44 -1.84 -53.81
CA GLY A 24 45.17 -0.60 -53.57
C GLY A 24 44.31 0.60 -53.27
N SER A 25 43.00 0.50 -53.47
CA SER A 25 42.10 1.61 -53.20
C SER A 25 41.84 1.73 -51.71
N ALA A 26 42.13 2.89 -51.14
CA ALA A 26 41.95 3.12 -49.72
C ALA A 26 40.51 3.39 -49.34
N LYS A 27 39.62 3.57 -50.31
CA LYS A 27 38.22 3.90 -50.05
C LYS A 27 37.35 2.67 -49.94
N LEU A 28 37.92 1.47 -50.00
CA LEU A 28 37.15 0.23 -50.03
C LEU A 28 37.52 -0.61 -48.81
N GLY A 29 36.53 -0.87 -47.95
CA GLY A 29 36.70 -1.76 -46.83
C GLY A 29 36.04 -3.09 -47.11
N TYR A 30 36.14 -3.99 -46.13
CA TYR A 30 35.72 -5.37 -46.35
C TYR A 30 34.94 -5.88 -45.15
N LEU A 31 33.77 -6.47 -45.41
CA LEU A 31 32.92 -7.06 -44.39
C LEU A 31 32.57 -8.49 -44.81
N THR A 32 32.08 -9.27 -43.87
CA THR A 32 31.83 -10.70 -44.11
C THR A 32 30.47 -11.14 -43.59
N ALA A 33 29.43 -10.34 -43.82
CA ALA A 33 28.10 -10.73 -43.37
C ALA A 33 27.48 -11.74 -44.31
N LYS A 34 26.79 -12.73 -43.74
CA LYS A 34 26.22 -13.83 -44.51
C LYS A 34 24.76 -13.52 -44.81
N VAL A 35 24.41 -13.53 -46.08
CA VAL A 35 23.06 -13.24 -46.51
C VAL A 35 22.47 -14.47 -47.19
N THR A 36 21.16 -14.45 -47.37
CA THR A 36 20.41 -15.55 -47.95
C THR A 36 19.79 -15.09 -49.26
N GLU A 37 20.08 -15.80 -50.33
CA GLU A 37 19.59 -15.39 -51.64
C GLU A 37 18.18 -15.94 -51.87
N ILE A 38 17.43 -15.25 -52.72
CA ILE A 38 16.10 -15.69 -53.08
C ILE A 38 16.20 -16.70 -54.20
N LEU A 39 15.09 -17.40 -54.46
CA LEU A 39 15.07 -18.51 -55.41
C LEU A 39 14.59 -17.98 -56.76
N ASP A 40 15.53 -17.70 -57.65
CA ASP A 40 15.20 -17.25 -59.00
C ASP A 40 16.42 -17.49 -59.88
N VAL A 41 16.18 -17.85 -61.14
CA VAL A 41 17.29 -18.08 -62.06
C VAL A 41 17.83 -16.80 -62.68
N ASP A 42 17.09 -15.71 -62.60
CA ASP A 42 17.53 -14.46 -63.20
C ASP A 42 18.58 -13.81 -62.33
N LEU A 43 19.73 -13.49 -62.91
CA LEU A 43 20.85 -12.93 -62.16
C LEU A 43 20.52 -11.53 -61.66
N GLU A 44 19.87 -10.72 -62.49
CA GLU A 44 19.48 -9.36 -62.12
C GLU A 44 18.54 -9.34 -60.92
N THR A 45 17.66 -10.34 -60.81
CA THR A 45 16.72 -10.37 -59.70
C THR A 45 17.41 -10.78 -58.40
N VAL A 46 18.35 -11.71 -58.47
CA VAL A 46 18.98 -12.24 -57.26
C VAL A 46 19.98 -11.26 -56.69
N ILE A 47 20.79 -10.63 -57.54
CA ILE A 47 21.81 -9.67 -57.06
C ILE A 47 21.16 -8.42 -56.50
N ARG A 48 19.96 -8.08 -56.97
CA ARG A 48 19.29 -6.89 -56.52
C ARG A 48 18.63 -7.10 -55.16
N ALA A 49 18.14 -8.32 -54.90
CA ALA A 49 17.60 -8.67 -53.59
C ALA A 49 18.69 -9.09 -52.61
N LYS A 50 19.91 -9.31 -53.08
CA LYS A 50 21.03 -9.62 -52.21
C LYS A 50 21.65 -8.36 -51.62
N ALA A 51 21.59 -7.24 -52.34
CA ALA A 51 22.16 -6.00 -51.84
C ALA A 51 21.29 -5.36 -50.77
N ILE A 52 19.96 -5.47 -50.88
CA ILE A 52 19.13 -4.92 -49.83
C ILE A 52 19.20 -5.79 -48.58
N ALA A 53 19.44 -7.09 -48.75
CA ALA A 53 19.59 -7.98 -47.61
C ALA A 53 20.93 -7.83 -46.93
N ALA A 54 21.94 -7.31 -47.63
CA ALA A 54 23.22 -7.05 -47.00
C ALA A 54 23.34 -5.65 -46.45
N TYR A 55 22.62 -4.67 -47.01
CA TYR A 55 22.56 -3.36 -46.39
C TYR A 55 21.81 -3.43 -45.07
N ARG A 56 20.81 -4.30 -44.98
CA ARG A 56 20.07 -4.48 -43.75
C ARG A 56 20.95 -5.08 -42.66
N ALA A 57 21.97 -5.83 -43.05
CA ALA A 57 22.85 -6.45 -42.07
C ALA A 57 23.91 -5.48 -41.56
N VAL A 58 24.58 -4.75 -42.46
CA VAL A 58 25.76 -4.00 -42.06
C VAL A 58 25.54 -2.49 -41.97
N ARG A 59 24.48 -1.95 -42.60
CA ARG A 59 24.02 -0.57 -42.44
C ARG A 59 25.05 0.47 -42.88
N VAL A 60 25.94 0.09 -43.79
CA VAL A 60 26.88 1.00 -44.44
C VAL A 60 26.75 0.80 -45.93
N PRO A 61 27.23 1.76 -46.77
CA PRO A 61 27.25 1.52 -48.22
C PRO A 61 28.00 0.27 -48.65
N VAL A 62 27.28 -0.68 -49.22
CA VAL A 62 27.77 -2.05 -49.36
C VAL A 62 27.81 -2.42 -50.84
N ILE A 63 28.73 -3.30 -51.20
CA ILE A 63 28.87 -3.85 -52.54
C ILE A 63 28.80 -5.37 -52.43
N VAL A 64 27.86 -5.99 -53.12
CA VAL A 64 27.72 -7.44 -53.12
C VAL A 64 27.99 -7.97 -54.51
N GLU A 65 28.13 -9.29 -54.60
CA GLU A 65 28.54 -9.94 -55.84
C GLU A 65 27.82 -11.28 -55.95
N HIS A 66 27.31 -11.59 -57.13
CA HIS A 66 26.67 -12.87 -57.37
C HIS A 66 26.89 -13.25 -58.82
N GLY A 67 26.95 -14.55 -59.09
CA GLY A 67 27.30 -15.06 -60.40
C GLY A 67 26.21 -15.88 -61.04
N ALA A 68 26.50 -16.35 -62.24
CA ALA A 68 25.60 -17.21 -62.99
C ALA A 68 26.41 -18.05 -63.96
N LEU A 69 25.92 -19.26 -64.24
CA LEU A 69 26.54 -20.18 -65.17
C LEU A 69 25.46 -20.79 -66.08
N CYS A 70 24.75 -19.92 -66.79
CA CYS A 70 23.74 -20.33 -67.76
C CYS A 70 24.33 -21.27 -68.80
N ILE A 71 23.66 -22.40 -69.03
CA ILE A 71 24.13 -23.44 -69.95
C ILE A 71 23.07 -23.66 -71.03
N ASP A 72 23.49 -23.78 -72.28
CA ASP A 72 22.56 -23.95 -73.39
C ASP A 72 21.90 -25.33 -73.39
N ALA A 73 22.62 -26.36 -72.93
CA ALA A 73 22.03 -27.69 -72.90
C ALA A 73 20.97 -27.82 -71.82
N LEU A 74 20.99 -26.94 -70.82
CA LEU A 74 19.99 -26.96 -69.76
C LEU A 74 19.06 -25.75 -69.82
N ASN A 75 18.98 -25.11 -70.99
CA ASN A 75 18.12 -23.96 -71.27
C ASN A 75 18.35 -22.81 -70.30
N GLY A 76 19.60 -22.58 -69.94
CA GLY A 76 19.95 -21.52 -69.02
C GLY A 76 20.11 -21.96 -67.58
N LEU A 77 19.83 -23.19 -67.27
CA LEU A 77 20.08 -23.66 -65.93
C LEU A 77 21.58 -23.94 -65.74
N PRO A 78 22.13 -23.71 -64.55
CA PRO A 78 21.53 -23.19 -63.32
C PRO A 78 21.17 -21.71 -63.28
N GLY A 79 21.86 -20.87 -64.04
CA GLY A 79 21.61 -19.45 -63.91
C GLY A 79 22.21 -18.99 -62.60
N ALA A 80 21.45 -18.22 -61.83
CA ALA A 80 21.91 -17.79 -60.51
C ALA A 80 21.78 -18.87 -59.46
N LEU A 81 21.36 -20.08 -59.84
CA LEU A 81 21.28 -21.25 -58.99
C LEU A 81 22.54 -22.10 -59.05
N VAL A 82 23.69 -21.51 -59.35
CA VAL A 82 24.92 -22.26 -59.55
C VAL A 82 25.53 -22.69 -58.22
N LYS A 83 25.20 -22.02 -57.12
CA LYS A 83 25.74 -22.40 -55.82
C LYS A 83 25.31 -23.79 -55.35
N PRO A 84 24.06 -24.23 -55.44
CA PRO A 84 23.78 -25.62 -55.09
C PRO A 84 23.98 -26.63 -56.19
N PHE A 85 24.37 -26.24 -57.41
CA PHE A 85 24.76 -27.27 -58.38
C PHE A 85 26.15 -27.80 -58.12
N TRP A 86 27.11 -26.90 -57.90
CA TRP A 86 28.48 -27.33 -57.65
C TRP A 86 28.59 -28.05 -56.31
N GLU A 87 27.68 -27.79 -55.38
CA GLU A 87 27.60 -28.59 -54.18
C GLU A 87 27.11 -30.00 -54.48
N SER A 88 26.08 -30.13 -55.31
CA SER A 88 25.52 -31.45 -55.60
C SER A 88 26.34 -32.17 -56.66
N LEU A 89 26.36 -31.64 -57.87
CA LEU A 89 27.10 -32.22 -58.99
C LEU A 89 28.49 -31.61 -58.98
N ASP A 90 29.50 -32.35 -58.54
CA ASP A 90 30.81 -31.72 -58.46
C ASP A 90 31.48 -31.72 -59.83
N THR A 91 31.92 -32.88 -60.30
CA THR A 91 32.46 -32.96 -61.65
C THR A 91 31.64 -33.88 -62.53
N ARG A 92 30.52 -34.39 -62.01
CA ARG A 92 29.52 -35.05 -62.82
C ARG A 92 28.76 -34.05 -63.68
N LEU A 93 28.88 -32.76 -63.37
CA LEU A 93 28.29 -31.69 -64.17
C LEU A 93 28.86 -31.66 -65.59
N CYS A 94 30.10 -32.14 -65.77
CA CYS A 94 30.62 -32.34 -67.12
C CYS A 94 29.98 -33.53 -67.82
N GLU A 95 29.39 -34.46 -67.07
CA GLU A 95 28.85 -35.68 -67.65
C GLU A 95 27.35 -35.64 -67.83
N VAL A 96 26.63 -34.76 -67.12
CA VAL A 96 25.19 -34.65 -67.33
C VAL A 96 24.83 -33.86 -68.57
N ILE A 97 25.81 -33.21 -69.19
CA ILE A 97 25.60 -32.37 -70.36
C ILE A 97 26.07 -33.14 -71.59
N PRO A 98 25.30 -33.18 -72.68
CA PRO A 98 25.70 -33.97 -73.84
C PRO A 98 26.92 -33.38 -74.54
N ALA A 99 27.74 -34.26 -75.10
CA ALA A 99 28.87 -33.83 -75.89
C ALA A 99 28.40 -33.37 -77.27
N GLY A 100 28.86 -32.21 -77.69
CA GLY A 100 28.46 -31.60 -78.95
C GLY A 100 27.74 -30.28 -78.79
N GLN A 101 27.12 -30.02 -77.64
CA GLN A 101 26.46 -28.76 -77.35
C GLN A 101 26.85 -28.27 -75.97
N ARG A 102 28.16 -28.14 -75.76
CA ARG A 102 28.75 -27.78 -74.49
C ARG A 102 28.74 -26.28 -74.20
N THR A 103 28.09 -25.44 -74.99
CA THR A 103 28.23 -24.00 -74.85
C THR A 103 27.47 -23.46 -73.64
N ALA A 104 28.00 -22.38 -73.07
CA ALA A 104 27.48 -21.80 -71.84
C ALA A 104 27.94 -20.35 -71.74
N ARG A 105 27.38 -19.63 -70.77
CA ARG A 105 27.78 -18.26 -70.48
C ARG A 105 28.13 -18.16 -69.00
N ALA A 106 29.27 -17.56 -68.69
CA ALA A 106 29.65 -17.24 -67.32
C ALA A 106 29.30 -15.78 -67.09
N ARG A 107 28.25 -15.53 -66.32
CA ARG A 107 27.83 -14.18 -66.02
C ARG A 107 28.21 -13.82 -64.61
N GLY A 108 28.31 -12.52 -64.35
CA GLY A 108 28.72 -12.04 -63.05
C GLY A 108 28.21 -10.63 -62.84
N ALA A 109 27.79 -10.33 -61.63
CA ALA A 109 27.14 -9.07 -61.37
C ALA A 109 27.61 -8.49 -60.04
N LEU A 110 27.95 -7.21 -60.06
CA LEU A 110 28.14 -6.42 -58.86
C LEU A 110 26.91 -5.55 -58.64
N CYS A 111 26.55 -5.34 -57.39
CA CYS A 111 25.47 -4.41 -57.05
C CYS A 111 25.91 -3.63 -55.83
N TYR A 112 25.97 -2.31 -55.95
CA TYR A 112 26.30 -1.47 -54.82
C TYR A 112 25.07 -0.71 -54.37
N CYS A 113 24.87 -0.64 -53.06
CA CYS A 113 23.72 0.01 -52.45
C CYS A 113 24.24 1.00 -51.43
N ASP A 114 24.00 2.29 -51.66
CA ASP A 114 24.42 3.31 -50.72
C ASP A 114 23.38 3.57 -49.63
N GLY A 115 22.27 2.86 -49.66
CA GLY A 115 21.19 3.06 -48.72
C GLY A 115 19.96 3.70 -49.30
N ARG A 116 20.02 4.22 -50.53
CA ARG A 116 18.83 4.80 -51.13
C ARG A 116 18.64 4.38 -52.56
N GLU A 117 19.64 3.77 -53.18
CA GLU A 117 19.52 3.30 -54.55
C GLU A 117 20.45 2.12 -54.76
N ARG A 118 20.03 1.19 -55.62
CA ARG A 118 20.81 0.01 -55.96
C ARG A 118 21.15 0.07 -57.43
N HIS A 119 22.42 -0.09 -57.77
CA HIS A 119 22.87 -0.07 -59.16
C HIS A 119 23.62 -1.34 -59.47
N VAL A 120 23.24 -2.00 -60.56
CA VAL A 120 23.75 -3.32 -60.91
C VAL A 120 24.66 -3.19 -62.13
N LEU A 121 25.85 -3.80 -62.04
CA LEU A 121 26.79 -3.86 -63.15
C LEU A 121 26.97 -5.32 -63.54
N ILE A 122 26.67 -5.66 -64.78
CA ILE A 122 26.70 -7.05 -65.25
C ILE A 122 27.68 -7.18 -66.39
N GLU A 123 28.63 -8.11 -66.25
CA GLU A 123 29.45 -8.55 -67.38
C GLU A 123 29.21 -10.04 -67.61
N GLU A 124 29.81 -10.56 -68.67
CA GLU A 124 29.38 -11.82 -69.25
C GLU A 124 30.47 -12.35 -70.18
N THR A 125 30.75 -13.65 -70.08
CA THR A 125 31.80 -14.29 -70.85
C THR A 125 31.27 -15.55 -71.52
N GLU A 126 31.26 -15.57 -72.85
CA GLU A 126 30.93 -16.77 -73.60
C GLU A 126 31.99 -17.83 -73.40
N GLY A 127 31.56 -19.08 -73.40
CA GLY A 127 32.49 -20.17 -73.24
C GLY A 127 31.85 -21.49 -73.56
N GLU A 128 32.46 -22.55 -73.04
CA GLU A 128 31.95 -23.90 -73.24
C GLU A 128 32.45 -24.79 -72.12
N ILE A 129 31.61 -25.75 -71.73
CA ILE A 129 31.94 -26.65 -70.63
C ILE A 129 33.01 -27.63 -71.08
N ALA A 130 34.01 -27.85 -70.23
CA ALA A 130 35.10 -28.74 -70.56
C ALA A 130 34.63 -30.20 -70.60
N PRO A 131 35.32 -31.06 -71.36
CA PRO A 131 34.92 -32.48 -71.37
C PRO A 131 35.14 -33.18 -70.06
N SER A 132 36.13 -32.75 -69.28
CA SER A 132 36.34 -33.25 -67.93
C SER A 132 37.04 -32.15 -67.16
N ALA A 133 36.93 -32.22 -65.84
CA ALA A 133 37.54 -31.20 -65.00
C ALA A 133 39.06 -31.29 -65.05
N ARG A 134 39.69 -30.25 -65.59
CA ARG A 134 41.13 -30.16 -65.65
C ARG A 134 41.54 -28.83 -65.03
N GLY A 135 42.67 -28.86 -64.34
CA GLY A 135 43.18 -27.65 -63.71
C GLY A 135 43.12 -27.73 -62.20
N THR A 136 44.05 -27.02 -61.55
CA THR A 136 44.20 -27.05 -60.11
C THR A 136 43.91 -25.72 -59.43
N GLY A 137 44.22 -24.60 -60.07
CA GLY A 137 44.04 -23.30 -59.47
C GLY A 137 42.58 -22.88 -59.42
N GLY A 138 42.37 -21.66 -58.93
CA GLY A 138 41.02 -21.15 -58.89
C GLY A 138 40.19 -21.80 -57.78
N PHE A 139 38.88 -21.79 -57.99
CA PHE A 139 37.93 -22.34 -57.03
C PHE A 139 36.71 -22.83 -57.79
N HIS A 140 35.54 -22.92 -57.14
CA HIS A 140 34.29 -23.54 -57.63
C HIS A 140 34.01 -23.32 -59.12
N TRP A 141 33.77 -24.41 -59.83
CA TRP A 141 33.49 -24.53 -61.26
C TRP A 141 34.54 -23.96 -62.19
N ASP A 142 35.67 -23.51 -61.70
CA ASP A 142 36.75 -23.16 -62.61
C ASP A 142 37.38 -24.32 -63.39
N PRO A 143 37.49 -25.56 -62.88
CA PRO A 143 38.01 -26.62 -63.76
C PRO A 143 37.07 -27.08 -64.87
N ILE A 144 35.86 -26.56 -65.01
CA ILE A 144 34.95 -27.06 -66.03
C ILE A 144 34.66 -26.06 -67.12
N PHE A 145 35.10 -24.81 -67.01
CA PHE A 145 34.71 -23.75 -67.93
C PHE A 145 35.90 -23.29 -68.76
N ILE A 146 35.77 -23.34 -70.07
CA ILE A 146 36.79 -22.88 -71.01
C ILE A 146 36.22 -21.70 -71.78
N PRO A 147 36.87 -20.54 -71.76
CA PRO A 147 36.33 -19.38 -72.49
C PRO A 147 36.47 -19.54 -73.99
N LYS A 148 35.76 -18.70 -74.72
CA LYS A 148 35.75 -18.81 -76.17
C LYS A 148 37.07 -18.35 -76.75
N GLY A 149 37.62 -19.14 -77.67
CA GLY A 149 38.93 -18.89 -78.25
C GLY A 149 40.06 -19.56 -77.51
N GLN A 150 40.03 -19.51 -76.19
CA GLN A 150 41.03 -20.15 -75.35
C GLN A 150 40.80 -21.66 -75.36
N THR A 151 41.86 -22.43 -75.11
CA THR A 151 41.74 -23.86 -74.93
C THR A 151 41.78 -24.30 -73.47
N ARG A 152 42.27 -23.45 -72.58
CA ARG A 152 42.46 -23.81 -71.18
C ARG A 152 41.27 -23.36 -70.35
N THR A 153 41.14 -23.95 -69.16
CA THR A 153 40.07 -23.60 -68.24
C THR A 153 40.46 -22.37 -67.43
N PHE A 154 39.54 -21.90 -66.58
CA PHE A 154 39.90 -20.90 -65.59
C PHE A 154 40.83 -21.47 -64.54
N ALA A 155 40.75 -22.77 -64.27
CA ALA A 155 41.63 -23.37 -63.28
C ALA A 155 43.03 -23.53 -63.81
N GLU A 156 43.20 -23.68 -65.11
CA GLU A 156 44.52 -23.84 -65.69
C GLU A 156 45.26 -22.53 -65.89
N MET A 157 44.63 -21.40 -65.64
CA MET A 157 45.26 -20.11 -65.81
C MET A 157 45.54 -19.47 -64.45
N SER A 158 46.53 -18.59 -64.43
CA SER A 158 46.90 -17.86 -63.21
C SER A 158 45.87 -16.77 -62.92
N LEU A 159 46.07 -16.04 -61.82
CA LEU A 159 45.08 -15.06 -61.43
C LEU A 159 45.08 -13.84 -62.35
N ASP A 160 46.24 -13.47 -62.90
CA ASP A 160 46.27 -12.39 -63.87
C ASP A 160 45.66 -12.82 -65.19
N GLU A 161 45.87 -14.08 -65.58
CA GLU A 161 45.32 -14.56 -66.84
C GLU A 161 43.85 -14.85 -66.74
N LYS A 162 43.37 -15.29 -65.58
CA LYS A 162 41.95 -15.58 -65.42
C LYS A 162 41.13 -14.31 -65.43
N LEU A 163 41.65 -13.23 -64.83
CA LEU A 163 40.95 -11.95 -64.82
C LEU A 163 41.04 -11.20 -66.12
N SER A 164 41.81 -11.66 -67.10
CA SER A 164 41.72 -11.11 -68.43
C SER A 164 40.63 -11.79 -69.26
N PHE A 165 39.92 -12.75 -68.69
CA PHE A 165 38.82 -13.43 -69.36
C PHE A 165 37.55 -13.39 -68.54
N SER A 166 37.67 -13.45 -67.21
CA SER A 166 36.52 -13.59 -66.33
C SER A 166 35.72 -12.31 -66.30
N PRO A 167 34.43 -12.38 -65.91
CA PRO A 167 33.61 -11.16 -65.82
C PRO A 167 34.08 -10.15 -64.80
N LEU A 168 34.84 -10.56 -63.79
CA LEU A 168 35.28 -9.61 -62.78
C LEU A 168 36.37 -8.69 -63.33
N GLY A 169 37.08 -9.11 -64.37
CA GLY A 169 38.13 -8.29 -64.93
C GLY A 169 37.63 -7.08 -65.70
N ARG A 170 36.39 -7.11 -66.14
CA ARG A 170 35.75 -5.94 -66.74
C ARG A 170 34.90 -5.16 -65.76
N LEU A 171 34.60 -5.75 -64.62
CA LEU A 171 33.83 -5.09 -63.57
C LEU A 171 34.68 -4.30 -62.60
N HIS A 172 36.00 -4.50 -62.56
CA HIS A 172 36.86 -3.64 -61.75
C HIS A 172 36.84 -2.22 -62.26
N THR A 173 37.01 -2.06 -63.57
CA THR A 173 37.13 -0.74 -64.16
C THR A 173 35.82 0.02 -64.10
N ARG A 174 34.70 -0.68 -64.23
CA ARG A 174 33.39 -0.03 -64.12
C ARG A 174 33.06 0.32 -62.68
N LEU A 175 33.47 -0.50 -61.72
CA LEU A 175 33.21 -0.17 -60.33
C LEU A 175 34.11 0.95 -59.84
N ARG A 176 35.36 0.99 -60.31
CA ARG A 176 36.27 2.05 -59.92
C ARG A 176 35.84 3.39 -60.49
N THR A 177 35.32 3.39 -61.72
CA THR A 177 34.91 4.64 -62.36
C THR A 177 33.64 5.19 -61.74
N GLU A 178 32.64 4.33 -61.51
CA GLU A 178 31.37 4.80 -61.00
C GLU A 178 31.40 5.15 -59.52
N LEU A 179 32.35 4.64 -58.77
CA LEU A 179 32.44 4.94 -57.35
C LEU A 179 33.62 5.82 -57.00
N GLY A 180 34.53 6.07 -57.93
CA GLY A 180 35.68 6.90 -57.65
C GLY A 180 36.68 6.25 -56.72
N LEU A 181 36.79 4.93 -56.75
CA LEU A 181 37.71 4.23 -55.87
C LEU A 181 39.14 4.45 -56.31
N ALA B 2 -16.30 -19.34 -38.28
CA ALA B 2 -15.07 -18.76 -38.81
C ALA B 2 -13.92 -19.75 -38.74
N PRO B 3 -13.06 -19.74 -39.75
CA PRO B 3 -11.89 -20.63 -39.72
C PRO B 3 -10.90 -20.22 -38.66
N THR B 4 -10.02 -21.16 -38.31
CA THR B 4 -8.89 -20.87 -37.44
C THR B 4 -7.56 -21.13 -38.09
N TRP B 5 -7.49 -21.95 -39.13
CA TRP B 5 -6.28 -22.20 -39.89
C TRP B 5 -6.51 -21.80 -41.34
N PHE B 6 -5.49 -21.24 -41.96
CA PHE B 6 -5.61 -20.67 -43.30
C PHE B 6 -4.53 -21.25 -44.19
N TYR B 7 -4.95 -21.88 -45.28
CA TYR B 7 -4.01 -22.49 -46.22
C TYR B 7 -3.65 -21.46 -47.28
N ASN B 8 -2.41 -21.05 -47.30
CA ASN B 8 -1.94 -19.99 -48.19
C ASN B 8 -1.28 -20.61 -49.41
N THR B 9 -1.82 -20.31 -50.59
CA THR B 9 -1.16 -20.68 -51.83
C THR B 9 -1.60 -19.72 -52.92
N THR B 10 -0.70 -19.47 -53.87
CA THR B 10 -1.06 -18.76 -55.08
C THR B 10 -1.30 -19.68 -56.25
N ASN B 11 -1.00 -20.96 -56.10
CA ASN B 11 -1.14 -21.95 -57.16
C ASN B 11 -2.55 -22.50 -57.08
N SER B 12 -3.35 -22.21 -58.11
CA SER B 12 -4.77 -22.59 -58.07
C SER B 12 -4.99 -24.08 -58.31
N GLU B 13 -3.95 -24.81 -58.72
CA GLU B 13 -4.08 -26.25 -58.86
C GLU B 13 -3.80 -26.98 -57.57
N LYS B 14 -2.96 -26.41 -56.70
CA LYS B 14 -2.79 -26.93 -55.35
C LYS B 14 -4.05 -26.69 -54.52
N LEU B 15 -4.77 -25.62 -54.83
CA LEU B 15 -5.94 -25.26 -54.04
C LEU B 15 -7.09 -26.23 -54.26
N ARG B 16 -7.32 -26.65 -55.50
CA ARG B 16 -8.40 -27.59 -55.75
C ARG B 16 -8.03 -29.01 -55.40
N GLU B 17 -6.74 -29.31 -55.17
CA GLU B 17 -6.39 -30.61 -54.65
C GLU B 17 -6.69 -30.69 -53.16
N LEU B 18 -6.27 -29.68 -52.41
CA LEU B 18 -6.47 -29.71 -50.97
C LEU B 18 -7.91 -29.45 -50.58
N GLN B 19 -8.69 -28.78 -51.43
CA GLN B 19 -10.12 -28.68 -51.21
C GLN B 19 -10.86 -29.93 -51.62
N HIS B 20 -10.21 -30.87 -52.30
CA HIS B 20 -10.90 -32.10 -52.64
C HIS B 20 -11.01 -33.03 -51.44
N VAL B 21 -10.10 -32.89 -50.47
CA VAL B 21 -10.04 -33.80 -49.32
C VAL B 21 -10.30 -33.05 -48.02
N LEU B 22 -9.61 -31.94 -47.80
CA LEU B 22 -9.83 -31.11 -46.63
C LEU B 22 -10.85 -30.00 -46.87
N GLY B 23 -11.67 -30.13 -47.92
CA GLY B 23 -12.62 -29.09 -48.24
C GLY B 23 -13.83 -29.10 -47.32
N GLY B 24 -14.19 -30.27 -46.82
CA GLY B 24 -15.34 -30.37 -45.93
C GLY B 24 -15.10 -29.85 -44.53
N SER B 25 -13.86 -29.58 -44.17
CA SER B 25 -13.55 -29.07 -42.83
C SER B 25 -13.89 -27.59 -42.74
N ALA B 26 -14.73 -27.22 -41.79
CA ALA B 26 -15.15 -25.85 -41.63
C ALA B 26 -14.12 -25.00 -40.90
N LYS B 27 -13.07 -25.61 -40.36
CA LYS B 27 -12.05 -24.89 -39.60
C LYS B 27 -10.90 -24.42 -40.46
N LEU B 28 -10.96 -24.61 -41.78
CA LEU B 28 -9.85 -24.29 -42.66
C LEU B 28 -10.30 -23.24 -43.67
N GLY B 29 -9.66 -22.08 -43.64
CA GLY B 29 -9.88 -21.03 -44.61
C GLY B 29 -8.76 -20.99 -45.62
N TYR B 30 -8.87 -20.07 -46.56
CA TYR B 30 -7.95 -20.04 -47.70
C TYR B 30 -7.50 -18.62 -47.99
N LEU B 31 -6.19 -18.44 -48.13
CA LEU B 31 -5.61 -17.15 -48.47
C LEU B 31 -4.67 -17.34 -49.66
N THR B 32 -4.29 -16.23 -50.29
CA THR B 32 -3.50 -16.30 -51.52
C THR B 32 -2.34 -15.31 -51.51
N ALA B 33 -1.62 -15.21 -50.39
CA ALA B 33 -0.49 -14.30 -50.33
C ALA B 33 0.73 -14.91 -51.01
N LYS B 34 1.47 -14.08 -51.72
CA LYS B 34 2.61 -14.53 -52.52
C LYS B 34 3.88 -14.32 -51.71
N VAL B 35 4.65 -15.40 -51.50
CA VAL B 35 5.87 -15.34 -50.72
C VAL B 35 7.04 -15.70 -51.64
N THR B 36 8.24 -15.41 -51.15
CA THR B 36 9.47 -15.63 -51.90
C THR B 36 10.30 -16.66 -51.14
N GLU B 37 10.67 -17.74 -51.82
CA GLU B 37 11.42 -18.81 -51.19
C GLU B 37 12.91 -18.49 -51.20
N ILE B 38 13.62 -19.08 -50.25
CA ILE B 38 15.06 -18.91 -50.16
C ILE B 38 15.71 -19.94 -51.07
N LEU B 39 17.00 -19.75 -51.32
CA LEU B 39 17.74 -20.58 -52.28
C LEU B 39 18.45 -21.69 -51.53
N ASP B 40 17.84 -22.88 -51.53
CA ASP B 40 18.43 -24.05 -50.88
C ASP B 40 17.76 -25.29 -51.46
N VAL B 41 18.53 -26.36 -51.63
CA VAL B 41 17.95 -27.59 -52.16
C VAL B 41 17.26 -28.43 -51.10
N ASP B 42 17.50 -28.17 -49.82
CA ASP B 42 16.89 -28.95 -48.76
C ASP B 42 15.45 -28.53 -48.57
N LEU B 43 14.54 -29.51 -48.63
CA LEU B 43 13.11 -29.21 -48.54
C LEU B 43 12.73 -28.71 -47.16
N GLU B 44 13.31 -29.31 -46.11
CA GLU B 44 13.06 -28.89 -44.74
C GLU B 44 13.46 -27.45 -44.48
N THR B 45 14.52 -26.97 -45.12
CA THR B 45 14.98 -25.61 -44.91
C THR B 45 14.07 -24.61 -45.63
N VAL B 46 13.58 -24.96 -46.81
CA VAL B 46 12.81 -24.03 -47.61
C VAL B 46 11.39 -23.89 -47.08
N ILE B 47 10.75 -25.00 -46.70
CA ILE B 47 9.38 -24.96 -46.19
C ILE B 47 9.33 -24.28 -44.83
N ARG B 48 10.41 -24.32 -44.08
CA ARG B 48 10.43 -23.72 -42.76
C ARG B 48 10.61 -22.21 -42.84
N ALA B 49 11.36 -21.74 -43.82
CA ALA B 49 11.50 -20.30 -44.08
C ALA B 49 10.36 -19.75 -44.90
N LYS B 50 9.54 -20.59 -45.49
CA LYS B 50 8.36 -20.16 -46.23
C LYS B 50 7.19 -19.89 -45.30
N ALA B 51 7.11 -20.60 -44.18
CA ALA B 51 6.01 -20.41 -43.25
C ALA B 51 6.16 -19.14 -42.43
N ILE B 52 7.39 -18.76 -42.07
CA ILE B 52 7.57 -17.52 -41.35
C ILE B 52 7.37 -16.33 -42.28
N ALA B 53 7.67 -16.50 -43.57
CA ALA B 53 7.46 -15.45 -44.53
C ALA B 53 6.00 -15.29 -44.91
N ALA B 54 5.18 -16.32 -44.71
CA ALA B 54 3.75 -16.20 -44.96
C ALA B 54 2.98 -15.79 -43.72
N TYR B 55 3.47 -16.13 -42.52
CA TYR B 55 2.85 -15.59 -41.31
C TYR B 55 3.07 -14.09 -41.22
N ARG B 56 4.21 -13.61 -41.70
CA ARG B 56 4.49 -12.19 -41.70
C ARG B 56 3.56 -11.45 -42.65
N ALA B 57 3.06 -12.13 -43.67
CA ALA B 57 2.16 -11.48 -44.62
C ALA B 57 0.73 -11.43 -44.11
N VAL B 58 0.21 -12.54 -43.60
CA VAL B 58 -1.22 -12.63 -43.32
C VAL B 58 -1.58 -12.54 -41.84
N ARG B 59 -0.62 -12.79 -40.93
CA ARG B 59 -0.75 -12.56 -39.48
C ARG B 59 -1.86 -13.39 -38.83
N VAL B 60 -2.19 -14.53 -39.43
CA VAL B 60 -3.10 -15.52 -38.85
C VAL B 60 -2.39 -16.86 -38.89
N PRO B 61 -2.85 -17.86 -38.08
CA PRO B 61 -2.30 -19.21 -38.20
C PRO B 61 -2.37 -19.80 -39.60
N VAL B 62 -1.21 -20.04 -40.21
CA VAL B 62 -1.13 -20.27 -41.64
C VAL B 62 -0.52 -21.65 -41.89
N ILE B 63 -0.89 -22.24 -43.02
CA ILE B 63 -0.35 -23.52 -43.48
C ILE B 63 0.19 -23.31 -44.88
N VAL B 64 1.47 -23.60 -45.09
CA VAL B 64 2.08 -23.46 -46.41
C VAL B 64 2.51 -24.84 -46.89
N GLU B 65 2.88 -24.89 -48.17
CA GLU B 65 3.18 -26.15 -48.83
C GLU B 65 4.31 -25.94 -49.84
N HIS B 66 5.26 -26.85 -49.87
CA HIS B 66 6.35 -26.78 -50.83
C HIS B 66 6.80 -28.20 -51.15
N GLY B 67 7.28 -28.40 -52.37
CA GLY B 67 7.60 -29.71 -52.87
C GLY B 67 9.07 -29.89 -53.22
N ALA B 68 9.39 -31.09 -53.67
CA ALA B 68 10.73 -31.43 -54.11
C ALA B 68 10.64 -32.57 -55.11
N LEU B 69 11.60 -32.59 -56.05
CA LEU B 69 11.69 -33.63 -57.07
C LEU B 69 13.15 -34.07 -57.19
N CYS B 70 13.72 -34.53 -56.08
CA CYS B 70 15.07 -35.05 -56.06
C CYS B 70 15.26 -36.20 -57.05
N ILE B 71 16.30 -36.11 -57.87
CA ILE B 71 16.58 -37.08 -58.93
C ILE B 71 17.95 -37.69 -58.70
N ASP B 72 18.06 -39.02 -58.87
CA ASP B 72 19.31 -39.72 -58.64
C ASP B 72 20.36 -39.41 -59.70
N ALA B 73 19.94 -39.17 -60.94
CA ALA B 73 20.89 -38.86 -61.99
C ALA B 73 21.49 -37.48 -61.82
N LEU B 74 20.83 -36.60 -61.08
CA LEU B 74 21.33 -35.26 -60.84
C LEU B 74 21.75 -35.06 -59.39
N ASN B 75 22.01 -36.16 -58.67
CA ASN B 75 22.46 -36.18 -57.28
C ASN B 75 21.52 -35.42 -56.34
N GLY B 76 20.22 -35.53 -56.59
CA GLY B 76 19.23 -34.86 -55.78
C GLY B 76 18.76 -33.54 -56.34
N LEU B 77 19.31 -33.08 -57.43
CA LEU B 77 18.78 -31.88 -58.06
C LEU B 77 17.52 -32.22 -58.84
N PRO B 78 16.54 -31.31 -58.90
CA PRO B 78 16.45 -29.98 -58.31
C PRO B 78 16.25 -29.90 -56.80
N GLY B 79 15.63 -30.90 -56.19
CA GLY B 79 15.29 -30.77 -54.78
C GLY B 79 14.17 -29.78 -54.65
N ALA B 80 14.29 -28.84 -53.73
CA ALA B 80 13.29 -27.79 -53.57
C ALA B 80 13.41 -26.70 -54.62
N LEU B 81 14.33 -26.84 -55.58
CA LEU B 81 14.51 -25.95 -56.72
C LEU B 81 13.73 -26.41 -57.94
N VAL B 82 12.62 -27.12 -57.75
CA VAL B 82 11.88 -27.69 -58.87
C VAL B 82 11.03 -26.64 -59.58
N LYS B 83 10.70 -25.54 -58.91
CA LYS B 83 9.91 -24.49 -59.55
C LYS B 83 10.60 -23.81 -60.74
N PRO B 84 11.88 -23.44 -60.71
CA PRO B 84 12.49 -22.94 -61.95
C PRO B 84 13.04 -23.99 -62.89
N PHE B 85 12.99 -25.29 -62.57
CA PHE B 85 13.34 -26.28 -63.59
C PHE B 85 12.22 -26.48 -64.58
N TRP B 86 11.00 -26.67 -64.08
CA TRP B 86 9.87 -26.88 -64.97
C TRP B 86 9.55 -25.63 -65.79
N GLU B 87 9.93 -24.46 -65.29
CA GLU B 87 9.86 -23.26 -66.11
C GLU B 87 10.88 -23.30 -67.24
N SER B 88 12.12 -23.70 -66.94
CA SER B 88 13.15 -23.71 -67.98
C SER B 88 13.06 -24.95 -68.86
N LEU B 89 13.28 -26.12 -68.27
CA LEU B 89 13.21 -27.38 -68.98
C LEU B 89 11.79 -27.90 -68.88
N ASP B 90 11.02 -27.80 -69.95
CA ASP B 90 9.63 -28.22 -69.82
C ASP B 90 9.52 -29.73 -69.95
N THR B 91 9.69 -30.27 -71.15
CA THR B 91 9.71 -31.71 -71.31
C THR B 91 11.06 -32.19 -71.82
N ARG B 92 12.03 -31.29 -71.97
CA ARG B 92 13.41 -31.66 -72.18
C ARG B 92 14.03 -32.25 -70.92
N LEU B 93 13.36 -32.07 -69.78
CA LEU B 93 13.80 -32.68 -68.52
C LEU B 93 13.77 -34.21 -68.58
N CYS B 94 12.92 -34.78 -69.44
CA CYS B 94 13.00 -36.21 -69.70
C CYS B 94 14.21 -36.58 -70.54
N GLU B 95 14.78 -35.62 -71.27
CA GLU B 95 15.88 -35.90 -72.18
C GLU B 95 17.25 -35.55 -71.63
N VAL B 96 17.32 -34.69 -70.61
CA VAL B 96 18.61 -34.39 -70.00
C VAL B 96 19.07 -35.47 -69.04
N ILE B 97 18.22 -36.42 -68.73
CA ILE B 97 18.52 -37.49 -67.79
C ILE B 97 18.80 -38.76 -68.57
N PRO B 98 19.86 -39.51 -68.27
CA PRO B 98 20.19 -40.70 -69.05
C PRO B 98 19.16 -41.81 -68.87
N ALA B 99 18.95 -42.57 -69.94
CA ALA B 99 18.08 -43.73 -69.86
C ALA B 99 18.81 -44.87 -69.17
N GLY B 100 18.15 -45.50 -68.21
CA GLY B 100 18.73 -46.56 -67.41
C GLY B 100 18.84 -46.23 -65.94
N GLN B 101 18.91 -44.96 -65.57
CA GLN B 101 18.95 -44.52 -64.18
C GLN B 101 17.95 -43.40 -63.95
N ARG B 102 16.69 -43.67 -64.30
CA ARG B 102 15.61 -42.70 -64.25
C ARG B 102 15.01 -42.51 -62.86
N THR B 103 15.57 -43.07 -61.79
CA THR B 103 14.89 -43.06 -60.50
C THR B 103 14.94 -41.70 -59.83
N ALA B 104 13.92 -41.41 -59.03
CA ALA B 104 13.74 -40.10 -58.41
C ALA B 104 12.80 -40.26 -57.23
N ARG B 105 12.71 -39.19 -56.42
CA ARG B 105 11.78 -39.13 -55.30
C ARG B 105 10.94 -37.87 -55.43
N ALA B 106 9.63 -38.02 -55.28
CA ALA B 106 8.71 -36.89 -55.21
C ALA B 106 8.43 -36.64 -53.74
N ARG B 107 8.99 -35.56 -53.20
CA ARG B 107 8.79 -35.21 -51.82
C ARG B 107 7.84 -34.03 -51.71
N GLY B 108 7.22 -33.91 -50.55
CA GLY B 108 6.26 -32.85 -50.33
C GLY B 108 6.13 -32.56 -48.86
N ALA B 109 5.98 -31.29 -48.52
CA ALA B 109 6.01 -30.89 -47.13
C ALA B 109 4.95 -29.84 -46.84
N LEU B 110 4.22 -30.05 -45.76
CA LEU B 110 3.36 -29.03 -45.18
C LEU B 110 4.06 -28.46 -43.96
N CYS B 111 3.87 -27.17 -43.73
CA CYS B 111 4.36 -26.53 -42.51
C CYS B 111 3.29 -25.57 -42.02
N TYR B 112 2.83 -25.78 -40.80
CA TYR B 112 1.85 -24.89 -40.19
C TYR B 112 2.51 -24.08 -39.09
N CYS B 113 2.20 -22.79 -39.07
CA CYS B 113 2.77 -21.85 -38.10
C CYS B 113 1.63 -21.12 -37.43
N ASP B 114 1.47 -21.33 -36.12
CA ASP B 114 0.43 -20.64 -35.38
C ASP B 114 0.87 -19.28 -34.86
N GLY B 115 2.09 -18.89 -35.15
CA GLY B 115 2.64 -17.64 -34.66
C GLY B 115 3.70 -17.79 -33.60
N ARG B 116 3.88 -18.98 -33.04
CA ARG B 116 4.92 -19.16 -32.04
C ARG B 116 5.75 -20.42 -32.27
N GLU B 117 5.29 -21.31 -33.14
CA GLU B 117 6.03 -22.52 -33.44
C GLU B 117 5.70 -22.98 -34.84
N ARG B 118 6.68 -23.58 -35.51
CA ARG B 118 6.53 -24.11 -36.85
C ARG B 118 6.73 -25.62 -36.81
N HIS B 119 5.79 -26.36 -37.37
CA HIS B 119 5.86 -27.82 -37.40
C HIS B 119 5.76 -28.31 -38.83
N VAL B 120 6.70 -29.15 -39.24
CA VAL B 120 6.84 -29.59 -40.62
C VAL B 120 6.41 -31.06 -40.72
N LEU B 121 5.56 -31.36 -41.69
CA LEU B 121 5.14 -32.72 -42.00
C LEU B 121 5.62 -33.06 -43.40
N ILE B 122 6.44 -34.10 -43.53
CA ILE B 122 7.05 -34.47 -44.80
C ILE B 122 6.63 -35.88 -45.18
N GLU B 123 6.07 -36.04 -46.38
CA GLU B 123 5.90 -37.34 -47.00
C GLU B 123 6.70 -37.40 -48.29
N GLU B 124 6.73 -38.58 -48.90
CA GLU B 124 7.75 -38.90 -49.89
C GLU B 124 7.30 -40.11 -50.70
N THR B 125 7.47 -40.04 -52.02
CA THR B 125 7.04 -41.11 -52.92
C THR B 125 8.16 -41.48 -53.87
N GLU B 126 8.64 -42.71 -53.79
CA GLU B 126 9.60 -43.24 -54.74
C GLU B 126 8.98 -43.36 -56.11
N GLY B 127 9.79 -43.14 -57.14
CA GLY B 127 9.30 -43.26 -58.49
C GLY B 127 10.42 -43.25 -59.48
N GLU B 128 10.08 -42.94 -60.73
CA GLU B 128 11.05 -42.86 -61.80
C GLU B 128 10.54 -41.94 -62.88
N ILE B 129 11.47 -41.23 -63.54
CA ILE B 129 11.11 -40.27 -64.57
C ILE B 129 10.66 -41.01 -65.82
N ALA B 130 9.57 -40.55 -66.43
CA ALA B 130 9.03 -41.20 -67.61
C ALA B 130 9.97 -40.99 -68.80
N PRO B 131 9.93 -41.89 -69.79
CA PRO B 131 10.78 -41.69 -70.99
C PRO B 131 10.37 -40.50 -71.82
N SER B 132 9.09 -40.14 -71.82
CA SER B 132 8.61 -38.92 -72.44
C SER B 132 7.35 -38.51 -71.72
N ALA B 133 7.00 -37.23 -71.84
CA ALA B 133 5.84 -36.71 -71.16
C ALA B 133 4.56 -37.29 -71.76
N ARG B 134 3.85 -38.08 -70.95
CA ARG B 134 2.57 -38.63 -71.35
C ARG B 134 1.54 -38.28 -70.30
N GLY B 135 0.33 -38.02 -70.76
CA GLY B 135 -0.75 -37.68 -69.86
C GLY B 135 -1.20 -36.24 -70.02
N THR B 136 -2.47 -36.00 -69.72
CA THR B 136 -3.10 -34.70 -69.89
C THR B 136 -3.53 -34.04 -68.61
N GLY B 137 -3.97 -34.81 -67.62
CA GLY B 137 -4.47 -34.25 -66.38
C GLY B 137 -3.36 -33.72 -65.49
N GLY B 138 -3.76 -33.25 -64.31
CA GLY B 138 -2.78 -32.76 -63.37
C GLY B 138 -2.21 -31.41 -63.77
N PHE B 139 -1.01 -31.14 -63.30
CA PHE B 139 -0.33 -29.88 -63.57
C PHE B 139 1.18 -30.15 -63.56
N HIS B 140 2.01 -29.12 -63.29
CA HIS B 140 3.47 -29.11 -63.41
C HIS B 140 4.16 -30.41 -62.99
N TRP B 141 5.00 -30.93 -63.89
CA TRP B 141 5.79 -32.17 -63.80
C TRP B 141 4.98 -33.44 -63.55
N ASP B 142 3.67 -33.40 -63.56
CA ASP B 142 2.93 -34.65 -63.52
C ASP B 142 3.06 -35.53 -64.77
N PRO B 143 3.20 -35.03 -66.00
CA PRO B 143 3.42 -35.97 -67.12
C PRO B 143 4.78 -36.66 -67.15
N ILE B 144 5.70 -36.39 -66.23
CA ILE B 144 7.03 -36.99 -66.31
C ILE B 144 7.31 -37.97 -65.19
N PHE B 145 6.45 -38.09 -64.19
CA PHE B 145 6.74 -38.87 -62.99
C PHE B 145 5.84 -40.08 -62.91
N ILE B 146 6.43 -41.27 -62.80
CA ILE B 146 5.70 -42.53 -62.67
C ILE B 146 6.06 -43.11 -61.31
N PRO B 147 5.09 -43.38 -60.43
CA PRO B 147 5.41 -43.94 -59.12
C PRO B 147 5.87 -45.39 -59.21
N LYS B 148 6.44 -45.88 -58.12
CA LYS B 148 7.00 -47.21 -58.12
C LYS B 148 5.88 -48.26 -58.09
N GLY B 149 5.99 -49.25 -58.96
CA GLY B 149 4.97 -50.27 -59.13
C GLY B 149 3.96 -49.94 -60.20
N GLN B 150 3.51 -48.68 -60.24
CA GLN B 150 2.57 -48.22 -61.24
C GLN B 150 3.30 -48.06 -62.57
N THR B 151 2.55 -48.16 -63.67
CA THR B 151 3.09 -47.87 -64.99
C THR B 151 2.69 -46.51 -65.52
N ARG B 152 1.66 -45.88 -64.96
CA ARG B 152 1.14 -44.62 -65.46
C ARG B 152 1.73 -43.45 -64.69
N THR B 153 1.63 -42.27 -65.29
CA THR B 153 2.13 -41.05 -64.67
C THR B 153 1.08 -40.49 -63.70
N PHE B 154 1.44 -39.41 -63.01
CA PHE B 154 0.43 -38.65 -62.27
C PHE B 154 -0.55 -37.96 -63.20
N ALA B 155 -0.12 -37.63 -64.41
CA ALA B 155 -1.02 -36.97 -65.34
C ALA B 155 -2.01 -37.94 -65.94
N GLU B 156 -1.66 -39.22 -66.04
CA GLU B 156 -2.55 -40.21 -66.59
C GLU B 156 -3.59 -40.72 -65.60
N MET B 157 -3.51 -40.33 -64.35
CA MET B 157 -4.44 -40.78 -63.34
C MET B 157 -5.37 -39.65 -62.93
N SER B 158 -6.56 -40.01 -62.46
CA SER B 158 -7.55 -39.05 -61.99
C SER B 158 -7.13 -38.47 -60.64
N LEU B 159 -7.94 -37.57 -60.10
CA LEU B 159 -7.55 -36.89 -58.87
C LEU B 159 -7.65 -37.81 -57.66
N ASP B 160 -8.59 -38.76 -57.67
CA ASP B 160 -8.66 -39.74 -56.59
C ASP B 160 -7.53 -40.75 -56.70
N GLU B 161 -7.13 -41.11 -57.92
CA GLU B 161 -6.06 -42.08 -58.08
C GLU B 161 -4.69 -41.45 -57.87
N LYS B 162 -4.53 -40.17 -58.20
CA LYS B 162 -3.25 -39.50 -57.99
C LYS B 162 -2.97 -39.29 -56.51
N LEU B 163 -4.00 -38.99 -55.74
CA LEU B 163 -3.84 -38.79 -54.30
C LEU B 163 -3.73 -40.09 -53.52
N SER B 164 -3.90 -41.24 -54.15
CA SER B 164 -3.55 -42.48 -53.51
C SER B 164 -2.08 -42.84 -53.72
N PHE B 165 -1.33 -42.00 -54.41
CA PHE B 165 0.10 -42.22 -54.63
C PHE B 165 0.91 -41.00 -54.21
N SER B 166 0.36 -39.80 -54.41
CA SER B 166 1.11 -38.57 -54.22
C SER B 166 1.36 -38.32 -52.73
N PRO B 167 2.37 -37.50 -52.39
CA PRO B 167 2.63 -37.21 -50.98
C PRO B 167 1.52 -36.47 -50.27
N LEU B 168 0.66 -35.76 -50.98
CA LEU B 168 -0.41 -35.03 -50.31
C LEU B 168 -1.49 -35.97 -49.79
N GLY B 169 -1.60 -37.17 -50.35
CA GLY B 169 -2.60 -38.11 -49.88
C GLY B 169 -2.32 -38.72 -48.53
N ARG B 170 -1.06 -38.70 -48.10
CA ARG B 170 -0.71 -39.10 -46.74
C ARG B 170 -0.58 -37.93 -45.80
N LEU B 171 -0.51 -36.71 -46.33
CA LEU B 171 -0.43 -35.51 -45.52
C LEU B 171 -1.78 -34.94 -45.14
N HIS B 172 -2.87 -35.37 -45.79
CA HIS B 172 -4.20 -34.94 -45.34
C HIS B 172 -4.51 -35.49 -43.96
N THR B 173 -4.25 -36.79 -43.77
CA THR B 173 -4.60 -37.46 -42.54
C THR B 173 -3.74 -36.97 -41.38
N ARG B 174 -2.48 -36.67 -41.65
CA ARG B 174 -1.60 -36.15 -40.61
C ARG B 174 -1.93 -34.70 -40.25
N LEU B 175 -2.35 -33.90 -41.23
CA LEU B 175 -2.71 -32.53 -40.94
C LEU B 175 -4.06 -32.44 -40.24
N ARG B 176 -5.00 -33.33 -40.60
CA ARG B 176 -6.29 -33.34 -39.93
C ARG B 176 -6.17 -33.79 -38.50
N THR B 177 -5.30 -34.76 -38.23
CA THR B 177 -5.16 -35.28 -36.87
C THR B 177 -4.45 -34.29 -35.97
N GLU B 178 -3.37 -33.69 -36.44
CA GLU B 178 -2.59 -32.79 -35.60
C GLU B 178 -3.25 -31.43 -35.40
N LEU B 179 -4.17 -31.03 -36.27
CA LEU B 179 -4.84 -29.75 -36.10
C LEU B 179 -6.29 -29.89 -35.70
N GLY B 180 -6.85 -31.09 -35.72
CA GLY B 180 -8.23 -31.27 -35.36
C GLY B 180 -9.20 -30.72 -36.38
N LEU B 181 -8.83 -30.71 -37.65
CA LEU B 181 -9.69 -30.17 -38.69
C LEU B 181 -10.87 -31.10 -38.94
N ALA C 2 -30.76 49.54 -9.68
CA ALA C 2 -29.88 49.17 -8.58
C ALA C 2 -29.06 50.36 -8.12
N PRO C 3 -28.82 50.47 -6.82
CA PRO C 3 -27.99 51.55 -6.30
C PRO C 3 -26.54 51.39 -6.71
N THR C 4 -25.80 52.49 -6.63
CA THR C 4 -24.36 52.47 -6.82
C THR C 4 -23.59 52.95 -5.60
N TRP C 5 -24.22 53.70 -4.70
CA TRP C 5 -23.61 54.14 -3.46
C TRP C 5 -24.45 53.63 -2.30
N PHE C 6 -23.78 53.24 -1.22
CA PHE C 6 -24.44 52.59 -0.10
C PHE C 6 -24.08 53.32 1.18
N TYR C 7 -25.09 53.82 1.88
CA TYR C 7 -24.87 54.54 3.13
C TYR C 7 -24.92 53.55 4.29
N ASN C 8 -23.79 53.37 4.94
CA ASN C 8 -23.63 52.38 6.00
C ASN C 8 -23.80 53.04 7.35
N THR C 9 -24.78 52.60 8.12
CA THR C 9 -24.90 53.02 9.51
C THR C 9 -25.65 51.95 10.29
N THR C 10 -25.31 51.82 11.56
CA THR C 10 -26.08 50.99 12.47
C THR C 10 -27.04 51.80 13.31
N ASN C 11 -26.93 53.11 13.28
CA ASN C 11 -27.77 54.01 14.07
C ASN C 11 -29.04 54.28 13.28
N SER C 12 -30.17 53.80 13.77
CA SER C 12 -31.41 53.92 13.03
C SER C 12 -31.99 55.32 13.05
N GLU C 13 -31.47 56.21 13.88
CA GLU C 13 -31.91 57.59 13.88
C GLU C 13 -31.16 58.43 12.85
N LYS C 14 -29.92 58.06 12.55
CA LYS C 14 -29.22 58.67 11.43
C LYS C 14 -29.82 58.25 10.10
N LEU C 15 -30.38 57.04 10.06
CA LEU C 15 -30.91 56.51 8.81
C LEU C 15 -32.18 57.23 8.39
N ARG C 16 -33.07 57.55 9.33
CA ARG C 16 -34.29 58.25 8.95
C ARG C 16 -34.06 59.74 8.77
N GLU C 17 -32.91 60.27 9.20
CA GLU C 17 -32.59 61.65 8.85
C GLU C 17 -32.12 61.74 7.41
N LEU C 18 -31.21 60.87 7.01
CA LEU C 18 -30.67 60.93 5.66
C LEU C 18 -31.65 60.42 4.62
N GLN C 19 -32.60 59.57 5.02
CA GLN C 19 -33.69 59.22 4.11
C GLN C 19 -34.76 60.30 4.04
N HIS C 20 -34.72 61.30 4.90
CA HIS C 20 -35.70 62.37 4.79
C HIS C 20 -35.38 63.32 3.65
N VAL C 21 -34.10 63.40 3.26
CA VAL C 21 -33.64 64.34 2.26
C VAL C 21 -33.08 63.63 1.03
N LEU C 22 -32.18 62.69 1.24
CA LEU C 22 -31.63 61.88 0.17
C LEU C 22 -32.41 60.59 -0.06
N GLY C 23 -33.65 60.51 0.42
CA GLY C 23 -34.42 59.31 0.27
C GLY C 23 -34.98 59.12 -1.11
N GLY C 24 -35.27 60.24 -1.79
CA GLY C 24 -35.80 60.16 -3.14
C GLY C 24 -34.82 59.76 -4.21
N SER C 25 -33.53 59.75 -3.89
CA SER C 25 -32.51 59.37 -4.86
C SER C 25 -32.48 57.87 -5.04
N ALA C 26 -32.66 57.40 -6.26
CA ALA C 26 -32.67 55.97 -6.54
C ALA C 26 -31.27 55.37 -6.62
N LYS C 27 -30.23 56.19 -6.59
CA LYS C 27 -28.86 55.71 -6.71
C LYS C 27 -28.23 55.42 -5.37
N LEU C 28 -28.96 55.53 -4.27
CA LEU C 28 -28.40 55.39 -2.94
C LEU C 28 -29.10 54.23 -2.23
N GLY C 29 -28.31 53.21 -1.89
CA GLY C 29 -28.79 52.08 -1.10
C GLY C 29 -28.32 52.22 0.34
N TYR C 30 -28.72 51.23 1.15
CA TYR C 30 -28.49 51.33 2.59
C TYR C 30 -28.00 50.01 3.14
N LEU C 31 -26.93 50.06 3.92
CA LEU C 31 -26.35 48.89 4.57
C LEU C 31 -26.18 49.19 6.06
N THR C 32 -25.97 48.15 6.85
CA THR C 32 -25.92 48.30 8.31
C THR C 32 -24.74 47.55 8.92
N ALA C 33 -23.56 47.63 8.31
CA ALA C 33 -22.40 46.97 8.87
C ALA C 33 -21.82 47.76 10.03
N LYS C 34 -21.39 47.05 11.06
CA LYS C 34 -20.89 47.66 12.28
C LYS C 34 -19.37 47.74 12.22
N VAL C 35 -18.83 48.94 12.36
CA VAL C 35 -17.39 49.15 12.31
C VAL C 35 -16.93 49.69 13.66
N THR C 36 -15.61 49.64 13.85
CA THR C 36 -14.98 50.06 15.09
C THR C 36 -14.10 51.26 14.80
N GLU C 37 -14.32 52.36 15.53
CA GLU C 37 -13.58 53.57 15.29
C GLU C 37 -12.26 53.55 16.05
N ILE C 38 -11.29 54.29 15.54
CA ILE C 38 -10.00 54.41 16.19
C ILE C 38 -10.09 55.49 17.26
N LEU C 39 -9.08 55.54 18.13
CA LEU C 39 -9.09 56.44 19.27
C LEU C 39 -8.33 57.70 18.92
N ASP C 40 -9.06 58.76 18.55
CA ASP C 40 -8.46 60.04 18.23
C ASP C 40 -9.55 61.11 18.34
N VAL C 41 -9.18 62.30 18.80
CA VAL C 41 -10.16 63.37 18.92
C VAL C 41 -10.38 64.12 17.61
N ASP C 42 -9.49 63.96 16.64
CA ASP C 42 -9.63 64.67 15.38
C ASP C 42 -10.68 63.99 14.53
N LEU C 43 -11.67 64.78 14.07
CA LEU C 43 -12.77 64.23 13.29
C LEU C 43 -12.31 63.73 11.94
N GLU C 44 -11.41 64.47 11.29
CA GLU C 44 -10.86 64.09 9.99
C GLU C 44 -10.14 62.76 10.04
N THR C 45 -9.46 62.47 11.16
CA THR C 45 -8.72 61.22 11.27
C THR C 45 -9.66 60.04 11.48
N VAL C 46 -10.72 60.24 12.26
CA VAL C 46 -11.60 59.13 12.61
C VAL C 46 -12.51 58.76 11.45
N ILE C 47 -13.07 59.75 10.76
CA ILE C 47 -13.97 59.48 9.64
C ILE C 47 -13.22 58.86 8.46
N ARG C 48 -11.93 59.15 8.34
CA ARG C 48 -11.14 58.62 7.23
C ARG C 48 -10.75 57.18 7.47
N ALA C 49 -10.51 56.79 8.73
CA ALA C 49 -10.25 55.41 9.08
C ALA C 49 -11.52 54.60 9.27
N LYS C 50 -12.67 55.26 9.33
CA LYS C 50 -13.96 54.57 9.40
C LYS C 50 -14.44 54.13 8.03
N ALA C 51 -14.10 54.87 6.98
CA ALA C 51 -14.52 54.52 5.64
C ALA C 51 -13.74 53.35 5.07
N ILE C 52 -12.46 53.23 5.40
CA ILE C 52 -11.71 52.08 4.92
C ILE C 52 -12.12 50.83 5.69
N ALA C 53 -12.54 50.99 6.94
CA ALA C 53 -13.00 49.86 7.72
C ALA C 53 -14.40 49.41 7.34
N ALA C 54 -15.18 50.29 6.70
CA ALA C 54 -16.49 49.88 6.21
C ALA C 54 -16.46 49.40 4.77
N TYR C 55 -15.52 49.88 3.96
CA TYR C 55 -15.33 49.29 2.64
C TYR C 55 -14.82 47.88 2.74
N ARG C 56 -14.00 47.59 3.75
CA ARG C 56 -13.50 46.25 3.97
C ARG C 56 -14.62 45.30 4.36
N ALA C 57 -15.68 45.82 4.96
CA ALA C 57 -16.80 44.97 5.38
C ALA C 57 -17.75 44.68 4.23
N VAL C 58 -18.14 45.70 3.47
CA VAL C 58 -19.23 45.53 2.51
C VAL C 58 -18.78 45.45 1.06
N ARG C 59 -17.57 45.92 0.73
CA ARG C 59 -16.92 45.74 -0.58
C ARG C 59 -17.69 46.37 -1.73
N VAL C 60 -18.48 47.41 -1.43
CA VAL C 60 -19.14 48.23 -2.45
C VAL C 60 -18.82 49.67 -2.13
N PRO C 61 -18.99 50.61 -3.10
CA PRO C 61 -18.84 52.04 -2.79
C PRO C 61 -19.70 52.54 -1.64
N VAL C 62 -19.07 52.95 -0.56
CA VAL C 62 -19.74 53.13 0.71
C VAL C 62 -19.61 54.58 1.17
N ILE C 63 -20.60 55.04 1.93
CA ILE C 63 -20.61 56.38 2.52
C ILE C 63 -20.80 56.19 4.02
N VAL C 64 -19.88 56.72 4.82
CA VAL C 64 -19.99 56.63 6.27
C VAL C 64 -20.12 58.03 6.84
N GLU C 65 -20.45 58.10 8.13
CA GLU C 65 -20.77 59.36 8.78
C GLU C 65 -20.27 59.30 10.22
N HIS C 66 -19.64 60.38 10.68
CA HIS C 66 -19.17 60.46 12.06
C HIS C 66 -19.23 61.91 12.48
N GLY C 67 -19.46 62.15 13.77
CA GLY C 67 -19.68 63.48 14.28
C GLY C 67 -18.64 63.90 15.32
N ALA C 68 -18.82 65.12 15.80
CA ALA C 68 -17.97 65.68 16.83
C ALA C 68 -18.75 66.73 17.60
N LEU C 69 -18.41 66.88 18.88
CA LEU C 69 -19.03 67.87 19.76
C LEU C 69 -17.94 68.58 20.58
N CYS C 70 -16.99 69.19 19.86
CA CYS C 70 -15.93 69.96 20.49
C CYS C 70 -16.48 71.06 21.39
N ILE C 71 -15.98 71.13 22.63
CA ILE C 71 -16.47 72.08 23.63
C ILE C 71 -15.29 72.96 24.07
N ASP C 72 -15.54 74.27 24.19
CA ASP C 72 -14.49 75.20 24.58
C ASP C 72 -14.07 75.04 26.04
N ALA C 73 -15.00 74.67 26.92
CA ALA C 73 -14.65 74.50 28.32
C ALA C 73 -13.81 73.26 28.55
N LEU C 74 -13.83 72.31 27.61
CA LEU C 74 -13.03 71.09 27.73
C LEU C 74 -11.93 71.05 26.69
N ASN C 75 -11.55 72.21 26.14
CA ASN C 75 -10.48 72.38 25.15
C ASN C 75 -10.68 71.50 23.92
N GLY C 76 -11.92 71.36 23.48
CA GLY C 76 -12.23 70.55 22.33
C GLY C 76 -12.66 69.15 22.63
N LEU C 77 -12.66 68.75 23.88
CA LEU C 77 -13.18 67.45 24.22
C LEU C 77 -14.70 67.50 24.26
N PRO C 78 -15.40 66.42 23.87
CA PRO C 78 -14.93 65.12 23.39
C PRO C 78 -14.34 65.09 21.98
N GLY C 79 -14.74 65.98 21.09
CA GLY C 79 -14.30 65.86 19.72
C GLY C 79 -15.01 64.68 19.09
N ALA C 80 -14.27 63.82 18.40
CA ALA C 80 -14.85 62.62 17.83
C ALA C 80 -15.06 61.52 18.85
N LEU C 81 -14.79 61.78 20.13
CA LEU C 81 -15.04 60.89 21.25
C LEU C 81 -16.39 61.12 21.90
N VAL C 82 -17.37 61.62 21.14
CA VAL C 82 -18.66 61.99 21.72
C VAL C 82 -19.53 60.77 21.97
N LYS C 83 -19.27 59.66 21.28
CA LYS C 83 -20.06 58.45 21.49
C LYS C 83 -19.94 57.86 22.90
N PRO C 84 -18.77 57.74 23.54
CA PRO C 84 -18.78 57.29 24.93
C PRO C 84 -18.97 58.39 25.97
N PHE C 85 -19.10 59.66 25.59
CA PHE C 85 -19.49 60.65 26.61
C PHE C 85 -20.98 60.59 26.90
N TRP C 86 -21.80 60.57 25.85
CA TRP C 86 -23.24 60.52 26.04
C TRP C 86 -23.67 59.21 26.66
N GLU C 87 -22.89 58.15 26.48
CA GLU C 87 -23.13 56.91 27.22
C GLU C 87 -22.84 57.09 28.71
N SER C 88 -21.72 57.73 29.04
CA SER C 88 -21.35 57.88 30.44
C SER C 88 -22.10 59.04 31.10
N LEU C 89 -21.84 60.25 30.64
CA LEU C 89 -22.49 61.45 31.16
C LEU C 89 -23.74 61.69 30.34
N ASP C 90 -24.91 61.39 30.90
CA ASP C 90 -26.11 61.55 30.06
C ASP C 90 -26.54 63.01 30.04
N THR C 91 -27.09 63.50 31.14
CA THR C 91 -27.42 64.92 31.23
C THR C 91 -26.62 65.62 32.31
N ARG C 92 -25.71 64.90 32.97
CA ARG C 92 -24.70 65.52 33.82
C ARG C 92 -23.67 66.28 33.00
N LEU C 93 -23.62 66.03 31.68
CA LEU C 93 -22.76 66.77 30.78
C LEU C 93 -23.10 68.26 30.74
N CYS C 94 -24.34 68.63 31.03
CA CYS C 94 -24.67 70.03 31.23
C CYS C 94 -24.13 70.57 32.54
N GLU C 95 -23.82 69.71 33.50
CA GLU C 95 -23.41 70.15 34.83
C GLU C 95 -21.90 70.09 35.04
N VAL C 96 -21.18 69.31 34.23
CA VAL C 96 -19.72 69.27 34.36
C VAL C 96 -19.05 70.47 33.71
N ILE C 97 -19.81 71.26 32.96
CA ILE C 97 -19.28 72.42 32.23
C ILE C 97 -19.67 73.67 33.00
N PRO C 98 -18.76 74.62 33.22
CA PRO C 98 -19.10 75.81 34.00
C PRO C 98 -20.08 76.71 33.28
N ALA C 99 -20.93 77.37 34.06
CA ALA C 99 -21.85 78.35 33.50
C ALA C 99 -21.10 79.64 33.21
N GLY C 100 -21.30 80.18 32.01
CA GLY C 100 -20.61 81.37 31.56
C GLY C 100 -19.72 81.15 30.35
N GLN C 101 -19.26 79.93 30.12
CA GLN C 101 -18.44 79.57 28.97
C GLN C 101 -18.97 78.29 28.32
N ARG C 102 -20.26 78.31 28.00
CA ARG C 102 -20.96 77.15 27.47
C ARG C 102 -20.76 76.92 25.97
N THR C 103 -19.86 77.63 25.29
CA THR C 103 -19.79 77.56 23.84
C THR C 103 -19.16 76.26 23.35
N ALA C 104 -19.57 75.83 22.16
CA ALA C 104 -19.18 74.54 21.61
C ALA C 104 -19.40 74.57 20.10
N ARG C 105 -18.89 73.55 19.42
CA ARG C 105 -19.10 73.38 17.99
C ARG C 105 -19.65 71.98 17.75
N ALA C 106 -20.71 71.89 16.96
CA ALA C 106 -21.24 70.61 16.51
C ALA C 106 -20.70 70.38 15.11
N ARG C 107 -19.77 69.46 14.98
CA ARG C 107 -19.18 69.14 13.68
C ARG C 107 -19.72 67.81 13.19
N GLY C 108 -19.64 67.63 11.88
CA GLY C 108 -20.15 66.42 11.26
C GLY C 108 -19.47 66.19 9.94
N ALA C 109 -19.20 64.93 9.63
CA ALA C 109 -18.41 64.61 8.47
C ALA C 109 -18.96 63.40 7.75
N LEU C 110 -19.09 63.52 6.44
CA LEU C 110 -19.34 62.40 5.55
C LEU C 110 -18.03 62.02 4.87
N CYS C 111 -17.84 60.73 4.65
CA CYS C 111 -16.70 60.26 3.87
C CYS C 111 -17.18 59.15 2.96
N TYR C 112 -17.01 59.32 1.66
CA TYR C 112 -17.36 58.29 0.71
C TYR C 112 -16.11 57.67 0.12
N CYS C 113 -16.12 56.36 0.00
CA CYS C 113 -14.99 55.59 -0.50
C CYS C 113 -15.48 54.69 -1.61
N ASP C 114 -15.01 54.93 -2.83
CA ASP C 114 -15.39 54.09 -3.96
C ASP C 114 -14.51 52.87 -4.12
N GLY C 115 -13.54 52.69 -3.24
CA GLY C 115 -12.60 51.60 -3.33
C GLY C 115 -11.21 52.00 -3.73
N ARG C 116 -10.99 53.23 -4.18
CA ARG C 116 -9.64 53.65 -4.55
C ARG C 116 -9.30 55.02 -4.01
N GLU C 117 -10.29 55.77 -3.53
CA GLU C 117 -10.03 57.09 -2.97
C GLU C 117 -11.09 57.40 -1.94
N ARG C 118 -10.70 58.14 -0.90
CA ARG C 118 -11.60 58.57 0.17
C ARG C 118 -11.69 60.08 0.15
N HIS C 119 -12.90 60.61 0.13
CA HIS C 119 -13.13 62.05 0.11
C HIS C 119 -14.02 62.43 1.29
N VAL C 120 -13.58 63.43 2.06
CA VAL C 120 -14.23 63.82 3.30
C VAL C 120 -14.92 65.16 3.10
N LEU C 121 -16.18 65.26 3.51
CA LEU C 121 -16.94 66.50 3.50
C LEU C 121 -17.28 66.85 4.93
N ILE C 122 -16.85 68.02 5.39
CA ILE C 122 -17.04 68.43 6.78
C ILE C 122 -17.85 69.73 6.83
N GLU C 123 -18.94 69.72 7.58
CA GLU C 123 -19.64 70.93 7.97
C GLU C 123 -19.60 71.07 9.48
N GLU C 124 -20.11 72.20 9.97
CA GLU C 124 -19.81 72.67 11.32
C GLU C 124 -20.81 73.72 11.73
N THR C 125 -21.31 73.63 12.97
CA THR C 125 -22.31 74.55 13.48
C THR C 125 -21.90 75.06 14.84
N GLU C 126 -21.69 76.37 14.94
CA GLU C 126 -21.44 77.02 16.22
C GLU C 126 -22.69 76.95 17.09
N GLY C 127 -22.46 76.85 18.39
CA GLY C 127 -23.57 76.80 19.31
C GLY C 127 -23.11 76.97 20.73
N GLU C 128 -23.96 76.52 21.65
CA GLU C 128 -23.64 76.58 23.07
C GLU C 128 -24.45 75.52 23.80
N ILE C 129 -23.85 74.97 24.86
CA ILE C 129 -24.49 73.91 25.63
C ILE C 129 -25.62 74.50 26.46
N ALA C 130 -26.77 73.81 26.47
CA ALA C 130 -27.93 74.28 27.20
C ALA C 130 -27.69 74.19 28.71
N PRO C 131 -28.38 75.02 29.49
CA PRO C 131 -28.22 74.93 30.95
C PRO C 131 -28.76 73.63 31.54
N SER C 132 -29.76 73.05 30.92
CA SER C 132 -30.26 71.74 31.29
C SER C 132 -30.89 71.12 30.05
N ALA C 133 -31.01 69.81 30.06
CA ALA C 133 -31.56 69.10 28.91
C ALA C 133 -33.04 69.41 28.77
N ARG C 134 -33.40 70.08 27.68
CA ARG C 134 -34.79 70.38 27.37
C ARG C 134 -35.07 69.88 25.96
N GLY C 135 -36.28 69.38 25.76
CA GLY C 135 -36.68 68.89 24.47
C GLY C 135 -36.87 67.38 24.46
N THR C 136 -37.77 66.92 23.58
CA THR C 136 -38.14 65.52 23.49
C THR C 136 -37.74 64.85 22.19
N GLY C 137 -37.76 65.57 21.07
CA GLY C 137 -37.47 64.99 19.78
C GLY C 137 -35.99 64.72 19.59
N GLY C 138 -35.66 64.25 18.39
CA GLY C 138 -34.27 64.00 18.08
C GLY C 138 -33.74 62.76 18.80
N PHE C 139 -32.43 62.74 19.00
CA PHE C 139 -31.74 61.63 19.63
C PHE C 139 -30.52 62.17 20.35
N HIS C 140 -29.48 61.33 20.58
CA HIS C 140 -28.29 61.58 21.41
C HIS C 140 -27.76 63.02 21.32
N TRP C 141 -27.59 63.64 22.48
CA TRP C 141 -27.11 65.00 22.74
C TRP C 141 -27.90 66.11 22.05
N ASP C 142 -29.01 65.82 21.42
CA ASP C 142 -29.85 66.91 20.95
C ASP C 142 -30.53 67.74 22.06
N PRO C 143 -30.93 67.22 23.23
CA PRO C 143 -31.47 68.12 24.25
C PRO C 143 -30.46 69.05 24.91
N ILE C 144 -29.16 69.00 24.59
CA ILE C 144 -28.20 69.85 25.28
C ILE C 144 -27.58 70.92 24.41
N PHE C 145 -27.84 70.92 23.10
CA PHE C 145 -27.14 71.80 22.17
C PHE C 145 -28.10 72.83 21.59
N ILE C 146 -27.77 74.10 21.73
CA ILE C 146 -28.55 75.21 21.19
C ILE C 146 -27.69 75.92 20.15
N PRO C 147 -28.12 76.05 18.91
CA PRO C 147 -27.30 76.72 17.89
C PRO C 147 -27.24 78.21 18.13
N LYS C 148 -26.29 78.85 17.44
CA LYS C 148 -26.07 80.28 17.64
C LYS C 148 -27.20 81.08 17.02
N GLY C 149 -27.72 82.04 17.76
CA GLY C 149 -28.87 82.84 17.36
C GLY C 149 -30.19 82.26 17.81
N GLN C 150 -30.35 80.95 17.68
CA GLN C 150 -31.56 80.27 18.11
C GLN C 150 -31.57 80.19 19.63
N THR C 151 -32.77 80.09 20.20
CA THR C 151 -32.91 79.85 21.63
C THR C 151 -33.26 78.40 21.97
N ARG C 152 -33.74 77.63 21.00
CA ARG C 152 -34.19 76.27 21.25
C ARG C 152 -33.10 75.26 20.92
N THR C 153 -33.25 74.05 21.45
CA THR C 153 -32.29 72.98 21.22
C THR C 153 -32.60 72.29 19.90
N PHE C 154 -31.76 71.32 19.53
CA PHE C 154 -32.10 70.44 18.43
C PHE C 154 -33.26 69.53 18.77
N ALA C 155 -33.43 69.22 20.05
CA ALA C 155 -34.54 68.36 20.46
C ALA C 155 -35.87 69.10 20.43
N GLU C 156 -35.84 70.41 20.63
CA GLU C 156 -37.06 71.20 20.62
C GLU C 156 -37.54 71.54 19.22
N MET C 157 -36.78 71.23 18.19
CA MET C 157 -37.16 71.55 16.82
C MET C 157 -37.53 70.29 16.08
N SER C 158 -38.38 70.45 15.05
CA SER C 158 -38.80 69.34 14.21
C SER C 158 -37.67 68.93 13.27
N LEU C 159 -37.91 67.91 12.45
CA LEU C 159 -36.84 67.38 11.61
C LEU C 159 -36.51 68.33 10.46
N ASP C 160 -37.49 69.07 9.96
CA ASP C 160 -37.18 70.07 8.95
C ASP C 160 -36.47 71.28 9.54
N GLU C 161 -36.82 71.64 10.78
CA GLU C 161 -36.16 72.78 11.40
C GLU C 161 -34.78 72.43 11.92
N LYS C 162 -34.57 71.19 12.36
CA LYS C 162 -33.26 70.80 12.85
C LYS C 162 -32.24 70.72 11.72
N LEU C 163 -32.68 70.25 10.55
CA LEU C 163 -31.79 70.16 9.39
C LEU C 163 -31.55 71.50 8.71
N SER C 164 -32.23 72.56 9.11
CA SER C 164 -31.84 73.89 8.67
C SER C 164 -30.76 74.50 9.55
N PHE C 165 -30.32 73.78 10.58
CA PHE C 165 -29.26 74.24 11.46
C PHE C 165 -28.13 73.22 11.56
N SER C 166 -28.47 71.93 11.52
CA SER C 166 -27.51 70.88 11.79
C SER C 166 -26.51 70.75 10.64
N PRO C 167 -25.34 70.16 10.90
CA PRO C 167 -24.36 69.99 9.81
C PRO C 167 -24.81 69.09 8.67
N LEU C 168 -25.77 68.20 8.90
CA LEU C 168 -26.21 67.31 7.83
C LEU C 168 -27.03 68.06 6.79
N GLY C 169 -27.63 69.19 7.16
CA GLY C 169 -28.43 69.94 6.21
C GLY C 169 -27.63 70.67 5.15
N ARG C 170 -26.34 70.90 5.40
CA ARG C 170 -25.45 71.43 4.38
C ARG C 170 -24.65 70.35 3.69
N LEU C 171 -24.63 69.15 4.24
CA LEU C 171 -23.94 68.02 3.65
C LEU C 171 -24.78 67.23 2.68
N HIS C 172 -26.11 67.40 2.67
CA HIS C 172 -26.93 66.77 1.65
C HIS C 172 -26.61 67.32 0.27
N THR C 173 -26.54 68.64 0.17
CA THR C 173 -26.35 69.29 -1.12
C THR C 173 -24.96 69.04 -1.67
N ARG C 174 -23.96 68.96 -0.79
CA ARG C 174 -22.61 68.67 -1.24
C ARG C 174 -22.45 67.21 -1.63
N LEU C 175 -23.13 66.30 -0.94
CA LEU C 175 -23.04 64.90 -1.31
C LEU C 175 -23.82 64.59 -2.57
N ARG C 176 -24.94 65.26 -2.78
CA ARG C 176 -25.71 65.07 -3.99
C ARG C 176 -24.99 65.61 -5.21
N THR C 177 -24.30 66.73 -5.06
CA THR C 177 -23.61 67.34 -6.18
C THR C 177 -22.37 66.54 -6.57
N GLU C 178 -21.57 66.12 -5.59
CA GLU C 178 -20.33 65.43 -5.89
C GLU C 178 -20.53 63.99 -6.32
N LEU C 179 -21.67 63.38 -6.00
CA LEU C 179 -21.92 62.01 -6.42
C LEU C 179 -22.98 61.89 -7.49
N GLY C 180 -23.69 62.97 -7.81
CA GLY C 180 -24.71 62.90 -8.82
C GLY C 180 -25.94 62.13 -8.39
N LEU C 181 -26.25 62.13 -7.11
CA LEU C 181 -27.39 61.39 -6.60
C LEU C 181 -28.69 62.06 -7.03
N ALA D 2 18.68 34.41 23.90
CA ALA D 2 17.66 35.15 23.17
C ALA D 2 16.37 35.24 23.97
N PRO D 3 15.69 36.37 23.89
CA PRO D 3 14.40 36.51 24.58
C PRO D 3 13.33 35.64 23.96
N THR D 4 12.28 35.40 24.73
CA THR D 4 11.09 34.74 24.22
C THR D 4 9.84 35.58 24.31
N TRP D 5 9.81 36.59 25.17
CA TRP D 5 8.71 37.53 25.27
C TRP D 5 9.22 38.94 25.01
N PHE D 6 8.41 39.74 24.33
CA PHE D 6 8.82 41.05 23.86
C PHE D 6 7.82 42.09 24.33
N TYR D 7 8.30 43.07 25.08
CA TYR D 7 7.43 44.12 25.59
C TYR D 7 7.42 45.27 24.59
N ASN D 8 6.27 45.51 23.99
CA ASN D 8 6.12 46.50 22.93
C ASN D 8 5.57 47.79 23.51
N THR D 9 6.32 48.87 23.38
CA THR D 9 5.81 50.19 23.71
C THR D 9 6.57 51.23 22.90
N THR D 10 5.89 52.32 22.57
CA THR D 10 6.53 53.48 21.99
C THR D 10 6.80 54.56 23.02
N ASN D 11 6.27 54.41 24.22
CA ASN D 11 6.41 55.40 25.28
C ASN D 11 7.70 55.08 26.04
N SER D 12 8.68 55.97 25.95
CA SER D 12 9.98 55.69 26.54
C SER D 12 9.99 55.84 28.05
N GLU D 13 8.94 56.38 28.64
CA GLU D 13 8.84 56.45 30.09
C GLU D 13 8.24 55.19 30.68
N LYS D 14 7.39 54.50 29.93
CA LYS D 14 6.94 53.18 30.35
C LYS D 14 8.07 52.17 30.25
N LEU D 15 9.00 52.38 29.32
CA LEU D 15 10.07 51.42 29.10
C LEU D 15 11.07 51.43 30.24
N ARG D 16 11.42 52.60 30.77
CA ARG D 16 12.36 52.63 31.88
C ARG D 16 11.70 52.30 33.21
N GLU D 17 10.37 52.28 33.29
CA GLU D 17 9.74 51.77 34.48
C GLU D 17 9.78 50.25 34.52
N LEU D 18 9.43 49.61 33.40
CA LEU D 18 9.39 48.16 33.39
C LEU D 18 10.78 47.55 33.32
N GLN D 19 11.77 48.29 32.83
CA GLN D 19 13.15 47.84 32.95
C GLN D 19 13.74 48.08 34.32
N HIS D 20 13.06 48.81 35.20
CA HIS D 20 13.58 49.00 36.53
C HIS D 20 13.35 47.77 37.39
N VAL D 21 12.34 46.96 37.06
CA VAL D 21 11.95 45.81 37.86
C VAL D 21 12.13 44.51 37.09
N LEU D 22 11.60 44.44 35.88
CA LEU D 22 11.77 43.28 35.01
C LEU D 22 12.98 43.40 34.10
N GLY D 23 13.91 44.29 34.41
CA GLY D 23 15.06 44.48 33.56
C GLY D 23 16.09 43.39 33.70
N GLY D 24 16.19 42.79 34.88
CA GLY D 24 17.14 41.72 35.09
C GLY D 24 16.78 40.40 34.46
N SER D 25 15.55 40.25 33.98
CA SER D 25 15.14 39.00 33.35
C SER D 25 15.68 38.92 31.94
N ALA D 26 16.43 37.85 31.65
CA ALA D 26 17.02 37.68 30.35
C ALA D 26 16.04 37.15 29.31
N LYS D 27 14.83 36.77 29.71
CA LYS D 27 13.85 36.21 28.81
C LYS D 27 12.93 37.26 28.21
N LEU D 28 13.17 38.55 28.49
CA LEU D 28 12.28 39.61 28.06
C LEU D 28 13.05 40.56 27.16
N GLY D 29 12.60 40.69 25.91
CA GLY D 29 13.14 41.63 24.97
C GLY D 29 12.20 42.82 24.82
N TYR D 30 12.61 43.77 23.97
CA TYR D 30 11.89 45.03 23.88
C TYR D 30 11.73 45.45 22.44
N LEU D 31 10.51 45.80 22.05
CA LEU D 31 10.20 46.27 20.71
C LEU D 31 9.44 47.59 20.82
N THR D 32 9.34 48.32 19.72
CA THR D 32 8.76 49.66 19.73
C THR D 32 7.78 49.87 18.58
N ALA D 33 6.92 48.90 18.30
CA ALA D 33 5.96 49.04 17.22
C ALA D 33 4.78 49.89 17.68
N LYS D 34 4.30 50.75 16.80
CA LYS D 34 3.24 51.69 17.11
C LYS D 34 1.91 51.12 16.66
N VAL D 35 0.97 51.00 17.58
CA VAL D 35 -0.35 50.44 17.29
C VAL D 35 -1.40 51.50 17.52
N THR D 36 -2.60 51.24 17.02
CA THR D 36 -3.72 52.16 17.10
C THR D 36 -4.81 51.52 17.94
N GLU D 37 -5.25 52.22 18.98
CA GLU D 37 -6.24 51.67 19.88
C GLU D 37 -7.64 51.94 19.35
N ILE D 38 -8.57 51.09 19.75
CA ILE D 38 -9.96 51.25 19.36
C ILE D 38 -10.63 52.22 20.33
N LEU D 39 -11.81 52.68 19.96
CA LEU D 39 -12.51 53.72 20.72
C LEU D 39 -13.50 53.05 21.67
N ASP D 40 -13.10 52.90 22.93
CA ASP D 40 -13.96 52.33 23.95
C ASP D 40 -13.42 52.75 25.31
N VAL D 41 -14.33 53.00 26.27
CA VAL D 41 -13.88 53.38 27.60
C VAL D 41 -13.50 52.20 28.47
N ASP D 42 -13.90 50.99 28.09
CA ASP D 42 -13.59 49.82 28.89
C ASP D 42 -12.14 49.41 28.69
N LEU D 43 -11.40 49.28 29.80
CA LEU D 43 -9.99 48.98 29.72
C LEU D 43 -9.75 47.57 29.20
N GLU D 44 -10.57 46.61 29.64
CA GLU D 44 -10.48 45.22 29.19
C GLU D 44 -10.67 45.09 27.68
N THR D 45 -11.53 45.91 27.10
CA THR D 45 -11.78 45.82 25.66
C THR D 45 -10.63 46.41 24.87
N VAL D 46 -10.03 47.49 25.36
CA VAL D 46 -8.99 48.19 24.59
C VAL D 46 -7.68 47.44 24.66
N ILE D 47 -7.29 46.92 25.82
CA ILE D 47 -6.03 46.21 25.96
C ILE D 47 -6.08 44.87 25.23
N ARG D 48 -7.26 44.30 25.05
CA ARG D 48 -7.38 43.02 24.37
C ARG D 48 -7.30 43.18 22.86
N ALA D 49 -7.80 44.30 22.33
CA ALA D 49 -7.67 44.62 20.92
C ALA D 49 -6.35 45.27 20.59
N LYS D 50 -5.58 45.69 21.60
CA LYS D 50 -4.25 46.24 21.39
C LYS D 50 -3.21 45.14 21.24
N ALA D 51 -3.41 44.00 21.89
CA ALA D 51 -2.46 42.91 21.81
C ALA D 51 -2.53 42.18 20.48
N ILE D 52 -3.72 42.04 19.91
CA ILE D 52 -3.82 41.39 18.61
C ILE D 52 -3.28 42.32 17.52
N ALA D 53 -3.40 43.63 17.72
CA ALA D 53 -2.86 44.59 16.78
C ALA D 53 -1.37 44.73 16.86
N ALA D 54 -0.76 44.35 18.00
CA ALA D 54 0.68 44.36 18.12
C ALA D 54 1.31 43.04 17.76
N TYR D 55 0.60 41.92 17.94
CA TYR D 55 1.10 40.65 17.43
C TYR D 55 1.12 40.65 15.92
N ARG D 56 0.15 41.32 15.30
CA ARG D 56 0.11 41.43 13.85
C ARG D 56 1.28 42.23 13.32
N ALA D 57 1.83 43.14 14.13
CA ALA D 57 2.95 43.95 13.69
C ALA D 57 4.28 43.22 13.83
N VAL D 58 4.52 42.58 14.98
CA VAL D 58 5.86 42.07 15.26
C VAL D 58 5.98 40.56 15.14
N ARG D 59 4.88 39.80 15.19
CA ARG D 59 4.82 38.36 14.89
C ARG D 59 5.66 37.52 15.84
N VAL D 60 5.88 38.00 17.05
CA VAL D 60 6.53 37.25 18.12
C VAL D 60 5.62 37.35 19.35
N PRO D 61 5.79 36.46 20.35
CA PRO D 61 5.05 36.62 21.61
C PRO D 61 5.24 37.97 22.29
N VAL D 62 4.16 38.75 22.38
CA VAL D 62 4.26 40.17 22.68
C VAL D 62 3.49 40.47 23.96
N ILE D 63 3.93 41.50 24.68
CA ILE D 63 3.27 41.99 25.88
C ILE D 63 2.99 43.47 25.67
N VAL D 64 1.73 43.87 25.77
CA VAL D 64 1.37 45.27 25.63
C VAL D 64 0.79 45.77 26.94
N GLU D 65 0.62 47.09 27.02
CA GLU D 65 0.23 47.75 28.26
C GLU D 65 -0.67 48.93 27.93
N HIS D 66 -1.75 49.09 28.69
CA HIS D 66 -2.66 50.21 28.51
C HIS D 66 -3.26 50.54 29.85
N GLY D 67 -3.58 51.83 30.05
CA GLY D 67 -4.03 52.32 31.33
C GLY D 67 -5.43 52.90 31.29
N ALA D 68 -5.86 53.36 32.47
CA ALA D 68 -7.16 54.00 32.61
C ALA D 68 -7.11 54.94 33.81
N LEU D 69 -7.89 56.01 33.74
CA LEU D 69 -7.99 57.00 34.82
C LEU D 69 -9.47 57.35 35.03
N CYS D 70 -10.27 56.32 35.33
CA CYS D 70 -11.68 56.50 35.64
C CYS D 70 -11.89 57.47 36.80
N ILE D 71 -12.78 58.46 36.59
CA ILE D 71 -13.02 59.51 37.57
C ILE D 71 -14.50 59.48 37.96
N ASP D 72 -14.79 59.61 39.26
CA ASP D 72 -16.16 59.57 39.74
C ASP D 72 -16.97 60.80 39.34
N ALA D 73 -16.33 61.96 39.24
CA ALA D 73 -17.05 63.16 38.86
C ALA D 73 -17.43 63.15 37.39
N LEU D 74 -16.76 62.34 36.58
CA LEU D 74 -17.07 62.23 35.16
C LEU D 74 -17.66 60.87 34.82
N ASN D 75 -18.21 60.17 35.82
CA ASN D 75 -18.87 58.86 35.68
C ASN D 75 -17.97 57.82 35.02
N GLY D 76 -16.70 57.84 35.35
CA GLY D 76 -15.74 56.91 34.78
C GLY D 76 -14.97 57.43 33.60
N LEU D 77 -15.27 58.61 33.12
CA LEU D 77 -14.47 59.19 32.06
C LEU D 77 -13.17 59.74 32.64
N PRO D 78 -12.06 59.67 31.90
CA PRO D 78 -11.85 59.12 30.56
C PRO D 78 -11.88 57.61 30.42
N GLY D 79 -11.53 56.87 31.46
CA GLY D 79 -11.40 55.43 31.30
C GLY D 79 -10.16 55.15 30.49
N ALA D 80 -10.27 54.30 29.49
CA ALA D 80 -9.15 54.01 28.60
C ALA D 80 -8.93 55.11 27.57
N LEU D 81 -9.69 56.20 27.62
CA LEU D 81 -9.55 57.38 26.79
C LEU D 81 -8.67 58.44 27.43
N VAL D 82 -7.73 58.04 28.29
CA VAL D 82 -6.94 59.01 29.03
C VAL D 82 -5.83 59.61 28.18
N LYS D 83 -5.44 58.94 27.10
CA LYS D 83 -4.40 59.47 26.23
C LYS D 83 -4.78 60.78 25.52
N PRO D 84 -5.97 60.98 24.95
CA PRO D 84 -6.28 62.32 24.44
C PRO D 84 -6.85 63.29 25.46
N PHE D 85 -7.05 62.92 26.72
CA PHE D 85 -7.40 63.95 27.70
C PHE D 85 -6.18 64.74 28.14
N TRP D 86 -5.10 64.04 28.48
CA TRP D 86 -3.90 64.72 28.92
C TRP D 86 -3.26 65.52 27.79
N GLU D 87 -3.51 65.14 26.54
CA GLU D 87 -3.12 65.98 25.42
C GLU D 87 -3.95 67.25 25.37
N SER D 88 -5.26 67.15 25.56
CA SER D 88 -6.11 68.34 25.47
C SER D 88 -6.09 69.14 26.76
N LEU D 89 -6.58 68.55 27.85
CA LEU D 89 -6.62 69.20 29.15
C LEU D 89 -5.33 68.85 29.87
N ASP D 90 -4.39 69.79 29.95
CA ASP D 90 -3.13 69.42 30.57
C ASP D 90 -3.24 69.48 32.09
N THR D 91 -3.31 70.67 32.66
CA THR D 91 -3.55 70.79 34.09
C THR D 91 -4.86 71.48 34.39
N ARG D 92 -5.63 71.83 33.35
CA ARG D 92 -7.01 72.25 33.52
C ARG D 92 -7.90 71.09 33.94
N LEU D 93 -7.40 69.84 33.79
CA LEU D 93 -8.11 68.66 34.26
C LEU D 93 -8.33 68.67 35.76
N CYS D 94 -7.46 69.34 36.51
CA CYS D 94 -7.73 69.57 37.92
C CYS D 94 -8.84 70.58 38.14
N GLU D 95 -9.13 71.43 37.16
CA GLU D 95 -10.10 72.51 37.33
C GLU D 95 -11.46 72.19 36.74
N VAL D 96 -11.56 71.23 35.82
CA VAL D 96 -12.85 70.84 35.27
C VAL D 96 -13.63 69.94 36.21
N ILE D 97 -13.00 69.46 37.27
CA ILE D 97 -13.61 68.53 38.22
C ILE D 97 -13.96 69.32 39.48
N PRO D 98 -15.17 69.16 40.03
CA PRO D 98 -15.56 69.95 41.20
C PRO D 98 -14.76 69.56 42.44
N ALA D 99 -14.51 70.56 43.29
CA ALA D 99 -13.88 70.29 44.57
C ALA D 99 -14.87 69.69 45.54
N GLY D 100 -14.48 68.61 46.20
CA GLY D 100 -15.35 67.88 47.10
C GLY D 100 -15.64 66.45 46.68
N GLN D 101 -15.54 66.16 45.39
CA GLN D 101 -15.73 64.80 44.87
C GLN D 101 -14.61 64.45 43.90
N ARG D 102 -13.38 64.59 44.38
CA ARG D 102 -12.18 64.39 43.59
C ARG D 102 -11.76 62.94 43.41
N THR D 103 -12.57 61.95 43.82
CA THR D 103 -12.10 60.58 43.83
C THR D 103 -12.04 59.96 42.44
N ALA D 104 -11.12 59.02 42.27
CA ALA D 104 -10.83 58.43 40.97
C ALA D 104 -10.13 57.09 41.19
N ARG D 105 -9.99 56.33 40.11
CA ARG D 105 -9.25 55.07 40.12
C ARG D 105 -8.20 55.10 39.02
N ALA D 106 -6.97 54.74 39.36
CA ALA D 106 -5.91 54.56 38.38
C ALA D 106 -5.82 53.08 38.08
N ARG D 107 -6.28 52.68 36.90
CA ARG D 107 -6.24 51.29 36.50
C ARG D 107 -5.14 51.07 35.48
N GLY D 108 -4.69 49.83 35.38
CA GLY D 108 -3.62 49.50 34.48
C GLY D 108 -3.69 48.03 34.12
N ALA D 109 -3.37 47.72 32.87
CA ALA D 109 -3.56 46.36 32.39
C ALA D 109 -2.40 45.95 31.50
N LEU D 110 -1.88 44.75 31.75
CA LEU D 110 -0.98 44.06 30.85
C LEU D 110 -1.76 43.01 30.10
N CYS D 111 -1.40 42.79 28.84
CA CYS D 111 -1.96 41.69 28.06
C CYS D 111 -0.84 41.07 27.25
N TYR D 112 -0.61 39.79 27.46
CA TYR D 112 0.39 39.07 26.69
C TYR D 112 -0.30 38.12 25.73
N CYS D 113 0.22 38.07 24.50
CA CYS D 113 -0.33 37.26 23.43
C CYS D 113 0.79 36.42 22.85
N ASP D 114 0.71 35.12 22.99
CA ASP D 114 1.72 34.24 22.44
C ASP D 114 1.43 33.85 21.00
N GLY D 115 0.34 34.33 20.43
CA GLY D 115 -0.05 33.99 19.08
C GLY D 115 -1.27 33.11 19.01
N ARG D 116 -1.75 32.55 20.13
CA ARG D 116 -2.94 31.72 20.08
C ARG D 116 -3.90 32.04 21.20
N GLU D 117 -3.47 32.78 22.20
CA GLU D 117 -4.35 33.17 23.30
C GLU D 117 -3.88 34.48 23.89
N ARG D 118 -4.83 35.27 24.37
CA ARG D 118 -4.56 36.56 24.99
C ARG D 118 -5.01 36.50 26.45
N HIS D 119 -4.12 36.87 27.37
CA HIS D 119 -4.42 36.85 28.79
C HIS D 119 -4.18 38.24 29.37
N VAL D 120 -5.18 38.76 30.09
CA VAL D 120 -5.17 40.13 30.58
C VAL D 120 -4.97 40.11 32.10
N LEU D 121 -4.04 40.91 32.59
CA LEU D 121 -3.81 41.10 34.02
C LEU D 121 -4.12 42.55 34.36
N ILE D 122 -5.05 42.77 35.27
CA ILE D 122 -5.51 44.11 35.62
C ILE D 122 -5.27 44.37 37.09
N GLU D 123 -4.56 45.46 37.40
CA GLU D 123 -4.51 45.99 38.76
C GLU D 123 -5.12 47.40 38.77
N GLU D 124 -5.23 47.97 39.96
CA GLU D 124 -6.12 49.10 40.20
C GLU D 124 -5.75 49.77 41.50
N THR D 125 -5.70 51.11 41.49
CA THR D 125 -5.32 51.89 42.66
C THR D 125 -6.33 53.00 42.90
N GLU D 126 -7.01 52.94 44.05
CA GLU D 126 -7.88 54.02 44.47
C GLU D 126 -7.07 55.27 44.77
N GLY D 127 -7.67 56.42 44.50
CA GLY D 127 -6.99 57.67 44.76
C GLY D 127 -7.94 58.84 44.65
N GLU D 128 -7.36 60.01 44.46
CA GLU D 128 -8.14 61.22 44.31
C GLU D 128 -7.31 62.25 43.54
N ILE D 129 -8.00 63.07 42.74
CA ILE D 129 -7.33 64.06 41.91
C ILE D 129 -6.83 65.20 42.79
N ALA D 130 -5.60 65.64 42.53
CA ALA D 130 -5.00 66.69 43.32
C ALA D 130 -5.69 68.04 43.05
N PRO D 131 -5.65 68.97 44.01
CA PRO D 131 -6.25 70.29 43.75
C PRO D 131 -5.53 71.08 42.69
N SER D 132 -4.22 70.88 42.53
CA SER D 132 -3.46 71.47 41.45
C SER D 132 -2.28 70.55 41.18
N ALA D 133 -1.72 70.67 39.99
CA ALA D 133 -0.60 69.82 39.61
C ALA D 133 0.64 70.19 40.42
N ARG D 134 1.08 69.26 41.25
CA ARG D 134 2.29 69.42 42.03
C ARG D 134 3.20 68.23 41.77
N GLY D 135 4.49 68.49 41.73
CA GLY D 135 5.45 67.44 41.51
C GLY D 135 6.16 67.58 40.16
N THR D 136 7.38 67.08 40.11
CA THR D 136 8.23 67.20 38.93
C THR D 136 8.57 65.87 38.27
N GLY D 137 8.72 64.80 39.04
CA GLY D 137 9.10 63.52 38.48
C GLY D 137 7.96 62.84 37.74
N GLY D 138 8.25 61.64 37.27
CA GLY D 138 7.23 60.88 36.57
C GLY D 138 6.96 61.42 35.18
N PHE D 139 5.75 61.16 34.70
CA PHE D 139 5.32 61.59 33.37
C PHE D 139 3.82 61.81 33.40
N HIS D 140 3.14 61.71 32.24
CA HIS D 140 1.73 62.05 32.01
C HIS D 140 0.79 61.72 33.17
N TRP D 141 0.02 62.71 33.61
CA TRP D 141 -0.96 62.73 34.70
C TRP D 141 -0.42 62.30 36.06
N ASP D 142 0.87 62.10 36.22
CA ASP D 142 1.38 61.90 37.57
C ASP D 142 1.32 63.12 38.49
N PRO D 143 1.44 64.38 38.05
CA PRO D 143 1.25 65.47 39.01
C PRO D 143 -0.19 65.70 39.48
N ILE D 144 -1.19 64.96 39.01
CA ILE D 144 -2.57 65.24 39.42
C ILE D 144 -3.18 64.13 40.27
N PHE D 145 -2.51 63.00 40.47
CA PHE D 145 -3.11 61.85 41.11
C PHE D 145 -2.42 61.58 42.44
N ILE D 146 -3.22 61.53 43.51
CA ILE D 146 -2.74 61.23 44.85
C ILE D 146 -3.39 59.92 45.30
N PRO D 147 -2.62 58.89 45.66
CA PRO D 147 -3.23 57.63 46.08
C PRO D 147 -3.89 57.75 47.44
N LYS D 148 -4.69 56.75 47.77
CA LYS D 148 -5.46 56.78 49.00
C LYS D 148 -4.54 56.54 50.19
N GLY D 149 -4.68 57.38 51.22
CA GLY D 149 -3.82 57.34 52.39
C GLY D 149 -2.62 58.25 52.27
N GLN D 150 -1.97 58.25 51.11
CA GLN D 150 -0.82 59.11 50.87
C GLN D 150 -1.30 60.55 50.68
N THR D 151 -0.42 61.50 50.95
CA THR D 151 -0.69 62.90 50.67
C THR D 151 0.00 63.41 49.42
N ARG D 152 1.02 62.71 48.93
CA ARG D 152 1.81 63.17 47.79
C ARG D 152 1.30 62.54 46.50
N THR D 153 1.67 63.16 45.38
CA THR D 153 1.31 62.66 44.06
C THR D 153 2.26 61.56 43.62
N PHE D 154 1.99 60.98 42.46
CA PHE D 154 2.97 60.12 41.83
C PHE D 154 4.19 60.89 41.35
N ALA D 155 4.00 62.16 41.02
CA ALA D 155 5.13 62.97 40.57
C ALA D 155 6.04 63.35 41.72
N GLU D 156 5.50 63.46 42.93
CA GLU D 156 6.29 63.84 44.08
C GLU D 156 7.06 62.68 44.69
N MET D 157 6.86 61.46 44.20
CA MET D 157 7.54 60.29 44.74
C MET D 157 8.57 59.79 43.73
N SER D 158 9.60 59.10 44.25
CA SER D 158 10.64 58.52 43.43
C SER D 158 10.12 57.28 42.71
N LEU D 159 10.97 56.65 41.91
CA LEU D 159 10.50 55.52 41.12
C LEU D 159 10.27 54.28 41.97
N ASP D 160 11.03 54.11 43.04
CA ASP D 160 10.76 52.99 43.95
C ASP D 160 9.51 53.24 44.78
N GLU D 161 9.27 54.49 45.15
CA GLU D 161 8.09 54.80 45.94
C GLU D 161 6.83 54.83 45.10
N LYS D 162 6.93 55.23 43.83
CA LYS D 162 5.76 55.27 42.98
C LYS D 162 5.29 53.87 42.64
N LEU D 163 6.22 52.93 42.44
CA LEU D 163 5.88 51.56 42.13
C LEU D 163 5.43 50.75 43.35
N SER D 164 5.52 51.31 44.55
CA SER D 164 4.86 50.69 45.69
C SER D 164 3.41 51.12 45.82
N PHE D 165 2.92 51.96 44.92
CA PHE D 165 1.54 52.40 44.93
C PHE D 165 0.88 52.16 43.57
N SER D 166 1.63 52.31 42.49
CA SER D 166 1.07 52.29 41.15
C SER D 166 0.64 50.88 40.77
N PRO D 167 -0.27 50.73 39.80
CA PRO D 167 -0.69 49.38 39.38
C PRO D 167 0.40 48.53 38.78
N LEU D 168 1.47 49.11 38.25
CA LEU D 168 2.53 48.31 37.66
C LEU D 168 3.34 47.58 38.72
N GLY D 169 3.34 48.08 39.96
CA GLY D 169 4.09 47.43 41.01
C GLY D 169 3.51 46.12 41.48
N ARG D 170 2.22 45.89 41.24
CA ARG D 170 1.60 44.61 41.50
C ARG D 170 1.52 43.73 40.26
N LEU D 171 1.73 44.31 39.09
CA LEU D 171 1.72 43.58 37.84
C LEU D 171 3.07 42.99 37.46
N HIS D 172 4.16 43.44 38.08
CA HIS D 172 5.46 42.80 37.85
C HIS D 172 5.44 41.37 38.35
N THR D 173 4.96 41.17 39.59
CA THR D 173 5.01 39.87 40.22
C THR D 173 4.07 38.89 39.54
N ARG D 174 2.93 39.37 39.06
CA ARG D 174 2.00 38.51 38.35
C ARG D 174 2.50 38.16 36.96
N LEU D 175 3.18 39.09 36.30
CA LEU D 175 3.72 38.78 34.97
C LEU D 175 4.94 37.88 35.06
N ARG D 176 5.75 38.04 36.09
CA ARG D 176 6.92 37.18 36.26
C ARG D 176 6.50 35.76 36.61
N THR D 177 5.45 35.61 37.41
CA THR D 177 5.02 34.29 37.82
C THR D 177 4.35 33.54 36.68
N GLU D 178 3.46 34.20 35.94
CA GLU D 178 2.73 33.53 34.89
C GLU D 178 3.55 33.27 33.64
N LEU D 179 4.65 33.99 33.44
CA LEU D 179 5.49 33.76 32.27
C LEU D 179 6.82 33.13 32.61
N GLY D 180 7.17 33.02 33.88
CA GLY D 180 8.43 32.43 34.25
C GLY D 180 9.63 33.29 33.91
N LEU D 181 9.46 34.61 33.93
CA LEU D 181 10.55 35.51 33.60
C LEU D 181 11.59 35.53 34.70
N ALA E 2 29.13 12.35 33.15
CA ALA E 2 29.47 10.94 33.06
C ALA E 2 30.61 10.71 32.08
N PRO E 3 31.49 9.77 32.39
CA PRO E 3 32.59 9.44 31.47
C PRO E 3 32.08 8.78 30.21
N THR E 4 32.92 8.81 29.18
CA THR E 4 32.66 8.06 27.96
C THR E 4 33.74 7.03 27.64
N TRP E 5 34.93 7.17 28.19
CA TRP E 5 36.00 6.20 28.05
C TRP E 5 36.41 5.70 29.42
N PHE E 6 36.74 4.43 29.50
CA PHE E 6 37.00 3.77 30.77
C PHE E 6 38.34 3.07 30.71
N TYR E 7 39.25 3.43 31.60
CA TYR E 7 40.57 2.83 31.64
C TYR E 7 40.55 1.64 32.58
N ASN E 8 40.73 0.45 32.03
CA ASN E 8 40.62 -0.79 32.76
C ASN E 8 42.00 -1.27 33.17
N THR E 9 42.23 -1.39 34.48
CA THR E 9 43.43 -2.03 34.98
C THR E 9 43.16 -2.61 36.35
N THR E 10 43.84 -3.70 36.66
CA THR E 10 43.83 -4.23 38.02
C THR E 10 45.08 -3.83 38.80
N ASN E 11 46.06 -3.25 38.13
CA ASN E 11 47.32 -2.85 38.75
C ASN E 11 47.13 -1.45 39.32
N SER E 12 47.18 -1.33 40.64
CA SER E 12 46.90 -0.05 41.27
C SER E 12 48.04 0.94 41.15
N GLU E 13 49.20 0.50 40.69
CA GLU E 13 50.30 1.41 40.44
C GLU E 13 50.24 2.04 39.06
N LYS E 14 49.66 1.32 38.10
CA LYS E 14 49.37 1.93 36.80
C LYS E 14 48.25 2.95 36.91
N LEU E 15 47.34 2.75 37.87
CA LEU E 15 46.19 3.62 38.00
C LEU E 15 46.59 4.99 38.53
N ARG E 16 47.50 5.06 39.50
CA ARG E 16 47.91 6.35 40.01
C ARG E 16 48.92 7.03 39.11
N GLU E 17 49.51 6.33 38.15
CA GLU E 17 50.32 7.02 37.16
C GLU E 17 49.44 7.72 36.14
N LEU E 18 48.43 7.04 35.62
CA LEU E 18 47.59 7.62 34.59
C LEU E 18 46.63 8.64 35.17
N GLN E 19 46.30 8.55 36.46
CA GLN E 19 45.55 9.62 37.10
C GLN E 19 46.43 10.81 37.47
N HIS E 20 47.74 10.70 37.35
CA HIS E 20 48.58 11.85 37.64
C HIS E 20 48.56 12.84 36.49
N VAL E 21 48.27 12.38 35.28
CA VAL E 21 48.33 13.21 34.09
C VAL E 21 46.96 13.35 33.44
N LEU E 22 46.28 12.23 33.20
CA LEU E 22 44.94 12.23 32.66
C LEU E 22 43.87 12.24 33.74
N GLY E 23 44.22 12.60 34.96
CA GLY E 23 43.25 12.60 36.04
C GLY E 23 42.29 13.77 35.99
N GLY E 24 42.73 14.89 35.46
CA GLY E 24 41.88 16.05 35.37
C GLY E 24 40.82 15.98 34.30
N SER E 25 40.90 15.01 33.41
CA SER E 25 39.91 14.86 32.34
C SER E 25 38.63 14.24 32.89
N ALA E 26 37.51 14.93 32.72
CA ALA E 26 36.24 14.45 33.23
C ALA E 26 35.60 13.39 32.34
N LYS E 27 36.16 13.14 31.16
CA LYS E 27 35.61 12.19 30.22
C LYS E 27 36.18 10.80 30.39
N LEU E 28 37.02 10.57 31.40
CA LEU E 28 37.70 9.30 31.56
C LEU E 28 37.30 8.70 32.91
N GLY E 29 36.67 7.52 32.87
CA GLY E 29 36.34 6.77 34.06
C GLY E 29 37.31 5.61 34.23
N TYR E 30 37.10 4.85 35.30
CA TYR E 30 38.06 3.83 35.69
C TYR E 30 37.35 2.55 36.08
N LEU E 31 37.79 1.43 35.53
CA LEU E 31 37.25 0.11 35.84
C LEU E 31 38.41 -0.82 36.19
N THR E 32 38.10 -1.95 36.80
CA THR E 32 39.12 -2.87 37.31
C THR E 32 38.83 -4.31 36.94
N ALA E 33 38.42 -4.57 35.71
CA ALA E 33 38.15 -5.95 35.30
C ALA E 33 39.44 -6.67 34.98
N LYS E 34 39.51 -7.93 35.37
CA LYS E 34 40.72 -8.74 35.22
C LYS E 34 40.61 -9.57 33.95
N VAL E 35 41.58 -9.42 33.06
CA VAL E 35 41.59 -10.12 31.79
C VAL E 35 42.80 -11.05 31.75
N THR E 36 42.79 -11.97 30.80
CA THR E 36 43.83 -12.96 30.63
C THR E 36 44.51 -12.73 29.29
N GLU E 37 45.82 -12.55 29.30
CA GLU E 37 46.55 -12.27 28.08
C GLU E 37 46.91 -13.56 27.35
N ILE E 38 47.08 -13.45 26.05
CA ILE E 38 47.47 -14.58 25.23
C ILE E 38 48.98 -14.72 25.28
N LEU E 39 49.48 -15.86 24.82
CA LEU E 39 50.90 -16.19 24.92
C LEU E 39 51.58 -15.81 23.62
N ASP E 40 52.23 -14.65 23.60
CA ASP E 40 52.98 -14.18 22.43
C ASP E 40 53.94 -13.11 22.89
N VAL E 41 55.13 -13.07 22.28
CA VAL E 41 56.12 -12.06 22.66
C VAL E 41 55.88 -10.72 21.96
N ASP E 42 55.07 -10.69 20.92
CA ASP E 42 54.84 -9.45 20.19
C ASP E 42 53.87 -8.58 20.97
N LEU E 43 54.27 -7.34 21.22
CA LEU E 43 53.44 -6.43 22.03
C LEU E 43 52.17 -6.05 21.31
N GLU E 44 52.26 -5.81 20.00
CA GLU E 44 51.10 -5.46 19.18
C GLU E 44 50.04 -6.56 19.18
N THR E 45 50.46 -7.82 19.24
CA THR E 45 49.51 -8.92 19.23
C THR E 45 48.80 -9.06 20.57
N VAL E 46 49.53 -8.84 21.66
CA VAL E 46 48.98 -9.08 22.99
C VAL E 46 48.05 -7.95 23.40
N ILE E 47 48.41 -6.70 23.13
CA ILE E 47 47.57 -5.56 23.50
C ILE E 47 46.30 -5.52 22.67
N ARG E 48 46.33 -6.08 21.46
CA ARG E 48 45.17 -6.07 20.60
C ARG E 48 44.16 -7.14 21.00
N ALA E 49 44.64 -8.27 21.50
CA ALA E 49 43.78 -9.32 22.04
C ALA E 49 43.38 -9.07 23.47
N LYS E 50 44.01 -8.11 24.15
CA LYS E 50 43.64 -7.71 25.50
C LYS E 50 42.47 -6.75 25.50
N ALA E 51 42.36 -5.92 24.47
CA ALA E 51 41.27 -4.95 24.40
C ALA E 51 39.95 -5.60 24.04
N ILE E 52 39.95 -6.62 23.20
CA ILE E 52 38.70 -7.29 22.89
C ILE E 52 38.26 -8.15 24.08
N ALA E 53 39.20 -8.64 24.87
CA ALA E 53 38.87 -9.40 26.06
C ALA E 53 38.39 -8.54 27.20
N ALA E 54 38.73 -7.25 27.19
CA ALA E 54 38.22 -6.34 28.20
C ALA E 54 36.95 -5.65 27.79
N TYR E 55 36.73 -5.45 26.49
CA TYR E 55 35.42 -4.97 26.04
C TYR E 55 34.34 -6.00 26.28
N ARG E 56 34.69 -7.28 26.16
CA ARG E 56 33.75 -8.35 26.43
C ARG E 56 33.37 -8.40 27.90
N ALA E 57 34.24 -7.91 28.78
CA ALA E 57 33.94 -7.92 30.20
C ALA E 57 33.07 -6.74 30.61
N VAL E 58 33.41 -5.53 30.17
CA VAL E 58 32.76 -4.34 30.72
C VAL E 58 31.74 -3.69 29.79
N ARG E 59 31.79 -3.97 28.48
CA ARG E 59 30.78 -3.59 27.48
C ARG E 59 30.60 -2.08 27.35
N VAL E 60 31.65 -1.32 27.66
CA VAL E 60 31.71 0.12 27.42
C VAL E 60 33.00 0.40 26.67
N PRO E 61 33.13 1.58 26.01
CA PRO E 61 34.41 1.95 25.40
C PRO E 61 35.58 1.94 26.35
N VAL E 62 36.54 1.06 26.12
CA VAL E 62 37.53 0.70 27.12
C VAL E 62 38.92 1.02 26.59
N ILE E 63 39.85 1.33 27.49
CA ILE E 63 41.25 1.56 27.18
C ILE E 63 42.07 0.62 28.04
N VAL E 64 42.90 -0.21 27.41
CA VAL E 64 43.76 -1.13 28.13
C VAL E 64 45.21 -0.77 27.88
N GLU E 65 46.09 -1.38 28.65
CA GLU E 65 47.51 -1.03 28.64
C GLU E 65 48.33 -2.29 28.86
N HIS E 66 49.40 -2.45 28.09
CA HIS E 66 50.30 -3.59 28.25
C HIS E 66 51.69 -3.15 27.85
N GLY E 67 52.70 -3.75 28.48
CA GLY E 67 54.07 -3.34 28.30
C GLY E 67 54.96 -4.42 27.71
N ALA E 68 56.23 -4.07 27.54
CA ALA E 68 57.24 -4.98 27.05
C ALA E 68 58.60 -4.53 27.54
N LEU E 69 59.49 -5.48 27.74
CA LEU E 69 60.86 -5.22 28.18
C LEU E 69 61.82 -6.08 27.35
N CYS E 70 61.77 -5.89 26.02
CA CYS E 70 62.66 -6.57 25.10
C CYS E 70 64.13 -6.31 25.45
N ILE E 71 64.93 -7.38 25.54
CA ILE E 71 66.33 -7.31 25.93
C ILE E 71 67.18 -7.88 24.80
N ASP E 72 68.30 -7.20 24.50
CA ASP E 72 69.18 -7.64 23.41
C ASP E 72 69.93 -8.91 23.75
N ALA E 73 70.28 -9.11 25.01
CA ALA E 73 71.00 -10.31 25.40
C ALA E 73 70.12 -11.55 25.35
N LEU E 74 68.80 -11.38 25.39
CA LEU E 74 67.87 -12.48 25.32
C LEU E 74 67.08 -12.48 24.02
N ASN E 75 67.61 -11.79 22.99
CA ASN E 75 67.02 -11.71 21.64
C ASN E 75 65.59 -11.20 21.67
N GLY E 76 65.30 -10.24 22.54
CA GLY E 76 63.97 -9.68 22.65
C GLY E 76 63.12 -10.29 23.74
N LEU E 77 63.61 -11.30 24.42
CA LEU E 77 62.86 -11.82 25.54
C LEU E 77 63.05 -10.91 26.75
N PRO E 78 62.03 -10.75 27.60
CA PRO E 78 60.68 -11.33 27.59
C PRO E 78 59.71 -10.77 26.54
N GLY E 79 59.88 -9.54 26.11
CA GLY E 79 58.88 -8.95 25.24
C GLY E 79 57.63 -8.68 26.05
N ALA E 80 56.48 -9.07 25.53
CA ALA E 80 55.23 -8.92 26.27
C ALA E 80 55.05 -9.98 27.35
N LEU E 81 56.04 -10.85 27.55
CA LEU E 81 56.08 -11.86 28.59
C LEU E 81 56.78 -11.37 29.85
N VAL E 82 56.77 -10.06 30.11
CA VAL E 82 57.53 -9.50 31.22
C VAL E 82 56.82 -9.72 32.54
N LYS E 83 55.51 -9.95 32.53
CA LYS E 83 54.78 -10.18 33.77
C LYS E 83 55.20 -11.45 34.51
N PRO E 84 55.41 -12.62 33.90
CA PRO E 84 55.94 -13.74 34.68
C PRO E 84 57.46 -13.79 34.80
N PHE E 85 58.22 -12.87 34.20
CA PHE E 85 59.64 -12.83 34.51
C PHE E 85 59.91 -12.17 35.85
N TRP E 86 59.31 -11.01 36.07
CA TRP E 86 59.51 -10.31 37.33
C TRP E 86 58.92 -11.07 38.50
N GLU E 87 57.92 -11.91 38.25
CA GLU E 87 57.46 -12.83 39.29
C GLU E 87 58.50 -13.89 39.59
N SER E 88 59.12 -14.47 38.55
CA SER E 88 60.08 -15.54 38.79
C SER E 88 61.46 -14.99 39.16
N LEU E 89 62.08 -14.26 38.24
CA LEU E 89 63.40 -13.66 38.47
C LEU E 89 63.17 -12.26 39.02
N ASP E 90 63.39 -12.08 40.32
CA ASP E 90 63.08 -10.75 40.87
C ASP E 90 64.23 -9.79 40.57
N THR E 91 65.36 -9.95 41.25
CA THR E 91 66.52 -9.15 40.96
C THR E 91 67.68 -10.00 40.46
N ARG E 92 67.46 -11.31 40.31
CA ARG E 92 68.39 -12.17 39.60
C ARG E 92 68.37 -11.89 38.10
N LEU E 93 67.35 -11.16 37.62
CA LEU E 93 67.27 -10.74 36.23
C LEU E 93 68.42 -9.82 35.85
N CYS E 94 69.00 -9.10 36.81
CA CYS E 94 70.23 -8.38 36.56
C CYS E 94 71.44 -9.29 36.44
N GLU E 95 71.35 -10.51 36.97
CA GLU E 95 72.49 -11.42 37.00
C GLU E 95 72.45 -12.48 35.91
N VAL E 96 71.28 -12.75 35.33
CA VAL E 96 71.21 -13.71 34.23
C VAL E 96 71.67 -13.12 32.91
N ILE E 97 71.88 -11.81 32.86
CA ILE E 97 72.26 -11.10 31.64
C ILE E 97 73.74 -10.78 31.74
N PRO E 98 74.53 -11.02 30.68
CA PRO E 98 75.97 -10.77 30.77
C PRO E 98 76.30 -9.29 30.88
N ALA E 99 77.37 -8.99 31.61
CA ALA E 99 77.84 -7.62 31.68
C ALA E 99 78.60 -7.27 30.41
N GLY E 100 78.28 -6.11 29.83
CA GLY E 100 78.84 -5.67 28.58
C GLY E 100 77.84 -5.51 27.46
N GLN E 101 76.72 -6.21 27.51
CA GLN E 101 75.64 -6.10 26.54
C GLN E 101 74.30 -5.97 27.23
N ARG E 102 74.21 -4.99 28.12
CA ARG E 102 73.04 -4.76 28.97
C ARG E 102 71.90 -4.02 28.28
N THR E 103 71.95 -3.78 26.96
CA THR E 103 70.97 -2.90 26.34
C THR E 103 69.61 -3.57 26.18
N ALA E 104 68.56 -2.74 26.20
CA ALA E 104 67.18 -3.22 26.21
C ALA E 104 66.28 -2.09 25.74
N ARG E 105 65.02 -2.42 25.49
CA ARG E 105 64.00 -1.45 25.13
C ARG E 105 62.81 -1.62 26.07
N ALA E 106 62.34 -0.52 26.63
CA ALA E 106 61.10 -0.51 27.42
C ALA E 106 59.99 -0.01 26.50
N ARG E 107 59.12 -0.92 26.09
CA ARG E 107 58.02 -0.58 25.22
C ARG E 107 56.72 -0.56 26.00
N GLY E 108 55.75 0.17 25.48
CA GLY E 108 54.48 0.31 26.15
C GLY E 108 53.40 0.66 25.15
N ALA E 109 52.22 0.10 25.35
CA ALA E 109 51.17 0.25 24.36
C ALA E 109 49.84 0.48 25.03
N LEU E 110 49.10 1.47 24.52
CA LEU E 110 47.70 1.66 24.83
C LEU E 110 46.87 1.16 23.67
N CYS E 111 45.71 0.58 23.98
CA CYS E 111 44.76 0.20 22.94
C CYS E 111 43.37 0.55 23.43
N TYR E 112 42.68 1.38 22.67
CA TYR E 112 41.31 1.73 23.00
C TYR E 112 40.35 1.08 22.02
N CYS E 113 39.26 0.54 22.54
CA CYS E 113 38.26 -0.16 21.75
C CYS E 113 36.90 0.44 22.06
N ASP E 114 36.29 1.07 21.08
CA ASP E 114 34.96 1.64 21.28
C ASP E 114 33.85 0.65 21.02
N GLY E 115 34.18 -0.58 20.68
CA GLY E 115 33.19 -1.59 20.37
C GLY E 115 33.13 -1.97 18.92
N ARG E 116 33.79 -1.23 18.03
CA ARG E 116 33.76 -1.59 16.62
C ARG E 116 35.13 -1.51 15.97
N GLU E 117 36.10 -0.88 16.64
CA GLU E 117 37.45 -0.78 16.11
C GLU E 117 38.43 -0.67 17.26
N ARG E 118 39.62 -1.23 17.06
CA ARG E 118 40.70 -1.20 18.04
C ARG E 118 41.86 -0.43 17.45
N HIS E 119 42.36 0.55 18.19
CA HIS E 119 43.48 1.38 17.75
C HIS E 119 44.59 1.32 18.77
N VAL E 120 45.80 1.02 18.33
CA VAL E 120 46.94 0.77 19.21
C VAL E 120 47.92 1.94 19.09
N LEU E 121 48.35 2.47 20.23
CA LEU E 121 49.36 3.52 20.29
C LEU E 121 50.57 2.95 21.02
N ILE E 122 51.73 2.94 20.37
CA ILE E 122 52.94 2.34 20.92
C ILE E 122 54.03 3.39 21.04
N GLU E 123 54.58 3.54 22.23
CA GLU E 123 55.83 4.27 22.43
C GLU E 123 56.89 3.33 22.98
N GLU E 124 58.12 3.84 23.10
CA GLU E 124 59.29 3.00 23.22
C GLU E 124 60.46 3.83 23.74
N THR E 125 61.21 3.27 24.69
CA THR E 125 62.32 3.96 25.32
C THR E 125 63.55 3.07 25.34
N GLU E 126 64.60 3.50 24.64
CA GLU E 126 65.88 2.81 24.70
C GLU E 126 66.49 2.95 26.09
N GLY E 127 67.20 1.92 26.50
CA GLY E 127 67.85 1.95 27.79
C GLY E 127 68.83 0.83 27.95
N GLU E 128 69.14 0.51 29.21
CA GLU E 128 70.06 -0.57 29.52
C GLU E 128 69.77 -1.07 30.92
N ILE E 129 69.96 -2.37 31.13
CA ILE E 129 69.68 -2.99 32.42
C ILE E 129 70.74 -2.59 33.42
N ALA E 130 70.32 -2.25 34.63
CA ALA E 130 71.25 -1.80 35.66
C ALA E 130 72.10 -2.98 36.13
N PRO E 131 73.31 -2.70 36.67
CA PRO E 131 74.14 -3.80 37.18
C PRO E 131 73.56 -4.46 38.42
N SER E 132 72.79 -3.73 39.22
CA SER E 132 72.06 -4.30 40.33
C SER E 132 70.86 -3.40 40.58
N ALA E 133 69.86 -3.96 41.24
CA ALA E 133 68.64 -3.21 41.51
C ALA E 133 68.91 -2.10 42.51
N ARG E 134 68.78 -0.85 42.05
CA ARG E 134 68.92 0.30 42.91
C ARG E 134 67.67 1.17 42.76
N GLY E 135 67.27 1.78 43.86
CA GLY E 135 66.10 2.63 43.84
C GLY E 135 64.95 2.04 44.65
N THR E 136 64.12 2.92 45.19
CA THR E 136 63.00 2.55 46.05
C THR E 136 61.64 2.85 45.47
N GLY E 137 61.50 3.93 44.72
CA GLY E 137 60.21 4.33 44.19
C GLY E 137 59.76 3.46 43.04
N GLY E 138 58.61 3.81 42.48
CA GLY E 138 58.10 3.07 41.35
C GLY E 138 57.54 1.71 41.75
N PHE E 139 57.56 0.80 40.79
CA PHE E 139 57.03 -0.55 40.98
C PHE E 139 57.80 -1.50 40.07
N HIS E 140 57.21 -2.65 39.70
CA HIS E 140 57.84 -3.77 38.98
C HIS E 140 58.83 -3.37 37.91
N TRP E 141 60.04 -3.93 37.99
CA TRP E 141 61.21 -3.74 37.13
C TRP E 141 61.70 -2.30 37.00
N ASP E 142 61.17 -1.37 37.74
CA ASP E 142 61.79 -0.05 37.76
C ASP E 142 63.17 0.02 38.41
N PRO E 143 63.55 -0.76 39.44
CA PRO E 143 64.93 -0.68 39.90
C PRO E 143 65.98 -1.28 38.98
N ILE E 144 65.64 -1.84 37.83
CA ILE E 144 66.64 -2.48 36.98
C ILE E 144 66.86 -1.77 35.66
N PHE E 145 66.07 -0.76 35.32
CA PHE E 145 66.10 -0.16 34.00
C PHE E 145 66.60 1.27 34.08
N ILE E 146 67.65 1.59 33.33
CA ILE E 146 68.22 2.93 33.25
C ILE E 146 68.05 3.43 31.82
N PRO E 147 67.39 4.55 31.60
CA PRO E 147 67.20 5.05 30.24
C PRO E 147 68.50 5.56 29.63
N LYS E 148 68.47 5.75 28.33
CA LYS E 148 69.69 6.15 27.62
C LYS E 148 70.00 7.62 27.91
N GLY E 149 71.27 7.89 28.23
CA GLY E 149 71.72 9.20 28.63
C GLY E 149 71.66 9.43 30.13
N GLN E 150 70.59 8.99 30.76
CA GLN E 150 70.44 9.11 32.20
C GLN E 150 71.34 8.08 32.89
N THR E 151 71.72 8.37 34.13
CA THR E 151 72.44 7.41 34.95
C THR E 151 71.57 6.71 35.97
N ARG E 152 70.40 7.26 36.29
CA ARG E 152 69.55 6.73 37.34
C ARG E 152 68.48 5.82 36.76
N THR E 153 67.90 4.99 37.62
CA THR E 153 66.84 4.08 37.22
C THR E 153 65.50 4.80 37.21
N PHE E 154 64.45 4.08 36.80
CA PHE E 154 63.10 4.59 36.99
C PHE E 154 62.72 4.63 38.45
N ALA E 155 63.29 3.74 39.27
CA ALA E 155 62.98 3.73 40.68
C ALA E 155 63.65 4.89 41.42
N GLU E 156 64.78 5.36 40.92
CA GLU E 156 65.49 6.46 41.55
C GLU E 156 64.92 7.82 41.21
N MET E 157 63.95 7.90 40.30
CA MET E 157 63.37 9.16 39.89
C MET E 157 61.96 9.28 40.43
N SER E 158 61.50 10.53 40.60
CA SER E 158 60.15 10.81 41.06
C SER E 158 59.15 10.55 39.94
N LEU E 159 57.86 10.75 40.23
CA LEU E 159 56.84 10.42 39.25
C LEU E 159 56.82 11.42 38.10
N ASP E 160 57.16 12.67 38.35
CA ASP E 160 57.26 13.63 37.26
C ASP E 160 58.51 13.38 36.42
N GLU E 161 59.60 12.96 37.06
CA GLU E 161 60.81 12.69 36.31
C GLU E 161 60.76 11.37 35.57
N LYS E 162 60.06 10.38 36.12
CA LYS E 162 59.96 9.09 35.44
C LYS E 162 59.10 9.20 34.19
N LEU E 163 58.03 10.00 34.24
CA LEU E 163 57.16 10.18 33.09
C LEU E 163 57.74 11.12 32.04
N SER E 164 58.87 11.76 32.29
CA SER E 164 59.57 12.44 31.22
C SER E 164 60.52 11.52 30.47
N PHE E 165 60.57 10.24 30.86
CA PHE E 165 61.39 9.26 30.16
C PHE E 165 60.58 8.05 29.75
N SER E 166 59.59 7.66 30.55
CA SER E 166 58.87 6.42 30.36
C SER E 166 57.96 6.52 29.13
N PRO E 167 57.56 5.38 28.54
CA PRO E 167 56.67 5.43 27.38
C PRO E 167 55.29 6.02 27.65
N LEU E 168 54.83 6.02 28.90
CA LEU E 168 53.51 6.56 29.18
C LEU E 168 53.49 8.08 29.09
N GLY E 169 54.65 8.72 29.24
CA GLY E 169 54.70 10.17 29.16
C GLY E 169 54.52 10.72 27.77
N ARG E 170 54.76 9.92 26.74
CA ARG E 170 54.44 10.30 25.37
C ARG E 170 53.10 9.77 24.90
N LEU E 171 52.52 8.83 25.64
CA LEU E 171 51.23 8.28 25.31
C LEU E 171 50.07 9.04 25.93
N HIS E 172 50.31 9.91 26.91
CA HIS E 172 49.24 10.77 27.41
C HIS E 172 48.78 11.74 26.34
N THR E 173 49.72 12.39 25.68
CA THR E 173 49.41 13.43 24.72
C THR E 173 48.74 12.84 23.47
N ARG E 174 49.15 11.64 23.08
CA ARG E 174 48.53 10.99 21.94
C ARG E 174 47.14 10.46 22.26
N LEU E 175 46.93 9.99 23.48
CA LEU E 175 45.61 9.51 23.87
C LEU E 175 44.64 10.66 24.09
N ARG E 176 45.12 11.79 24.62
CA ARG E 176 44.27 12.95 24.82
C ARG E 176 43.86 13.56 23.50
N THR E 177 44.77 13.58 22.52
CA THR E 177 44.46 14.19 21.24
C THR E 177 43.50 13.33 20.43
N GLU E 178 43.73 12.03 20.38
CA GLU E 178 42.91 11.16 19.55
C GLU E 178 41.54 10.88 20.16
N LEU E 179 41.36 11.07 21.46
CA LEU E 179 40.07 10.83 22.08
C LEU E 179 39.38 12.11 22.53
N GLY E 180 40.08 13.24 22.50
CA GLY E 180 39.48 14.49 22.93
C GLY E 180 39.25 14.56 24.42
N LEU E 181 40.09 13.91 25.21
CA LEU E 181 39.94 13.91 26.65
C LEU E 181 40.30 15.28 27.22
N ALA F 2 34.49 -46.02 14.06
CA ALA F 2 34.69 -44.60 14.25
C ALA F 2 35.37 -44.31 15.58
N PRO F 3 36.26 -43.32 15.61
CA PRO F 3 36.90 -42.95 16.87
C PRO F 3 35.93 -42.32 17.84
N THR F 4 36.32 -42.31 19.11
CA THR F 4 35.58 -41.58 20.14
C THR F 4 36.40 -40.50 20.82
N TRP F 5 37.72 -40.57 20.76
CA TRP F 5 38.60 -39.55 21.28
C TRP F 5 39.47 -39.01 20.15
N PHE F 6 39.74 -37.71 20.18
CA PHE F 6 40.42 -37.04 19.09
C PHE F 6 41.60 -36.27 19.64
N TYR F 7 42.80 -36.57 19.16
CA TYR F 7 43.99 -35.90 19.61
C TYR F 7 44.26 -34.70 18.71
N ASN F 8 44.16 -33.51 19.27
CA ASN F 8 44.26 -32.28 18.53
C ASN F 8 45.66 -31.72 18.66
N THR F 9 46.35 -31.56 17.53
CA THR F 9 47.62 -30.86 17.52
C THR F 9 47.86 -30.29 16.13
N THR F 10 48.54 -29.16 16.07
CA THR F 10 49.02 -28.61 14.81
C THR F 10 50.48 -28.94 14.56
N ASN F 11 51.17 -29.47 15.56
CA ASN F 11 52.59 -29.79 15.46
C ASN F 11 52.71 -31.19 14.88
N SER F 12 53.25 -31.30 13.68
CA SER F 12 53.30 -32.59 13.00
C SER F 12 54.37 -33.51 13.55
N GLU F 13 55.25 -33.02 14.41
CA GLU F 13 56.22 -33.88 15.06
C GLU F 13 55.67 -34.50 16.33
N LYS F 14 54.74 -33.83 17.00
CA LYS F 14 54.02 -34.46 18.10
C LYS F 14 53.08 -35.54 17.59
N LEU F 15 52.58 -35.38 16.36
CA LEU F 15 51.62 -36.32 15.83
C LEU F 15 52.26 -37.67 15.50
N ARG F 16 53.47 -37.66 14.94
CA ARG F 16 54.10 -38.94 14.64
C ARG F 16 54.75 -39.57 15.86
N GLU F 17 54.89 -38.84 16.96
CA GLU F 17 55.31 -39.49 18.20
C GLU F 17 54.16 -40.25 18.82
N LEU F 18 52.99 -39.61 18.92
CA LEU F 18 51.86 -40.26 19.56
C LEU F 18 51.24 -41.33 18.68
N GLN F 19 51.41 -41.24 17.37
CA GLN F 19 51.02 -42.35 16.50
C GLN F 19 52.03 -43.49 16.51
N HIS F 20 53.20 -43.30 17.11
CA HIS F 20 54.15 -44.40 17.16
C HIS F 20 53.75 -45.40 18.23
N VAL F 21 53.01 -44.98 19.24
CA VAL F 21 52.66 -45.81 20.39
C VAL F 21 51.15 -46.02 20.48
N LEU F 22 50.38 -44.94 20.43
CA LEU F 22 48.93 -45.03 20.43
C LEU F 22 48.35 -45.09 19.03
N GLY F 23 49.15 -45.43 18.03
CA GLY F 23 48.66 -45.47 16.67
C GLY F 23 47.81 -46.68 16.37
N GLY F 24 48.09 -47.79 17.05
CA GLY F 24 47.32 -49.00 16.83
C GLY F 24 45.94 -48.99 17.42
N SER F 25 45.61 -48.02 18.27
CA SER F 25 44.30 -47.94 18.88
C SER F 25 43.30 -47.38 17.88
N ALA F 26 42.23 -48.14 17.63
CA ALA F 26 41.22 -47.72 16.68
C ALA F 26 40.24 -46.71 17.25
N LYS F 27 40.30 -46.44 18.55
CA LYS F 27 39.38 -45.52 19.20
C LYS F 27 39.89 -44.09 19.23
N LEU F 28 41.04 -43.82 18.61
CA LEU F 28 41.67 -42.51 18.69
C LEU F 28 41.76 -41.92 17.30
N GLY F 29 41.11 -40.79 17.08
CA GLY F 29 41.20 -40.05 15.84
C GLY F 29 42.10 -38.83 16.03
N TYR F 30 42.26 -38.09 14.94
CA TYR F 30 43.25 -37.00 14.93
C TYR F 30 42.66 -35.77 14.28
N LEU F 31 42.79 -34.62 14.95
CA LEU F 31 42.35 -33.33 14.43
C LEU F 31 43.49 -32.34 14.53
N THR F 32 43.38 -31.21 13.82
CA THR F 32 44.46 -30.25 13.73
C THR F 32 43.98 -28.82 13.93
N ALA F 33 43.12 -28.59 14.92
CA ALA F 33 42.64 -27.24 15.18
C ALA F 33 43.67 -26.45 15.95
N LYS F 34 43.82 -25.17 15.60
CA LYS F 34 44.84 -24.31 16.17
C LYS F 34 44.22 -23.50 17.30
N VAL F 35 44.79 -23.60 18.50
CA VAL F 35 44.28 -22.90 19.67
C VAL F 35 45.35 -21.92 20.14
N THR F 36 44.93 -21.01 21.01
CA THR F 36 45.77 -19.95 21.55
C THR F 36 45.91 -20.16 23.05
N GLU F 37 47.14 -20.26 23.52
CA GLU F 37 47.37 -20.51 24.93
C GLU F 37 47.36 -19.20 25.72
N ILE F 38 47.03 -19.31 27.00
CA ILE F 38 47.03 -18.17 27.88
C ILE F 38 48.44 -17.95 28.40
N LEU F 39 48.67 -16.79 29.00
CA LEU F 39 50.00 -16.38 29.43
C LEU F 39 50.17 -16.72 30.90
N ASP F 40 50.82 -17.86 31.18
CA ASP F 40 51.10 -18.29 32.54
C ASP F 40 52.23 -19.30 32.50
N VAL F 41 53.10 -19.27 33.51
CA VAL F 41 54.21 -20.22 33.54
C VAL F 41 53.80 -21.57 34.12
N ASP F 42 52.66 -21.66 34.78
CA ASP F 42 52.25 -22.91 35.38
C ASP F 42 51.68 -23.83 34.31
N LEU F 43 52.22 -25.05 34.24
CA LEU F 43 51.81 -25.99 33.20
C LEU F 43 50.38 -26.45 33.40
N GLU F 44 49.98 -26.70 34.66
CA GLU F 44 48.62 -27.12 34.98
C GLU F 44 47.59 -26.08 34.56
N THR F 45 47.93 -24.80 34.66
CA THR F 45 46.97 -23.76 34.30
C THR F 45 46.82 -23.64 32.79
N VAL F 46 47.92 -23.81 32.05
CA VAL F 46 47.89 -23.60 30.60
C VAL F 46 47.24 -24.77 29.89
N ILE F 47 47.54 -26.00 30.30
CA ILE F 47 46.98 -27.18 29.65
C ILE F 47 45.48 -27.30 29.95
N ARG F 48 45.03 -26.75 31.07
CA ARG F 48 43.63 -26.84 31.43
C ARG F 48 42.79 -25.82 30.67
N ALA F 49 43.35 -24.65 30.37
CA ALA F 49 42.70 -23.66 29.53
C ALA F 49 42.88 -23.92 28.05
N LYS F 50 43.77 -24.83 27.69
CA LYS F 50 43.96 -25.24 26.30
C LYS F 50 42.93 -26.27 25.87
N ALA F 51 42.48 -27.11 26.80
CA ALA F 51 41.51 -28.14 26.48
C ALA F 51 40.11 -27.57 26.30
N ILE F 52 39.74 -26.56 27.07
CA ILE F 52 38.43 -25.96 26.87
C ILE F 52 38.42 -25.13 25.60
N ALA F 53 39.56 -24.57 25.21
CA ALA F 53 39.66 -23.81 23.98
C ALA F 53 39.70 -24.70 22.75
N ALA F 54 40.07 -25.97 22.90
CA ALA F 54 40.04 -26.89 21.79
C ALA F 54 38.73 -27.66 21.70
N TYR F 55 38.05 -27.88 22.83
CA TYR F 55 36.70 -28.44 22.76
C TYR F 55 35.74 -27.47 22.13
N ARG F 56 35.96 -26.17 22.34
CA ARG F 56 35.13 -25.15 21.73
C ARG F 56 35.31 -25.12 20.22
N ALA F 57 36.48 -25.55 19.74
CA ALA F 57 36.73 -25.54 18.30
C ALA F 57 36.15 -26.77 17.62
N VAL F 58 36.36 -27.95 18.17
CA VAL F 58 36.04 -29.18 17.44
C VAL F 58 34.78 -29.89 17.93
N ARG F 59 34.32 -29.61 19.16
CA ARG F 59 33.03 -30.06 19.70
C ARG F 59 32.89 -31.58 19.79
N VAL F 60 34.03 -32.28 19.90
CA VAL F 60 34.07 -33.71 20.17
C VAL F 60 34.99 -33.92 21.35
N PRO F 61 34.92 -35.11 22.02
CA PRO F 61 35.90 -35.41 23.08
C PRO F 61 37.36 -35.33 22.63
N VAL F 62 38.10 -34.39 23.19
CA VAL F 62 39.37 -33.98 22.63
C VAL F 62 40.48 -34.21 23.65
N ILE F 63 41.69 -34.46 23.16
CA ILE F 63 42.89 -34.63 23.97
C ILE F 63 43.91 -33.63 23.48
N VAL F 64 44.40 -32.76 24.36
CA VAL F 64 45.42 -31.78 23.99
C VAL F 64 46.68 -32.07 24.78
N GLU F 65 47.77 -31.40 24.38
CA GLU F 65 49.08 -31.67 24.93
C GLU F 65 49.85 -30.36 25.02
N HIS F 66 50.55 -30.15 26.13
CA HIS F 66 51.38 -28.96 26.29
C HIS F 66 52.54 -29.32 27.20
N GLY F 67 53.67 -28.66 26.99
CA GLY F 67 54.90 -29.01 27.67
C GLY F 67 55.45 -27.88 28.53
N ALA F 68 56.57 -28.16 29.17
CA ALA F 68 57.27 -27.20 29.99
C ALA F 68 58.75 -27.57 30.05
N LEU F 69 59.59 -26.56 30.19
CA LEU F 69 61.04 -26.74 30.29
C LEU F 69 61.57 -25.83 31.42
N CYS F 70 61.04 -26.04 32.62
CA CYS F 70 61.49 -25.32 33.81
C CYS F 70 62.98 -25.49 34.04
N ILE F 71 63.69 -24.38 34.24
CA ILE F 71 65.14 -24.38 34.40
C ILE F 71 65.49 -23.76 35.75
N ASP F 72 66.44 -24.38 36.46
CA ASP F 72 66.82 -23.90 37.79
C ASP F 72 67.57 -22.58 37.74
N ALA F 73 68.36 -22.36 36.69
CA ALA F 73 69.11 -21.11 36.59
C ALA F 73 68.21 -19.94 36.28
N LEU F 74 67.01 -20.18 35.76
CA LEU F 74 66.06 -19.12 35.46
C LEU F 74 64.84 -19.18 36.38
N ASN F 75 64.98 -19.84 37.53
CA ASN F 75 63.94 -19.97 38.57
C ASN F 75 62.64 -20.57 38.02
N GLY F 76 62.77 -21.53 37.12
CA GLY F 76 61.61 -22.16 36.52
C GLY F 76 61.19 -21.59 35.19
N LEU F 77 61.84 -20.55 34.72
CA LEU F 77 61.54 -20.06 33.39
C LEU F 77 62.22 -20.95 32.36
N PRO F 78 61.61 -21.16 31.18
CA PRO F 78 60.32 -20.66 30.69
C PRO F 78 59.06 -21.27 31.30
N GLY F 79 59.12 -22.51 31.78
CA GLY F 79 57.90 -23.15 32.23
C GLY F 79 57.08 -23.49 31.01
N ALA F 80 55.78 -23.16 31.05
CA ALA F 80 54.91 -23.38 29.90
C ALA F 80 55.09 -22.33 28.82
N LEU F 81 56.03 -21.40 29.00
CA LEU F 81 56.40 -20.39 28.03
C LEU F 81 57.55 -20.82 27.13
N VAL F 82 57.71 -22.13 26.91
CA VAL F 82 58.86 -22.64 26.17
C VAL F 82 58.69 -22.45 24.66
N LYS F 83 57.46 -22.29 24.19
CA LYS F 83 57.23 -22.08 22.76
C LYS F 83 57.83 -20.79 22.21
N PRO F 84 57.72 -19.62 22.85
CA PRO F 84 58.45 -18.47 22.30
C PRO F 84 59.90 -18.33 22.76
N PHE F 85 60.43 -19.21 23.62
CA PHE F 85 61.87 -19.17 23.86
C PHE F 85 62.65 -19.79 22.73
N TRP F 86 62.24 -20.99 22.31
CA TRP F 86 62.94 -21.67 21.23
C TRP F 86 62.79 -20.93 19.91
N GLU F 87 61.73 -20.15 19.76
CA GLU F 87 61.64 -19.26 18.61
C GLU F 87 62.65 -18.13 18.71
N SER F 88 62.81 -17.53 19.88
CA SER F 88 63.73 -16.41 20.02
C SER F 88 65.16 -16.88 20.19
N LEU F 89 65.43 -17.57 21.29
CA LEU F 89 66.77 -18.10 21.59
C LEU F 89 66.85 -19.50 21.00
N ASP F 90 67.54 -19.67 19.88
CA ASP F 90 67.54 -21.00 19.29
C ASP F 90 68.54 -21.90 19.99
N THR F 91 69.84 -21.67 19.79
CA THR F 91 70.85 -22.41 20.51
C THR F 91 71.69 -21.50 21.38
N ARG F 92 71.36 -20.21 21.43
CA ARG F 92 71.91 -19.30 22.42
C ARG F 92 71.34 -19.60 23.81
N LEU F 93 70.26 -20.37 23.88
CA LEU F 93 69.70 -20.81 25.15
C LEU F 93 70.66 -21.68 25.95
N CYS F 94 71.59 -22.35 25.27
CA CYS F 94 72.68 -23.01 25.98
C CYS F 94 73.70 -22.02 26.54
N GLU F 95 73.75 -20.81 26.00
CA GLU F 95 74.77 -19.83 26.37
C GLU F 95 74.27 -18.79 27.35
N VAL F 96 72.95 -18.59 27.46
CA VAL F 96 72.42 -17.65 28.44
C VAL F 96 72.38 -18.21 29.84
N ILE F 97 72.62 -19.51 29.98
CA ILE F 97 72.56 -20.21 31.26
C ILE F 97 73.99 -20.44 31.73
N PRO F 98 74.32 -20.17 32.99
CA PRO F 98 75.69 -20.34 33.46
C PRO F 98 76.12 -21.80 33.51
N ALA F 99 77.39 -22.03 33.24
CA ALA F 99 77.94 -23.37 33.37
C ALA F 99 78.17 -23.69 34.84
N GLY F 100 77.73 -24.87 35.26
CA GLY F 100 77.82 -25.29 36.64
C GLY F 100 76.47 -25.51 37.31
N GLN F 101 75.41 -24.87 36.82
CA GLN F 101 74.06 -25.05 37.34
C GLN F 101 73.09 -25.25 36.19
N ARG F 102 73.39 -26.22 35.34
CA ARG F 102 72.64 -26.52 34.13
C ARG F 102 71.36 -27.33 34.36
N THR F 103 70.93 -27.58 35.58
CA THR F 103 69.83 -28.51 35.82
C THR F 103 68.48 -27.92 35.44
N ALA F 104 67.56 -28.79 35.04
CA ALA F 104 66.27 -28.41 34.51
C ALA F 104 65.32 -29.59 34.62
N ARG F 105 64.04 -29.33 34.39
CA ARG F 105 63.01 -30.36 34.35
C ARG F 105 62.26 -30.25 33.03
N ALA F 106 62.08 -31.37 32.35
CA ALA F 106 61.24 -31.44 31.16
C ALA F 106 59.90 -32.00 31.60
N ARG F 107 58.89 -31.15 31.64
CA ARG F 107 57.56 -31.56 32.04
C ARG F 107 56.65 -31.65 30.82
N GLY F 108 55.59 -32.43 30.96
CA GLY F 108 54.68 -32.64 29.86
C GLY F 108 53.33 -33.05 30.39
N ALA F 109 52.28 -32.57 29.76
CA ALA F 109 50.94 -32.77 30.29
C ALA F 109 49.97 -33.08 29.17
N LEU F 110 49.15 -34.11 29.37
CA LEU F 110 47.98 -34.38 28.57
C LEU F 110 46.75 -33.93 29.33
N CYS F 111 45.76 -33.41 28.61
CA CYS F 111 44.47 -33.10 29.20
C CYS F 111 43.38 -33.52 28.24
N TYR F 112 42.51 -34.40 28.69
CA TYR F 112 41.38 -34.81 27.88
C TYR F 112 40.10 -34.23 28.44
N CYS F 113 39.25 -33.75 27.52
CA CYS F 113 37.99 -33.11 27.88
C CYS F 113 36.89 -33.79 27.08
N ASP F 114 35.97 -34.45 27.78
CA ASP F 114 34.86 -35.09 27.11
C ASP F 114 33.67 -34.17 26.91
N GLY F 115 33.79 -32.92 27.33
CA GLY F 115 32.70 -31.97 27.24
C GLY F 115 32.09 -31.61 28.56
N ARG F 116 32.39 -32.32 29.64
CA ARG F 116 31.83 -31.97 30.93
C ARG F 116 32.86 -31.99 32.04
N GLU F 117 34.03 -32.55 31.79
CA GLU F 117 35.09 -32.57 32.79
C GLU F 117 36.44 -32.62 32.10
N ARG F 118 37.44 -32.00 32.71
CA ARG F 118 38.80 -31.96 32.21
C ARG F 118 39.70 -32.68 33.20
N HIS F 119 40.49 -33.62 32.72
CA HIS F 119 41.40 -34.39 33.56
C HIS F 119 42.81 -34.25 33.01
N VAL F 120 43.76 -33.89 33.88
CA VAL F 120 45.13 -33.58 33.49
C VAL F 120 46.05 -34.69 33.97
N LEU F 121 46.91 -35.18 33.09
CA LEU F 121 47.93 -36.17 33.42
C LEU F 121 49.29 -35.53 33.19
N ILE F 122 50.11 -35.46 34.23
CA ILE F 122 51.40 -34.78 34.17
C ILE F 122 52.52 -35.78 34.48
N GLU F 123 53.49 -35.89 33.58
CA GLU F 123 54.75 -36.54 33.88
C GLU F 123 55.89 -35.54 33.76
N GLU F 124 57.09 -35.99 34.10
CA GLU F 124 58.18 -35.08 34.42
C GLU F 124 59.51 -35.83 34.39
N THR F 125 60.51 -35.22 33.78
CA THR F 125 61.82 -35.85 33.62
C THR F 125 62.91 -34.89 34.06
N GLU F 126 63.65 -35.26 35.09
CA GLU F 126 64.83 -34.51 35.51
C GLU F 126 65.91 -34.60 34.45
N GLY F 127 66.67 -33.53 34.33
CA GLY F 127 67.75 -33.52 33.36
C GLY F 127 68.66 -32.33 33.57
N GLU F 128 69.40 -32.00 32.52
CA GLU F 128 70.31 -30.87 32.55
C GLU F 128 70.55 -30.37 31.14
N ILE F 129 70.72 -29.05 31.01
CA ILE F 129 70.91 -28.44 29.70
C ILE F 129 72.30 -28.77 29.17
N ALA F 130 72.38 -29.14 27.89
CA ALA F 130 73.64 -29.51 27.29
C ALA F 130 74.55 -28.30 27.15
N PRO F 131 75.88 -28.51 27.12
CA PRO F 131 76.78 -27.36 26.93
C PRO F 131 76.67 -26.71 25.56
N SER F 132 76.30 -27.48 24.54
CA SER F 132 76.00 -26.95 23.23
C SER F 132 75.04 -27.91 22.56
N ALA F 133 74.33 -27.40 21.56
CA ALA F 133 73.34 -28.22 20.87
C ALA F 133 74.03 -29.31 20.06
N ARG F 134 73.80 -30.55 20.45
CA ARG F 134 74.31 -31.70 19.74
C ARG F 134 73.15 -32.64 19.41
N GLY F 135 73.22 -33.25 18.25
CA GLY F 135 72.18 -34.16 17.84
C GLY F 135 71.38 -33.65 16.66
N THR F 136 70.86 -34.57 15.86
CA THR F 136 70.14 -34.25 14.64
C THR F 136 68.67 -34.64 14.66
N GLY F 137 68.32 -35.73 15.32
CA GLY F 137 66.95 -36.20 15.34
C GLY F 137 66.06 -35.36 16.22
N GLY F 138 64.80 -35.79 16.32
CA GLY F 138 63.87 -35.08 17.17
C GLY F 138 63.43 -33.76 16.57
N PHE F 139 63.03 -32.85 17.45
CA PHE F 139 62.54 -31.53 17.05
C PHE F 139 62.86 -30.54 18.18
N HIS F 140 62.11 -29.44 18.28
CA HIS F 140 62.35 -28.28 19.16
C HIS F 140 62.92 -28.63 20.54
N TRP F 141 64.02 -28.00 20.91
CA TRP F 141 64.79 -28.13 22.15
C TRP F 141 65.28 -29.55 22.47
N ASP F 142 65.12 -30.51 21.60
CA ASP F 142 65.77 -31.79 21.83
C ASP F 142 67.30 -31.77 21.75
N PRO F 143 67.98 -30.97 20.93
CA PRO F 143 69.44 -30.96 21.01
C PRO F 143 70.04 -30.32 22.25
N ILE F 144 69.26 -29.78 23.18
CA ILE F 144 69.84 -29.09 24.33
C ILE F 144 69.59 -29.79 25.65
N PHE F 145 68.78 -30.85 25.68
CA PHE F 145 68.34 -31.47 26.92
C PHE F 145 68.92 -32.86 27.06
N ILE F 146 69.63 -33.12 28.14
CA ILE F 146 70.20 -34.43 28.46
C ILE F 146 69.53 -34.94 29.72
N PRO F 147 68.90 -36.11 29.70
CA PRO F 147 68.24 -36.62 30.91
C PRO F 147 69.24 -37.06 31.96
N LYS F 148 68.75 -37.27 33.16
CA LYS F 148 69.62 -37.61 34.28
C LYS F 148 70.10 -39.05 34.14
N GLY F 149 71.40 -39.24 34.33
CA GLY F 149 72.04 -40.54 34.14
C GLY F 149 72.57 -40.75 32.74
N GLN F 150 71.79 -40.36 31.74
CA GLN F 150 72.19 -40.48 30.35
C GLN F 150 73.22 -39.40 30.03
N THR F 151 74.07 -39.66 29.03
CA THR F 151 74.98 -38.65 28.53
C THR F 151 74.53 -38.00 27.23
N ARG F 152 73.60 -38.61 26.52
CA ARG F 152 73.16 -38.12 25.21
C ARG F 152 71.91 -37.27 25.34
N THR F 153 71.64 -36.48 24.31
CA THR F 153 70.47 -35.63 24.28
C THR F 153 69.26 -36.43 23.80
N PHE F 154 68.10 -35.78 23.78
CA PHE F 154 66.95 -36.35 23.10
C PHE F 154 67.14 -36.40 21.60
N ALA F 155 67.94 -35.48 21.06
CA ALA F 155 68.17 -35.46 19.62
C ALA F 155 69.12 -36.58 19.21
N GLU F 156 70.01 -36.99 20.10
CA GLU F 156 70.96 -38.05 19.79
C GLU F 156 70.39 -39.44 19.91
N MET F 157 69.16 -39.58 20.40
CA MET F 157 68.54 -40.88 20.57
C MET F 157 67.43 -41.07 19.55
N SER F 158 67.14 -42.33 19.24
CA SER F 158 66.08 -42.69 18.31
C SER F 158 64.72 -42.49 18.97
N LEU F 159 63.65 -42.77 18.22
CA LEU F 159 62.32 -42.51 18.75
C LEU F 159 61.92 -43.51 19.82
N ASP F 160 62.40 -44.75 19.73
CA ASP F 160 62.14 -45.71 20.80
C ASP F 160 62.97 -45.39 22.04
N GLU F 161 64.18 -44.90 21.85
CA GLU F 161 65.02 -44.57 22.99
C GLU F 161 64.62 -43.26 23.64
N LYS F 162 64.12 -42.31 22.86
CA LYS F 162 63.71 -41.03 23.43
C LYS F 162 62.44 -41.19 24.26
N LEU F 163 61.52 -42.05 23.83
CA LEU F 163 60.29 -42.30 24.57
C LEU F 163 60.49 -43.21 25.78
N SER F 164 61.67 -43.77 25.98
CA SER F 164 61.95 -44.43 27.24
C SER F 164 62.50 -43.46 28.27
N PHE F 165 62.62 -42.18 27.93
CA PHE F 165 63.07 -41.16 28.85
C PHE F 165 62.09 -39.99 28.93
N SER F 166 61.47 -39.66 27.80
CA SER F 166 60.64 -38.46 27.69
C SER F 166 59.35 -38.63 28.49
N PRO F 167 58.71 -37.51 28.87
CA PRO F 167 57.44 -37.62 29.62
C PRO F 167 56.31 -38.27 28.85
N LEU F 168 56.34 -38.29 27.53
CA LEU F 168 55.26 -38.91 26.77
C LEU F 168 55.30 -40.43 26.88
N GLY F 169 56.46 -41.01 27.19
CA GLY F 169 56.56 -42.45 27.30
C GLY F 169 55.89 -43.02 28.53
N ARG F 170 55.68 -42.21 29.56
CA ARG F 170 54.90 -42.62 30.71
C ARG F 170 53.45 -42.17 30.64
N LEU F 171 53.14 -41.26 29.73
CA LEU F 171 51.78 -40.78 29.54
C LEU F 171 50.99 -41.60 28.54
N HIS F 172 51.63 -42.45 27.74
CA HIS F 172 50.88 -43.37 26.88
C HIS F 172 50.10 -44.36 27.71
N THR F 173 50.76 -44.98 28.69
CA THR F 173 50.15 -46.03 29.48
C THR F 173 49.05 -45.48 30.37
N ARG F 174 49.21 -44.27 30.88
CA ARG F 174 48.17 -43.67 31.70
C ARG F 174 46.99 -43.22 30.86
N LEU F 175 47.22 -42.74 29.65
CA LEU F 175 46.11 -42.35 28.79
C LEU F 175 45.37 -43.55 28.24
N ARG F 176 46.08 -44.63 27.95
CA ARG F 176 45.42 -45.83 27.46
C ARG F 176 44.58 -46.48 28.55
N THR F 177 45.05 -46.46 29.78
CA THR F 177 44.33 -47.09 30.87
C THR F 177 43.09 -46.30 31.25
N GLU F 178 43.21 -44.97 31.36
CA GLU F 178 42.09 -44.16 31.81
C GLU F 178 41.03 -43.96 30.73
N LEU F 179 41.37 -44.14 29.46
CA LEU F 179 40.39 -43.98 28.40
C LEU F 179 39.99 -45.29 27.74
N GLY F 180 40.69 -46.38 28.05
CA GLY F 180 40.36 -47.65 27.44
C GLY F 180 40.72 -47.73 25.98
N LEU F 181 41.75 -47.03 25.55
CA LEU F 181 42.14 -47.03 24.15
C LEU F 181 42.77 -48.36 23.78
N ALA G 2 -31.50 -27.52 -18.70
CA ALA G 2 -32.04 -27.43 -17.35
C ALA G 2 -33.03 -26.28 -17.25
N PRO G 3 -34.10 -26.48 -16.47
CA PRO G 3 -35.07 -25.40 -16.27
C PRO G 3 -34.49 -24.26 -15.45
N THR G 4 -35.15 -23.11 -15.55
CA THR G 4 -34.83 -21.98 -14.70
C THR G 4 -35.99 -21.53 -13.83
N TRP G 5 -37.22 -21.87 -14.19
CA TRP G 5 -38.39 -21.58 -13.39
C TRP G 5 -39.10 -22.89 -13.05
N PHE G 6 -39.63 -22.95 -11.83
CA PHE G 6 -40.19 -24.19 -11.31
C PHE G 6 -41.60 -23.93 -10.82
N TYR G 7 -42.56 -24.66 -11.38
CA TYR G 7 -43.96 -24.50 -10.99
C TYR G 7 -44.27 -25.47 -9.87
N ASN G 8 -44.55 -24.94 -8.69
CA ASN G 8 -44.76 -25.73 -7.49
C ASN G 8 -46.25 -25.92 -7.26
N THR G 9 -46.69 -27.18 -7.25
CA THR G 9 -48.05 -27.49 -6.84
C THR G 9 -48.09 -28.92 -6.32
N THR G 10 -48.98 -29.16 -5.36
CA THR G 10 -49.28 -30.51 -4.92
C THR G 10 -50.53 -31.05 -5.55
N ASN G 11 -51.29 -30.22 -6.24
CA ASN G 11 -52.55 -30.61 -6.86
C ASN G 11 -52.23 -31.15 -8.24
N SER G 12 -52.46 -32.45 -8.45
CA SER G 12 -52.08 -33.07 -9.71
C SER G 12 -53.02 -32.72 -10.85
N GLU G 13 -54.15 -32.09 -10.58
CA GLU G 13 -55.04 -31.64 -11.64
C GLU G 13 -54.65 -30.27 -12.14
N LYS G 14 -54.06 -29.43 -11.30
CA LYS G 14 -53.48 -28.19 -11.77
C LYS G 14 -52.24 -28.44 -12.60
N LEU G 15 -51.54 -29.54 -12.32
CA LEU G 15 -50.29 -29.83 -13.02
C LEU G 15 -50.54 -30.24 -14.47
N ARG G 16 -51.56 -31.04 -14.72
CA ARG G 16 -51.83 -31.43 -16.10
C ARG G 16 -52.57 -30.36 -16.88
N GLU G 17 -53.11 -29.34 -16.21
CA GLU G 17 -53.63 -28.20 -16.95
C GLU G 17 -52.50 -27.31 -17.45
N LEU G 18 -51.54 -26.99 -16.58
CA LEU G 18 -50.48 -26.10 -16.98
C LEU G 18 -49.46 -26.79 -17.86
N GLN G 19 -49.36 -28.11 -17.80
CA GLN G 19 -48.56 -28.83 -18.78
C GLN G 19 -49.27 -29.01 -20.11
N HIS G 20 -50.55 -28.69 -20.20
CA HIS G 20 -51.23 -28.80 -21.48
C HIS G 20 -50.87 -27.64 -22.39
N VAL G 21 -50.47 -26.50 -21.82
CA VAL G 21 -50.21 -25.29 -22.57
C VAL G 21 -48.76 -24.86 -22.45
N LEU G 22 -48.24 -24.78 -21.23
CA LEU G 22 -46.84 -24.46 -20.99
C LEU G 22 -45.97 -25.70 -20.90
N GLY G 23 -46.44 -26.84 -21.40
CA GLY G 23 -45.67 -28.06 -21.31
C GLY G 23 -44.53 -28.13 -22.30
N GLY G 24 -44.70 -27.49 -23.45
CA GLY G 24 -43.66 -27.49 -24.46
C GLY G 24 -42.47 -26.61 -24.16
N SER G 25 -42.57 -25.75 -23.15
CA SER G 25 -41.46 -24.88 -22.80
C SER G 25 -40.41 -25.65 -22.02
N ALA G 26 -39.18 -25.64 -22.52
CA ALA G 26 -38.09 -26.36 -21.87
C ALA G 26 -37.51 -25.63 -20.68
N LYS G 27 -37.91 -24.38 -20.45
CA LYS G 27 -37.39 -23.58 -19.36
C LYS G 27 -38.19 -23.71 -18.08
N LEU G 28 -39.19 -24.56 -18.05
CA LEU G 28 -40.10 -24.67 -16.92
C LEU G 28 -40.01 -26.08 -16.34
N GLY G 29 -39.59 -26.18 -15.09
CA GLY G 29 -39.57 -27.43 -14.36
C GLY G 29 -40.73 -27.49 -13.38
N TYR G 30 -40.82 -28.61 -12.67
CA TYR G 30 -41.98 -28.86 -11.83
C TYR G 30 -41.55 -29.42 -10.48
N LEU G 31 -42.07 -28.84 -9.41
CA LEU G 31 -41.81 -29.28 -8.05
C LEU G 31 -43.14 -29.47 -7.33
N THR G 32 -43.11 -30.16 -6.20
CA THR G 32 -44.34 -30.53 -5.49
C THR G 32 -44.24 -30.26 -3.99
N ALA G 33 -43.68 -29.12 -3.60
CA ALA G 33 -43.58 -28.81 -2.18
C ALA G 33 -44.91 -28.31 -1.64
N LYS G 34 -45.24 -28.73 -0.43
CA LYS G 34 -46.53 -28.42 0.18
C LYS G 34 -46.36 -27.20 1.10
N VAL G 35 -47.15 -26.16 0.85
CA VAL G 35 -47.07 -24.94 1.63
C VAL G 35 -48.40 -24.74 2.35
N THR G 36 -48.38 -23.83 3.32
CA THR G 36 -49.54 -23.52 4.14
C THR G 36 -49.95 -22.08 3.89
N GLU G 37 -51.20 -21.87 3.52
CA GLU G 37 -51.67 -20.54 3.19
C GLU G 37 -52.12 -19.82 4.46
N ILE G 38 -52.07 -18.50 4.41
CA ILE G 38 -52.51 -17.67 5.51
C ILE G 38 -54.01 -17.47 5.41
N LEU G 39 -54.60 -16.98 6.48
CA LEU G 39 -56.06 -16.86 6.58
C LEU G 39 -56.46 -15.45 6.17
N ASP G 40 -56.90 -15.29 4.93
CA ASP G 40 -57.37 -14.00 4.43
C ASP G 40 -58.21 -14.26 3.20
N VAL G 41 -59.27 -13.46 3.01
CA VAL G 41 -60.12 -13.64 1.84
C VAL G 41 -59.56 -12.94 0.60
N ASP G 42 -58.61 -12.03 0.76
CA ASP G 42 -58.06 -11.32 -0.38
C ASP G 42 -57.10 -12.22 -1.13
N LEU G 43 -57.33 -12.36 -2.45
CA LEU G 43 -56.50 -13.25 -3.26
C LEU G 43 -55.09 -12.73 -3.40
N GLU G 44 -54.93 -11.42 -3.56
CA GLU G 44 -53.62 -10.79 -3.68
C GLU G 44 -52.77 -11.01 -2.44
N THR G 45 -53.39 -11.03 -1.27
CA THR G 45 -52.63 -11.21 -0.03
C THR G 45 -52.19 -12.66 0.14
N VAL G 46 -53.04 -13.62 -0.26
CA VAL G 46 -52.74 -15.02 -0.02
C VAL G 46 -51.70 -15.53 -1.01
N ILE G 47 -51.82 -15.16 -2.29
CA ILE G 47 -50.87 -15.63 -3.30
C ILE G 47 -49.50 -15.01 -3.09
N ARG G 48 -49.43 -13.84 -2.47
CA ARG G 48 -48.15 -13.19 -2.25
C ARG G 48 -47.41 -13.78 -1.07
N ALA G 49 -48.15 -14.23 -0.05
CA ALA G 49 -47.56 -14.93 1.08
C ALA G 49 -47.35 -16.42 0.81
N LYS G 50 -47.91 -16.94 -0.28
CA LYS G 50 -47.70 -18.31 -0.68
C LYS G 50 -46.41 -18.48 -1.47
N ALA G 51 -45.99 -17.45 -2.20
CA ALA G 51 -44.78 -17.52 -2.98
C ALA G 51 -43.53 -17.41 -2.12
N ILE G 52 -43.57 -16.61 -1.06
CA ILE G 52 -42.41 -16.54 -0.19
C ILE G 52 -42.30 -17.81 0.66
N ALA G 53 -43.43 -18.45 0.95
CA ALA G 53 -43.41 -19.70 1.69
C ALA G 53 -42.99 -20.88 0.83
N ALA G 54 -43.10 -20.77 -0.49
CA ALA G 54 -42.62 -21.82 -1.37
C ALA G 54 -41.20 -21.59 -1.83
N TYR G 55 -40.74 -20.34 -1.92
CA TYR G 55 -39.33 -20.09 -2.16
C TYR G 55 -38.48 -20.54 -0.99
N ARG G 56 -39.02 -20.41 0.22
CA ARG G 56 -38.32 -20.86 1.41
C ARG G 56 -38.17 -22.38 1.42
N ALA G 57 -39.08 -23.09 0.76
CA ALA G 57 -39.01 -24.54 0.73
C ALA G 57 -38.04 -25.05 -0.33
N VAL G 58 -38.10 -24.52 -1.55
CA VAL G 58 -37.37 -25.12 -2.65
C VAL G 58 -36.12 -24.34 -3.08
N ARG G 59 -36.01 -23.05 -2.73
CA ARG G 59 -34.81 -22.23 -2.89
C ARG G 59 -34.37 -22.07 -4.35
N VAL G 60 -35.32 -22.16 -5.27
CA VAL G 60 -35.10 -21.88 -6.69
C VAL G 60 -36.19 -20.92 -7.11
N PRO G 61 -36.03 -20.20 -8.26
CA PRO G 61 -37.12 -19.38 -8.79
C PRO G 61 -38.41 -20.13 -9.03
N VAL G 62 -39.46 -19.78 -8.28
CA VAL G 62 -40.64 -20.62 -8.15
C VAL G 62 -41.86 -19.85 -8.64
N ILE G 63 -42.85 -20.58 -9.14
CA ILE G 63 -44.12 -20.04 -9.58
C ILE G 63 -45.22 -20.78 -8.82
N VAL G 64 -46.06 -20.06 -8.09
CA VAL G 64 -47.16 -20.66 -7.36
C VAL G 64 -48.48 -20.16 -7.92
N GLU G 65 -49.56 -20.80 -7.51
CA GLU G 65 -50.88 -20.55 -8.07
C GLU G 65 -51.91 -20.67 -6.97
N HIS G 66 -52.87 -19.74 -6.92
CA HIS G 66 -53.95 -19.81 -5.94
C HIS G 66 -55.17 -19.16 -6.57
N GLY G 67 -56.35 -19.64 -6.18
CA GLY G 67 -57.59 -19.22 -6.79
C GLY G 67 -58.54 -18.54 -5.81
N ALA G 68 -59.69 -18.14 -6.36
CA ALA G 68 -60.74 -17.53 -5.58
C ALA G 68 -62.07 -17.78 -6.27
N LEU G 69 -63.13 -17.86 -5.46
CA LEU G 69 -64.50 -18.06 -5.96
C LEU G 69 -65.44 -17.11 -5.21
N CYS G 70 -65.16 -15.82 -5.32
CA CYS G 70 -66.00 -14.78 -4.73
C CYS G 70 -67.44 -14.87 -5.24
N ILE G 71 -68.40 -14.87 -4.31
CA ILE G 71 -69.81 -15.03 -4.62
C ILE G 71 -70.56 -13.80 -4.12
N ASP G 72 -71.49 -13.29 -4.94
CA ASP G 72 -72.25 -12.10 -4.58
C ASP G 72 -73.24 -12.35 -3.46
N ALA G 73 -73.81 -13.55 -3.40
CA ALA G 73 -74.77 -13.86 -2.34
C ALA G 73 -74.10 -13.99 -0.99
N LEU G 74 -72.79 -14.24 -0.96
CA LEU G 74 -72.06 -14.36 0.28
C LEU G 74 -71.09 -13.21 0.48
N ASN G 75 -71.33 -12.08 -0.22
CA ASN G 75 -70.53 -10.84 -0.13
C ASN G 75 -69.05 -11.08 -0.41
N GLY G 76 -68.76 -11.95 -1.36
CA GLY G 76 -67.39 -12.27 -1.72
C GLY G 76 -66.83 -13.50 -1.05
N LEU G 77 -67.56 -14.12 -0.17
CA LEU G 77 -67.10 -15.37 0.39
C LEU G 77 -67.33 -16.50 -0.61
N PRO G 78 -66.44 -17.50 -0.65
CA PRO G 78 -65.22 -17.72 0.12
C PRO G 78 -64.02 -16.83 -0.22
N GLY G 79 -63.92 -16.34 -1.44
CA GLY G 79 -62.71 -15.62 -1.81
C GLY G 79 -61.58 -16.61 -1.94
N ALA G 80 -60.44 -16.30 -1.34
CA ALA G 80 -59.31 -17.23 -1.34
C ALA G 80 -59.47 -18.37 -0.34
N LEU G 81 -60.61 -18.42 0.36
CA LEU G 81 -60.97 -19.49 1.29
C LEU G 81 -61.77 -20.59 0.62
N VAL G 82 -61.59 -20.80 -0.68
CA VAL G 82 -62.41 -21.75 -1.42
C VAL G 82 -61.97 -23.19 -1.17
N LYS G 83 -60.72 -23.40 -0.75
CA LYS G 83 -60.24 -24.75 -0.47
C LYS G 83 -60.97 -25.46 0.67
N PRO G 84 -61.27 -24.85 1.83
CA PRO G 84 -62.09 -25.57 2.80
C PRO G 84 -63.59 -25.44 2.60
N PHE G 85 -64.09 -24.69 1.61
CA PHE G 85 -65.52 -24.77 1.34
C PHE G 85 -65.88 -26.02 0.56
N TRP G 86 -65.14 -26.30 -0.50
CA TRP G 86 -65.43 -27.48 -1.30
C TRP G 86 -65.16 -28.76 -0.53
N GLU G 87 -64.28 -28.71 0.47
CA GLU G 87 -64.13 -29.84 1.38
C GLU G 87 -65.37 -30.01 2.26
N SER G 88 -65.90 -28.91 2.80
CA SER G 88 -67.05 -29.02 3.69
C SER G 88 -68.36 -29.14 2.90
N LEU G 89 -68.71 -28.10 2.14
CA LEU G 89 -69.92 -28.08 1.34
C LEU G 89 -69.56 -28.63 -0.04
N ASP G 90 -69.95 -29.87 -0.34
CA ASP G 90 -69.52 -30.40 -1.63
C ASP G 90 -70.44 -29.90 -2.73
N THR G 91 -71.67 -30.39 -2.79
CA THR G 91 -72.63 -29.87 -3.75
C THR G 91 -73.82 -29.23 -3.06
N ARG G 92 -73.79 -29.17 -1.72
CA ARG G 92 -74.74 -28.35 -0.98
C ARG G 92 -74.44 -26.86 -1.16
N LEU G 93 -73.26 -26.53 -1.68
CA LEU G 93 -72.89 -25.15 -2.00
C LEU G 93 -73.81 -24.55 -3.07
N CYS G 94 -74.39 -25.39 -3.92
CA CYS G 94 -75.44 -24.91 -4.81
C CYS G 94 -76.74 -24.62 -4.08
N GLU G 95 -76.95 -25.21 -2.91
CA GLU G 95 -78.20 -25.09 -2.18
C GLU G 95 -78.16 -24.06 -1.07
N VAL G 96 -76.97 -23.68 -0.59
CA VAL G 96 -76.89 -22.64 0.44
C VAL G 96 -77.04 -21.25 -0.14
N ILE G 97 -77.02 -21.11 -1.45
CA ILE G 97 -77.09 -19.83 -2.14
C ILE G 97 -78.50 -19.67 -2.69
N PRO G 98 -79.15 -18.51 -2.51
CA PRO G 98 -80.53 -18.36 -2.98
C PRO G 98 -80.61 -18.35 -4.50
N ALA G 99 -81.72 -18.88 -5.01
CA ALA G 99 -81.98 -18.84 -6.44
C ALA G 99 -82.45 -17.44 -6.82
N GLY G 100 -81.86 -16.89 -7.89
CA GLY G 100 -82.15 -15.55 -8.33
C GLY G 100 -80.98 -14.60 -8.26
N GLN G 101 -80.00 -14.86 -7.40
CA GLN G 101 -78.78 -14.06 -7.28
C GLN G 101 -77.56 -14.97 -7.25
N ARG G 102 -77.45 -15.83 -8.26
CA ARG G 102 -76.41 -16.83 -8.36
C ARG G 102 -75.08 -16.32 -8.86
N THR G 103 -74.87 -15.01 -9.03
CA THR G 103 -73.69 -14.51 -9.71
C THR G 103 -72.45 -14.61 -8.84
N ALA G 104 -71.29 -14.77 -9.48
CA ALA G 104 -70.02 -15.01 -8.80
C ALA G 104 -68.89 -14.68 -9.75
N ARG G 105 -67.68 -14.63 -9.21
CA ARG G 105 -66.47 -14.42 -9.99
C ARG G 105 -65.49 -15.54 -9.70
N ALA G 106 -64.93 -16.14 -10.73
CA ALA G 106 -63.85 -17.11 -10.61
C ALA G 106 -62.55 -16.37 -10.87
N ARG G 107 -61.79 -16.14 -9.81
CA ARG G 107 -60.52 -15.44 -9.93
C ARG G 107 -59.37 -16.44 -9.80
N GLY G 108 -58.22 -16.04 -10.33
CA GLY G 108 -57.07 -16.91 -10.32
C GLY G 108 -55.81 -16.08 -10.43
N ALA G 109 -54.77 -16.50 -9.71
CA ALA G 109 -53.58 -15.68 -9.64
C ALA G 109 -52.33 -16.55 -9.70
N LEU G 110 -51.38 -16.15 -10.52
CA LEU G 110 -50.03 -16.67 -10.53
C LEU G 110 -49.13 -15.67 -9.83
N CYS G 111 -48.14 -16.18 -9.09
CA CYS G 111 -47.12 -15.33 -8.51
C CYS G 111 -45.78 -16.03 -8.67
N TYR G 112 -44.85 -15.37 -9.34
CA TYR G 112 -43.51 -15.90 -9.49
C TYR G 112 -42.53 -15.10 -8.65
N CYS G 113 -41.64 -15.82 -7.97
CA CYS G 113 -40.65 -15.22 -7.08
C CYS G 113 -39.28 -15.74 -7.49
N ASP G 114 -38.42 -14.84 -7.95
CA ASP G 114 -37.07 -15.24 -8.33
C ASP G 114 -36.11 -15.20 -7.15
N GLY G 115 -36.57 -14.86 -5.96
CA GLY G 115 -35.73 -14.74 -4.80
C GLY G 115 -35.51 -13.33 -4.33
N ARG G 116 -35.88 -12.32 -5.11
CA ARG G 116 -35.70 -10.95 -4.67
C ARG G 116 -36.93 -10.09 -4.92
N GLU G 117 -37.87 -10.57 -5.73
CA GLU G 117 -39.09 -9.83 -6.00
C GLU G 117 -40.20 -10.78 -6.33
N ARG G 118 -41.42 -10.42 -5.94
CA ARG G 118 -42.62 -11.20 -6.20
C ARG G 118 -43.54 -10.41 -7.11
N HIS G 119 -43.98 -11.03 -8.20
CA HIS G 119 -44.87 -10.38 -9.16
C HIS G 119 -46.12 -11.22 -9.34
N VAL G 120 -47.28 -10.59 -9.20
CA VAL G 120 -48.56 -11.27 -9.19
C VAL G 120 -49.31 -10.96 -10.48
N LEU G 121 -49.82 -11.99 -11.14
CA LEU G 121 -50.65 -11.86 -12.33
C LEU G 121 -52.03 -12.40 -12.00
N ILE G 122 -53.06 -11.56 -12.13
CA ILE G 122 -54.42 -11.93 -11.76
C ILE G 122 -55.33 -11.83 -12.97
N GLU G 123 -56.04 -12.92 -13.28
CA GLU G 123 -57.17 -12.88 -14.21
C GLU G 123 -58.43 -13.27 -13.47
N GLU G 124 -59.56 -13.19 -14.18
CA GLU G 124 -60.87 -13.14 -13.54
C GLU G 124 -61.94 -13.44 -14.56
N THR G 125 -62.91 -14.28 -14.18
CA THR G 125 -63.99 -14.68 -15.08
C THR G 125 -65.33 -14.53 -14.39
N GLU G 126 -66.17 -13.67 -14.93
CA GLU G 126 -67.55 -13.53 -14.46
C GLU G 126 -68.34 -14.80 -14.77
N GLY G 127 -69.26 -15.13 -13.89
CA GLY G 127 -70.08 -16.30 -14.10
C GLY G 127 -71.24 -16.33 -13.14
N GLU G 128 -71.79 -17.53 -12.96
CA GLU G 128 -72.90 -17.73 -12.06
C GLU G 128 -72.93 -19.17 -11.61
N ILE G 129 -73.36 -19.39 -10.36
CA ILE G 129 -73.38 -20.73 -9.78
C ILE G 129 -74.51 -21.53 -10.40
N ALA G 130 -74.23 -22.78 -10.75
CA ALA G 130 -75.22 -23.63 -11.39
C ALA G 130 -76.32 -24.00 -10.41
N PRO G 131 -77.54 -24.32 -10.90
CA PRO G 131 -78.60 -24.73 -9.97
C PRO G 131 -78.33 -26.06 -9.30
N SER G 132 -77.59 -26.95 -9.95
CA SER G 132 -77.15 -28.19 -9.34
C SER G 132 -75.87 -28.60 -10.06
N ALA G 133 -75.08 -29.43 -9.40
CA ALA G 133 -73.82 -29.87 -9.97
C ALA G 133 -74.06 -30.78 -11.17
N ARG G 134 -73.65 -30.30 -12.34
CA ARG G 134 -73.73 -31.08 -13.56
C ARG G 134 -72.36 -31.10 -14.20
N GLY G 135 -72.03 -32.24 -14.80
CA GLY G 135 -70.76 -32.38 -15.46
C GLY G 135 -69.86 -33.37 -14.76
N THR G 136 -68.99 -34.02 -15.54
CA THR G 136 -68.10 -35.06 -15.04
C THR G 136 -66.63 -34.70 -15.10
N GLY G 137 -66.19 -33.95 -16.10
CA GLY G 137 -64.80 -33.62 -16.26
C GLY G 137 -64.32 -32.60 -15.25
N GLY G 138 -63.05 -32.22 -15.39
CA GLY G 138 -62.50 -31.21 -14.52
C GLY G 138 -62.24 -31.74 -13.12
N PHE G 139 -62.26 -30.83 -12.16
CA PHE G 139 -62.00 -31.15 -10.77
C PHE G 139 -62.75 -30.16 -9.89
N HIS G 140 -62.30 -29.93 -8.64
CA HIS G 140 -62.98 -29.16 -7.58
C HIS G 140 -63.73 -27.93 -8.08
N TRP G 141 -65.01 -27.83 -7.71
CA TRP G 141 -65.98 -26.77 -8.02
C TRP G 141 -66.21 -26.52 -9.51
N ASP G 142 -65.65 -27.31 -10.40
CA ASP G 142 -66.05 -27.18 -11.79
C ASP G 142 -67.48 -27.59 -12.12
N PRO G 143 -68.13 -28.57 -11.46
CA PRO G 143 -69.55 -28.80 -11.79
C PRO G 143 -70.52 -27.74 -11.30
N ILE G 144 -70.10 -26.68 -10.62
CA ILE G 144 -71.05 -25.70 -10.10
C ILE G 144 -70.95 -24.34 -10.75
N PHE G 145 -69.95 -24.10 -11.61
CA PHE G 145 -69.68 -22.77 -12.13
C PHE G 145 -69.95 -22.72 -13.62
N ILE G 146 -70.80 -21.80 -14.04
CA ILE G 146 -71.13 -21.58 -15.44
C ILE G 146 -70.66 -20.18 -15.82
N PRO G 147 -69.80 -20.03 -16.82
CA PRO G 147 -69.33 -18.69 -17.19
C PRO G 147 -70.41 -17.87 -17.87
N LYS G 148 -70.16 -16.57 -17.97
CA LYS G 148 -71.16 -15.67 -18.51
C LYS G 148 -71.28 -15.86 -20.03
N GLY G 149 -72.51 -15.96 -20.51
CA GLY G 149 -72.80 -16.23 -21.90
C GLY G 149 -72.95 -17.70 -22.20
N GLN G 150 -72.07 -18.53 -21.65
CA GLN G 150 -72.13 -19.97 -21.83
C GLN G 150 -73.27 -20.53 -20.99
N THR G 151 -73.80 -21.68 -21.41
CA THR G 151 -74.79 -22.41 -20.62
C THR G 151 -74.20 -23.59 -19.86
N ARG G 152 -73.03 -24.07 -20.24
CA ARG G 152 -72.44 -25.26 -19.65
C ARG G 152 -71.46 -24.89 -18.55
N THR G 153 -71.16 -25.87 -17.71
CA THR G 153 -70.21 -25.67 -16.62
C THR G 153 -68.79 -25.86 -17.11
N PHE G 154 -67.82 -25.65 -16.22
CA PHE G 154 -66.46 -26.04 -16.53
C PHE G 154 -66.30 -27.55 -16.59
N ALA G 155 -67.13 -28.29 -15.86
CA ALA G 155 -67.05 -29.73 -15.89
C ALA G 155 -67.62 -30.30 -17.17
N GLU G 156 -68.58 -29.61 -17.78
CA GLU G 156 -69.18 -30.09 -19.01
C GLU G 156 -68.35 -29.79 -20.25
N MET G 157 -67.27 -29.04 -20.12
CA MET G 157 -66.43 -28.70 -21.25
C MET G 157 -65.12 -29.45 -21.19
N SER G 158 -64.50 -29.65 -22.35
CA SER G 158 -63.21 -30.32 -22.45
C SER G 158 -62.10 -29.39 -21.97
N LEU G 159 -60.86 -29.88 -22.00
CA LEU G 159 -59.76 -29.09 -21.45
C LEU G 159 -59.40 -27.92 -22.35
N ASP G 160 -59.56 -28.07 -23.67
CA ASP G 160 -59.35 -26.94 -24.56
C ASP G 160 -60.46 -25.92 -24.46
N GLU G 161 -61.69 -26.38 -24.24
CA GLU G 161 -62.81 -25.46 -24.13
C GLU G 161 -62.85 -24.78 -22.77
N LYS G 162 -62.41 -25.47 -21.71
CA LYS G 162 -62.42 -24.87 -20.38
C LYS G 162 -61.37 -23.77 -20.28
N LEU G 163 -60.21 -23.97 -20.91
CA LEU G 163 -59.15 -22.97 -20.90
C LEU G 163 -59.40 -21.81 -21.83
N SER G 164 -60.44 -21.84 -22.66
CA SER G 164 -60.85 -20.66 -23.37
C SER G 164 -61.80 -19.79 -22.56
N PHE G 165 -62.12 -20.20 -21.34
CA PHE G 165 -62.97 -19.43 -20.45
C PHE G 165 -62.31 -19.19 -19.10
N SER G 166 -61.54 -20.17 -18.62
CA SER G 166 -61.00 -20.12 -17.28
C SER G 166 -59.91 -19.06 -17.16
N PRO G 167 -59.61 -18.59 -15.93
CA PRO G 167 -58.55 -17.58 -15.78
C PRO G 167 -57.17 -18.06 -16.16
N LEU G 168 -56.91 -19.36 -16.16
CA LEU G 168 -55.57 -19.84 -16.51
C LEU G 168 -55.30 -19.70 -18.01
N GLY G 169 -56.34 -19.63 -18.83
CA GLY G 169 -56.15 -19.50 -20.26
C GLY G 169 -55.67 -18.13 -20.70
N ARG G 170 -55.87 -17.11 -19.87
CA ARG G 170 -55.29 -15.80 -20.12
C ARG G 170 -54.00 -15.57 -19.36
N LEU G 171 -53.70 -16.42 -18.39
CA LEU G 171 -52.46 -16.34 -17.62
C LEU G 171 -51.31 -17.10 -18.23
N HIS G 172 -51.56 -18.01 -19.19
CA HIS G 172 -50.46 -18.64 -19.91
C HIS G 172 -49.68 -17.63 -20.72
N THR G 173 -50.39 -16.80 -21.46
CA THR G 173 -49.77 -15.86 -22.38
C THR G 173 -49.03 -14.77 -21.62
N ARG G 174 -49.56 -14.35 -20.48
CA ARG G 174 -48.88 -13.34 -19.67
C ARG G 174 -47.66 -13.92 -18.95
N LEU G 175 -47.73 -15.18 -18.53
CA LEU G 175 -46.57 -15.78 -17.88
C LEU G 175 -45.47 -16.12 -18.89
N ARG G 176 -45.85 -16.53 -20.10
CA ARG G 176 -44.86 -16.82 -21.11
C ARG G 176 -44.16 -15.56 -21.58
N THR G 177 -44.89 -14.45 -21.68
CA THR G 177 -44.29 -13.21 -22.16
C THR G 177 -43.37 -12.59 -21.11
N GLU G 178 -43.80 -12.55 -19.86
CA GLU G 178 -43.01 -11.91 -18.83
C GLU G 178 -41.81 -12.74 -18.38
N LEU G 179 -41.81 -14.04 -18.61
CA LEU G 179 -40.68 -14.87 -18.22
C LEU G 179 -39.88 -15.39 -19.40
N GLY G 180 -40.37 -15.20 -20.63
CA GLY G 180 -39.65 -15.68 -21.78
C GLY G 180 -39.64 -17.18 -21.92
N LEU G 181 -40.70 -17.85 -21.45
CA LEU G 181 -40.76 -19.29 -21.51
C LEU G 181 -40.98 -19.76 -22.95
N ALA H 2 -43.22 -9.88 39.20
CA ALA H 2 -43.21 -9.98 37.75
C ALA H 2 -44.03 -11.17 37.28
N PRO H 3 -44.74 -11.02 36.17
CA PRO H 3 -45.51 -12.15 35.62
C PRO H 3 -44.60 -13.24 35.09
N THR H 4 -45.18 -14.43 34.94
CA THR H 4 -44.51 -15.53 34.28
C THR H 4 -45.23 -16.03 33.05
N TRP H 5 -46.52 -15.76 32.92
CA TRP H 5 -47.29 -16.09 31.73
C TRP H 5 -47.88 -14.82 31.15
N PHE H 6 -47.93 -14.76 29.82
CA PHE H 6 -48.33 -13.55 29.11
C PHE H 6 -49.43 -13.87 28.14
N TYR H 7 -50.57 -13.22 28.29
CA TYR H 7 -51.71 -13.45 27.41
C TYR H 7 -51.62 -12.47 26.24
N ASN H 8 -51.42 -13.00 25.04
CA ASN H 8 -51.20 -12.20 23.85
C ASN H 8 -52.50 -12.09 23.07
N THR H 9 -52.98 -10.86 22.89
CA THR H 9 -54.10 -10.60 22.00
C THR H 9 -54.01 -9.18 21.49
N THR H 10 -54.49 -8.98 20.27
CA THR H 10 -54.67 -7.64 19.73
C THR H 10 -56.11 -7.17 19.85
N ASN H 11 -57.02 -8.04 20.21
CA ASN H 11 -58.43 -7.73 20.30
C ASN H 11 -58.69 -7.20 21.71
N SER H 12 -59.06 -5.92 21.81
CA SER H 12 -59.20 -5.29 23.11
C SER H 12 -60.48 -5.70 23.82
N GLU H 13 -61.39 -6.38 23.15
CA GLU H 13 -62.59 -6.90 23.81
C GLU H 13 -62.35 -8.25 24.43
N LYS H 14 -61.43 -9.05 23.87
CA LYS H 14 -61.00 -10.27 24.54
C LYS H 14 -60.19 -9.96 25.77
N LEU H 15 -59.49 -8.82 25.77
CA LEU H 15 -58.61 -8.48 26.87
C LEU H 15 -59.40 -8.11 28.12
N ARG H 16 -60.49 -7.36 27.97
CA ARG H 16 -61.27 -7.00 29.14
C ARG H 16 -62.19 -8.12 29.59
N GLU H 17 -62.39 -9.16 28.79
CA GLU H 17 -63.09 -10.33 29.28
C GLU H 17 -62.18 -11.17 30.17
N LEU H 18 -60.96 -11.42 29.73
CA LEU H 18 -60.07 -12.27 30.50
C LEU H 18 -59.50 -11.54 31.70
N GLN H 19 -59.45 -10.21 31.68
CA GLN H 19 -59.11 -9.47 32.88
C GLN H 19 -60.28 -9.34 33.84
N HIS H 20 -61.48 -9.73 33.44
CA HIS H 20 -62.59 -9.67 34.37
C HIS H 20 -62.54 -10.83 35.36
N VAL H 21 -61.90 -11.93 34.98
CA VAL H 21 -61.87 -13.14 35.80
C VAL H 21 -60.46 -13.50 36.23
N LEU H 22 -59.51 -13.52 35.29
CA LEU H 22 -58.11 -13.77 35.60
C LEU H 22 -57.34 -12.49 35.83
N GLY H 23 -58.03 -11.38 36.11
CA GLY H 23 -57.35 -10.12 36.29
C GLY H 23 -56.67 -10.00 37.64
N GLY H 24 -57.22 -10.67 38.66
CA GLY H 24 -56.64 -10.63 39.98
C GLY H 24 -55.37 -11.43 40.16
N SER H 25 -55.04 -12.28 39.19
CA SER H 25 -53.84 -13.09 39.28
C SER H 25 -52.61 -12.26 38.96
N ALA H 26 -51.66 -12.21 39.87
CA ALA H 26 -50.45 -11.42 39.67
C ALA H 26 -49.43 -12.11 38.79
N LYS H 27 -49.65 -13.37 38.44
CA LYS H 27 -48.70 -14.13 37.64
C LYS H 27 -48.98 -14.03 36.15
N LEU H 28 -49.94 -13.22 35.73
CA LEU H 28 -50.36 -13.15 34.35
C LEU H 28 -50.15 -11.73 33.83
N GLY H 29 -49.29 -11.59 32.83
CA GLY H 29 -49.07 -10.33 32.15
C GLY H 29 -49.78 -10.32 30.81
N TYR H 30 -49.65 -9.20 30.11
CA TYR H 30 -50.42 -9.00 28.89
C TYR H 30 -49.55 -8.40 27.80
N LEU H 31 -49.61 -8.99 26.62
CA LEU H 31 -48.87 -8.52 25.45
C LEU H 31 -49.84 -8.39 24.29
N THR H 32 -49.43 -7.67 23.24
CA THR H 32 -50.33 -7.36 22.11
C THR H 32 -49.66 -7.60 20.77
N ALA H 33 -48.93 -8.70 20.62
CA ALA H 33 -48.29 -9.00 19.35
C ALA H 33 -49.29 -9.56 18.36
N LYS H 34 -49.17 -9.14 17.10
CA LYS H 34 -50.11 -9.51 16.06
C LYS H 34 -49.54 -10.70 15.28
N VAL H 35 -50.31 -11.78 15.23
CA VAL H 35 -49.88 -12.99 14.54
C VAL H 35 -50.84 -13.26 13.38
N THR H 36 -50.41 -14.15 12.49
CA THR H 36 -51.15 -14.50 11.29
C THR H 36 -51.55 -15.96 11.38
N GLU H 37 -52.83 -16.25 11.26
CA GLU H 37 -53.33 -17.61 11.39
C GLU H 37 -53.22 -18.33 10.06
N ILE H 38 -53.12 -19.65 10.13
CA ILE H 38 -53.07 -20.48 8.95
C ILE H 38 -54.48 -20.76 8.48
N LEU H 39 -54.61 -21.27 7.27
CA LEU H 39 -55.91 -21.46 6.63
C LEU H 39 -56.36 -22.90 6.86
N ASP H 40 -57.23 -23.10 7.86
CA ASP H 40 -57.77 -24.42 8.15
C ASP H 40 -59.04 -24.22 8.98
N VAL H 41 -60.04 -25.07 8.76
CA VAL H 41 -61.27 -24.96 9.53
C VAL H 41 -61.18 -25.64 10.89
N ASP H 42 -60.20 -26.49 11.11
CA ASP H 42 -60.08 -27.20 12.37
C ASP H 42 -59.51 -26.26 13.43
N LEU H 43 -60.22 -26.15 14.56
CA LEU H 43 -59.82 -25.22 15.61
C LEU H 43 -58.53 -25.67 16.28
N GLU H 44 -58.38 -26.98 16.50
CA GLU H 44 -57.17 -27.53 17.10
C GLU H 44 -55.93 -27.25 16.27
N THR H 45 -56.07 -27.25 14.94
CA THR H 45 -54.91 -27.01 14.08
C THR H 45 -54.52 -25.54 14.08
N VAL H 46 -55.49 -24.64 14.12
CA VAL H 46 -55.21 -23.22 14.01
C VAL H 46 -54.65 -22.66 15.31
N ILE H 47 -55.21 -23.06 16.45
CA ILE H 47 -54.75 -22.56 17.75
C ILE H 47 -53.36 -23.09 18.07
N ARG H 48 -53.00 -24.25 17.53
CA ARG H 48 -51.71 -24.84 17.81
C ARG H 48 -50.61 -24.19 16.98
N ALA H 49 -50.93 -23.77 15.76
CA ALA H 49 -50.00 -23.02 14.94
C ALA H 49 -49.99 -21.54 15.25
N LYS H 50 -50.94 -21.05 16.04
CA LYS H 50 -50.98 -19.67 16.49
C LYS H 50 -50.08 -19.45 17.69
N ALA H 51 -49.92 -20.47 18.54
CA ALA H 51 -49.09 -20.35 19.72
C ALA H 51 -47.60 -20.37 19.40
N ILE H 52 -47.19 -21.16 18.40
CA ILE H 52 -45.79 -21.16 18.02
C ILE H 52 -45.46 -19.87 17.28
N ALA H 53 -46.42 -19.28 16.57
CA ALA H 53 -46.19 -18.02 15.89
C ALA H 53 -46.19 -16.84 16.84
N ALA H 54 -46.78 -16.98 18.02
CA ALA H 54 -46.73 -15.91 19.01
C ALA H 54 -45.57 -16.07 19.97
N TYR H 55 -45.11 -17.30 20.23
CA TYR H 55 -43.88 -17.48 20.99
C TYR H 55 -42.68 -16.97 20.21
N ARG H 56 -42.71 -17.11 18.89
CA ARG H 56 -41.64 -16.60 18.05
C ARG H 56 -41.58 -15.08 18.08
N ALA H 57 -42.71 -14.43 18.35
CA ALA H 57 -42.74 -12.97 18.40
C ALA H 57 -42.26 -12.43 19.73
N VAL H 58 -42.75 -12.99 20.84
CA VAL H 58 -42.52 -12.36 22.14
C VAL H 58 -41.48 -13.08 23.00
N ARG H 59 -41.18 -14.35 22.73
CA ARG H 59 -40.08 -15.12 23.34
C ARG H 59 -40.22 -15.27 24.85
N VAL H 60 -41.44 -15.23 25.36
CA VAL H 60 -41.76 -15.53 26.74
C VAL H 60 -42.87 -16.56 26.75
N PRO H 61 -43.10 -17.27 27.88
CA PRO H 61 -44.28 -18.16 27.96
C PRO H 61 -45.61 -17.49 27.69
N VAL H 62 -46.27 -17.88 26.61
CA VAL H 62 -47.35 -17.11 26.04
C VAL H 62 -48.63 -17.94 26.04
N ILE H 63 -49.77 -17.27 26.14
CA ILE H 63 -51.09 -17.88 26.06
C ILE H 63 -51.86 -17.19 24.95
N VAL H 64 -52.32 -17.95 23.96
CA VAL H 64 -53.10 -17.38 22.87
C VAL H 64 -54.50 -17.96 22.90
N GLU H 65 -55.38 -17.38 22.10
CA GLU H 65 -56.80 -17.71 22.13
C GLU H 65 -57.35 -17.62 20.72
N HIS H 66 -58.17 -18.60 20.33
CA HIS H 66 -58.81 -18.58 19.02
C HIS H 66 -60.14 -19.29 19.15
N GLY H 67 -61.11 -18.89 18.33
CA GLY H 67 -62.46 -19.36 18.44
C GLY H 67 -62.95 -20.08 17.18
N ALA H 68 -64.19 -20.54 17.26
CA ALA H 68 -64.84 -21.21 16.14
C ALA H 68 -66.35 -21.04 16.29
N LEU H 69 -67.03 -20.99 15.14
CA LEU H 69 -68.49 -20.88 15.09
C LEU H 69 -69.03 -21.87 14.05
N CYS H 70 -68.73 -23.14 14.27
CA CYS H 70 -69.24 -24.21 13.41
C CYS H 70 -70.76 -24.21 13.34
N ILE H 71 -71.30 -24.25 12.12
CA ILE H 71 -72.74 -24.17 11.88
C ILE H 71 -73.18 -25.43 11.14
N ASP H 72 -74.31 -26.00 11.56
CA ASP H 72 -74.82 -27.22 10.95
C ASP H 72 -75.34 -27.01 9.54
N ALA H 73 -75.90 -25.84 9.26
CA ALA H 73 -76.41 -25.58 7.92
C ALA H 73 -75.30 -25.38 6.91
N LEU H 74 -74.09 -25.07 7.38
CA LEU H 74 -72.94 -24.89 6.50
C LEU H 74 -71.91 -25.99 6.68
N ASN H 75 -72.33 -27.13 7.24
CA ASN H 75 -71.50 -28.32 7.47
C ASN H 75 -70.25 -28.01 8.29
N GLY H 76 -70.37 -27.14 9.28
CA GLY H 76 -69.26 -26.76 10.12
C GLY H 76 -68.56 -25.49 9.70
N LEU H 77 -68.95 -24.90 8.60
CA LEU H 77 -68.37 -23.61 8.25
C LEU H 77 -69.01 -22.52 9.08
N PRO H 78 -68.26 -21.46 9.45
CA PRO H 78 -66.86 -21.17 9.19
C PRO H 78 -65.83 -22.00 9.95
N GLY H 79 -66.17 -22.51 11.13
CA GLY H 79 -65.15 -23.17 11.92
C GLY H 79 -64.20 -22.12 12.46
N ALA H 80 -62.91 -22.35 12.33
CA ALA H 80 -61.91 -21.37 12.76
C ALA H 80 -61.74 -20.24 11.76
N LEU H 81 -62.53 -20.22 10.68
CA LEU H 81 -62.58 -19.17 9.68
C LEU H 81 -63.64 -18.12 9.99
N VAL H 82 -63.96 -17.92 11.27
CA VAL H 82 -65.05 -17.01 11.64
C VAL H 82 -64.62 -15.56 11.57
N LYS H 83 -63.32 -15.29 11.63
CA LYS H 83 -62.85 -13.91 11.55
C LYS H 83 -63.14 -13.22 10.21
N PRO H 84 -62.94 -13.82 9.03
CA PRO H 84 -63.39 -13.13 7.82
C PRO H 84 -64.84 -13.34 7.44
N PHE H 85 -65.63 -14.13 8.17
CA PHE H 85 -67.06 -14.13 7.89
C PHE H 85 -67.76 -12.92 8.46
N TRP H 86 -67.48 -12.61 9.73
CA TRP H 86 -68.11 -11.46 10.35
C TRP H 86 -67.64 -10.15 9.73
N GLU H 87 -66.45 -10.15 9.13
CA GLU H 87 -66.04 -9.00 8.33
C GLU H 87 -66.87 -8.89 7.06
N SER H 88 -67.09 -10.01 6.37
CA SER H 88 -67.83 -9.94 5.12
C SER H 88 -69.34 -9.90 5.35
N LEU H 89 -69.89 -10.96 5.92
CA LEU H 89 -71.31 -11.06 6.22
C LEU H 89 -71.53 -10.52 7.62
N ASP H 90 -72.06 -9.30 7.75
CA ASP H 90 -72.18 -8.76 9.10
C ASP H 90 -73.42 -9.32 9.79
N THR H 91 -74.60 -8.90 9.37
CA THR H 91 -75.82 -9.48 9.91
C THR H 91 -76.62 -10.17 8.82
N ARG H 92 -76.11 -10.22 7.60
CA ARG H 92 -76.65 -11.08 6.55
C ARG H 92 -76.36 -12.55 6.85
N LEU H 93 -75.44 -12.82 7.78
CA LEU H 93 -75.16 -14.19 8.22
C LEU H 93 -76.37 -14.85 8.88
N CYS H 94 -77.28 -14.06 9.44
CA CYS H 94 -78.56 -14.60 9.88
C CYS H 94 -79.47 -14.94 8.72
N GLU H 95 -79.25 -14.36 7.54
CA GLU H 95 -80.14 -14.53 6.41
C GLU H 95 -79.63 -15.54 5.39
N VAL H 96 -78.33 -15.85 5.39
CA VAL H 96 -77.82 -16.87 4.48
C VAL H 96 -78.09 -18.28 4.97
N ILE H 97 -78.55 -18.43 6.20
CA ILE H 97 -78.80 -19.72 6.81
C ILE H 97 -80.31 -19.97 6.80
N PRO H 98 -80.78 -21.15 6.40
CA PRO H 98 -82.22 -21.39 6.33
C PRO H 98 -82.87 -21.41 7.69
N ALA H 99 -84.12 -20.95 7.75
CA ALA H 99 -84.89 -21.03 8.97
C ALA H 99 -85.39 -22.46 9.17
N GLY H 100 -85.22 -22.99 10.37
CA GLY H 100 -85.58 -24.36 10.69
C GLY H 100 -84.41 -25.23 11.08
N GLN H 101 -83.20 -24.91 10.63
CA GLN H 101 -81.99 -25.64 10.99
C GLN H 101 -80.90 -24.67 11.40
N ARG H 102 -81.22 -23.82 12.38
CA ARG H 102 -80.34 -22.76 12.85
C ARG H 102 -79.27 -23.22 13.83
N THR H 103 -79.08 -24.51 14.07
CA THR H 103 -78.20 -24.96 15.15
C THR H 103 -76.73 -24.78 14.80
N ALA H 104 -75.92 -24.57 15.83
CA ALA H 104 -74.50 -24.25 15.67
C ALA H 104 -73.79 -24.55 16.98
N ARG H 105 -72.46 -24.52 16.94
CA ARG H 105 -71.63 -24.68 18.12
C ARG H 105 -70.66 -23.50 18.20
N ALA H 106 -70.58 -22.89 19.37
CA ALA H 106 -69.58 -21.86 19.65
C ALA H 106 -68.43 -22.53 20.38
N ARG H 107 -67.31 -22.71 19.69
CA ARG H 107 -66.14 -23.33 20.28
C ARG H 107 -65.09 -22.29 20.58
N GLY H 108 -64.20 -22.62 21.51
CA GLY H 108 -63.18 -21.70 21.91
C GLY H 108 -62.01 -22.46 22.51
N ALA H 109 -60.80 -21.98 22.23
CA ALA H 109 -59.62 -22.73 22.60
C ALA H 109 -58.55 -21.80 23.12
N LEU H 110 -57.95 -22.17 24.25
CA LEU H 110 -56.73 -21.57 24.75
C LEU H 110 -55.57 -22.51 24.45
N CYS H 111 -54.42 -21.94 24.15
CA CYS H 111 -53.20 -22.73 23.98
C CYS H 111 -52.06 -21.97 24.63
N TYR H 112 -51.41 -22.59 25.61
CA TYR H 112 -50.27 -21.98 26.24
C TYR H 112 -49.00 -22.71 25.83
N CYS H 113 -47.96 -21.95 25.53
CA CYS H 113 -46.67 -22.47 25.08
C CYS H 113 -45.59 -21.89 25.97
N ASP H 114 -44.92 -22.74 26.72
CA ASP H 114 -43.83 -22.29 27.58
C ASP H 114 -42.50 -22.26 26.85
N GLY H 115 -42.46 -22.61 25.59
CA GLY H 115 -41.24 -22.67 24.81
C GLY H 115 -40.78 -24.06 24.48
N ARG H 116 -41.37 -25.09 25.07
CA ARG H 116 -40.96 -26.45 24.73
C ARG H 116 -42.14 -27.38 24.51
N GLU H 117 -43.34 -26.95 24.91
CA GLU H 117 -44.53 -27.77 24.70
C GLU H 117 -45.74 -26.87 24.58
N ARG H 118 -46.70 -27.30 23.77
CA ARG H 118 -47.95 -26.58 23.57
C ARG H 118 -49.10 -27.43 24.07
N HIS H 119 -49.96 -26.86 24.91
CA HIS H 119 -51.10 -27.57 25.46
C HIS H 119 -52.37 -26.79 25.15
N VAL H 120 -53.36 -27.48 24.59
CA VAL H 120 -54.58 -26.87 24.10
C VAL H 120 -55.74 -27.24 25.03
N LEU H 121 -56.51 -26.23 25.43
CA LEU H 121 -57.72 -26.43 26.23
C LEU H 121 -58.90 -25.96 25.41
N ILE H 122 -59.86 -26.85 25.14
CA ILE H 122 -61.00 -26.55 24.28
C ILE H 122 -62.30 -26.71 25.07
N GLU H 123 -63.12 -25.67 25.08
CA GLU H 123 -64.50 -25.78 25.52
C GLU H 123 -65.43 -25.44 24.36
N GLU H 124 -66.73 -25.60 24.59
CA GLU H 124 -67.69 -25.71 23.51
C GLU H 124 -69.09 -25.49 24.05
N THR H 125 -69.89 -24.68 23.33
CA THR H 125 -71.24 -24.35 23.75
C THR H 125 -72.21 -24.56 22.61
N GLU H 126 -73.16 -25.48 22.80
CA GLU H 126 -74.25 -25.67 21.86
C GLU H 126 -75.16 -24.46 21.84
N GLY H 127 -75.71 -24.17 20.67
CA GLY H 127 -76.61 -23.05 20.56
C GLY H 127 -77.33 -23.06 19.24
N GLU H 128 -77.83 -21.89 18.85
CA GLU H 128 -78.53 -21.74 17.59
C GLU H 128 -78.47 -20.29 17.15
N ILE H 129 -78.40 -20.08 15.84
CA ILE H 129 -78.28 -18.74 15.28
C ILE H 129 -79.62 -18.01 15.43
N ALA H 130 -79.55 -16.75 15.85
CA ALA H 130 -80.74 -15.95 16.07
C ALA H 130 -81.42 -15.63 14.73
N PRO H 131 -82.73 -15.39 14.74
CA PRO H 131 -83.41 -15.01 13.48
C PRO H 131 -82.97 -13.66 12.94
N SER H 132 -82.58 -12.75 13.82
CA SER H 132 -82.01 -11.48 13.42
C SER H 132 -81.12 -11.02 14.55
N ALA H 133 -80.19 -10.12 14.23
CA ALA H 133 -79.25 -9.63 15.23
C ALA H 133 -79.97 -8.76 16.24
N ARG H 134 -80.01 -9.23 17.48
CA ARG H 134 -80.58 -8.48 18.58
C ARG H 134 -79.56 -8.38 19.70
N GLY H 135 -79.54 -7.25 20.36
CA GLY H 135 -78.61 -7.04 21.46
C GLY H 135 -77.57 -5.99 21.13
N THR H 136 -77.09 -5.32 22.18
CA THR H 136 -76.13 -4.22 22.04
C THR H 136 -74.77 -4.50 22.64
N GLY H 137 -74.71 -5.25 23.74
CA GLY H 137 -73.45 -5.50 24.41
C GLY H 137 -72.58 -6.48 23.67
N GLY H 138 -71.45 -6.80 24.28
CA GLY H 138 -70.55 -7.77 23.68
C GLY H 138 -69.82 -7.20 22.48
N PHE H 139 -69.42 -8.10 21.59
CA PHE H 139 -68.67 -7.74 20.38
C PHE H 139 -69.00 -8.76 19.30
N HIS H 140 -68.10 -8.95 18.32
CA HIS H 140 -68.29 -9.75 17.08
C HIS H 140 -69.10 -11.03 17.27
N TRP H 141 -70.13 -11.18 16.46
CA TRP H 141 -71.10 -12.28 16.38
C TRP H 141 -71.86 -12.57 17.68
N ASP H 142 -71.71 -11.77 18.71
CA ASP H 142 -72.60 -11.94 19.85
C ASP H 142 -74.08 -11.61 19.61
N PRO H 143 -74.48 -10.65 18.76
CA PRO H 143 -75.93 -10.50 18.53
C PRO H 143 -76.59 -11.60 17.72
N ILE H 144 -75.89 -12.64 17.25
CA ILE H 144 -76.51 -13.65 16.41
C ILE H 144 -76.59 -15.01 17.07
N PHE H 145 -75.98 -15.21 18.23
CA PHE H 145 -75.84 -16.53 18.84
C PHE H 145 -76.65 -16.62 20.12
N ILE H 146 -77.55 -17.59 20.19
CA ILE H 146 -78.37 -17.84 21.36
C ILE H 146 -77.99 -19.22 21.91
N PRO H 147 -77.57 -19.34 23.16
CA PRO H 147 -77.20 -20.66 23.70
C PRO H 147 -78.41 -21.54 23.91
N LYS H 148 -78.15 -22.82 24.12
CA LYS H 148 -79.22 -23.79 24.25
C LYS H 148 -79.91 -23.64 25.59
N GLY H 149 -81.24 -23.61 25.58
CA GLY H 149 -82.04 -23.36 26.77
C GLY H 149 -82.37 -21.90 26.98
N GLN H 150 -81.39 -21.03 26.79
CA GLN H 150 -81.59 -19.60 26.92
C GLN H 150 -82.37 -19.08 25.72
N THR H 151 -83.07 -17.96 25.91
CA THR H 151 -83.73 -17.28 24.79
C THR H 151 -82.98 -16.06 24.30
N ARG H 152 -82.06 -15.52 25.09
CA ARG H 152 -81.36 -14.30 24.75
C ARG H 152 -80.02 -14.59 24.11
N THR H 153 -79.47 -13.59 23.43
CA THR H 153 -78.18 -13.73 22.77
C THR H 153 -77.06 -13.47 23.77
N PHE H 154 -75.81 -13.62 23.30
CA PHE H 154 -74.68 -13.17 24.10
C PHE H 154 -74.65 -11.64 24.20
N ALA H 155 -75.19 -10.95 23.20
CA ALA H 155 -75.20 -9.50 23.25
C ALA H 155 -76.24 -8.97 24.22
N GLU H 156 -77.31 -9.72 24.44
CA GLU H 156 -78.36 -9.30 25.35
C GLU H 156 -78.04 -9.57 26.81
N MET H 157 -76.95 -10.25 27.11
CA MET H 157 -76.57 -10.57 28.47
C MET H 157 -75.37 -9.75 28.90
N SER H 158 -75.25 -9.54 30.21
CA SER H 158 -74.12 -8.80 30.77
C SER H 158 -72.87 -9.66 30.76
N LEU H 159 -71.76 -9.11 31.24
CA LEU H 159 -70.49 -9.83 31.15
C LEU H 159 -70.45 -10.99 32.13
N ASP H 160 -71.09 -10.87 33.29
CA ASP H 160 -71.16 -12.00 34.21
C ASP H 160 -72.10 -13.08 33.70
N GLU H 161 -73.18 -12.68 33.03
CA GLU H 161 -74.12 -13.67 32.51
C GLU H 161 -73.61 -14.31 31.24
N LYS H 162 -72.86 -13.59 30.42
CA LYS H 162 -72.33 -14.18 29.19
C LYS H 162 -71.26 -15.21 29.50
N LEU H 163 -70.43 -14.97 30.51
CA LEU H 163 -69.40 -15.90 30.90
C LEU H 163 -69.91 -17.09 31.69
N SER H 164 -71.19 -17.12 32.06
CA SER H 164 -71.77 -18.34 32.58
C SER H 164 -72.30 -19.24 31.48
N PHE H 165 -72.15 -18.83 30.21
CA PHE H 165 -72.57 -19.64 29.08
C PHE H 165 -71.45 -19.81 28.09
N SER H 166 -70.60 -18.80 27.92
CA SER H 166 -69.60 -18.79 26.87
C SER H 166 -68.48 -19.79 27.18
N PRO H 167 -67.73 -20.24 26.17
CA PRO H 167 -66.64 -21.18 26.42
C PRO H 167 -65.52 -20.64 27.29
N LEU H 168 -65.35 -19.32 27.38
CA LEU H 168 -64.28 -18.79 28.20
C LEU H 168 -64.57 -18.93 29.70
N GLY H 169 -65.85 -19.06 30.06
CA GLY H 169 -66.19 -19.21 31.46
C GLY H 169 -65.83 -20.55 32.06
N ARG H 170 -65.65 -21.57 31.23
CA ARG H 170 -65.14 -22.85 31.68
C ARG H 170 -63.65 -23.00 31.46
N LEU H 171 -63.05 -22.12 30.67
CA LEU H 171 -61.63 -22.13 30.42
C LEU H 171 -60.82 -21.31 31.41
N HIS H 172 -61.46 -20.44 32.20
CA HIS H 172 -60.75 -19.76 33.27
C HIS H 172 -60.28 -20.73 34.32
N THR H 173 -61.17 -21.61 34.76
CA THR H 173 -60.88 -22.53 35.85
C THR H 173 -59.85 -23.57 35.43
N ARG H 174 -59.88 -24.00 34.17
CA ARG H 174 -58.90 -24.95 33.69
C ARG H 174 -57.55 -24.31 33.48
N LEU H 175 -57.51 -23.06 33.05
CA LEU H 175 -56.23 -22.38 32.88
C LEU H 175 -55.62 -21.99 34.21
N ARG H 176 -56.44 -21.63 35.20
CA ARG H 176 -55.91 -21.30 36.51
C ARG H 176 -55.37 -22.53 37.21
N THR H 177 -56.02 -23.67 37.04
CA THR H 177 -55.59 -24.88 37.71
C THR H 177 -54.30 -25.44 37.10
N GLU H 178 -54.23 -25.48 35.77
CA GLU H 178 -53.07 -26.07 35.12
C GLU H 178 -51.84 -25.18 35.15
N LEU H 179 -52.01 -23.87 35.34
CA LEU H 179 -50.86 -22.98 35.40
C LEU H 179 -50.59 -22.45 36.79
N GLY H 180 -51.49 -22.67 37.74
CA GLY H 180 -51.28 -22.17 39.09
C GLY H 180 -51.40 -20.67 39.20
N LEU H 181 -52.24 -20.06 38.37
CA LEU H 181 -52.40 -18.61 38.39
C LEU H 181 -53.17 -18.18 39.63
N THR I 2 28.44 16.14 -44.16
CA THR I 2 27.20 16.07 -43.39
C THR I 2 27.39 15.23 -42.13
N THR I 3 28.59 14.69 -41.96
CA THR I 3 28.90 13.82 -40.83
C THR I 3 30.36 13.99 -40.47
N LEU I 4 30.63 14.26 -39.20
CA LEU I 4 32.00 14.43 -38.73
C LEU I 4 32.75 13.10 -38.73
N THR I 5 34.05 13.17 -39.01
CA THR I 5 34.94 12.03 -38.89
C THR I 5 35.61 12.06 -37.53
N LEU I 6 36.55 11.15 -37.32
CA LEU I 6 37.22 11.07 -36.03
C LEU I 6 38.23 12.21 -35.85
N SER I 7 38.96 12.56 -36.91
CA SER I 7 39.95 13.62 -36.79
C SER I 7 39.31 15.00 -36.77
N GLU I 8 38.14 15.16 -37.36
CA GLU I 8 37.45 16.44 -37.34
C GLU I 8 36.81 16.72 -35.98
N ALA I 9 36.22 15.70 -35.36
CA ALA I 9 35.53 15.87 -34.10
C ALA I 9 36.46 15.84 -32.89
N ALA I 10 37.71 15.45 -33.07
CA ALA I 10 38.67 15.39 -31.97
C ALA I 10 39.04 16.75 -31.36
N PRO I 11 39.28 17.84 -32.11
CA PRO I 11 39.49 19.12 -31.40
C PRO I 11 38.22 19.72 -30.84
N LEU I 12 37.05 19.32 -31.34
CA LEU I 12 35.79 19.82 -30.77
C LEU I 12 35.50 19.16 -29.42
N LEU I 13 35.97 17.92 -29.22
CA LEU I 13 35.81 17.24 -27.95
C LEU I 13 36.86 17.63 -26.93
N LYS I 14 38.04 18.08 -27.37
CA LYS I 14 39.05 18.56 -26.43
C LYS I 14 38.61 19.87 -25.77
N LYS I 15 37.92 20.72 -26.52
CA LYS I 15 37.55 22.03 -25.99
C LYS I 15 36.46 21.92 -24.93
N GLU I 16 35.47 21.05 -25.17
CA GLU I 16 34.42 20.85 -24.18
C GLU I 16 34.90 20.06 -22.97
N PHE I 17 35.95 19.25 -23.12
CA PHE I 17 36.43 18.48 -21.98
C PHE I 17 37.31 19.30 -21.06
N ARG I 18 38.17 20.17 -21.61
CA ARG I 18 39.02 20.99 -20.75
C ARG I 18 38.24 22.11 -20.06
N GLU I 19 37.05 22.43 -20.55
CA GLU I 19 36.15 23.32 -19.82
C GLU I 19 35.29 22.58 -18.81
N GLY I 20 35.31 21.25 -18.82
CA GLY I 20 34.49 20.49 -17.89
C GLY I 20 33.03 20.44 -18.25
N ARG I 21 32.70 20.52 -19.53
CA ARG I 21 31.31 20.62 -19.98
C ARG I 21 30.95 19.51 -20.95
N LEU I 22 31.67 18.39 -20.88
CA LEU I 22 31.41 17.22 -21.69
C LEU I 22 31.05 16.06 -20.76
N ILE I 23 29.95 15.36 -21.07
CA ILE I 23 29.43 14.28 -20.24
C ILE I 23 29.16 13.07 -21.13
N PRO I 24 29.73 11.91 -20.84
CA PRO I 24 29.46 10.73 -21.68
C PRO I 24 28.08 10.16 -21.41
N PHE I 25 27.41 9.72 -22.46
CA PHE I 25 26.16 8.99 -22.37
C PHE I 25 26.39 7.62 -22.97
N LEU I 26 26.46 6.59 -22.14
CA LEU I 26 26.84 5.26 -22.58
C LEU I 26 25.60 4.38 -22.72
N GLY I 27 25.60 3.51 -23.73
CA GLY I 27 24.48 2.66 -24.01
C GLY I 27 24.77 1.20 -23.77
N ALA I 28 23.94 0.33 -24.36
CA ALA I 28 24.13 -1.10 -24.23
C ALA I 28 25.30 -1.59 -25.05
N GLY I 29 25.64 -0.89 -26.13
CA GLY I 29 26.72 -1.30 -26.99
C GLY I 29 28.10 -1.10 -26.42
N PHE I 30 28.22 -0.38 -25.31
CA PHE I 30 29.51 -0.18 -24.66
C PHE I 30 29.98 -1.44 -23.94
N SER I 31 29.10 -2.41 -23.69
CA SER I 31 29.45 -3.64 -23.01
C SER I 31 29.50 -4.84 -23.96
N LYS I 32 29.49 -4.61 -25.27
CA LYS I 32 29.59 -5.68 -26.26
C LYS I 32 30.94 -6.42 -26.33
N PRO I 33 32.12 -5.79 -26.09
CA PRO I 33 33.34 -6.62 -25.95
C PRO I 33 33.39 -7.46 -24.69
N LEU I 34 32.48 -7.27 -23.75
CA LEU I 34 32.39 -8.11 -22.58
C LEU I 34 31.54 -9.36 -22.82
N LYS I 35 31.18 -9.60 -24.08
CA LYS I 35 30.37 -10.75 -24.52
C LYS I 35 29.03 -10.79 -23.82
N LEU I 36 28.41 -9.63 -23.69
CA LEU I 36 27.10 -9.54 -23.07
C LEU I 36 26.02 -9.40 -24.13
N PRO I 37 24.82 -9.90 -23.85
CA PRO I 37 23.71 -9.73 -24.78
C PRO I 37 23.30 -8.27 -24.93
N ASP I 38 22.92 -7.90 -26.15
CA ASP I 38 22.30 -6.61 -26.41
C ASP I 38 20.78 -6.77 -26.33
N GLY I 39 20.04 -5.80 -26.85
CA GLY I 39 18.59 -5.87 -26.84
C GLY I 39 17.99 -6.94 -27.74
N SER I 40 18.79 -7.55 -28.61
CA SER I 40 18.29 -8.61 -29.48
C SER I 40 18.47 -10.00 -28.88
N GLN I 41 19.57 -10.25 -28.15
CA GLN I 41 19.77 -11.56 -27.54
C GLN I 41 19.02 -11.72 -26.23
N LEU I 42 18.51 -10.65 -25.62
CA LEU I 42 17.58 -10.82 -24.51
C LEU I 42 16.25 -11.38 -25.01
N ILE I 43 15.75 -10.84 -26.12
CA ILE I 43 14.50 -11.31 -26.73
C ILE I 43 14.63 -12.75 -27.20
N ALA I 44 15.82 -13.15 -27.63
CA ALA I 44 16.06 -14.54 -27.96
C ALA I 44 16.05 -15.43 -26.72
N SER I 45 16.37 -14.86 -25.55
CA SER I 45 16.30 -15.60 -24.30
C SER I 45 14.92 -15.56 -23.67
N LEU I 46 14.16 -14.48 -23.90
CA LEU I 46 12.79 -14.44 -23.40
C LEU I 46 11.87 -15.34 -24.20
N ALA I 47 12.17 -15.53 -25.49
CA ALA I 47 11.35 -16.41 -26.32
C ALA I 47 11.58 -17.87 -25.97
N LYS I 48 12.78 -18.22 -25.50
CA LYS I 48 13.06 -19.59 -25.12
C LYS I 48 12.32 -19.98 -23.85
N THR I 49 12.15 -19.04 -22.92
CA THR I 49 11.42 -19.31 -21.69
C THR I 49 9.91 -19.43 -21.97
N LEU I 50 9.38 -18.55 -22.81
CA LEU I 50 7.95 -18.54 -23.09
C LEU I 50 7.51 -19.61 -24.07
N GLY I 51 8.45 -20.30 -24.71
CA GLY I 51 8.09 -21.33 -25.67
C GLY I 51 7.96 -20.84 -27.10
N PHE I 52 8.37 -19.61 -27.39
CA PHE I 52 8.36 -19.09 -28.74
C PHE I 52 9.64 -19.44 -29.48
N GLU I 53 9.57 -19.37 -30.80
CA GLU I 53 10.78 -19.34 -31.61
C GLU I 53 11.28 -17.90 -31.65
N PRO I 54 12.61 -17.66 -31.62
CA PRO I 54 13.11 -16.28 -31.51
C PRO I 54 12.83 -15.40 -32.72
N GLU I 55 12.65 -16.01 -33.89
CA GLU I 55 12.31 -15.24 -35.07
C GLU I 55 10.83 -14.91 -35.13
N LEU I 56 9.98 -15.80 -34.60
CA LEU I 56 8.56 -15.53 -34.57
C LEU I 56 8.17 -14.57 -33.45
N PHE I 57 8.91 -14.60 -32.34
CA PHE I 57 8.57 -13.75 -31.21
C PHE I 57 8.94 -12.29 -31.47
N ASP I 58 9.93 -12.07 -32.33
CA ASP I 58 10.42 -10.68 -32.59
C ASP I 58 9.46 -9.94 -33.53
N MET I 59 8.47 -10.62 -34.09
CA MET I 59 7.56 -9.98 -35.08
C MET I 59 6.25 -9.58 -34.41
N HIS I 60 6.17 -9.67 -33.08
CA HIS I 60 4.89 -9.38 -32.38
C HIS I 60 4.95 -8.05 -31.63
N GLY I 61 5.96 -7.22 -31.90
CA GLY I 61 6.03 -5.94 -31.25
C GLY I 61 7.45 -5.47 -31.08
N ARG I 62 7.58 -4.30 -30.45
CA ARG I 62 8.87 -3.69 -30.21
C ARG I 62 9.53 -4.32 -28.98
N PHE I 63 10.75 -3.85 -28.67
CA PHE I 63 11.50 -4.37 -27.53
C PHE I 63 10.79 -4.06 -26.22
N GLU I 64 10.16 -2.89 -26.13
CA GLU I 64 9.44 -2.52 -24.92
C GLU I 64 8.21 -3.37 -24.71
N GLN I 65 7.57 -3.79 -25.79
CA GLN I 65 6.31 -4.51 -25.72
C GLN I 65 6.50 -6.01 -25.51
N LEU I 66 7.61 -6.57 -25.98
CA LEU I 66 7.86 -7.99 -25.76
C LEU I 66 8.30 -8.27 -24.34
N ALA I 67 8.94 -7.30 -23.68
CA ALA I 67 9.30 -7.46 -22.28
C ALA I 67 8.10 -7.27 -21.36
N GLU I 68 7.14 -6.44 -21.77
CA GLU I 68 5.89 -6.32 -21.03
C GLU I 68 5.08 -7.61 -21.11
N PHE I 69 5.12 -8.29 -22.25
CA PHE I 69 4.45 -9.58 -22.40
C PHE I 69 5.12 -10.66 -21.55
N PHE I 70 6.44 -10.57 -21.39
CA PHE I 70 7.16 -11.55 -20.58
C PHE I 70 6.83 -11.39 -19.10
N ALA I 71 6.73 -10.15 -18.63
CA ALA I 71 6.58 -9.90 -17.21
C ALA I 71 5.21 -10.27 -16.66
N ILE I 72 4.20 -10.39 -17.53
CA ILE I 72 2.84 -10.70 -17.10
C ILE I 72 2.43 -12.11 -17.51
N SER I 73 3.36 -12.93 -17.97
CA SER I 73 3.03 -14.31 -18.33
C SER I 73 2.81 -15.17 -17.10
N ALA I 74 3.49 -14.87 -16.01
CA ALA I 74 3.40 -15.63 -14.79
C ALA I 74 3.79 -14.72 -13.63
N PRO I 75 3.36 -15.01 -12.41
CA PRO I 75 3.83 -14.25 -11.26
C PRO I 75 5.31 -14.49 -11.01
N ASN I 76 5.97 -13.44 -10.52
CA ASN I 76 7.40 -13.41 -10.19
C ASN I 76 8.28 -13.76 -11.39
N ARG I 77 7.82 -13.42 -12.60
CA ARG I 77 8.58 -13.73 -13.80
C ARG I 77 9.61 -12.65 -14.09
N LEU I 78 9.33 -11.40 -13.72
CA LEU I 78 10.29 -10.32 -13.91
C LEU I 78 11.42 -10.40 -12.90
N GLN I 79 11.11 -10.80 -11.67
CA GLN I 79 12.15 -10.91 -10.60
C GLN I 79 13.19 -11.94 -11.02
N ARG I 80 12.73 -13.08 -11.56
CA ARG I 80 13.67 -14.16 -11.99
C ARG I 80 14.59 -13.62 -13.08
N LEU I 81 14.07 -12.83 -14.01
CA LEU I 81 14.89 -12.28 -15.13
C LEU I 81 16.03 -11.45 -14.54
N VAL I 82 15.73 -10.58 -13.59
CA VAL I 82 16.76 -9.70 -12.96
C VAL I 82 17.83 -10.60 -12.32
N TYR I 83 17.39 -11.64 -11.61
CA TYR I 83 18.34 -12.58 -10.95
C TYR I 83 19.24 -13.23 -12.00
N GLU I 84 18.64 -13.70 -13.10
CA GLU I 84 19.41 -14.37 -14.18
C GLU I 84 20.35 -13.35 -14.83
N MET I 85 19.88 -12.13 -15.06
CA MET I 85 20.70 -11.08 -15.71
C MET I 85 21.91 -10.78 -14.81
N SER I 86 21.71 -10.78 -13.49
CA SER I 86 22.82 -10.52 -12.59
C SER I 86 23.88 -11.61 -12.64
N LEU I 87 23.49 -12.85 -12.90
CA LEU I 87 24.44 -13.94 -13.03
C LEU I 87 25.26 -13.87 -14.30
N SER I 88 24.73 -13.25 -15.36
CA SER I 88 25.40 -13.24 -16.65
C SER I 88 26.06 -11.91 -16.99
N PHE I 89 25.53 -10.79 -16.51
CA PHE I 89 26.11 -9.50 -16.86
C PHE I 89 27.28 -9.16 -15.94
N ASP I 90 27.12 -9.36 -14.64
CA ASP I 90 28.13 -9.01 -13.65
C ASP I 90 28.87 -10.23 -13.13
N SER I 91 29.12 -11.22 -13.99
CA SER I 91 29.82 -12.42 -13.61
C SER I 91 31.32 -12.13 -13.47
N ALA I 92 32.06 -13.15 -12.99
CA ALA I 92 33.48 -12.98 -12.78
C ALA I 92 34.26 -12.98 -14.09
N GLU I 93 33.79 -13.73 -15.09
CA GLU I 93 34.47 -13.74 -16.38
C GLU I 93 34.18 -12.49 -17.20
N ALA I 94 33.09 -11.78 -16.89
CA ALA I 94 32.85 -10.47 -17.50
C ALA I 94 33.69 -9.38 -16.86
N GLU I 95 34.06 -9.55 -15.59
CA GLU I 95 34.98 -8.61 -14.95
C GLU I 95 36.39 -8.81 -15.46
N ALA I 96 36.76 -10.05 -15.78
CA ALA I 96 38.12 -10.33 -16.25
C ALA I 96 38.36 -9.82 -17.66
N LEU I 97 37.31 -9.76 -18.48
CA LEU I 97 37.42 -9.14 -19.80
C LEU I 97 37.37 -7.63 -19.75
N ARG I 98 37.16 -7.04 -18.57
CA ARG I 98 36.93 -5.62 -18.42
C ARG I 98 38.18 -4.83 -18.09
N GLU I 99 39.19 -5.45 -17.47
CA GLU I 99 40.46 -4.76 -17.28
C GLU I 99 41.26 -4.71 -18.56
N LYS I 100 41.17 -5.75 -19.38
CA LYS I 100 41.91 -5.82 -20.63
C LYS I 100 41.14 -5.23 -21.81
N SER I 101 40.01 -4.60 -21.54
CA SER I 101 39.25 -3.93 -22.61
C SER I 101 39.82 -2.55 -22.85
N PRO I 102 40.18 -2.21 -24.09
CA PRO I 102 40.77 -0.89 -24.36
C PRO I 102 39.79 0.27 -24.25
N MET I 103 38.48 0.03 -24.37
CA MET I 103 37.53 1.12 -24.23
C MET I 103 37.37 1.51 -22.76
N HIS I 104 37.32 0.50 -21.88
CA HIS I 104 37.12 0.77 -20.46
C HIS I 104 38.37 1.33 -19.82
N ARG I 105 39.55 1.05 -20.39
CA ARG I 105 40.76 1.71 -19.93
C ARG I 105 40.80 3.17 -20.38
N ALA I 106 40.41 3.42 -21.62
CA ALA I 106 40.42 4.78 -22.15
C ALA I 106 39.31 5.64 -21.59
N LEU I 107 38.22 5.05 -21.13
CA LEU I 107 37.16 5.81 -20.47
C LEU I 107 37.60 6.26 -19.09
N ALA I 108 38.23 5.38 -18.32
CA ALA I 108 38.63 5.68 -16.96
C ALA I 108 39.90 6.52 -16.89
N ALA I 109 40.64 6.66 -18.00
CA ALA I 109 41.83 7.49 -17.99
C ALA I 109 41.50 8.97 -17.95
N LEU I 110 40.31 9.35 -18.40
CA LEU I 110 39.87 10.73 -18.37
C LEU I 110 39.23 11.06 -17.03
N ASP I 111 39.34 12.33 -16.63
CA ASP I 111 38.86 12.78 -15.34
C ASP I 111 37.45 13.35 -15.52
N TRP I 112 36.48 12.45 -15.56
CA TRP I 112 35.10 12.88 -15.72
C TRP I 112 34.51 13.29 -14.38
N ARG I 113 33.35 13.94 -14.44
CA ARG I 113 32.58 14.26 -13.24
C ARG I 113 31.20 13.64 -13.23
N THR I 114 30.60 13.37 -14.39
CA THR I 114 29.28 12.77 -14.46
C THR I 114 29.25 11.84 -15.67
N ILE I 115 28.75 10.62 -15.47
CA ILE I 115 28.59 9.66 -16.56
C ILE I 115 27.17 9.11 -16.49
N TYR I 116 26.43 9.21 -17.60
CA TYR I 116 25.11 8.63 -17.73
C TYR I 116 25.20 7.33 -18.48
N THR I 117 24.53 6.29 -17.98
CA THR I 117 24.49 4.99 -18.62
C THR I 117 23.07 4.46 -18.65
N THR I 118 22.78 3.66 -19.68
CA THR I 118 21.44 3.03 -19.80
C THR I 118 21.65 1.51 -19.81
N ALA I 119 22.68 1.03 -19.11
CA ALA I 119 23.00 -0.42 -19.09
C ALA I 119 22.78 -1.00 -17.69
N TYR I 120 22.48 -2.30 -17.60
CA TYR I 120 22.26 -2.96 -16.29
C TYR I 120 23.48 -3.80 -15.93
N ASP I 121 24.62 -3.16 -15.65
CA ASP I 121 25.84 -3.84 -15.27
C ASP I 121 26.77 -2.85 -14.58
N LYS I 122 27.63 -3.36 -13.71
CA LYS I 122 28.59 -2.53 -13.01
C LYS I 122 29.94 -2.48 -13.73
N HIS I 123 29.91 -2.25 -15.04
CA HIS I 123 31.14 -2.25 -15.82
C HIS I 123 31.56 -0.87 -16.28
N VAL I 124 30.80 0.16 -15.97
CA VAL I 124 31.21 1.53 -16.22
C VAL I 124 31.83 2.16 -14.98
N GLU I 125 31.16 2.02 -13.83
CA GLU I 125 31.80 2.42 -12.59
C GLU I 125 32.86 1.40 -12.18
N GLY I 126 32.72 0.15 -12.61
CA GLY I 126 33.74 -0.84 -12.32
C GLY I 126 35.03 -0.62 -13.08
N ALA I 127 34.94 0.04 -14.25
CA ALA I 127 36.14 0.44 -14.95
C ALA I 127 36.85 1.58 -14.22
N LEU I 128 36.10 2.41 -13.50
CA LEU I 128 36.70 3.50 -12.74
C LEU I 128 37.41 2.98 -11.49
N ARG I 129 36.88 1.91 -10.87
CA ARG I 129 37.56 1.31 -9.74
C ARG I 129 38.83 0.58 -10.15
N ASP I 130 38.91 0.14 -11.41
CA ASP I 130 40.10 -0.56 -11.88
C ASP I 130 41.26 0.40 -12.09
N ALA I 131 40.98 1.66 -12.40
CA ALA I 131 42.00 2.67 -12.64
C ALA I 131 42.39 3.42 -11.36
N GLY I 132 42.03 2.90 -10.19
CA GLY I 132 42.33 3.55 -8.93
C GLY I 132 41.35 4.61 -8.51
N LYS I 133 40.50 5.09 -9.42
CA LYS I 133 39.52 6.11 -9.10
C LYS I 133 38.35 5.48 -8.36
N GLN I 134 37.49 6.35 -7.83
CA GLN I 134 36.28 5.90 -7.15
C GLN I 134 35.06 6.59 -7.76
N ALA I 135 33.95 5.86 -7.78
CA ALA I 135 32.73 6.32 -8.42
C ALA I 135 31.58 6.27 -7.42
N ALA I 136 30.45 6.82 -7.83
CA ALA I 136 29.26 6.90 -6.98
C ALA I 136 28.05 6.58 -7.86
N VAL I 137 27.47 5.40 -7.66
CA VAL I 137 26.32 4.97 -8.43
C VAL I 137 25.08 5.67 -7.87
N LEU I 138 24.35 6.38 -8.74
CA LEU I 138 23.13 7.07 -8.35
C LEU I 138 22.01 6.57 -9.26
N ALA I 139 21.09 5.80 -8.70
CA ALA I 139 20.02 5.23 -9.49
C ALA I 139 18.63 5.54 -8.94
N SER I 140 18.48 5.55 -7.62
CA SER I 140 17.19 5.77 -6.98
C SER I 140 17.22 7.07 -6.20
N PHE I 141 16.08 7.40 -5.59
CA PHE I 141 15.97 8.63 -4.79
C PHE I 141 16.84 8.56 -3.55
N ALA I 142 17.00 7.38 -2.95
CA ALA I 142 17.82 7.25 -1.76
C ALA I 142 19.31 7.40 -2.06
N ASP I 143 19.73 7.18 -3.30
CA ASP I 143 21.13 7.36 -3.65
C ASP I 143 21.49 8.83 -3.76
N PHE I 144 20.60 9.65 -4.34
CA PHE I 144 20.84 11.09 -4.43
C PHE I 144 20.82 11.74 -3.05
N GLN I 145 19.93 11.29 -2.16
CA GLN I 145 19.88 11.82 -0.80
C GLN I 145 21.03 11.34 0.06
N GLY I 146 21.64 10.20 -0.26
CA GLY I 146 22.65 9.61 0.57
C GLY I 146 23.98 10.33 0.51
N PRO I 147 24.98 9.94 1.35
CA PRO I 147 26.26 10.66 1.39
C PRO I 147 27.20 10.28 0.24
N ARG I 148 28.10 11.20 -0.12
CA ARG I 148 29.07 10.94 -1.23
C ARG I 148 30.32 11.79 -0.97
N ALA I 149 31.46 11.40 -1.54
CA ALA I 149 32.68 12.22 -1.42
C ALA I 149 32.49 13.54 -2.16
N ARG I 150 33.12 14.61 -1.70
CA ARG I 150 32.93 15.95 -2.33
C ARG I 150 33.23 15.86 -3.83
N ASP I 151 34.35 15.23 -4.22
CA ASP I 151 34.75 15.20 -5.65
C ASP I 151 34.87 13.75 -6.12
N VAL I 152 33.75 13.17 -6.60
CA VAL I 152 33.76 11.77 -7.10
C VAL I 152 32.92 11.70 -8.38
N CYS I 153 33.41 11.01 -9.41
CA CYS I 153 32.63 10.85 -10.66
C CYS I 153 31.29 10.19 -10.33
N GLU I 154 30.18 10.93 -10.51
CA GLU I 154 28.87 10.38 -10.24
C GLU I 154 28.37 9.64 -11.46
N VAL I 155 28.17 8.33 -11.33
CA VAL I 155 27.65 7.52 -12.42
C VAL I 155 26.15 7.44 -12.27
N ILE I 156 25.42 8.06 -13.19
CA ILE I 156 23.96 8.12 -13.12
C ILE I 156 23.41 6.94 -13.93
N LYS I 157 22.86 5.96 -13.25
CA LYS I 157 22.19 4.85 -13.91
C LYS I 157 20.83 5.31 -14.38
N PHE I 158 20.74 5.72 -15.65
CA PHE I 158 19.50 6.26 -16.19
C PHE I 158 18.43 5.19 -16.36
N ALA I 159 18.82 3.93 -16.54
CA ALA I 159 17.85 2.86 -16.70
C ALA I 159 17.65 2.02 -15.46
N GLY I 160 18.53 2.12 -14.47
CA GLY I 160 18.46 1.32 -13.27
C GLY I 160 19.66 0.42 -13.11
N THR I 161 19.72 -0.24 -11.97
CA THR I 161 20.83 -1.09 -11.61
C THR I 161 20.29 -2.43 -11.16
N LEU I 162 21.09 -3.49 -11.30
CA LEU I 162 20.63 -4.82 -10.95
C LEU I 162 20.57 -5.07 -9.45
N ASP I 163 21.29 -4.30 -8.64
CA ASP I 163 21.21 -4.47 -7.20
C ASP I 163 20.01 -3.75 -6.59
N GLN I 164 19.31 -2.93 -7.38
CA GLN I 164 18.07 -2.29 -6.97
C GLN I 164 17.05 -2.61 -8.05
N PRO I 165 16.35 -3.75 -7.96
CA PRO I 165 15.49 -4.19 -9.06
C PRO I 165 14.24 -3.35 -9.27
N ASP I 166 13.90 -2.46 -8.35
CA ASP I 166 12.76 -1.58 -8.55
C ASP I 166 13.06 -0.43 -9.50
N THR I 167 14.33 -0.15 -9.77
CA THR I 167 14.72 0.96 -10.62
C THR I 167 14.86 0.58 -12.09
N ILE I 168 14.77 -0.70 -12.41
CA ILE I 168 15.00 -1.19 -13.77
C ILE I 168 13.79 -0.84 -14.63
N VAL I 169 14.03 -0.13 -15.73
CA VAL I 169 13.00 0.11 -16.74
C VAL I 169 13.27 -0.80 -17.92
N LEU I 170 12.48 -1.84 -18.05
CA LEU I 170 12.63 -2.78 -19.15
C LEU I 170 11.32 -3.02 -19.88
N THR I 171 10.21 -3.08 -19.16
CA THR I 171 8.90 -3.33 -19.73
C THR I 171 8.26 -2.03 -20.19
N GLU I 172 7.19 -2.15 -20.97
CA GLU I 172 6.56 -0.97 -21.58
C GLU I 172 5.89 -0.08 -20.55
N SER I 173 5.34 -0.67 -19.49
CA SER I 173 4.72 0.12 -18.44
C SER I 173 5.74 0.93 -17.65
N SER I 174 6.99 0.45 -17.62
CA SER I 174 8.05 1.21 -16.96
C SER I 174 8.53 2.38 -17.81
N TYR I 175 8.52 2.24 -19.14
CA TYR I 175 8.85 3.37 -20.00
C TYR I 175 7.76 4.42 -20.01
N PHE I 176 6.49 4.01 -19.91
CA PHE I 176 5.40 4.98 -19.82
C PHE I 176 5.40 5.70 -18.49
N GLN I 177 5.94 5.07 -17.44
CA GLN I 177 6.05 5.74 -16.15
C GLN I 177 7.14 6.81 -16.19
N ARG I 178 8.13 6.65 -17.07
CA ARG I 178 9.21 7.61 -17.23
C ARG I 178 8.89 8.70 -18.23
N MET I 179 7.73 8.66 -18.88
CA MET I 179 7.34 9.71 -19.81
C MET I 179 7.03 11.03 -19.10
N ALA I 180 6.66 10.98 -17.82
CA ALA I 180 6.34 12.19 -17.09
C ALA I 180 7.58 12.99 -16.70
N LEU I 181 8.78 12.40 -16.86
CA LEU I 181 10.07 13.04 -16.58
C LEU I 181 10.17 13.48 -15.13
N ASP I 182 9.67 12.65 -14.22
CA ASP I 182 9.60 12.95 -12.81
C ASP I 182 10.59 12.13 -11.99
N ALA I 183 11.20 11.11 -12.58
CA ALA I 183 12.17 10.28 -11.87
C ALA I 183 13.44 11.09 -11.59
N PRO I 184 14.17 10.74 -10.52
CA PRO I 184 15.44 11.43 -10.23
C PRO I 184 16.51 11.28 -11.30
N PRO I 185 16.60 10.17 -12.06
CA PRO I 185 17.47 10.25 -13.25
C PRO I 185 16.94 11.15 -14.35
N ASP I 186 15.62 11.34 -14.44
CA ASP I 186 15.07 12.23 -15.45
C ASP I 186 15.29 13.69 -15.10
N GLN I 187 15.17 14.04 -13.82
CA GLN I 187 15.34 15.43 -13.40
C GLN I 187 16.81 15.84 -13.44
N ARG I 188 17.72 14.91 -13.17
CA ARG I 188 19.14 15.22 -13.21
C ARG I 188 19.64 15.37 -14.64
N LEU I 189 19.06 14.60 -15.57
CA LEU I 189 19.49 14.67 -16.97
C LEU I 189 19.06 15.98 -17.62
N ARG I 190 17.84 16.43 -17.33
CA ARG I 190 17.32 17.64 -17.96
C ARG I 190 18.01 18.90 -17.45
N ALA I 191 18.58 18.88 -16.25
CA ALA I 191 19.31 20.03 -15.76
C ALA I 191 20.75 20.03 -16.26
N ASP I 192 21.34 18.86 -16.48
CA ASP I 192 22.68 18.80 -17.06
C ASP I 192 22.66 19.09 -18.55
N LEU I 193 21.53 18.85 -19.21
CA LEU I 193 21.41 19.15 -20.63
C LEU I 193 21.30 20.65 -20.88
N LEU I 194 20.91 21.42 -19.86
CA LEU I 194 20.84 22.88 -19.98
C LEU I 194 22.20 23.52 -20.17
N ALA I 195 23.28 22.87 -19.71
CA ALA I 195 24.57 23.54 -19.68
C ALA I 195 25.74 22.72 -20.20
N ASN I 196 25.53 21.51 -20.72
CA ASN I 196 26.66 20.64 -21.03
C ASN I 196 26.46 19.97 -22.39
N SER I 197 27.57 19.64 -23.03
CA SER I 197 27.58 18.80 -24.23
C SER I 197 27.61 17.34 -23.82
N PHE I 198 26.92 16.50 -24.58
CA PHE I 198 26.92 15.08 -24.31
C PHE I 198 27.61 14.32 -25.44
N LEU I 199 28.18 13.18 -25.10
CA LEU I 199 28.88 12.31 -26.03
C LEU I 199 28.22 10.94 -25.97
N PHE I 200 27.45 10.61 -27.02
CA PHE I 200 26.71 9.36 -27.07
C PHE I 200 27.62 8.27 -27.65
N ILE I 201 27.93 7.27 -26.84
CA ILE I 201 28.80 6.17 -27.24
C ILE I 201 28.06 4.87 -26.98
N GLY I 202 27.90 4.07 -28.03
CA GLY I 202 27.27 2.78 -27.88
C GLY I 202 25.78 2.80 -27.70
N TYR I 203 25.14 3.94 -27.93
CA TYR I 203 23.70 4.08 -27.77
C TYR I 203 23.09 4.53 -29.09
N SER I 204 21.96 3.91 -29.44
CA SER I 204 21.20 4.27 -30.63
C SER I 204 19.86 4.84 -30.18
N PHE I 205 19.49 5.98 -30.77
CA PHE I 205 18.25 6.70 -30.36
C PHE I 205 17.00 5.94 -30.81
N SER I 206 16.67 4.85 -30.13
CA SER I 206 15.48 4.07 -30.40
C SER I 206 14.41 4.21 -29.33
N ASP I 207 14.82 4.62 -28.12
CA ASP I 207 13.87 4.82 -27.02
C ASP I 207 13.22 6.20 -27.15
N THR I 208 11.90 6.28 -27.07
CA THR I 208 11.19 7.54 -27.20
C THR I 208 11.24 8.38 -25.92
N ASN I 209 11.82 7.86 -24.83
CA ASN I 209 12.02 8.68 -23.65
C ASN I 209 13.26 9.55 -23.76
N ILE I 210 14.26 9.14 -24.55
CA ILE I 210 15.41 9.99 -24.76
C ILE I 210 15.12 11.05 -25.82
N ARG I 211 14.45 10.65 -26.92
CA ARG I 211 14.19 11.56 -28.02
C ARG I 211 13.20 12.67 -27.63
N TYR I 212 12.38 12.43 -26.62
CA TYR I 212 11.44 13.43 -26.11
C TYR I 212 12.11 14.47 -25.23
N ILE I 213 13.25 14.15 -24.61
CA ILE I 213 13.94 15.12 -23.76
C ILE I 213 14.66 16.15 -24.62
N TRP I 214 15.37 15.69 -25.66
CA TRP I 214 16.02 16.59 -26.60
C TRP I 214 15.04 17.36 -27.47
N TYR I 215 13.82 16.86 -27.61
CA TYR I 215 12.77 17.64 -28.26
C TYR I 215 12.41 18.87 -27.45
N ARG I 216 12.14 18.66 -26.15
CA ARG I 216 11.70 19.77 -25.27
C ARG I 216 12.85 20.75 -25.05
N MET I 217 14.09 20.28 -25.08
CA MET I 217 15.25 21.21 -24.95
C MET I 217 15.22 22.17 -26.15
N ASN I 218 14.90 21.64 -27.34
CA ASN I 218 14.82 22.49 -28.56
C ASN I 218 13.69 23.51 -28.41
N GLN I 219 12.64 23.15 -27.67
CA GLN I 219 11.53 24.11 -27.42
C GLN I 219 12.07 25.30 -26.63
N LEU I 220 12.63 25.06 -25.44
CA LEU I 220 13.25 26.16 -24.71
C LEU I 220 14.18 26.97 -25.60
N ARG I 221 14.80 26.33 -26.57
CA ARG I 221 15.76 27.01 -27.44
C ARG I 221 15.05 27.88 -28.48
N GLU I 222 13.95 27.40 -29.05
CA GLU I 222 13.25 28.18 -30.07
C GLU I 222 12.42 29.31 -29.48
N GLN I 223 11.85 29.12 -28.28
CA GLN I 223 11.08 30.17 -27.65
C GLN I 223 11.95 31.27 -27.08
N SER I 224 13.24 31.01 -26.86
CA SER I 224 14.15 32.03 -26.36
C SER I 224 14.61 32.99 -27.45
N GLN I 225 14.31 32.68 -28.73
CA GLN I 225 14.48 33.58 -29.87
C GLN I 225 15.93 34.01 -30.07
N LEU I 226 16.86 33.07 -29.91
CA LEU I 226 18.24 33.33 -30.28
C LEU I 226 18.39 33.36 -31.80
N GLY I 227 19.53 33.86 -32.26
CA GLY I 227 19.79 33.98 -33.67
C GLY I 227 20.14 32.64 -34.30
N VAL I 228 20.51 32.72 -35.58
CA VAL I 228 20.96 31.52 -36.29
C VAL I 228 22.33 31.10 -35.78
N LYS I 229 23.17 32.07 -35.44
CA LYS I 229 24.53 31.77 -35.00
C LYS I 229 24.58 31.23 -33.58
N HIS I 230 23.79 31.81 -32.67
CA HIS I 230 23.91 31.50 -31.25
C HIS I 230 23.09 30.30 -30.83
N SER I 231 22.02 29.96 -31.55
CA SER I 231 21.27 28.76 -31.23
C SER I 231 21.95 27.49 -31.70
N GLN I 232 22.97 27.60 -32.55
CA GLN I 232 23.71 26.45 -33.06
C GLN I 232 25.08 26.31 -32.43
N ALA I 233 25.33 26.99 -31.31
CA ALA I 233 26.67 27.05 -30.75
C ALA I 233 27.00 25.81 -29.93
N ARG I 234 26.08 25.39 -29.06
CA ARG I 234 26.31 24.26 -28.16
C ARG I 234 25.76 22.99 -28.82
N ARG I 235 26.66 22.07 -29.15
CA ARG I 235 26.31 20.86 -29.88
C ARG I 235 26.42 19.65 -28.96
N CYS I 236 25.82 18.55 -29.41
CA CYS I 236 26.01 17.23 -28.80
C CYS I 236 26.56 16.30 -29.87
N PHE I 237 27.22 15.23 -29.42
CA PHE I 237 27.97 14.36 -30.32
C PHE I 237 27.50 12.92 -30.18
N PHE I 238 27.35 12.26 -31.32
CA PHE I 238 26.68 10.97 -31.45
C PHE I 238 27.57 10.04 -32.25
N ALA I 239 28.45 9.31 -31.57
CA ALA I 239 29.37 8.40 -32.22
C ALA I 239 28.67 7.08 -32.53
N THR I 240 28.64 6.71 -33.81
CA THR I 240 27.89 5.54 -34.25
C THR I 240 28.57 4.95 -35.48
N HIS I 241 28.77 3.62 -35.47
CA HIS I 241 29.36 2.94 -36.61
C HIS I 241 28.38 2.82 -37.77
N GLY I 242 27.09 2.70 -37.48
CA GLY I 242 26.13 2.32 -38.50
C GLY I 242 24.92 3.23 -38.62
N ALA I 243 25.11 4.54 -38.50
CA ALA I 243 24.02 5.47 -38.68
C ALA I 243 23.54 5.47 -40.13
N GLY I 244 22.22 5.54 -40.31
CA GLY I 244 21.65 5.46 -41.64
C GLY I 244 21.65 6.76 -42.40
N LEU I 245 20.58 7.04 -43.14
CA LEU I 245 20.46 8.26 -43.92
C LEU I 245 19.40 9.21 -43.39
N VAL I 246 18.40 8.70 -42.69
CA VAL I 246 17.32 9.53 -42.14
C VAL I 246 17.66 10.05 -40.76
N GLN I 247 18.16 9.18 -39.89
CA GLN I 247 18.39 9.55 -38.50
C GLN I 247 19.45 10.63 -38.24
N PRO I 248 20.57 10.76 -38.99
CA PRO I 248 21.44 11.93 -38.75
C PRO I 248 20.81 13.28 -39.09
N ASP I 249 19.84 13.33 -40.00
CA ASP I 249 19.19 14.59 -40.32
C ASP I 249 18.07 14.96 -39.38
N ILE I 250 17.49 13.98 -38.68
CA ILE I 250 16.49 14.29 -37.65
C ILE I 250 17.17 14.96 -36.47
N LEU I 251 18.39 14.54 -36.15
CA LEU I 251 19.10 15.01 -34.98
C LEU I 251 19.82 16.33 -35.20
N GLN I 252 19.92 16.81 -36.45
CA GLN I 252 20.44 18.15 -36.68
C GLN I 252 19.49 19.21 -36.18
N GLN I 253 18.19 18.90 -36.10
CA GLN I 253 17.22 19.77 -35.46
C GLN I 253 17.54 19.98 -33.99
N TRP I 254 18.12 18.98 -33.34
CA TRP I 254 18.23 18.93 -31.90
C TRP I 254 19.65 19.21 -31.42
N ASN I 255 20.48 19.80 -32.29
CA ASN I 255 21.90 20.10 -32.05
C ASN I 255 22.68 18.86 -31.64
N ILE I 256 22.55 17.81 -32.44
CA ILE I 256 23.27 16.56 -32.22
C ILE I 256 24.05 16.25 -33.49
N ASP I 257 25.38 16.24 -33.37
CA ASP I 257 26.25 15.92 -34.48
C ASP I 257 26.63 14.45 -34.45
N VAL I 258 26.80 13.87 -35.64
CA VAL I 258 27.08 12.44 -35.78
C VAL I 258 28.55 12.27 -36.09
N ILE I 259 29.22 11.41 -35.33
CA ILE I 259 30.62 11.07 -35.55
C ILE I 259 30.66 9.67 -36.15
N GLN I 260 31.07 9.57 -37.40
CA GLN I 260 31.12 8.28 -38.08
C GLN I 260 32.40 7.55 -37.69
N LEU I 261 32.23 6.40 -37.04
CA LEU I 261 33.36 5.56 -36.64
C LEU I 261 33.54 4.44 -37.66
N ASP I 262 34.73 3.85 -37.65
CA ASP I 262 35.08 2.82 -38.61
C ASP I 262 34.40 1.51 -38.24
N PRO I 263 33.53 0.96 -39.10
CA PRO I 263 32.74 -0.22 -38.71
C PRO I 263 33.47 -1.55 -38.85
N THR I 264 34.75 -1.56 -39.24
CA THR I 264 35.46 -2.84 -39.38
C THR I 264 35.77 -3.44 -38.02
N ASP I 265 36.41 -2.66 -37.14
CA ASP I 265 36.66 -3.06 -35.76
C ASP I 265 35.93 -2.05 -34.88
N LYS I 266 34.79 -2.47 -34.32
CA LYS I 266 33.97 -1.55 -33.55
C LYS I 266 34.58 -1.21 -32.20
N SER I 267 35.42 -2.10 -31.67
CA SER I 267 36.01 -1.87 -30.35
C SER I 267 37.15 -0.88 -30.41
N ALA I 268 37.98 -0.96 -31.45
CA ALA I 268 39.13 -0.08 -31.57
C ALA I 268 38.77 1.31 -32.05
N SER I 269 37.64 1.46 -32.75
CA SER I 269 37.22 2.78 -33.24
C SER I 269 36.75 3.66 -32.08
N VAL I 270 36.09 3.06 -31.10
CA VAL I 270 35.64 3.81 -29.93
C VAL I 270 36.83 4.17 -29.05
N ALA I 271 37.80 3.25 -28.92
CA ALA I 271 38.96 3.48 -28.08
C ALA I 271 39.85 4.59 -28.62
N ARG I 272 39.93 4.74 -29.94
CA ARG I 272 40.68 5.85 -30.51
C ARG I 272 39.95 7.18 -30.34
N LEU I 273 38.63 7.15 -30.16
CA LEU I 273 37.90 8.39 -29.87
C LEU I 273 38.15 8.85 -28.45
N LEU I 274 38.13 7.93 -27.49
CA LEU I 274 38.34 8.30 -26.10
C LEU I 274 39.79 8.67 -25.80
N GLU I 275 40.75 8.16 -26.58
CA GLU I 275 42.13 8.56 -26.42
C GLU I 275 42.42 9.89 -27.11
N SER I 276 41.60 10.28 -28.09
CA SER I 276 41.77 11.57 -28.74
C SER I 276 41.24 12.71 -27.90
N ILE I 277 40.41 12.43 -26.90
CA ILE I 277 39.96 13.48 -25.99
C ILE I 277 41.08 13.86 -25.03
N ALA I 278 41.88 12.88 -24.61
CA ALA I 278 43.01 13.12 -23.73
C ALA I 278 44.11 13.90 -24.43
N THR J 2 -9.76 -16.53 -25.17
CA THR J 2 -8.91 -15.38 -24.88
C THR J 2 -9.22 -14.22 -25.81
N THR J 3 -10.14 -14.44 -26.75
CA THR J 3 -10.49 -13.44 -27.74
C THR J 3 -11.95 -13.62 -28.11
N LEU J 4 -12.72 -12.53 -28.04
CA LEU J 4 -14.13 -12.58 -28.38
C LEU J 4 -14.34 -12.77 -29.87
N THR J 5 -15.41 -13.47 -30.22
CA THR J 5 -15.83 -13.61 -31.61
C THR J 5 -16.89 -12.56 -31.90
N LEU J 6 -17.47 -12.64 -33.10
CA LEU J 6 -18.47 -11.65 -33.50
C LEU J 6 -19.80 -11.88 -32.78
N SER J 7 -20.20 -13.14 -32.62
CA SER J 7 -21.47 -13.45 -31.98
C SER J 7 -21.40 -13.26 -30.46
N GLU J 8 -20.22 -13.43 -29.88
CA GLU J 8 -20.07 -13.24 -28.44
C GLU J 8 -20.07 -11.77 -28.05
N ALA J 9 -19.42 -10.93 -28.86
CA ALA J 9 -19.29 -9.52 -28.55
C ALA J 9 -20.51 -8.70 -28.97
N ALA J 10 -21.41 -9.28 -29.76
CA ALA J 10 -22.61 -8.58 -30.22
C ALA J 10 -23.60 -8.20 -29.12
N PRO J 11 -23.94 -9.05 -28.12
CA PRO J 11 -24.79 -8.52 -27.04
C PRO J 11 -24.08 -7.59 -26.09
N LEU J 12 -22.74 -7.64 -26.02
CA LEU J 12 -22.02 -6.70 -25.18
C LEU J 12 -21.99 -5.30 -25.79
N LEU J 13 -22.05 -5.22 -27.11
CA LEU J 13 -22.10 -3.92 -27.79
C LEU J 13 -23.51 -3.35 -27.86
N LYS J 14 -24.54 -4.19 -27.80
CA LYS J 14 -25.90 -3.67 -27.76
C LYS J 14 -26.20 -2.98 -26.44
N LYS J 15 -25.64 -3.50 -25.34
CA LYS J 15 -25.94 -2.94 -24.02
C LYS J 15 -25.30 -1.57 -23.83
N GLU J 16 -24.07 -1.40 -24.30
CA GLU J 16 -23.41 -0.10 -24.20
C GLU J 16 -23.98 0.91 -25.18
N PHE J 17 -24.56 0.45 -26.29
CA PHE J 17 -25.11 1.39 -27.27
C PHE J 17 -26.48 1.91 -26.85
N ARG J 18 -27.34 1.05 -26.29
CA ARG J 18 -28.66 1.52 -25.87
C ARG J 18 -28.59 2.37 -24.61
N GLU J 19 -27.49 2.31 -23.87
CA GLU J 19 -27.26 3.24 -22.78
C GLU J 19 -26.59 4.53 -23.25
N GLY J 20 -26.15 4.59 -24.51
CA GLY J 20 -25.49 5.78 -25.00
C GLY J 20 -24.08 5.96 -24.53
N ARG J 21 -23.37 4.86 -24.25
CA ARG J 21 -22.05 4.92 -23.65
C ARG J 21 -21.01 4.18 -24.50
N LEU J 22 -21.28 4.07 -25.80
CA LEU J 22 -20.37 3.47 -26.75
C LEU J 22 -19.97 4.52 -27.79
N ILE J 23 -18.67 4.64 -28.04
CA ILE J 23 -18.14 5.65 -28.93
C ILE J 23 -17.17 4.98 -29.91
N PRO J 24 -17.38 5.12 -31.22
CA PRO J 24 -16.45 4.48 -32.17
C PRO J 24 -15.13 5.25 -32.25
N PHE J 25 -14.04 4.51 -32.36
CA PHE J 25 -12.72 5.08 -32.63
C PHE J 25 -12.25 4.50 -33.96
N LEU J 26 -12.24 5.31 -35.00
CA LEU J 26 -11.95 4.84 -36.35
C LEU J 26 -10.54 5.19 -36.74
N GLY J 27 -9.89 4.29 -37.49
CA GLY J 27 -8.52 4.45 -37.88
C GLY J 27 -8.36 4.66 -39.38
N ALA J 28 -7.13 4.44 -39.85
CA ALA J 28 -6.85 4.58 -41.28
C ALA J 28 -7.43 3.43 -42.08
N GLY J 29 -7.60 2.26 -41.45
CA GLY J 29 -8.11 1.10 -42.15
C GLY J 29 -9.58 1.15 -42.48
N PHE J 30 -10.31 2.12 -41.92
CA PHE J 30 -11.72 2.28 -42.22
C PHE J 30 -11.96 2.86 -43.60
N SER J 31 -10.93 3.44 -44.22
CA SER J 31 -11.05 4.03 -45.55
C SER J 31 -10.36 3.19 -46.63
N LYS J 32 -9.99 1.95 -46.32
CA LYS J 32 -9.37 1.04 -47.29
C LYS J 32 -10.28 0.55 -48.43
N PRO J 33 -11.59 0.34 -48.27
CA PRO J 33 -12.42 0.09 -49.46
C PRO J 33 -12.62 1.30 -50.35
N LEU J 34 -12.21 2.49 -49.93
CA LEU J 34 -12.23 3.68 -50.77
C LEU J 34 -10.99 3.80 -51.64
N LYS J 35 -10.15 2.76 -51.66
CA LYS J 35 -8.91 2.68 -52.42
C LYS J 35 -7.95 3.81 -52.04
N LEU J 36 -7.85 4.07 -50.77
CA LEU J 36 -6.96 5.10 -50.28
C LEU J 36 -5.69 4.47 -49.71
N PRO J 37 -4.56 5.17 -49.79
CA PRO J 37 -3.33 4.67 -49.18
C PRO J 37 -3.42 4.60 -47.66
N ASP J 38 -2.81 3.56 -47.10
CA ASP J 38 -2.62 3.45 -45.67
C ASP J 38 -1.26 4.06 -45.30
N GLY J 39 -0.76 3.78 -44.10
CA GLY J 39 0.53 4.28 -43.68
C GLY J 39 1.73 3.70 -44.41
N SER J 40 1.53 2.65 -45.20
CA SER J 40 2.63 2.07 -45.97
C SER J 40 2.74 2.64 -47.38
N GLN J 41 1.61 2.96 -48.02
CA GLN J 41 1.68 3.54 -49.35
C GLN J 41 1.95 5.03 -49.36
N LEU J 42 1.81 5.72 -48.21
CA LEU J 42 2.32 7.08 -48.14
C LEU J 42 3.84 7.10 -48.17
N ILE J 43 4.47 6.20 -47.42
CA ILE J 43 5.93 6.09 -47.39
C ILE J 43 6.47 5.69 -48.75
N ALA J 44 5.71 4.88 -49.51
CA ALA J 44 6.10 4.57 -50.88
C ALA J 44 5.98 5.79 -51.79
N SER J 45 5.11 6.74 -51.45
CA SER J 45 5.01 7.98 -52.21
C SER J 45 5.98 9.04 -51.73
N LEU J 46 6.36 9.04 -50.45
CA LEU J 46 7.36 9.97 -49.98
C LEU J 46 8.76 9.58 -50.46
N ALA J 47 9.01 8.28 -50.63
CA ALA J 47 10.30 7.83 -51.13
C ALA J 47 10.49 8.15 -52.61
N LYS J 48 9.40 8.20 -53.37
CA LYS J 48 9.49 8.54 -54.79
C LYS J 48 9.85 10.01 -54.98
N THR J 49 9.35 10.88 -54.10
CA THR J 49 9.68 12.31 -54.20
C THR J 49 11.12 12.57 -53.79
N LEU J 50 11.57 11.92 -52.72
CA LEU J 50 12.91 12.15 -52.19
C LEU J 50 13.99 11.44 -52.99
N GLY J 51 13.64 10.55 -53.91
CA GLY J 51 14.63 9.83 -54.68
C GLY J 51 15.06 8.51 -54.08
N PHE J 52 14.37 8.02 -53.05
CA PHE J 52 14.66 6.73 -52.45
C PHE J 52 13.92 5.62 -53.17
N GLU J 53 14.39 4.40 -52.99
CA GLU J 53 13.60 3.23 -53.31
C GLU J 53 12.69 2.94 -52.13
N PRO J 54 11.44 2.51 -52.36
CA PRO J 54 10.48 2.36 -51.25
C PRO J 54 10.84 1.28 -50.24
N GLU J 55 11.60 0.27 -50.68
CA GLU J 55 12.03 -0.77 -49.75
C GLU J 55 13.24 -0.33 -48.93
N LEU J 56 14.11 0.50 -49.51
CA LEU J 56 15.26 1.00 -48.77
C LEU J 56 14.88 2.13 -47.83
N PHE J 57 13.88 2.93 -48.18
CA PHE J 57 13.49 4.06 -47.35
C PHE J 57 12.76 3.61 -46.09
N ASP J 58 12.11 2.44 -46.16
CA ASP J 58 11.29 1.96 -45.01
C ASP J 58 12.20 1.40 -43.91
N MET J 59 13.48 1.19 -44.19
CA MET J 59 14.39 0.56 -43.20
C MET J 59 15.18 1.64 -42.45
N HIS J 60 14.86 2.91 -42.67
CA HIS J 60 15.65 4.00 -42.05
C HIS J 60 14.93 4.58 -40.83
N GLY J 61 13.75 4.05 -40.49
CA GLY J 61 13.05 4.52 -39.27
C GLY J 61 11.57 4.19 -39.27
N ARG J 62 10.86 4.58 -38.20
CA ARG J 62 9.44 4.34 -38.09
C ARG J 62 8.65 5.30 -38.99
N PHE J 63 7.33 5.15 -38.99
CA PHE J 63 6.46 6.00 -39.81
C PHE J 63 6.51 7.45 -39.37
N GLU J 64 6.65 7.69 -38.07
CA GLU J 64 6.73 9.05 -37.55
C GLU J 64 8.03 9.72 -37.96
N GLN J 65 9.11 8.94 -38.05
CA GLN J 65 10.43 9.48 -38.30
C GLN J 65 10.71 9.69 -39.78
N LEU J 66 10.09 8.90 -40.66
CA LEU J 66 10.28 9.09 -42.09
C LEU J 66 9.51 10.31 -42.60
N ALA J 67 8.39 10.64 -41.97
CA ALA J 67 7.65 11.84 -42.33
C ALA J 67 8.32 13.09 -41.81
N GLU J 68 9.01 13.00 -40.67
CA GLU J 68 9.82 14.11 -40.18
C GLU J 68 10.99 14.40 -41.11
N PHE J 69 11.58 13.34 -41.68
CA PHE J 69 12.66 13.51 -42.65
C PHE J 69 12.15 14.12 -43.95
N PHE J 70 10.92 13.82 -44.34
CA PHE J 70 10.35 14.38 -45.55
C PHE J 70 10.08 15.87 -45.40
N ALA J 71 9.59 16.29 -44.23
CA ALA J 71 9.14 17.66 -44.04
C ALA J 71 10.29 18.66 -43.96
N ILE J 72 11.51 18.20 -43.68
CA ILE J 72 12.66 19.09 -43.53
C ILE J 72 13.64 18.92 -44.68
N SER J 73 13.26 18.22 -45.74
CA SER J 73 14.15 18.06 -46.88
C SER J 73 14.22 19.33 -47.71
N ALA J 74 13.14 20.11 -47.73
CA ALA J 74 13.06 21.33 -48.51
C ALA J 74 12.02 22.23 -47.86
N PRO J 75 12.09 23.55 -48.09
CA PRO J 75 11.01 24.42 -47.60
C PRO J 75 9.72 24.16 -48.35
N ASN J 76 8.61 24.33 -47.62
CA ASN J 76 7.24 24.15 -48.11
C ASN J 76 7.01 22.74 -48.65
N ARG J 77 7.70 21.74 -48.09
CA ARG J 77 7.54 20.38 -48.56
C ARG J 77 6.37 19.69 -47.87
N LEU J 78 6.07 20.07 -46.63
CA LEU J 78 4.92 19.50 -45.93
C LEU J 78 3.60 20.06 -46.46
N GLN J 79 3.60 21.35 -46.83
CA GLN J 79 2.37 21.99 -47.36
C GLN J 79 1.96 21.26 -48.65
N ARG J 80 2.93 20.95 -49.52
CA ARG J 80 2.63 20.28 -50.81
C ARG J 80 1.98 18.91 -50.54
N LEU J 81 2.49 18.18 -49.54
CA LEU J 81 1.96 16.83 -49.24
C LEU J 81 0.48 16.94 -48.90
N VAL J 82 0.10 17.91 -48.06
CA VAL J 82 -1.32 18.08 -47.65
C VAL J 82 -2.15 18.35 -48.92
N TYR J 83 -1.64 19.20 -49.81
CA TYR J 83 -2.37 19.54 -51.07
C TYR J 83 -2.57 18.26 -51.89
N GLU J 84 -1.50 17.47 -52.05
CA GLU J 84 -1.59 16.22 -52.85
C GLU J 84 -2.55 15.24 -52.18
N MET J 85 -2.45 15.11 -50.86
CA MET J 85 -3.33 14.17 -50.10
C MET J 85 -4.79 14.58 -50.30
N SER J 86 -5.06 15.89 -50.25
CA SER J 86 -6.44 16.39 -50.46
C SER J 86 -6.95 15.94 -51.84
N LEU J 87 -6.11 16.05 -52.87
CA LEU J 87 -6.52 15.67 -54.21
C LEU J 87 -6.83 14.18 -54.33
N SER J 88 -6.23 13.34 -53.50
CA SER J 88 -6.38 11.90 -53.62
C SER J 88 -7.29 11.28 -52.58
N PHE J 89 -7.38 11.86 -51.38
CA PHE J 89 -8.21 11.26 -50.34
C PHE J 89 -9.66 11.70 -50.48
N ASP J 90 -9.90 12.98 -50.71
CA ASP J 90 -11.23 13.55 -50.80
C ASP J 90 -11.64 13.85 -52.24
N SER J 91 -11.23 13.01 -53.18
CA SER J 91 -11.56 13.20 -54.57
C SER J 91 -13.02 12.79 -54.83
N ALA J 92 -13.47 13.05 -56.05
CA ALA J 92 -14.86 12.74 -56.40
C ALA J 92 -15.09 11.24 -56.58
N GLU J 93 -14.08 10.52 -57.06
CA GLU J 93 -14.24 9.07 -57.20
C GLU J 93 -14.13 8.34 -55.87
N ALA J 94 -13.52 8.96 -54.85
CA ALA J 94 -13.56 8.40 -53.51
C ALA J 94 -14.88 8.65 -52.82
N GLU J 95 -15.58 9.73 -53.18
CA GLU J 95 -16.92 9.96 -52.66
C GLU J 95 -17.93 9.00 -53.29
N ALA J 96 -17.72 8.64 -54.56
CA ALA J 96 -18.64 7.75 -55.25
C ALA J 96 -18.55 6.33 -54.75
N LEU J 97 -17.37 5.91 -54.28
CA LEU J 97 -17.23 4.60 -53.65
C LEU J 97 -17.74 4.58 -52.22
N ARG J 98 -18.14 5.73 -51.68
CA ARG J 98 -18.48 5.87 -50.27
C ARG J 98 -19.96 5.71 -49.99
N GLU J 99 -20.84 5.97 -50.96
CA GLU J 99 -22.25 5.69 -50.75
C GLU J 99 -22.54 4.20 -50.89
N LYS J 100 -21.82 3.52 -51.78
CA LYS J 100 -22.03 2.09 -52.01
C LYS J 100 -21.15 1.24 -51.11
N SER J 101 -20.47 1.83 -50.15
CA SER J 101 -19.66 1.06 -49.19
C SER J 101 -20.56 0.56 -48.07
N PRO J 102 -20.56 -0.75 -47.79
CA PRO J 102 -21.45 -1.27 -46.73
C PRO J 102 -21.03 -0.90 -45.33
N MET J 103 -19.75 -0.55 -45.10
CA MET J 103 -19.35 -0.14 -43.76
C MET J 103 -19.84 1.26 -43.44
N HIS J 104 -19.75 2.16 -44.43
CA HIS J 104 -20.14 3.54 -44.21
C HIS J 104 -21.65 3.69 -44.15
N ARG J 105 -22.39 2.77 -44.78
CA ARG J 105 -23.84 2.74 -44.61
C ARG J 105 -24.22 2.23 -43.22
N ALA J 106 -23.54 1.18 -42.76
CA ALA J 106 -23.83 0.60 -41.45
C ALA J 106 -23.35 1.47 -40.30
N LEU J 107 -22.34 2.31 -40.53
CA LEU J 107 -21.91 3.25 -39.50
C LEU J 107 -22.92 4.37 -39.31
N ALA J 108 -23.43 4.91 -40.42
CA ALA J 108 -24.35 6.04 -40.35
C ALA J 108 -25.78 5.62 -40.02
N ALA J 109 -26.08 4.33 -40.05
CA ALA J 109 -27.41 3.88 -39.68
C ALA J 109 -27.65 3.95 -38.19
N LEU J 110 -26.58 3.92 -37.39
CA LEU J 110 -26.69 4.01 -35.95
C LEU J 110 -26.70 5.48 -35.52
N ASP J 111 -27.35 5.75 -34.40
CA ASP J 111 -27.53 7.11 -33.90
C ASP J 111 -26.44 7.38 -32.87
N TRP J 112 -25.26 7.73 -33.37
CA TRP J 112 -24.14 8.03 -32.51
C TRP J 112 -24.23 9.47 -32.00
N ARG J 113 -23.41 9.77 -31.00
CA ARG J 113 -23.26 11.14 -30.52
C ARG J 113 -21.84 11.67 -30.63
N THR J 114 -20.83 10.79 -30.61
CA THR J 114 -19.45 11.21 -30.71
C THR J 114 -18.70 10.14 -31.49
N ILE J 115 -17.90 10.56 -32.47
CA ILE J 115 -17.06 9.65 -33.24
C ILE J 115 -15.65 10.23 -33.27
N TYR J 116 -14.67 9.44 -32.86
CA TYR J 116 -13.27 9.82 -32.94
C TYR J 116 -12.63 9.13 -34.14
N THR J 117 -11.86 9.90 -34.92
CA THR J 117 -11.17 9.37 -36.09
C THR J 117 -9.73 9.87 -36.10
N THR J 118 -8.85 9.04 -36.67
CA THR J 118 -7.42 9.41 -36.81
C THR J 118 -7.07 9.39 -38.30
N ALA J 119 -8.04 9.69 -39.15
CA ALA J 119 -7.82 9.66 -40.62
C ALA J 119 -7.92 11.08 -41.19
N TYR J 120 -7.23 11.35 -42.32
CA TYR J 120 -7.26 12.69 -42.95
C TYR J 120 -8.17 12.66 -44.18
N ASP J 121 -9.50 12.56 -43.97
CA ASP J 121 -10.46 12.54 -45.06
C ASP J 121 -11.85 12.81 -44.49
N LYS J 122 -12.72 13.36 -45.32
CA LYS J 122 -14.09 13.64 -44.92
C LYS J 122 -15.04 12.50 -45.28
N HIS J 123 -14.65 11.27 -44.96
CA HIS J 123 -15.45 10.11 -45.33
C HIS J 123 -16.14 9.46 -44.14
N VAL J 124 -15.93 9.96 -42.94
CA VAL J 124 -16.67 9.51 -41.77
C VAL J 124 -17.86 10.42 -41.49
N GLU J 125 -17.61 11.73 -41.46
CA GLU J 125 -18.74 12.66 -41.40
C GLU J 125 -19.46 12.74 -42.74
N GLY J 126 -18.76 12.45 -43.84
CA GLY J 126 -19.42 12.43 -45.14
C GLY J 126 -20.35 11.25 -45.32
N ALA J 127 -20.10 10.16 -44.59
CA ALA J 127 -21.06 9.07 -44.57
C ALA J 127 -22.32 9.44 -43.79
N LEU J 128 -22.18 10.33 -42.81
CA LEU J 128 -23.35 10.78 -42.06
C LEU J 128 -24.21 11.74 -42.87
N ARG J 129 -23.59 12.56 -43.73
CA ARG J 129 -24.36 13.42 -44.61
C ARG J 129 -25.09 12.63 -45.68
N ASP J 130 -24.57 11.45 -46.05
CA ASP J 130 -25.22 10.64 -47.07
C ASP J 130 -26.49 9.99 -46.56
N ALA J 131 -26.57 9.73 -45.25
CA ALA J 131 -27.74 9.10 -44.64
C ALA J 131 -28.77 10.12 -44.16
N GLY J 132 -28.67 11.38 -44.61
CA GLY J 132 -29.57 12.42 -44.19
C GLY J 132 -29.23 13.08 -42.88
N LYS J 133 -28.36 12.50 -42.08
CA LYS J 133 -27.95 13.08 -40.82
C LYS J 133 -26.95 14.22 -41.05
N GLN J 134 -26.68 14.96 -40.00
CA GLN J 134 -25.71 16.04 -40.05
C GLN J 134 -24.67 15.85 -38.95
N ALA J 135 -23.44 16.24 -39.25
CA ALA J 135 -22.31 16.04 -38.35
C ALA J 135 -21.64 17.37 -38.07
N ALA J 136 -20.68 17.35 -37.15
CA ALA J 136 -19.95 18.55 -36.74
C ALA J 136 -18.49 18.17 -36.56
N VAL J 137 -17.65 18.61 -37.49
CA VAL J 137 -16.22 18.31 -37.43
C VAL J 137 -15.57 19.22 -36.40
N LEU J 138 -14.89 18.62 -35.43
CA LEU J 138 -14.18 19.36 -34.39
C LEU J 138 -12.73 18.92 -34.42
N ALA J 139 -11.86 19.80 -34.86
CA ALA J 139 -10.44 19.46 -34.98
C ALA J 139 -9.52 20.43 -34.26
N SER J 140 -9.83 21.73 -34.28
CA SER J 140 -9.00 22.75 -33.68
C SER J 140 -9.75 23.41 -32.52
N PHE J 141 -9.07 24.36 -31.87
CA PHE J 141 -9.66 25.07 -30.74
C PHE J 141 -10.83 25.95 -31.18
N ALA J 142 -10.76 26.51 -32.39
CA ALA J 142 -11.84 27.35 -32.88
C ALA J 142 -13.10 26.55 -33.22
N ASP J 143 -12.96 25.26 -33.48
CA ASP J 143 -14.13 24.44 -33.76
C ASP J 143 -14.91 24.14 -32.50
N PHE J 144 -14.22 23.84 -31.39
CA PHE J 144 -14.88 23.62 -30.12
C PHE J 144 -15.56 24.87 -29.59
N GLN J 145 -14.94 26.03 -29.78
CA GLN J 145 -15.55 27.28 -29.36
C GLN J 145 -16.68 27.74 -30.26
N GLY J 146 -16.66 27.30 -31.52
CA GLY J 146 -17.65 27.77 -32.51
C GLY J 146 -19.06 27.24 -32.29
N PRO J 147 -20.05 27.70 -33.09
CA PRO J 147 -21.44 27.29 -32.92
C PRO J 147 -21.75 25.91 -33.53
N ARG J 148 -22.67 25.17 -32.91
CA ARG J 148 -23.08 23.83 -33.42
C ARG J 148 -24.55 23.63 -33.07
N ALA J 149 -25.24 22.71 -33.76
CA ALA J 149 -26.65 22.42 -33.38
C ALA J 149 -26.67 21.69 -32.04
N ARG J 150 -27.83 21.67 -31.37
CA ARG J 150 -27.92 21.10 -30.00
C ARG J 150 -27.64 19.60 -30.03
N ASP J 151 -28.26 18.87 -30.95
CA ASP J 151 -28.09 17.39 -30.99
C ASP J 151 -27.51 16.97 -32.35
N VAL J 152 -26.18 16.96 -32.47
CA VAL J 152 -25.52 16.57 -33.74
C VAL J 152 -24.33 15.67 -33.42
N CYS J 153 -24.16 14.58 -34.15
CA CYS J 153 -22.98 13.69 -33.93
C CYS J 153 -21.70 14.50 -34.11
N GLU J 154 -20.95 14.71 -33.02
CA GLU J 154 -19.70 15.45 -33.11
C GLU J 154 -18.60 14.51 -33.55
N VAL J 155 -18.01 14.76 -34.71
CA VAL J 155 -16.91 13.97 -35.22
C VAL J 155 -15.61 14.63 -34.79
N ILE J 156 -14.88 13.99 -33.89
CA ILE J 156 -13.65 14.55 -33.36
C ILE J 156 -12.49 14.04 -34.21
N LYS J 157 -11.90 14.92 -34.99
CA LYS J 157 -10.71 14.59 -35.77
C LYS J 157 -9.51 14.60 -34.82
N PHE J 158 -9.15 13.41 -34.34
CA PHE J 158 -8.07 13.30 -33.37
C PHE J 158 -6.70 13.57 -33.98
N ALA J 159 -6.55 13.34 -35.30
CA ALA J 159 -5.28 13.57 -35.95
C ALA J 159 -5.24 14.85 -36.76
N GLY J 160 -6.38 15.47 -37.02
CA GLY J 160 -6.45 16.66 -37.84
C GLY J 160 -7.25 16.44 -39.11
N THR J 161 -7.46 17.54 -39.83
CA THR J 161 -8.27 17.54 -41.03
C THR J 161 -7.48 18.22 -42.14
N LEU J 162 -7.78 17.86 -43.39
CA LEU J 162 -7.03 18.42 -44.51
C LEU J 162 -7.40 19.87 -44.82
N ASP J 163 -8.58 20.34 -44.39
CA ASP J 163 -8.93 21.73 -44.64
C ASP J 163 -8.34 22.67 -43.59
N GLN J 164 -7.73 22.13 -42.54
CA GLN J 164 -7.00 22.91 -41.55
C GLN J 164 -5.63 22.25 -41.42
N PRO J 165 -4.67 22.65 -42.25
CA PRO J 165 -3.38 21.92 -42.29
C PRO J 165 -2.51 22.11 -41.07
N ASP J 166 -2.84 23.05 -40.17
CA ASP J 166 -2.07 23.20 -38.95
C ASP J 166 -2.40 22.14 -37.91
N THR J 167 -3.52 21.44 -38.06
CA THR J 167 -3.95 20.45 -37.08
C THR J 167 -3.45 19.05 -37.39
N ILE J 168 -2.81 18.85 -38.54
CA ILE J 168 -2.38 17.52 -38.98
C ILE J 168 -1.15 17.11 -38.19
N VAL J 169 -1.23 15.95 -37.52
CA VAL J 169 -0.07 15.36 -36.87
C VAL J 169 0.40 14.19 -37.73
N LEU J 170 1.49 14.41 -38.44
CA LEU J 170 2.06 13.37 -39.29
C LEU J 170 3.55 13.16 -39.03
N THR J 171 4.29 14.21 -38.74
CA THR J 171 5.71 14.14 -38.50
C THR J 171 5.98 13.86 -37.03
N GLU J 172 7.23 13.50 -36.72
CA GLU J 172 7.59 13.08 -35.37
C GLU J 172 7.51 14.23 -34.37
N SER J 173 7.84 15.44 -34.81
CA SER J 173 7.75 16.61 -33.92
C SER J 173 6.31 16.94 -33.58
N SER J 174 5.37 16.57 -34.45
CA SER J 174 3.96 16.79 -34.14
C SER J 174 3.42 15.76 -33.15
N TYR J 175 3.94 14.53 -33.19
CA TYR J 175 3.56 13.54 -32.18
C TYR J 175 4.15 13.84 -30.82
N PHE J 176 5.37 14.39 -30.79
CA PHE J 176 5.96 14.80 -29.51
C PHE J 176 5.25 16.02 -28.92
N GLN J 177 4.65 16.85 -29.77
CA GLN J 177 3.87 17.99 -29.27
C GLN J 177 2.57 17.51 -28.64
N ARG J 178 2.07 16.36 -29.06
CA ARG J 178 0.84 15.80 -28.53
C ARG J 178 1.09 14.90 -27.32
N MET J 179 2.34 14.69 -26.92
CA MET J 179 2.63 13.90 -25.73
C MET J 179 2.21 14.59 -24.44
N ALA J 180 2.12 15.92 -24.45
CA ALA J 180 1.72 16.65 -23.26
C ALA J 180 0.23 16.55 -22.96
N LEU J 181 -0.56 16.03 -23.90
CA LEU J 181 -2.00 15.80 -23.77
C LEU J 181 -2.74 17.11 -23.49
N ASP J 182 -2.32 18.18 -24.17
CA ASP J 182 -2.85 19.51 -23.96
C ASP J 182 -3.71 19.99 -25.11
N ALA J 183 -3.68 19.28 -26.25
CA ALA J 183 -4.50 19.65 -27.39
C ALA J 183 -5.98 19.44 -27.10
N PRO J 184 -6.87 20.20 -27.75
CA PRO J 184 -8.31 20.01 -27.55
C PRO J 184 -8.83 18.65 -27.98
N PRO J 185 -8.27 17.95 -29.00
CA PRO J 185 -8.66 16.53 -29.13
C PRO J 185 -8.12 15.64 -28.04
N ASP J 186 -7.01 16.00 -27.41
CA ASP J 186 -6.48 15.19 -26.32
C ASP J 186 -7.29 15.36 -25.04
N GLN J 187 -7.75 16.59 -24.76
CA GLN J 187 -8.52 16.84 -23.55
C GLN J 187 -9.93 16.28 -23.65
N ARG J 188 -10.50 16.27 -24.85
CA ARG J 188 -11.84 15.73 -25.04
C ARG J 188 -11.83 14.21 -24.98
N LEU J 189 -10.75 13.58 -25.43
CA LEU J 189 -10.67 12.12 -25.42
C LEU J 189 -10.52 11.58 -24.00
N ARG J 190 -9.71 12.24 -23.17
CA ARG J 190 -9.46 11.76 -21.83
C ARG J 190 -10.67 11.94 -20.91
N ALA J 191 -11.56 12.87 -21.21
CA ALA J 191 -12.77 13.02 -20.41
C ALA J 191 -13.86 12.06 -20.87
N ASP J 192 -13.90 11.71 -22.16
CA ASP J 192 -14.85 10.71 -22.62
C ASP J 192 -14.42 9.31 -22.25
N LEU J 193 -13.13 9.08 -22.04
CA LEU J 193 -12.65 7.78 -21.61
C LEU J 193 -12.97 7.51 -20.15
N LEU J 194 -13.25 8.54 -19.37
CA LEU J 194 -13.65 8.39 -17.98
C LEU J 194 -14.99 7.70 -17.83
N ALA J 195 -15.88 7.79 -18.83
CA ALA J 195 -17.25 7.34 -18.65
C ALA J 195 -17.81 6.50 -19.77
N ASN J 196 -17.04 6.16 -20.80
CA ASN J 196 -17.62 5.53 -21.97
C ASN J 196 -16.75 4.36 -22.44
N SER J 197 -17.39 3.39 -23.08
CA SER J 197 -16.70 2.31 -23.78
C SER J 197 -16.36 2.76 -25.19
N PHE J 198 -15.22 2.33 -25.69
CA PHE J 198 -14.81 2.66 -27.05
C PHE J 198 -14.78 1.40 -27.91
N LEU J 199 -15.01 1.59 -29.21
CA LEU J 199 -14.99 0.52 -30.20
C LEU J 199 -13.97 0.88 -31.26
N PHE J 200 -12.83 0.19 -31.23
CA PHE J 200 -11.73 0.44 -32.15
C PHE J 200 -11.95 -0.34 -33.43
N ILE J 201 -12.17 0.37 -34.53
CA ILE J 201 -12.42 -0.25 -35.83
C ILE J 201 -11.40 0.32 -36.82
N GLY J 202 -10.64 -0.57 -37.44
CA GLY J 202 -9.69 -0.14 -38.45
C GLY J 202 -8.45 0.54 -37.93
N TYR J 203 -8.20 0.48 -36.62
CA TYR J 203 -7.05 1.12 -36.02
C TYR J 203 -6.21 0.07 -35.31
N SER J 204 -4.90 0.15 -35.47
CA SER J 204 -3.95 -0.71 -34.79
C SER J 204 -3.13 0.13 -33.83
N PHE J 205 -2.99 -0.36 -32.60
CA PHE J 205 -2.28 0.40 -31.53
C PHE J 205 -0.78 0.46 -31.78
N SER J 206 -0.35 1.29 -32.74
CA SER J 206 1.05 1.47 -33.05
C SER J 206 1.58 2.84 -32.62
N ASP J 207 0.66 3.80 -32.47
CA ASP J 207 1.06 5.16 -32.03
C ASP J 207 1.20 5.17 -30.51
N THR J 208 2.30 5.71 -30.00
CA THR J 208 2.51 5.77 -28.56
C THR J 208 1.75 6.90 -27.89
N ASN J 209 1.06 7.74 -28.64
CA ASN J 209 0.20 8.74 -28.02
C ASN J 209 -1.16 8.16 -27.62
N ILE J 210 -1.61 7.11 -28.29
CA ILE J 210 -2.85 6.46 -27.86
C ILE J 210 -2.59 5.52 -26.70
N ARG J 211 -1.50 4.74 -26.78
CA ARG J 211 -1.20 3.74 -25.75
C ARG J 211 -0.85 4.39 -24.41
N TYR J 212 -0.39 5.64 -24.43
CA TYR J 212 -0.09 6.37 -23.20
C TYR J 212 -1.33 6.91 -22.51
N ILE J 213 -2.44 7.12 -23.25
CA ILE J 213 -3.66 7.62 -22.63
C ILE J 213 -4.36 6.52 -21.85
N TRP J 214 -4.46 5.33 -22.45
CA TRP J 214 -5.02 4.18 -21.76
C TRP J 214 -4.13 3.65 -20.65
N TYR J 215 -2.84 3.97 -20.69
CA TYR J 215 -1.96 3.67 -19.55
C TYR J 215 -2.36 4.50 -18.33
N ARG J 216 -2.51 5.80 -18.51
CA ARG J 216 -2.77 6.70 -17.39
C ARG J 216 -4.24 6.72 -16.97
N MET J 217 -5.08 5.99 -17.68
CA MET J 217 -6.49 5.84 -17.24
C MET J 217 -6.51 4.63 -16.31
N ASN J 218 -5.64 3.66 -16.56
CA ASN J 218 -5.52 2.46 -15.70
C ASN J 218 -4.84 2.86 -14.39
N GLN J 219 -3.98 3.88 -14.43
CA GLN J 219 -3.31 4.36 -13.20
C GLN J 219 -4.37 4.93 -12.25
N LEU J 220 -5.27 5.78 -12.78
CA LEU J 220 -6.38 6.33 -11.95
C LEU J 220 -7.20 5.16 -11.43
N ARG J 221 -7.30 4.08 -12.22
CA ARG J 221 -8.08 2.91 -11.83
C ARG J 221 -7.41 2.13 -10.71
N GLU J 222 -6.09 2.00 -10.74
CA GLU J 222 -5.39 1.24 -9.71
C GLU J 222 -5.25 2.02 -8.41
N GLN J 223 -5.10 3.34 -8.48
CA GLN J 223 -4.99 4.14 -7.27
C GLN J 223 -6.34 4.32 -6.58
N SER J 224 -7.44 4.10 -7.28
CA SER J 224 -8.76 4.19 -6.67
C SER J 224 -9.12 2.97 -5.84
N GLN J 225 -8.33 1.89 -5.94
CA GLN J 225 -8.39 0.71 -5.07
C GLN J 225 -9.75 0.01 -5.14
N LEU J 226 -10.27 -0.12 -6.36
CA LEU J 226 -11.45 -0.95 -6.56
C LEU J 226 -11.07 -2.43 -6.47
N GLY J 227 -12.09 -3.28 -6.35
CA GLY J 227 -11.88 -4.71 -6.24
C GLY J 227 -11.51 -5.34 -7.57
N VAL J 228 -11.42 -6.66 -7.54
CA VAL J 228 -11.16 -7.42 -8.76
C VAL J 228 -12.39 -7.39 -9.66
N LYS J 229 -13.59 -7.41 -9.06
CA LYS J 229 -14.82 -7.46 -9.84
C LYS J 229 -15.15 -6.10 -10.45
N HIS J 230 -14.98 -5.02 -9.69
CA HIS J 230 -15.46 -3.72 -10.13
C HIS J 230 -14.48 -2.96 -11.01
N SER J 231 -13.18 -3.26 -10.92
CA SER J 231 -12.21 -2.63 -11.81
C SER J 231 -12.22 -3.24 -13.21
N GLN J 232 -12.85 -4.40 -13.39
CA GLN J 232 -12.93 -5.06 -14.68
C GLN J 232 -14.30 -4.93 -15.32
N ALA J 233 -15.14 -4.00 -14.85
CA ALA J 233 -16.52 -3.95 -15.29
C ALA J 233 -16.66 -3.21 -16.62
N ARG J 234 -16.00 -2.06 -16.76
CA ARG J 234 -16.12 -1.24 -17.96
C ARG J 234 -14.99 -1.60 -18.91
N ARG J 235 -15.35 -2.17 -20.06
CA ARG J 235 -14.38 -2.67 -21.03
C ARG J 235 -14.36 -1.78 -22.26
N CYS J 236 -13.31 -1.93 -23.07
CA CYS J 236 -13.24 -1.37 -24.40
C CYS J 236 -13.03 -2.50 -25.39
N PHE J 237 -13.40 -2.24 -26.65
CA PHE J 237 -13.46 -3.29 -27.66
C PHE J 237 -12.58 -2.92 -28.85
N PHE J 238 -11.85 -3.92 -29.35
CA PHE J 238 -10.76 -3.72 -30.32
C PHE J 238 -10.95 -4.74 -31.44
N ALA J 239 -11.70 -4.35 -32.46
CA ALA J 239 -11.98 -5.23 -33.59
C ALA J 239 -10.81 -5.22 -34.56
N THR J 240 -10.22 -6.38 -34.81
CA THR J 240 -9.02 -6.48 -35.63
C THR J 240 -8.98 -7.83 -36.32
N HIS J 241 -8.70 -7.81 -37.63
CA HIS J 241 -8.60 -9.04 -38.40
C HIS J 241 -7.32 -9.80 -38.09
N GLY J 242 -6.24 -9.09 -37.79
CA GLY J 242 -4.93 -9.68 -37.74
C GLY J 242 -4.13 -9.43 -36.47
N ALA J 243 -4.79 -9.45 -35.33
CA ALA J 243 -4.09 -9.30 -34.05
C ALA J 243 -3.17 -10.49 -33.79
N GLY J 244 -1.99 -10.22 -33.27
CA GLY J 244 -1.00 -11.25 -33.06
C GLY J 244 -1.19 -12.05 -31.78
N LEU J 245 -0.11 -12.37 -31.11
CA LEU J 245 -0.15 -13.12 -29.86
C LEU J 245 0.28 -12.32 -28.64
N VAL J 246 1.09 -11.30 -28.83
CA VAL J 246 1.57 -10.47 -27.74
C VAL J 246 0.61 -9.32 -27.45
N GLN J 247 0.18 -8.62 -28.50
CA GLN J 247 -0.63 -7.41 -28.33
C GLN J 247 -2.02 -7.60 -27.70
N PRO J 248 -2.78 -8.69 -27.90
CA PRO J 248 -4.02 -8.83 -27.13
C PRO J 248 -3.81 -9.00 -25.63
N ASP J 249 -2.67 -9.52 -25.18
CA ASP J 249 -2.44 -9.68 -23.75
C ASP J 249 -1.90 -8.42 -23.08
N ILE J 250 -1.29 -7.52 -23.86
CA ILE J 250 -0.88 -6.23 -23.29
C ILE J 250 -2.11 -5.38 -22.99
N LEU J 251 -3.14 -5.49 -23.83
CA LEU J 251 -4.32 -4.66 -23.70
C LEU J 251 -5.33 -5.19 -22.68
N GLN J 252 -5.15 -6.41 -22.19
CA GLN J 252 -5.99 -6.89 -21.09
C GLN J 252 -5.69 -6.15 -19.80
N GLN J 253 -4.48 -5.61 -19.68
CA GLN J 253 -4.15 -4.72 -18.57
C GLN J 253 -5.00 -3.46 -18.57
N TRP J 254 -5.38 -3.00 -19.77
CA TRP J 254 -5.95 -1.68 -19.93
C TRP J 254 -7.46 -1.73 -20.20
N ASN J 255 -8.09 -2.87 -19.86
CA ASN J 255 -9.51 -3.14 -20.08
C ASN J 255 -9.91 -2.96 -21.54
N ILE J 256 -9.17 -3.61 -22.42
CA ILE J 256 -9.44 -3.59 -23.86
C ILE J 256 -9.60 -5.02 -24.32
N ASP J 257 -10.78 -5.37 -24.80
CA ASP J 257 -11.06 -6.69 -25.32
C ASP J 257 -10.90 -6.71 -26.83
N VAL J 258 -10.43 -7.85 -27.35
CA VAL J 258 -10.15 -8.01 -28.77
C VAL J 258 -11.27 -8.79 -29.41
N ILE J 259 -11.83 -8.27 -30.50
CA ILE J 259 -12.86 -8.93 -31.27
C ILE J 259 -12.21 -9.43 -32.55
N GLN J 260 -12.10 -10.74 -32.71
CA GLN J 260 -11.47 -11.32 -33.88
C GLN J 260 -12.47 -11.35 -35.04
N LEU J 261 -12.16 -10.63 -36.10
CA LEU J 261 -12.98 -10.60 -37.30
C LEU J 261 -12.42 -11.55 -38.35
N ASP J 262 -13.26 -11.92 -39.30
CA ASP J 262 -12.88 -12.89 -40.32
C ASP J 262 -11.96 -12.23 -41.34
N PRO J 263 -10.73 -12.70 -41.50
CA PRO J 263 -9.76 -12.01 -42.36
C PRO J 263 -9.90 -12.31 -43.85
N THR J 264 -10.88 -13.12 -44.27
CA THR J 264 -11.01 -13.43 -45.69
C THR J 264 -11.54 -12.22 -46.46
N ASP J 265 -12.67 -11.66 -46.01
CA ASP J 265 -13.22 -10.44 -46.57
C ASP J 265 -13.23 -9.41 -45.43
N LYS J 266 -12.29 -8.48 -45.48
CA LYS J 266 -12.14 -7.52 -44.39
C LYS J 266 -13.25 -6.48 -44.38
N SER J 267 -13.85 -6.22 -45.54
CA SER J 267 -14.90 -5.20 -45.62
C SER J 267 -16.21 -5.71 -45.06
N ALA J 268 -16.57 -6.96 -45.35
CA ALA J 268 -17.84 -7.52 -44.91
C ALA J 268 -17.83 -7.91 -43.44
N SER J 269 -16.66 -8.20 -42.87
CA SER J 269 -16.59 -8.58 -41.46
C SER J 269 -16.86 -7.39 -40.56
N VAL J 270 -16.41 -6.20 -40.96
CA VAL J 270 -16.67 -5.00 -40.19
C VAL J 270 -18.14 -4.59 -40.32
N ALA J 271 -18.70 -4.75 -41.52
CA ALA J 271 -20.09 -4.37 -41.75
C ALA J 271 -21.07 -5.25 -40.98
N ARG J 272 -20.74 -6.53 -40.78
CA ARG J 272 -21.58 -7.37 -39.94
C ARG J 272 -21.46 -7.04 -38.47
N LEU J 273 -20.35 -6.41 -38.06
CA LEU J 273 -20.24 -5.96 -36.67
C LEU J 273 -21.10 -4.73 -36.42
N LEU J 274 -21.10 -3.78 -37.34
CA LEU J 274 -21.89 -2.57 -37.17
C LEU J 274 -23.37 -2.80 -37.33
N GLU J 275 -23.77 -3.83 -38.09
CA GLU J 275 -25.18 -4.19 -38.18
C GLU J 275 -25.65 -5.01 -36.99
N SER J 276 -24.74 -5.66 -36.29
CA SER J 276 -25.10 -6.40 -35.08
C SER J 276 -25.32 -5.49 -33.89
N ILE J 277 -24.84 -4.26 -33.94
CA ILE J 277 -25.11 -3.30 -32.86
C ILE J 277 -26.55 -2.80 -32.95
N ALA J 278 -27.06 -2.64 -34.18
CA ALA J 278 -28.43 -2.21 -34.41
C ALA J 278 -29.43 -3.28 -34.01
N THR K 2 -18.29 48.73 -17.60
CA THR K 2 -17.20 47.77 -17.38
C THR K 2 -17.72 46.53 -16.67
N THR K 3 -19.01 46.53 -16.33
CA THR K 3 -19.62 45.44 -15.59
C THR K 3 -21.07 45.32 -16.01
N LEU K 4 -21.49 44.12 -16.39
CA LEU K 4 -22.87 43.90 -16.81
C LEU K 4 -23.82 43.96 -15.63
N THR K 5 -25.03 44.45 -15.88
CA THR K 5 -26.09 44.44 -14.90
C THR K 5 -26.96 43.20 -15.12
N LEU K 6 -28.06 43.11 -14.38
CA LEU K 6 -28.92 41.94 -14.49
C LEU K 6 -29.75 41.96 -15.77
N SER K 7 -30.23 43.13 -16.17
CA SER K 7 -31.04 43.23 -17.39
C SER K 7 -30.20 43.14 -18.65
N GLU K 8 -28.93 43.54 -18.58
CA GLU K 8 -28.05 43.46 -19.74
C GLU K 8 -27.60 42.04 -20.00
N ALA K 9 -27.28 41.29 -18.93
CA ALA K 9 -26.77 39.94 -19.07
C ALA K 9 -27.86 38.89 -19.27
N ALA K 10 -29.13 39.26 -19.07
CA ALA K 10 -30.24 38.33 -19.22
C ALA K 10 -30.47 37.82 -20.65
N PRO K 11 -30.42 38.64 -21.72
CA PRO K 11 -30.51 38.03 -23.07
C PRO K 11 -29.26 37.29 -23.49
N LEU K 12 -28.10 37.58 -22.88
CA LEU K 12 -26.90 36.83 -23.20
C LEU K 12 -26.92 35.45 -22.59
N LEU K 13 -27.62 35.28 -21.47
CA LEU K 13 -27.76 33.97 -20.84
C LEU K 13 -28.87 33.15 -21.46
N LYS K 14 -29.88 33.78 -22.07
CA LYS K 14 -30.93 33.03 -22.75
C LYS K 14 -30.39 32.37 -24.00
N LYS K 15 -29.46 33.02 -24.70
CA LYS K 15 -28.96 32.48 -25.96
C LYS K 15 -28.08 31.26 -25.74
N GLU K 16 -27.23 31.29 -24.71
CA GLU K 16 -26.38 30.15 -24.41
C GLU K 16 -27.17 29.01 -23.79
N PHE K 17 -28.31 29.30 -23.15
CA PHE K 17 -29.08 28.23 -22.53
C PHE K 17 -29.94 27.48 -23.54
N ARG K 18 -30.55 28.20 -24.50
CA ARG K 18 -31.37 27.52 -25.49
C ARG K 18 -30.54 26.75 -26.50
N GLU K 19 -29.24 27.04 -26.60
CA GLU K 19 -28.33 26.23 -27.38
C GLU K 19 -27.76 25.06 -26.58
N GLY K 20 -28.00 25.02 -25.28
CA GLY K 20 -27.48 23.95 -24.45
C GLY K 20 -26.01 24.06 -24.15
N ARG K 21 -25.47 25.28 -24.09
CA ARG K 21 -24.03 25.50 -23.96
C ARG K 21 -23.73 26.36 -22.74
N LEU K 22 -24.62 26.36 -21.76
CA LEU K 22 -24.43 27.08 -20.50
C LEU K 22 -24.41 26.07 -19.37
N ILE K 23 -23.41 26.17 -18.49
CA ILE K 23 -23.23 25.23 -17.39
C ILE K 23 -23.01 26.02 -16.10
N PRO K 24 -23.81 25.79 -15.06
CA PRO K 24 -23.62 26.54 -13.81
C PRO K 24 -22.40 26.02 -13.05
N PHE K 25 -21.67 26.94 -12.44
CA PHE K 25 -20.57 26.62 -11.53
C PHE K 25 -20.95 27.20 -10.18
N LEU K 26 -21.30 26.35 -9.23
CA LEU K 26 -21.82 26.80 -7.95
C LEU K 26 -20.75 26.70 -6.87
N GLY K 27 -20.74 27.67 -5.96
CA GLY K 27 -19.74 27.75 -4.92
C GLY K 27 -20.31 27.49 -3.55
N ALA K 28 -19.55 27.91 -2.53
CA ALA K 28 -19.99 27.76 -1.15
C ALA K 28 -21.09 28.75 -0.80
N GLY K 29 -21.13 29.89 -1.49
CA GLY K 29 -22.12 30.91 -1.20
C GLY K 29 -23.52 30.57 -1.64
N PHE K 30 -23.69 29.51 -2.44
CA PHE K 30 -25.01 29.08 -2.87
C PHE K 30 -25.79 28.40 -1.76
N SER K 31 -25.12 27.99 -0.68
CA SER K 31 -25.79 27.34 0.45
C SER K 31 -25.87 28.22 1.67
N LYS K 32 -25.64 29.53 1.53
CA LYS K 32 -25.76 30.48 2.63
C LYS K 32 -27.19 30.74 3.14
N PRO K 33 -28.26 30.71 2.33
CA PRO K 33 -29.61 30.75 2.94
C PRO K 33 -29.99 29.49 3.68
N LEU K 34 -29.22 28.41 3.57
CA LEU K 34 -29.44 27.21 4.35
C LEU K 34 -28.80 27.28 5.73
N LYS K 35 -28.29 28.45 6.11
CA LYS K 35 -27.63 28.72 7.39
C LYS K 35 -26.42 27.80 7.59
N LEU K 36 -25.65 27.62 6.55
CA LEU K 36 -24.47 26.80 6.63
C LEU K 36 -23.22 27.67 6.73
N PRO K 37 -22.18 27.19 7.39
CA PRO K 37 -20.92 27.93 7.45
C PRO K 37 -20.25 28.06 6.09
N ASP K 38 -19.65 29.22 5.86
CA ASP K 38 -18.79 29.42 4.70
C ASP K 38 -17.35 29.09 5.10
N GLY K 39 -16.37 29.52 4.29
CA GLY K 39 -14.97 29.28 4.58
C GLY K 39 -14.43 30.03 5.78
N SER K 40 -15.19 31.00 6.32
CA SER K 40 -14.74 31.73 7.50
C SER K 40 -15.25 31.12 8.80
N GLN K 41 -16.46 30.57 8.82
CA GLN K 41 -16.96 29.96 10.04
C GLN K 41 -16.46 28.53 10.25
N LEU K 42 -15.89 27.90 9.23
CA LEU K 42 -15.17 26.65 9.47
C LEU K 42 -13.90 26.89 10.27
N ILE K 43 -13.15 27.94 9.89
CA ILE K 43 -11.92 28.32 10.58
C ILE K 43 -12.21 28.75 12.01
N ALA K 44 -13.37 29.36 12.24
CA ALA K 44 -13.79 29.66 13.60
C ALA K 44 -14.11 28.40 14.40
N SER K 45 -14.50 27.33 13.72
CA SER K 45 -14.75 26.06 14.38
C SER K 45 -13.50 25.22 14.52
N LEU K 46 -12.54 25.36 13.59
CA LEU K 46 -11.28 24.64 13.73
C LEU K 46 -10.41 25.26 14.82
N ALA K 47 -10.52 26.57 15.04
CA ALA K 47 -9.76 27.22 16.08
C ALA K 47 -10.27 26.87 17.47
N LYS K 48 -11.57 26.58 17.59
CA LYS K 48 -12.13 26.20 18.88
C LYS K 48 -11.66 24.82 19.30
N THR K 49 -11.48 23.90 18.34
CA THR K 49 -11.00 22.57 18.65
C THR K 49 -9.52 22.59 19.02
N LEU K 50 -8.72 23.36 18.29
CA LEU K 50 -7.29 23.41 18.51
C LEU K 50 -6.89 24.27 19.70
N GLY K 51 -7.82 25.03 20.28
CA GLY K 51 -7.49 25.88 21.40
C GLY K 51 -7.06 27.29 21.03
N PHE K 52 -7.22 27.69 19.78
CA PHE K 52 -6.92 29.03 19.34
C PHE K 52 -8.11 29.96 19.54
N GLU K 53 -7.83 31.25 19.55
CA GLU K 53 -8.88 32.24 19.38
C GLU K 53 -9.12 32.41 17.89
N PRO K 54 -10.37 32.61 17.44
CA PRO K 54 -10.65 32.63 15.99
C PRO K 54 -10.05 33.80 15.25
N GLU K 55 -9.80 34.92 15.95
CA GLU K 55 -9.16 36.05 15.31
C GLU K 55 -7.65 35.88 15.23
N LEU K 56 -7.05 35.20 16.20
CA LEU K 56 -5.62 34.94 16.16
C LEU K 56 -5.26 33.81 15.21
N PHE K 57 -6.15 32.83 15.06
CA PHE K 57 -5.84 31.65 14.21
C PHE K 57 -5.81 32.06 12.73
N ASP K 58 -6.69 32.98 12.33
CA ASP K 58 -6.80 33.36 10.90
C ASP K 58 -5.55 34.08 10.41
N MET K 59 -4.78 34.72 11.30
CA MET K 59 -3.61 35.51 10.85
C MET K 59 -2.39 34.62 10.63
N HIS K 60 -2.53 33.30 10.77
CA HIS K 60 -1.35 32.41 10.67
C HIS K 60 -1.27 31.77 9.28
N GLY K 61 -2.21 32.06 8.38
CA GLY K 61 -2.12 31.53 7.01
C GLY K 61 -3.43 31.59 6.25
N ARG K 62 -3.44 31.13 4.99
CA ARG K 62 -4.64 31.12 4.17
C ARG K 62 -5.57 29.99 4.62
N PHE K 63 -6.72 29.90 3.95
CA PHE K 63 -7.72 28.87 4.27
C PHE K 63 -7.18 27.47 4.00
N GLU K 64 -6.38 27.33 2.94
CA GLU K 64 -5.81 26.03 2.60
C GLU K 64 -4.78 25.59 3.63
N GLN K 65 -4.06 26.54 4.21
CA GLN K 65 -2.96 26.24 5.12
C GLN K 65 -3.42 26.02 6.55
N LEU K 66 -4.52 26.64 6.96
CA LEU K 66 -5.04 26.41 8.30
C LEU K 66 -5.73 25.06 8.42
N ALA K 67 -6.31 24.55 7.32
CA ALA K 67 -6.90 23.22 7.35
C ALA K 67 -5.83 22.14 7.29
N GLU K 68 -4.70 22.41 6.64
CA GLU K 68 -3.57 21.49 6.68
C GLU K 68 -2.99 21.38 8.07
N PHE K 69 -2.97 22.50 8.81
CA PHE K 69 -2.50 22.48 10.20
C PHE K 69 -3.46 21.73 11.11
N PHE K 70 -4.76 21.78 10.79
CA PHE K 70 -5.74 21.06 11.60
C PHE K 70 -5.63 19.56 11.41
N ALA K 71 -5.38 19.12 10.17
CA ALA K 71 -5.42 17.69 9.87
C ALA K 71 -4.23 16.94 10.41
N ILE K 72 -3.14 17.62 10.75
CA ILE K 72 -1.93 16.96 11.24
C ILE K 72 -1.69 17.25 12.72
N SER K 73 -2.68 17.82 13.40
CA SER K 73 -2.51 18.08 14.83
C SER K 73 -2.64 16.81 15.65
N ALA K 74 -3.42 15.85 15.16
CA ALA K 74 -3.66 14.59 15.86
C ALA K 74 -4.05 13.56 14.83
N PRO K 75 -3.86 12.27 15.12
CA PRO K 75 -4.37 11.23 14.22
C PRO K 75 -5.89 11.21 14.21
N ASN K 76 -6.44 10.89 13.03
CA ASN K 76 -7.88 10.79 12.77
C ASN K 76 -8.61 12.10 13.04
N ARG K 77 -7.91 13.23 12.85
CA ARG K 77 -8.53 14.53 13.11
C ARG K 77 -9.31 15.02 11.90
N LEU K 78 -8.88 14.64 10.69
CA LEU K 78 -9.61 15.03 9.49
C LEU K 78 -10.89 14.21 9.32
N GLN K 79 -10.83 12.93 9.68
CA GLN K 79 -12.01 12.04 9.54
C GLN K 79 -13.13 12.58 10.43
N ARG K 80 -12.80 13.01 11.65
CA ARG K 80 -13.80 13.56 12.59
C ARG K 80 -14.45 14.80 11.96
N LEU K 81 -13.66 15.65 11.33
CA LEU K 81 -14.19 16.91 10.72
C LEU K 81 -15.25 16.54 9.68
N VAL K 82 -14.96 15.58 8.80
CA VAL K 82 -15.92 15.17 7.73
C VAL K 82 -17.20 14.68 8.41
N TYR K 83 -17.07 13.87 9.46
CA TYR K 83 -18.26 13.34 10.18
C TYR K 83 -19.07 14.51 10.75
N GLU K 84 -18.39 15.47 11.39
CA GLU K 84 -19.10 16.62 12.00
C GLU K 84 -19.75 17.46 10.90
N MET K 85 -19.06 17.67 9.78
CA MET K 85 -19.61 18.48 8.67
C MET K 85 -20.88 17.81 8.15
N SER K 86 -20.88 16.47 8.06
CA SER K 86 -22.08 15.74 7.60
C SER K 86 -23.26 16.04 8.52
N LEU K 87 -23.03 16.07 9.84
CA LEU K 87 -24.12 16.31 10.77
C LEU K 87 -24.72 17.70 10.65
N SER K 88 -23.95 18.68 10.19
CA SER K 88 -24.40 20.07 10.15
C SER K 88 -24.76 20.56 8.76
N PHE K 89 -24.14 20.04 7.70
CA PHE K 89 -24.44 20.51 6.36
C PHE K 89 -25.66 19.82 5.78
N ASP K 90 -25.74 18.50 5.93
CA ASP K 90 -26.81 17.69 5.37
C ASP K 90 -27.82 17.26 6.42
N SER K 91 -28.08 18.11 7.40
CA SER K 91 -29.04 17.80 8.45
C SER K 91 -30.47 17.92 7.92
N ALA K 92 -31.42 17.53 8.77
CA ALA K 92 -32.82 17.56 8.37
C ALA K 92 -33.38 18.97 8.34
N GLU K 93 -32.90 19.85 9.22
CA GLU K 93 -33.36 21.23 9.19
C GLU K 93 -32.74 22.04 8.05
N ALA K 94 -31.61 21.59 7.50
CA ALA K 94 -31.07 22.19 6.30
C ALA K 94 -31.81 21.73 5.05
N GLU K 95 -32.38 20.54 5.08
CA GLU K 95 -33.22 20.09 3.97
C GLU K 95 -34.55 20.82 3.97
N ALA K 96 -35.07 21.15 5.15
CA ALA K 96 -36.36 21.82 5.25
C ALA K 96 -36.30 23.26 4.79
N LEU K 97 -35.15 23.91 4.95
CA LEU K 97 -34.93 25.25 4.41
C LEU K 97 -34.66 25.24 2.91
N ARG K 98 -34.54 24.07 2.30
CA ARG K 98 -34.09 23.94 0.93
C ARG K 98 -35.24 23.84 -0.07
N GLU K 99 -36.42 23.36 0.36
CA GLU K 99 -37.56 23.40 -0.55
C GLU K 99 -38.14 24.80 -0.65
N LYS K 100 -38.10 25.56 0.44
CA LYS K 100 -38.65 26.91 0.47
C LYS K 100 -37.62 27.96 0.09
N SER K 101 -36.44 27.55 -0.38
CA SER K 101 -35.44 28.50 -0.85
C SER K 101 -35.72 28.88 -2.29
N PRO K 102 -35.84 30.17 -2.60
CA PRO K 102 -36.15 30.58 -3.98
C PRO K 102 -35.02 30.35 -4.97
N MET K 103 -33.76 30.26 -4.52
CA MET K 103 -32.68 29.99 -5.46
C MET K 103 -32.68 28.54 -5.90
N HIS K 104 -32.93 27.63 -4.97
CA HIS K 104 -32.91 26.20 -5.28
C HIS K 104 -34.14 25.79 -6.07
N ARG K 105 -35.23 26.53 -5.94
CA ARG K 105 -36.38 26.30 -6.81
C ARG K 105 -36.11 26.81 -8.22
N ALA K 106 -35.50 27.97 -8.34
CA ALA K 106 -35.21 28.55 -9.64
C ALA K 106 -34.06 27.84 -10.36
N LEU K 107 -33.17 27.20 -9.62
CA LEU K 107 -32.12 26.40 -10.25
C LEU K 107 -32.68 25.12 -10.86
N ALA K 108 -33.56 24.44 -10.13
CA ALA K 108 -34.11 23.17 -10.57
C ALA K 108 -35.22 23.34 -11.60
N ALA K 109 -35.74 24.54 -11.79
CA ALA K 109 -36.77 24.77 -12.79
C ALA K 109 -36.20 24.72 -14.21
N LEU K 110 -34.92 24.99 -14.37
CA LEU K 110 -34.27 24.94 -15.66
C LEU K 110 -33.79 23.53 -15.97
N ASP K 111 -33.74 23.20 -17.25
CA ASP K 111 -33.40 21.86 -17.70
C ASP K 111 -31.91 21.83 -18.04
N TRP K 112 -31.10 21.69 -16.99
CA TRP K 112 -29.66 21.63 -17.17
C TRP K 112 -29.22 20.24 -17.58
N ARG K 113 -27.98 20.13 -18.02
CA ARG K 113 -27.35 18.83 -18.30
C ARG K 113 -26.11 18.57 -17.47
N THR K 114 -25.40 19.61 -17.04
CA THR K 114 -24.21 19.45 -16.23
C THR K 114 -24.15 20.60 -15.24
N ILE K 115 -23.89 20.30 -13.98
CA ILE K 115 -23.73 21.30 -12.92
C ILE K 115 -22.44 20.98 -12.17
N TYR K 116 -21.55 21.96 -12.09
CA TYR K 116 -20.32 21.85 -11.30
C TYR K 116 -20.52 22.57 -9.98
N THR K 117 -20.11 21.91 -8.88
CA THR K 117 -20.24 22.51 -7.53
C THR K 117 -18.94 22.29 -6.77
N THR K 118 -18.48 23.31 -6.02
CA THR K 118 -17.26 23.15 -5.18
C THR K 118 -17.70 23.03 -3.72
N ALA K 119 -18.92 22.56 -3.49
CA ALA K 119 -19.46 22.47 -2.10
C ALA K 119 -19.63 21.00 -1.71
N TYR K 120 -19.24 20.65 -0.47
CA TYR K 120 -19.43 19.27 0.03
C TYR K 120 -20.79 19.17 0.74
N ASP K 121 -21.87 18.98 -0.02
CA ASP K 121 -23.23 18.85 0.57
C ASP K 121 -24.21 18.39 -0.51
N LYS K 122 -25.38 17.87 -0.12
CA LYS K 122 -26.29 17.37 -1.15
C LYS K 122 -27.49 18.30 -1.36
N HIS K 123 -27.22 19.59 -1.50
CA HIS K 123 -28.30 20.56 -1.64
C HIS K 123 -28.41 21.14 -3.04
N VAL K 124 -27.54 20.74 -3.96
CA VAL K 124 -27.67 21.09 -5.35
C VAL K 124 -28.36 19.99 -6.14
N GLU K 125 -27.91 18.75 -5.98
CA GLU K 125 -28.66 17.64 -6.55
C GLU K 125 -29.93 17.37 -5.74
N GLY K 126 -29.94 17.73 -4.45
CA GLY K 126 -31.14 17.57 -3.66
C GLY K 126 -32.23 18.55 -4.03
N ALA K 127 -31.86 19.70 -4.59
CA ALA K 127 -32.86 20.60 -5.14
C ALA K 127 -33.47 20.03 -6.42
N LEU K 128 -32.70 19.23 -7.16
CA LEU K 128 -33.24 18.62 -8.37
C LEU K 128 -34.19 17.48 -8.05
N ARG K 129 -33.95 16.75 -6.96
CA ARG K 129 -34.89 15.71 -6.52
C ARG K 129 -36.19 16.32 -6.00
N ASP K 130 -36.14 17.55 -5.49
CA ASP K 130 -37.34 18.18 -4.97
C ASP K 130 -38.28 18.61 -6.08
N ALA K 131 -37.75 18.90 -7.26
CA ALA K 131 -38.56 19.34 -8.39
C ALA K 131 -39.01 18.17 -9.27
N GLY K 132 -38.91 16.94 -8.77
CA GLY K 132 -39.29 15.78 -9.53
C GLY K 132 -38.23 15.25 -10.47
N LYS K 133 -37.19 16.02 -10.75
CA LYS K 133 -36.10 15.57 -11.61
C LYS K 133 -35.18 14.63 -10.86
N GLN K 134 -34.28 14.00 -11.60
CA GLN K 134 -33.28 13.12 -11.02
C GLN K 134 -31.90 13.55 -11.46
N ALA K 135 -30.93 13.37 -10.57
CA ALA K 135 -29.56 13.81 -10.79
C ALA K 135 -28.61 12.64 -10.64
N ALA K 136 -27.34 12.89 -10.97
CA ALA K 136 -26.30 11.87 -10.90
C ALA K 136 -25.04 12.52 -10.34
N VAL K 137 -24.70 12.19 -9.10
CA VAL K 137 -23.53 12.75 -8.45
C VAL K 137 -22.29 12.02 -8.97
N LEU K 138 -21.34 12.79 -9.50
CA LEU K 138 -20.10 12.23 -10.01
C LEU K 138 -18.95 12.93 -9.29
N ALA K 139 -18.27 12.21 -8.42
CA ALA K 139 -17.19 12.80 -7.64
C ALA K 139 -15.87 12.03 -7.76
N SER K 140 -15.92 10.72 -7.83
CA SER K 140 -14.73 9.88 -7.89
C SER K 140 -14.66 9.16 -9.22
N PHE K 141 -13.59 8.38 -9.40
CA PHE K 141 -13.41 7.62 -10.64
C PHE K 141 -14.45 6.53 -10.80
N ALA K 142 -14.90 5.93 -9.70
CA ALA K 142 -15.90 4.88 -9.76
C ALA K 142 -17.28 5.42 -10.12
N ASP K 143 -17.53 6.71 -9.90
CA ASP K 143 -18.81 7.29 -10.28
C ASP K 143 -18.91 7.50 -11.78
N PHE K 144 -17.81 7.97 -12.40
CA PHE K 144 -17.79 8.13 -13.85
C PHE K 144 -17.87 6.80 -14.58
N GLN K 145 -17.22 5.76 -14.06
CA GLN K 145 -17.30 4.44 -14.66
C GLN K 145 -18.63 3.75 -14.42
N GLY K 146 -19.36 4.13 -13.37
CA GLY K 146 -20.57 3.45 -13.00
C GLY K 146 -21.74 3.75 -13.91
N PRO K 147 -22.86 3.06 -13.69
CA PRO K 147 -24.01 3.23 -14.58
C PRO K 147 -24.88 4.42 -14.19
N ARG K 148 -25.37 5.10 -15.22
CA ARG K 148 -26.33 6.22 -15.03
C ARG K 148 -27.42 5.99 -16.07
N ALA K 149 -28.48 6.80 -16.07
CA ALA K 149 -29.58 6.67 -17.04
C ALA K 149 -29.16 7.35 -18.35
N ARG K 150 -29.94 7.18 -19.42
CA ARG K 150 -29.54 7.74 -20.74
C ARG K 150 -29.37 9.25 -20.64
N ASP K 151 -30.36 9.96 -20.09
CA ASP K 151 -30.31 11.45 -20.02
C ASP K 151 -30.65 11.91 -18.60
N VAL K 152 -29.64 12.33 -17.84
CA VAL K 152 -29.86 12.78 -16.43
C VAL K 152 -28.84 13.88 -16.14
N CYS K 153 -29.28 15.02 -15.60
CA CYS K 153 -28.33 16.08 -15.24
C CYS K 153 -27.24 15.53 -14.34
N GLU K 154 -26.00 15.63 -14.81
CA GLU K 154 -24.84 15.13 -14.07
C GLU K 154 -24.30 16.24 -13.19
N VAL K 155 -24.34 16.03 -11.87
CA VAL K 155 -23.81 16.99 -10.92
C VAL K 155 -22.36 16.59 -10.62
N ILE K 156 -21.41 17.41 -11.06
CA ILE K 156 -20.00 17.10 -10.89
C ILE K 156 -19.54 17.78 -9.60
N LYS K 157 -19.26 16.98 -8.58
CA LYS K 157 -18.69 17.48 -7.33
C LYS K 157 -17.22 17.74 -7.56
N PHE K 158 -16.88 18.99 -7.85
CA PHE K 158 -15.50 19.34 -8.16
C PHE K 158 -14.60 19.30 -6.93
N ALA K 159 -15.16 19.50 -5.74
CA ALA K 159 -14.37 19.47 -4.53
C ALA K 159 -14.50 18.18 -3.75
N GLY K 160 -15.50 17.35 -4.05
CA GLY K 160 -15.73 16.13 -3.31
C GLY K 160 -17.08 16.14 -2.63
N THR K 161 -17.42 14.99 -2.05
CA THR K 161 -18.71 14.78 -1.41
C THR K 161 -18.47 14.20 -0.03
N LEU K 162 -19.40 14.44 0.89
CA LEU K 162 -19.23 13.98 2.26
C LEU K 162 -19.44 12.48 2.41
N ASP K 163 -20.14 11.82 1.49
CA ASP K 163 -20.30 10.38 1.58
C ASP K 163 -19.11 9.61 1.03
N GLN K 164 -18.17 10.30 0.39
CA GLN K 164 -16.92 9.72 -0.07
C GLN K 164 -15.81 10.62 0.46
N PRO K 165 -15.34 10.37 1.69
CA PRO K 165 -14.40 11.30 2.33
C PRO K 165 -13.01 11.34 1.72
N ASP K 166 -12.67 10.40 0.83
CA ASP K 166 -11.38 10.45 0.15
C ASP K 166 -11.34 11.48 -0.96
N THR K 167 -12.49 11.95 -1.43
CA THR K 167 -12.56 12.90 -2.54
C THR K 167 -12.53 14.36 -2.10
N ILE K 168 -12.61 14.62 -0.80
CA ILE K 168 -12.70 15.97 -0.26
C ILE K 168 -11.34 16.64 -0.36
N VAL K 169 -11.28 17.79 -1.03
CA VAL K 169 -10.08 18.62 -1.05
C VAL K 169 -10.32 19.82 -0.13
N LEU K 170 -9.71 19.77 1.04
CA LEU K 170 -9.84 20.84 2.01
C LEU K 170 -8.49 21.35 2.50
N THR K 171 -7.53 20.46 2.69
CA THR K 171 -6.21 20.80 3.18
C THR K 171 -5.30 21.19 2.02
N GLU K 172 -4.16 21.79 2.36
CA GLU K 172 -3.26 22.34 1.34
C GLU K 172 -2.62 21.24 0.50
N SER K 173 -2.33 20.08 1.10
CA SER K 173 -1.76 18.97 0.35
C SER K 173 -2.75 18.40 -0.64
N SER K 174 -4.05 18.54 -0.39
CA SER K 174 -5.05 18.08 -1.34
C SER K 174 -5.20 19.04 -2.51
N TYR K 175 -5.00 20.35 -2.29
CA TYR K 175 -5.01 21.30 -3.40
C TYR K 175 -3.77 21.17 -4.27
N PHE K 176 -2.62 20.85 -3.67
CA PHE K 176 -1.42 20.62 -4.45
C PHE K 176 -1.49 19.32 -5.24
N GLN K 177 -2.28 18.35 -4.77
CA GLN K 177 -2.48 17.13 -5.53
C GLN K 177 -3.35 17.38 -6.75
N ARG K 178 -4.21 18.39 -6.70
CA ARG K 178 -5.08 18.75 -7.81
C ARG K 178 -4.44 19.74 -8.78
N MET K 179 -3.21 20.19 -8.51
CA MET K 179 -2.52 21.08 -9.43
C MET K 179 -2.11 20.39 -10.72
N ALA K 180 -1.95 19.07 -10.70
CA ALA K 180 -1.55 18.33 -11.89
C ALA K 180 -2.68 18.17 -12.88
N LEU K 181 -3.92 18.50 -12.49
CA LEU K 181 -5.13 18.46 -13.33
C LEU K 181 -5.37 17.06 -13.88
N ASP K 182 -5.15 16.06 -13.03
CA ASP K 182 -5.26 14.66 -13.41
C ASP K 182 -6.48 13.98 -12.80
N ALA K 183 -7.15 14.62 -11.86
CA ALA K 183 -8.34 14.05 -11.24
C ALA K 183 -9.49 14.01 -12.25
N PRO K 184 -10.42 13.07 -12.09
CA PRO K 184 -11.59 12.99 -12.99
C PRO K 184 -12.49 14.22 -12.94
N PRO K 185 -12.66 14.95 -11.82
CA PRO K 185 -13.31 16.26 -11.97
C PRO K 185 -12.47 17.29 -12.69
N ASP K 186 -11.13 17.17 -12.67
CA ASP K 186 -10.30 18.12 -13.39
C ASP K 186 -10.33 17.86 -14.89
N GLN K 187 -10.35 16.59 -15.29
CA GLN K 187 -10.35 16.26 -16.71
C GLN K 187 -11.69 16.55 -17.36
N ARG K 188 -12.78 16.40 -16.60
CA ARG K 188 -14.11 16.68 -17.13
C ARG K 188 -14.36 18.18 -17.26
N LEU K 189 -13.78 18.97 -16.35
CA LEU K 189 -13.96 20.42 -16.40
C LEU K 189 -13.23 21.03 -17.59
N ARG K 190 -12.01 20.58 -17.86
CA ARG K 190 -11.22 21.15 -18.94
C ARG K 190 -11.75 20.80 -20.31
N ALA K 191 -12.49 19.71 -20.45
CA ALA K 191 -13.10 19.38 -21.73
C ALA K 191 -14.43 20.11 -21.94
N ASP K 192 -15.15 20.39 -20.86
CA ASP K 192 -16.38 21.17 -20.97
C ASP K 192 -16.08 22.64 -21.17
N LEU K 193 -14.92 23.10 -20.71
CA LEU K 193 -14.54 24.50 -20.90
C LEU K 193 -14.14 24.77 -22.35
N LEU K 194 -13.79 23.74 -23.11
CA LEU K 194 -13.46 23.89 -24.52
C LEU K 194 -14.67 24.32 -25.36
N ALA K 195 -15.89 24.03 -24.92
CA ALA K 195 -17.04 24.22 -25.78
C ALA K 195 -18.23 24.89 -25.13
N ASN K 196 -18.15 25.33 -23.87
CA ASN K 196 -19.34 25.79 -23.18
C ASN K 196 -19.05 27.07 -22.40
N SER K 197 -20.10 27.87 -22.20
CA SER K 197 -20.05 29.02 -21.31
C SER K 197 -20.39 28.58 -19.90
N PHE K 198 -19.73 29.18 -18.92
CA PHE K 198 -20.01 28.87 -17.53
C PHE K 198 -20.64 30.07 -16.82
N LEU K 199 -21.45 29.78 -15.81
CA LEU K 199 -22.12 30.78 -15.00
C LEU K 199 -21.71 30.57 -13.55
N PHE K 200 -20.86 31.46 -13.05
CA PHE K 200 -20.34 31.36 -11.69
C PHE K 200 -21.31 32.04 -10.74
N ILE K 201 -21.91 31.24 -9.85
CA ILE K 201 -22.88 31.74 -8.87
C ILE K 201 -22.42 31.33 -7.49
N GLY K 202 -22.23 32.30 -6.61
CA GLY K 202 -21.85 32.01 -5.25
C GLY K 202 -20.42 31.59 -5.04
N TYR K 203 -19.57 31.77 -6.05
CA TYR K 203 -18.17 31.36 -5.97
C TYR K 203 -17.30 32.59 -6.23
N SER K 204 -16.25 32.74 -5.43
CA SER K 204 -15.27 33.80 -5.60
C SER K 204 -13.94 33.17 -5.97
N PHE K 205 -13.29 33.72 -7.00
CA PHE K 205 -12.03 33.14 -7.53
C PHE K 205 -10.87 33.36 -6.56
N SER K 206 -10.83 32.59 -5.47
CA SER K 206 -9.76 32.64 -4.50
C SER K 206 -8.86 31.42 -4.54
N ASP K 207 -9.38 30.31 -5.09
CA ASP K 207 -8.58 29.06 -5.20
C ASP K 207 -7.71 29.13 -6.45
N THR K 208 -6.42 28.85 -6.31
CA THR K 208 -5.50 28.92 -7.45
C THR K 208 -5.61 27.70 -8.35
N ASN K 209 -6.42 26.70 -8.00
CA ASN K 209 -6.67 25.60 -8.91
C ASN K 209 -7.71 25.93 -9.96
N ILE K 210 -8.63 26.85 -9.67
CA ILE K 210 -9.58 27.28 -10.68
C ILE K 210 -8.95 28.31 -11.60
N ARG K 211 -8.20 29.27 -11.03
CA ARG K 211 -7.63 30.35 -11.82
C ARG K 211 -6.55 29.85 -12.79
N TYR K 212 -5.93 28.71 -12.48
CA TYR K 212 -4.93 28.10 -13.35
C TYR K 212 -5.55 27.37 -14.54
N ILE K 213 -6.81 26.93 -14.44
CA ILE K 213 -7.44 26.24 -15.55
C ILE K 213 -7.85 27.24 -16.63
N TRP K 214 -8.46 28.36 -16.23
CA TRP K 214 -8.80 29.42 -17.17
C TRP K 214 -7.58 30.14 -17.71
N TYR K 215 -6.45 30.07 -17.01
CA TYR K 215 -5.20 30.58 -17.57
C TYR K 215 -4.77 29.76 -18.79
N ARG K 216 -4.76 28.43 -18.65
CA ARG K 216 -4.26 27.57 -19.71
C ARG K 216 -5.29 27.29 -20.80
N MET K 217 -6.49 27.83 -20.64
CA MET K 217 -7.49 27.73 -21.74
C MET K 217 -7.23 28.95 -22.63
N ASN K 218 -6.79 30.05 -22.01
CA ASN K 218 -6.45 31.27 -22.79
C ASN K 218 -5.16 31.02 -23.56
N GLN K 219 -4.29 30.14 -23.05
CA GLN K 219 -3.06 29.78 -23.80
C GLN K 219 -3.51 29.12 -25.12
N LEU K 220 -4.27 28.03 -25.05
CA LEU K 220 -4.80 27.45 -26.27
C LEU K 220 -5.43 28.51 -27.16
N ARG K 221 -6.00 29.55 -26.57
CA ARG K 221 -6.68 30.58 -27.35
C ARG K 221 -5.70 31.52 -28.02
N GLU K 222 -4.61 31.89 -27.34
CA GLU K 222 -3.65 32.81 -27.93
C GLU K 222 -2.74 32.14 -28.95
N GLN K 223 -2.41 30.86 -28.74
CA GLN K 223 -1.57 30.15 -29.70
C GLN K 223 -2.32 29.77 -30.96
N SER K 224 -3.66 29.75 -30.91
CA SER K 224 -4.46 29.44 -32.09
C SER K 224 -4.58 30.62 -33.05
N GLN K 225 -4.14 31.82 -32.62
CA GLN K 225 -3.99 33.00 -33.47
C GLN K 225 -5.30 33.45 -34.11
N LEU K 226 -6.38 33.42 -33.33
CA LEU K 226 -7.62 34.02 -33.78
C LEU K 226 -7.52 35.54 -33.74
N GLY K 227 -8.49 36.18 -34.39
CA GLY K 227 -8.51 37.63 -34.45
C GLY K 227 -8.97 38.26 -33.16
N VAL K 228 -9.13 39.58 -33.20
CA VAL K 228 -9.65 40.31 -32.06
C VAL K 228 -11.13 40.01 -31.89
N LYS K 229 -11.85 39.84 -33.00
CA LYS K 229 -13.29 39.62 -32.95
C LYS K 229 -13.63 38.20 -32.52
N HIS K 230 -12.92 37.21 -33.02
CA HIS K 230 -13.30 35.82 -32.82
C HIS K 230 -12.76 35.21 -31.53
N SER K 231 -11.67 35.75 -30.99
CA SER K 231 -11.19 35.27 -29.70
C SER K 231 -11.99 35.80 -28.52
N GLN K 232 -12.84 36.81 -28.74
CA GLN K 232 -13.66 37.39 -27.70
C GLN K 232 -15.12 36.98 -27.81
N ALA K 233 -15.42 35.94 -28.59
CA ALA K 233 -16.81 35.61 -28.89
C ALA K 233 -17.46 34.80 -27.78
N ARG K 234 -16.76 33.78 -27.27
CA ARG K 234 -17.31 32.90 -26.25
C ARG K 234 -16.88 33.42 -24.87
N ARG K 235 -17.86 33.85 -24.09
CA ARG K 235 -17.62 34.47 -22.79
C ARG K 235 -18.05 33.53 -21.67
N CYS K 236 -17.59 33.83 -20.46
CA CYS K 236 -18.09 33.23 -19.24
C CYS K 236 -18.62 34.34 -18.34
N PHE K 237 -19.50 33.97 -17.42
CA PHE K 237 -20.24 34.93 -16.62
C PHE K 237 -20.03 34.67 -15.14
N PHE K 238 -19.84 35.76 -14.39
CA PHE K 238 -19.36 35.72 -13.01
C PHE K 238 -20.27 36.63 -12.18
N ALA K 239 -21.34 36.07 -11.64
CA ALA K 239 -22.30 36.83 -10.86
C ALA K 239 -21.78 36.97 -9.43
N THR K 240 -21.62 38.21 -8.97
CA THR K 240 -21.03 38.49 -7.68
C THR K 240 -21.59 39.79 -7.12
N HIS K 241 -22.01 39.76 -5.85
CA HIS K 241 -22.52 40.95 -5.20
C HIS K 241 -21.41 41.94 -4.86
N GLY K 242 -20.22 41.45 -4.55
CA GLY K 242 -19.19 42.28 -3.97
C GLY K 242 -17.84 42.24 -4.66
N ALA K 243 -17.83 42.20 -5.99
CA ALA K 243 -16.57 42.24 -6.72
C ALA K 243 -15.90 43.59 -6.57
N GLY K 244 -14.57 43.56 -6.41
CA GLY K 244 -13.82 44.77 -6.15
C GLY K 244 -13.50 45.57 -7.40
N LEU K 245 -12.29 46.12 -7.46
CA LEU K 245 -11.85 46.92 -8.59
C LEU K 245 -10.73 46.26 -9.39
N VAL K 246 -9.96 45.39 -8.77
CA VAL K 246 -8.85 44.71 -9.45
C VAL K 246 -9.31 43.43 -10.11
N GLN K 247 -10.07 42.61 -9.38
CA GLN K 247 -10.45 41.29 -9.87
C GLN K 247 -11.35 41.25 -11.12
N PRO K 248 -12.29 42.17 -11.37
CA PRO K 248 -12.98 42.11 -12.67
C PRO K 248 -12.09 42.40 -13.88
N ASP K 249 -11.01 43.13 -13.73
CA ASP K 249 -10.12 43.41 -14.85
C ASP K 249 -9.10 42.30 -15.09
N ILE K 250 -8.80 41.49 -14.08
CA ILE K 250 -7.95 40.33 -14.30
C ILE K 250 -8.67 39.29 -15.13
N LEU K 251 -9.99 39.15 -14.92
CA LEU K 251 -10.78 38.13 -15.57
C LEU K 251 -11.23 38.51 -16.98
N GLN K 252 -11.05 39.78 -17.39
CA GLN K 252 -11.31 40.14 -18.78
C GLN K 252 -10.28 39.53 -19.71
N GLN K 253 -9.08 39.23 -19.19
CA GLN K 253 -8.08 38.47 -19.94
C GLN K 253 -8.59 37.08 -20.28
N TRP K 254 -9.41 36.50 -19.43
CA TRP K 254 -9.75 35.08 -19.49
C TRP K 254 -11.16 34.86 -20.02
N ASN K 255 -11.74 35.87 -20.69
CA ASN K 255 -13.10 35.87 -21.22
C ASN K 255 -14.14 35.55 -20.14
N ILE K 256 -14.06 36.28 -19.04
CA ILE K 256 -15.00 36.13 -17.93
C ILE K 256 -15.63 37.50 -17.68
N ASP K 257 -16.93 37.59 -17.88
CA ASP K 257 -17.67 38.82 -17.63
C ASP K 257 -18.29 38.80 -16.24
N VAL K 258 -18.36 39.97 -15.62
CA VAL K 258 -18.86 40.11 -14.26
C VAL K 258 -20.27 40.65 -14.31
N ILE K 259 -21.18 39.98 -13.61
CA ILE K 259 -22.57 40.41 -13.47
C ILE K 259 -22.74 40.95 -12.07
N GLN K 260 -22.96 42.25 -11.95
CA GLN K 260 -23.13 42.89 -10.65
C GLN K 260 -24.55 42.68 -10.15
N LEU K 261 -24.69 41.97 -9.03
CA LEU K 261 -25.97 41.74 -8.41
C LEU K 261 -26.19 42.72 -7.27
N ASP K 262 -27.45 42.88 -6.89
CA ASP K 262 -27.80 43.86 -5.86
C ASP K 262 -27.42 43.33 -4.48
N PRO K 263 -26.54 44.01 -3.75
CA PRO K 263 -26.02 43.47 -2.49
C PRO K 263 -26.93 43.67 -1.29
N THR K 264 -28.11 44.26 -1.45
CA THR K 264 -28.99 44.47 -0.30
C THR K 264 -29.60 43.16 0.16
N ASP K 265 -30.23 42.42 -0.76
CA ASP K 265 -30.75 41.09 -0.49
C ASP K 265 -30.01 40.14 -1.43
N LYS K 266 -29.06 39.38 -0.87
CA LYS K 266 -28.22 38.53 -1.70
C LYS K 266 -28.97 37.30 -2.19
N SER K 267 -30.01 36.87 -1.49
CA SER K 267 -30.74 35.68 -1.88
C SER K 267 -31.68 35.97 -3.05
N ALA K 268 -32.35 37.12 -3.04
CA ALA K 268 -33.31 37.46 -4.08
C ALA K 268 -32.65 37.92 -5.36
N SER K 269 -31.42 38.44 -5.29
CA SER K 269 -30.72 38.89 -6.49
C SER K 269 -30.30 37.72 -7.35
N VAL K 270 -29.90 36.62 -6.71
CA VAL K 270 -29.52 35.42 -7.46
C VAL K 270 -30.75 34.75 -8.05
N ALA K 271 -31.86 34.75 -7.31
CA ALA K 271 -33.08 34.11 -7.77
C ALA K 271 -33.69 34.83 -8.97
N ARG K 272 -33.54 36.15 -9.05
CA ARG K 272 -33.99 36.87 -10.23
C ARG K 272 -33.09 36.62 -11.44
N LEU K 273 -31.84 36.24 -11.21
CA LEU K 273 -30.97 35.89 -12.33
C LEU K 273 -31.35 34.54 -12.92
N LEU K 274 -31.64 33.55 -12.06
CA LEU K 274 -31.99 32.23 -12.54
C LEU K 274 -33.39 32.18 -13.16
N GLU K 275 -34.28 33.09 -12.75
CA GLU K 275 -35.59 33.16 -13.38
C GLU K 275 -35.55 33.95 -14.68
N SER K 276 -34.54 34.79 -14.89
CA SER K 276 -34.38 35.50 -16.14
C SER K 276 -33.81 34.63 -17.25
N ILE K 277 -33.20 33.50 -16.90
CA ILE K 277 -32.73 32.57 -17.91
C ILE K 277 -33.90 31.81 -18.52
N ALA K 278 -34.90 31.49 -17.71
CA ALA K 278 -36.10 30.81 -18.17
C ALA K 278 -36.94 31.71 -19.07
N THR L 2 10.62 22.74 19.37
CA THR L 2 9.94 22.62 18.09
C THR L 2 10.58 23.53 17.05
N THR L 3 11.59 24.30 17.47
CA THR L 3 12.25 25.25 16.59
C THR L 3 13.70 25.38 17.02
N LEU L 4 14.61 25.22 16.08
CA LEU L 4 16.04 25.31 16.36
C LEU L 4 16.43 26.75 16.67
N THR L 5 17.41 26.90 17.55
CA THR L 5 18.01 28.19 17.84
C THR L 5 19.27 28.35 16.99
N LEU L 6 20.01 29.43 17.23
CA LEU L 6 21.21 29.69 16.44
C LEU L 6 22.35 28.76 16.84
N SER L 7 22.51 28.50 18.14
CA SER L 7 23.60 27.64 18.59
C SER L 7 23.32 26.17 18.31
N GLU L 8 22.05 25.77 18.25
CA GLU L 8 21.72 24.38 17.96
C GLU L 8 21.89 24.06 16.48
N ALA L 9 21.52 24.99 15.60
CA ALA L 9 21.59 24.75 14.17
C ALA L 9 22.97 25.00 13.59
N ALA L 10 23.88 25.61 14.34
CA ALA L 10 25.23 25.89 13.86
C ALA L 10 26.09 24.66 13.58
N PRO L 11 26.13 23.59 14.41
CA PRO L 11 26.88 22.40 13.97
C PRO L 11 26.19 21.60 12.87
N LEU L 12 24.87 21.76 12.70
CA LEU L 12 24.19 21.08 11.62
C LEU L 12 24.49 21.74 10.27
N LEU L 13 24.77 23.04 10.27
CA LEU L 13 25.13 23.73 9.05
C LEU L 13 26.60 23.59 8.71
N LYS L 14 27.46 23.34 9.70
CA LYS L 14 28.87 23.10 9.40
C LYS L 14 29.07 21.77 8.69
N LYS L 15 28.27 20.76 9.03
CA LYS L 15 28.45 19.44 8.46
C LYS L 15 28.02 19.40 7.00
N GLU L 16 26.93 20.07 6.66
CA GLU L 16 26.48 20.12 5.28
C GLU L 16 27.35 21.03 4.43
N PHE L 17 28.02 22.01 5.04
CA PHE L 17 28.86 22.91 4.25
C PHE L 17 30.21 22.31 3.93
N ARG L 18 30.82 21.58 4.87
CA ARG L 18 32.12 20.97 4.60
C ARG L 18 32.00 19.77 3.67
N GLU L 19 30.81 19.21 3.52
CA GLU L 19 30.56 18.21 2.49
C GLU L 19 30.20 18.82 1.15
N GLY L 20 29.98 20.13 1.10
CA GLY L 20 29.61 20.78 -0.15
C GLY L 20 28.18 20.55 -0.57
N ARG L 21 27.27 20.34 0.37
CA ARG L 21 25.90 19.97 0.08
C ARG L 21 24.91 20.96 0.69
N LEU L 22 25.35 22.19 0.91
CA LEU L 22 24.51 23.26 1.43
C LEU L 22 24.46 24.37 0.40
N ILE L 23 23.25 24.84 0.08
CA ILE L 23 23.04 25.84 -0.94
C ILE L 23 22.13 26.95 -0.38
N PRO L 24 22.56 28.22 -0.40
CA PRO L 24 21.70 29.28 0.14
C PRO L 24 20.56 29.60 -0.82
N PHE L 25 19.39 29.86 -0.26
CA PHE L 25 18.23 30.35 -1.00
C PHE L 25 17.90 31.72 -0.42
N LEU L 26 18.18 32.78 -1.17
CA LEU L 26 18.04 34.14 -0.66
C LEU L 26 16.76 34.77 -1.21
N GLY L 27 16.10 35.58 -0.38
CA GLY L 27 14.86 36.20 -0.73
C GLY L 27 14.98 37.70 -0.87
N ALA L 28 13.81 38.37 -0.81
CA ALA L 28 13.78 39.82 -0.91
C ALA L 28 14.27 40.47 0.37
N GLY L 29 14.15 39.79 1.50
CA GLY L 29 14.57 40.36 2.77
C GLY L 29 16.06 40.44 2.97
N PHE L 30 16.85 39.80 2.10
CA PHE L 30 18.30 39.88 2.18
C PHE L 30 18.83 41.23 1.73
N SER L 31 18.03 42.02 1.04
CA SER L 31 18.44 43.34 0.56
C SER L 31 17.80 44.48 1.33
N LYS L 32 17.19 44.20 2.48
CA LYS L 32 16.58 45.22 3.34
C LYS L 32 17.57 46.18 4.03
N PRO L 33 18.79 45.79 4.44
CA PRO L 33 19.74 46.83 4.89
C PRO L 33 20.27 47.71 3.78
N LEU L 34 20.01 47.40 2.52
CA LEU L 34 20.35 48.27 1.40
C LEU L 34 19.30 49.33 1.15
N LYS L 35 18.30 49.45 2.04
CA LYS L 35 17.20 50.41 1.96
C LYS L 35 16.40 50.23 0.68
N LEU L 36 16.15 49.00 0.33
CA LEU L 36 15.37 48.70 -0.86
C LEU L 36 13.94 48.33 -0.47
N PRO L 37 12.97 48.61 -1.34
CA PRO L 37 11.59 48.20 -1.07
C PRO L 37 11.44 46.69 -1.08
N ASP L 38 10.58 46.20 -0.19
CA ASP L 38 10.16 44.80 -0.20
C ASP L 38 8.88 44.70 -1.04
N GLY L 39 8.16 43.58 -0.91
CA GLY L 39 6.92 43.38 -1.63
C GLY L 39 5.78 44.28 -1.21
N SER L 40 5.91 44.99 -0.09
CA SER L 40 4.86 45.90 0.35
C SER L 40 5.07 47.33 -0.14
N GLN L 41 6.32 47.80 -0.23
CA GLN L 41 6.56 49.14 -0.73
C GLN L 41 6.54 49.24 -2.26
N LEU L 42 6.61 48.12 -2.97
CA LEU L 42 6.34 48.17 -4.41
C LEU L 42 4.87 48.45 -4.67
N ILE L 43 3.98 47.79 -3.91
CA ILE L 43 2.54 47.99 -4.04
C ILE L 43 2.15 49.41 -3.65
N ALA L 44 2.88 50.00 -2.69
CA ALA L 44 2.66 51.40 -2.37
C ALA L 44 3.11 52.32 -3.48
N SER L 45 4.06 51.88 -4.31
CA SER L 45 4.49 52.65 -5.46
C SER L 45 3.64 52.38 -6.70
N LEU L 46 3.08 51.17 -6.82
CA LEU L 46 2.18 50.91 -7.93
C LEU L 46 0.84 51.60 -7.74
N ALA L 47 0.41 51.77 -6.49
CA ALA L 47 -0.85 52.45 -6.22
C ALA L 47 -0.75 53.94 -6.47
N LYS L 48 0.44 54.52 -6.31
CA LYS L 48 0.63 55.94 -6.57
C LYS L 48 0.55 56.24 -8.06
N THR L 49 1.04 55.34 -8.90
CA THR L 49 0.98 55.53 -10.34
C THR L 49 -0.45 55.36 -10.86
N LEU L 50 -1.17 54.36 -10.35
CA LEU L 50 -2.51 54.07 -10.82
C LEU L 50 -3.57 55.01 -10.24
N GLY L 51 -3.21 55.83 -9.25
CA GLY L 51 -4.18 56.72 -8.65
C GLY L 51 -4.91 56.16 -7.46
N PHE L 52 -4.49 55.02 -6.94
CA PHE L 52 -5.07 54.43 -5.75
C PHE L 52 -4.42 54.98 -4.49
N GLU L 53 -5.12 54.83 -3.38
CA GLU L 53 -4.49 54.98 -2.07
C GLU L 53 -3.83 53.65 -1.71
N PRO L 54 -2.65 53.66 -1.07
CA PRO L 54 -1.91 52.41 -0.85
C PRO L 54 -2.60 51.44 0.10
N GLU L 55 -3.45 51.95 1.00
CA GLU L 55 -4.18 51.07 1.89
C GLU L 55 -5.41 50.48 1.22
N LEU L 56 -6.02 51.22 0.30
CA LEU L 56 -7.18 50.70 -0.42
C LEU L 56 -6.77 49.74 -1.53
N PHE L 57 -5.60 49.95 -2.13
CA PHE L 57 -5.16 49.11 -3.23
C PHE L 57 -4.73 47.73 -2.75
N ASP L 58 -4.29 47.65 -1.50
CA ASP L 58 -3.74 46.37 -0.97
C ASP L 58 -4.87 45.39 -0.62
N MET L 59 -6.12 45.88 -0.56
CA MET L 59 -7.24 45.00 -0.14
C MET L 59 -7.95 44.43 -1.36
N HIS L 60 -7.42 44.65 -2.56
CA HIS L 60 -8.12 44.21 -3.80
C HIS L 60 -7.51 42.91 -4.33
N GLY L 61 -6.49 42.37 -3.66
CA GLY L 61 -5.94 41.08 -4.09
C GLY L 61 -4.54 40.82 -3.53
N ARG L 62 -3.94 39.68 -3.90
CA ARG L 62 -2.61 39.33 -3.43
C ARG L 62 -1.55 40.13 -4.20
N PHE L 63 -0.29 39.90 -3.85
CA PHE L 63 0.83 40.60 -4.49
C PHE L 63 0.94 40.22 -5.96
N GLU L 64 0.66 38.97 -6.29
CA GLU L 64 0.72 38.52 -7.69
C GLU L 64 -0.38 39.15 -8.52
N GLN L 65 -1.54 39.40 -7.92
CA GLN L 65 -2.70 39.88 -8.65
C GLN L 65 -2.71 41.40 -8.81
N LEU L 66 -2.10 42.13 -7.88
CA LEU L 66 -2.02 43.57 -8.02
C LEU L 66 -0.99 44.00 -9.05
N ALA L 67 0.05 43.19 -9.24
CA ALA L 67 1.03 43.48 -10.29
C ALA L 67 0.50 43.12 -11.67
N GLU L 68 -0.37 42.11 -11.75
CA GLU L 68 -1.04 41.80 -13.00
C GLU L 68 -2.00 42.91 -13.41
N PHE L 69 -2.66 43.54 -12.43
CA PHE L 69 -3.53 44.68 -12.71
C PHE L 69 -2.74 45.90 -13.15
N PHE L 70 -1.52 46.05 -12.64
CA PHE L 70 -0.69 47.19 -13.03
C PHE L 70 -0.20 47.04 -14.47
N ALA L 71 0.16 45.82 -14.87
CA ALA L 71 0.80 45.62 -16.16
C ALA L 71 -0.17 45.75 -17.33
N ILE L 72 -1.47 45.66 -17.09
CA ILE L 72 -2.47 45.74 -18.15
C ILE L 72 -3.27 47.02 -18.07
N SER L 73 -2.85 47.98 -17.25
CA SER L 73 -3.57 49.25 -17.17
C SER L 73 -3.30 50.12 -18.38
N ALA L 74 -2.11 49.99 -18.98
CA ALA L 74 -1.72 50.79 -20.12
C ALA L 74 -0.66 50.01 -20.88
N PRO L 75 -0.47 50.29 -22.18
CA PRO L 75 0.64 49.67 -22.89
C PRO L 75 1.98 50.18 -22.39
N ASN L 76 2.98 49.29 -22.42
CA ASN L 76 4.36 49.55 -22.00
C ASN L 76 4.44 49.99 -20.55
N ARG L 77 3.51 49.52 -19.72
CA ARG L 77 3.51 49.90 -18.31
C ARG L 77 4.43 49.01 -17.49
N LEU L 78 4.57 47.75 -17.88
CA LEU L 78 5.46 46.80 -17.14
C LEU L 78 6.92 47.16 -17.41
N GLN L 79 7.26 47.51 -18.66
CA GLN L 79 8.65 47.85 -19.03
C GLN L 79 9.12 49.06 -18.22
N ARG L 80 8.24 50.05 -18.06
CA ARG L 80 8.60 51.27 -17.28
C ARG L 80 8.95 50.88 -15.85
N LEU L 81 8.18 49.96 -15.26
CA LEU L 81 8.43 49.52 -13.87
C LEU L 81 9.84 48.94 -13.77
N VAL L 82 10.21 48.07 -14.72
CA VAL L 82 11.56 47.43 -14.70
C VAL L 82 12.62 48.54 -14.76
N TYR L 83 12.42 49.53 -15.64
CA TYR L 83 13.39 50.65 -15.78
C TYR L 83 13.50 51.39 -14.45
N GLU L 84 12.36 51.70 -13.82
CA GLU L 84 12.36 52.44 -12.53
C GLU L 84 13.04 51.59 -11.46
N MET L 85 12.73 50.29 -11.42
CA MET L 85 13.32 49.38 -10.39
C MET L 85 14.84 49.37 -10.56
N SER L 86 15.31 49.33 -11.80
CA SER L 86 16.78 49.35 -12.07
C SER L 86 17.39 50.61 -11.45
N LEU L 87 16.75 51.78 -11.63
CA LEU L 87 17.30 53.01 -11.11
C LEU L 87 17.39 53.03 -9.59
N SER L 88 16.52 52.28 -8.90
CA SER L 88 16.45 52.33 -7.45
C SER L 88 17.07 51.12 -6.76
N PHE L 89 17.07 49.94 -7.38
CA PHE L 89 17.62 48.77 -6.73
C PHE L 89 19.13 48.69 -6.92
N ASP L 90 19.60 48.92 -8.14
CA ASP L 90 21.02 48.81 -8.48
C ASP L 90 21.68 50.16 -8.62
N SER L 91 21.28 51.13 -7.80
CA SER L 91 21.87 52.46 -7.85
C SER L 91 23.25 52.46 -7.21
N ALA L 92 23.93 53.61 -7.30
CA ALA L 92 25.28 53.71 -6.77
C ALA L 92 25.29 53.79 -5.25
N GLU L 93 24.26 54.41 -4.66
CA GLU L 93 24.19 54.47 -3.20
C GLU L 93 23.76 53.15 -2.58
N ALA L 94 23.12 52.28 -3.35
CA ALA L 94 22.85 50.92 -2.87
C ALA L 94 24.07 50.04 -2.96
N GLU L 95 24.99 50.32 -3.89
CA GLU L 95 26.25 49.59 -3.93
C GLU L 95 27.17 50.02 -2.79
N ALA L 96 27.09 51.28 -2.39
CA ALA L 96 27.96 51.79 -1.34
C ALA L 96 27.56 51.26 0.04
N LEU L 97 26.28 50.97 0.22
CA LEU L 97 25.82 50.33 1.46
C LEU L 97 26.08 48.84 1.46
N ARG L 98 26.58 48.27 0.37
CA ARG L 98 26.72 46.84 0.20
C ARG L 98 28.09 46.31 0.58
N GLU L 99 29.14 47.14 0.51
CA GLU L 99 30.44 46.69 1.00
C GLU L 99 30.49 46.73 2.52
N LYS L 100 29.83 47.69 3.13
CA LYS L 100 29.81 47.84 4.58
C LYS L 100 28.69 47.07 5.24
N SER L 101 27.96 46.25 4.49
CA SER L 101 26.91 45.42 5.06
C SER L 101 27.51 44.14 5.62
N PRO L 102 27.27 43.82 6.90
CA PRO L 102 27.88 42.62 7.49
C PRO L 102 27.31 41.31 6.97
N MET L 103 26.09 41.31 6.42
CA MET L 103 25.56 40.06 5.86
C MET L 103 26.21 39.72 4.54
N HIS L 104 26.44 40.73 3.70
CA HIS L 104 27.01 40.51 2.39
C HIS L 104 28.50 40.21 2.48
N ARG L 105 29.17 40.67 3.54
CA ARG L 105 30.54 40.26 3.78
C ARG L 105 30.61 38.82 4.26
N ALA L 106 29.71 38.44 5.16
CA ALA L 106 29.69 37.08 5.70
C ALA L 106 29.19 36.07 4.69
N LEU L 107 28.38 36.48 3.72
CA LEU L 107 27.96 35.56 2.67
C LEU L 107 29.10 35.26 1.71
N ALA L 108 29.85 36.28 1.32
CA ALA L 108 30.92 36.11 0.36
C ALA L 108 32.19 35.52 0.96
N ALA L 109 32.28 35.47 2.29
CA ALA L 109 33.45 34.87 2.93
C ALA L 109 33.45 33.36 2.80
N LEU L 110 32.29 32.75 2.61
CA LEU L 110 32.19 31.31 2.44
C LEU L 110 32.36 30.93 0.98
N ASP L 111 32.88 29.73 0.75
CA ASP L 111 33.20 29.27 -0.59
C ASP L 111 32.02 28.44 -1.10
N TRP L 112 31.01 29.14 -1.60
CA TRP L 112 29.82 28.47 -2.12
C TRP L 112 30.08 28.02 -3.56
N ARG L 113 29.17 27.17 -4.04
CA ARG L 113 29.17 26.76 -5.44
C ARG L 113 27.90 27.12 -6.18
N THR L 114 26.78 27.23 -5.48
CA THR L 114 25.50 27.58 -6.11
C THR L 114 24.71 28.43 -5.12
N ILE L 115 24.16 29.55 -5.59
CA ILE L 115 23.31 30.42 -4.79
C ILE L 115 22.04 30.70 -5.58
N TYR L 116 20.89 30.41 -4.98
CA TYR L 116 19.60 30.74 -5.56
C TYR L 116 19.06 32.00 -4.92
N THR L 117 18.56 32.92 -5.76
CA THR L 117 18.03 34.22 -5.24
C THR L 117 16.71 34.56 -5.94
N THR L 118 15.79 35.24 -5.24
CA THR L 118 14.51 35.64 -5.85
C THR L 118 14.39 37.17 -5.83
N ALA L 119 15.52 37.88 -5.63
CA ALA L 119 15.50 39.36 -5.56
C ALA L 119 15.98 39.94 -6.89
N TYR L 120 15.31 40.99 -7.39
CA TYR L 120 15.68 41.61 -8.69
C TYR L 120 16.76 42.66 -8.47
N ASP L 121 18.02 42.22 -8.29
CA ASP L 121 19.14 43.17 -8.09
C ASP L 121 20.48 42.43 -8.20
N LYS L 122 21.58 43.16 -8.40
CA LYS L 122 22.89 42.54 -8.48
C LYS L 122 23.69 42.71 -7.18
N HIS L 123 23.05 42.42 -6.05
CA HIS L 123 23.71 42.61 -4.77
C HIS L 123 24.08 41.30 -4.08
N VAL L 124 23.77 40.16 -4.68
CA VAL L 124 24.24 38.88 -4.20
C VAL L 124 25.49 38.44 -4.93
N GLU L 125 25.48 38.50 -6.26
CA GLU L 125 26.71 38.29 -7.00
C GLU L 125 27.64 39.50 -6.87
N GLY L 126 27.08 40.68 -6.64
CA GLY L 126 27.92 41.86 -6.44
C GLY L 126 28.66 41.83 -5.11
N ALA L 127 28.12 41.12 -4.12
CA ALA L 127 28.87 40.90 -2.89
C ALA L 127 30.03 39.95 -3.12
N LEU L 128 29.91 39.03 -4.07
CA LEU L 128 31.00 38.11 -4.38
C LEU L 128 32.12 38.81 -5.14
N ARG L 129 31.79 39.77 -5.99
CA ARG L 129 32.82 40.56 -6.67
C ARG L 129 33.56 41.48 -5.70
N ASP L 130 32.92 41.88 -4.60
CA ASP L 130 33.57 42.75 -3.63
C ASP L 130 34.63 42.01 -2.82
N ALA L 131 34.46 40.69 -2.64
CA ALA L 131 35.40 39.89 -1.88
C ALA L 131 36.50 39.29 -2.74
N GLY L 132 36.67 39.78 -3.96
CA GLY L 132 37.67 39.26 -4.87
C GLY L 132 37.24 38.05 -5.67
N LYS L 133 36.15 37.38 -5.28
CA LYS L 133 35.67 36.22 -6.00
C LYS L 133 34.92 36.66 -7.25
N GLN L 134 34.61 35.68 -8.10
CA GLN L 134 33.85 35.93 -9.31
C GLN L 134 32.64 35.01 -9.35
N ALA L 135 31.55 35.52 -9.91
CA ALA L 135 30.28 34.82 -9.95
C ALA L 135 29.80 34.70 -11.39
N ALA L 136 28.72 33.94 -11.57
CA ALA L 136 28.15 33.70 -12.88
C ALA L 136 26.63 33.75 -12.76
N VAL L 137 26.03 34.81 -13.27
CA VAL L 137 24.59 34.98 -13.20
C VAL L 137 23.94 34.10 -14.26
N LEU L 138 23.02 33.23 -13.84
CA LEU L 138 22.31 32.36 -14.75
C LEU L 138 20.81 32.60 -14.53
N ALA L 139 20.17 33.21 -15.52
CA ALA L 139 18.75 33.54 -15.40
C ALA L 139 17.92 33.02 -16.54
N SER L 140 18.44 33.04 -17.76
CA SER L 140 17.71 32.61 -18.95
C SER L 140 18.36 31.38 -19.54
N PHE L 141 17.75 30.88 -20.62
CA PHE L 141 18.28 29.69 -21.30
C PHE L 141 19.63 29.97 -21.96
N ALA L 142 19.85 31.18 -22.46
CA ALA L 142 21.11 31.53 -23.08
C ALA L 142 22.25 31.63 -22.08
N ASP L 143 21.95 31.86 -20.81
CA ASP L 143 22.99 31.92 -19.79
C ASP L 143 23.51 30.53 -19.46
N PHE L 144 22.61 29.55 -19.34
CA PHE L 144 23.03 28.17 -19.08
C PHE L 144 23.80 27.59 -20.25
N GLN L 145 23.42 27.91 -21.48
CA GLN L 145 24.16 27.44 -22.65
C GLN L 145 25.47 28.17 -22.86
N GLY L 146 25.62 29.38 -22.33
CA GLY L 146 26.79 30.18 -22.58
C GLY L 146 28.02 29.72 -21.82
N PRO L 147 29.16 30.34 -22.11
CA PRO L 147 30.41 29.90 -21.47
C PRO L 147 30.62 30.51 -20.10
N ARG L 148 31.17 29.67 -19.21
CA ARG L 148 31.55 30.12 -17.86
C ARG L 148 32.93 29.54 -17.61
N ALA L 149 33.57 29.87 -16.50
CA ALA L 149 34.93 29.35 -16.17
C ALA L 149 34.77 27.96 -15.55
N ARG L 150 35.87 27.25 -15.32
CA ARG L 150 35.78 25.84 -14.82
C ARG L 150 35.06 25.82 -13.46
N ASP L 151 35.51 26.61 -12.50
CA ASP L 151 34.92 26.58 -11.14
C ASP L 151 34.56 28.00 -10.70
N VAL L 152 33.28 28.38 -10.79
CA VAL L 152 32.82 29.73 -10.41
C VAL L 152 31.44 29.60 -9.77
N CYS L 153 31.26 30.16 -8.56
CA CYS L 153 29.95 30.11 -7.92
C CYS L 153 28.86 30.60 -8.88
N GLU L 154 27.91 29.73 -9.17
CA GLU L 154 26.83 30.05 -10.09
C GLU L 154 25.66 30.62 -9.31
N VAL L 155 25.32 31.88 -9.59
CA VAL L 155 24.19 32.54 -8.94
C VAL L 155 22.98 32.35 -9.84
N ILE L 156 22.01 31.56 -9.37
CA ILE L 156 20.81 31.25 -10.14
C ILE L 156 19.74 32.27 -9.77
N LYS L 157 19.43 33.16 -10.69
CA LYS L 157 18.34 34.11 -10.50
C LYS L 157 17.03 33.38 -10.76
N PHE L 158 16.40 32.91 -9.68
CA PHE L 158 15.18 32.12 -9.80
C PHE L 158 13.99 32.98 -10.24
N ALA L 159 14.00 34.28 -9.95
CA ALA L 159 12.91 35.14 -10.35
C ALA L 159 13.20 35.99 -11.57
N GLY L 160 14.47 36.10 -11.98
CA GLY L 160 14.85 36.93 -13.10
C GLY L 160 15.79 38.03 -12.67
N THR L 161 16.29 38.74 -13.69
CA THR L 161 17.26 39.80 -13.48
C THR L 161 16.78 41.04 -14.21
N LEU L 162 17.20 42.21 -13.73
CA LEU L 162 16.75 43.46 -14.33
C LEU L 162 17.40 43.76 -15.67
N ASP L 163 18.55 43.16 -15.98
CA ASP L 163 19.17 43.39 -17.28
C ASP L 163 18.58 42.49 -18.36
N GLN L 164 17.74 41.53 -18.00
CA GLN L 164 17.00 40.70 -18.94
C GLN L 164 15.54 40.78 -18.52
N PRO L 165 14.79 41.77 -19.00
CA PRO L 165 13.43 42.00 -18.49
C PRO L 165 12.42 40.94 -18.89
N ASP L 166 12.76 40.04 -19.82
CA ASP L 166 11.84 38.96 -20.16
C ASP L 166 11.83 37.85 -19.13
N THR L 167 12.83 37.78 -18.26
CA THR L 167 12.93 36.72 -17.27
C THR L 167 12.26 37.05 -15.95
N ILE L 168 11.79 38.28 -15.78
CA ILE L 168 11.22 38.74 -14.51
C ILE L 168 9.83 38.15 -14.34
N VAL L 169 9.60 37.44 -13.24
CA VAL L 169 8.28 36.97 -12.87
C VAL L 169 7.76 37.85 -11.74
N LEU L 170 6.84 38.72 -12.08
CA LEU L 170 6.25 39.63 -11.10
C LEU L 170 4.72 39.60 -11.14
N THR L 171 4.13 39.48 -12.32
CA THR L 171 2.69 39.47 -12.48
C THR L 171 2.16 38.05 -12.33
N GLU L 172 0.83 37.93 -12.20
CA GLU L 172 0.21 36.64 -11.92
C GLU L 172 0.32 35.69 -13.10
N SER L 173 0.27 36.21 -14.33
CA SER L 173 0.41 35.38 -15.51
C SER L 173 1.82 34.81 -15.64
N SER L 174 2.81 35.49 -15.08
CA SER L 174 4.16 34.98 -15.08
C SER L 174 4.36 33.88 -14.05
N TYR L 175 3.66 33.95 -12.91
CA TYR L 175 3.72 32.87 -11.94
C TYR L 175 2.98 31.63 -12.42
N PHE L 176 1.88 31.81 -13.16
CA PHE L 176 1.18 30.66 -13.72
C PHE L 176 1.97 30.02 -14.85
N GLN L 177 2.83 30.79 -15.52
CA GLN L 177 3.68 30.21 -16.55
C GLN L 177 4.78 29.35 -15.92
N ARG L 178 5.16 29.65 -14.67
CA ARG L 178 6.17 28.89 -13.95
C ARG L 178 5.60 27.72 -13.18
N MET L 179 4.27 27.51 -13.20
CA MET L 179 3.68 26.37 -12.54
C MET L 179 4.00 25.05 -13.22
N ALA L 180 4.31 25.08 -14.52
CA ALA L 180 4.63 23.87 -15.26
C ALA L 180 6.02 23.33 -14.95
N LEU L 181 6.84 24.12 -14.24
CA LEU L 181 8.19 23.74 -13.80
C LEU L 181 9.09 23.39 -14.99
N ASP L 182 8.96 24.17 -16.06
CA ASP L 182 9.67 23.92 -17.31
C ASP L 182 10.76 24.94 -17.58
N ALA L 183 10.80 26.02 -16.81
CA ALA L 183 11.82 27.04 -16.98
C ALA L 183 13.19 26.51 -16.56
N PRO L 184 14.27 27.02 -17.13
CA PRO L 184 15.62 26.59 -16.73
C PRO L 184 15.98 26.88 -15.26
N PRO L 185 15.47 27.95 -14.62
CA PRO L 185 15.64 27.97 -13.15
C PRO L 185 14.79 26.94 -12.42
N ASP L 186 13.67 26.51 -12.99
CA ASP L 186 12.85 25.50 -12.34
C ASP L 186 13.48 24.12 -12.46
N GLN L 187 14.07 23.81 -13.61
CA GLN L 187 14.68 22.50 -13.82
C GLN L 187 15.98 22.35 -13.03
N ARG L 188 16.71 23.44 -12.86
CA ARG L 188 17.96 23.39 -12.10
C ARG L 188 17.70 23.28 -10.61
N LEU L 189 16.60 23.88 -10.13
CA LEU L 189 16.28 23.82 -8.71
C LEU L 189 15.83 22.43 -8.29
N ARG L 190 15.02 21.78 -9.12
CA ARG L 190 14.49 20.47 -8.77
C ARG L 190 15.56 19.38 -8.81
N ALA L 191 16.62 19.56 -9.56
CA ALA L 191 17.70 18.59 -9.56
C ALA L 191 18.68 18.81 -8.42
N ASP L 192 18.85 20.07 -7.99
CA ASP L 192 19.68 20.34 -6.83
C ASP L 192 18.98 19.99 -5.53
N LEU L 193 17.65 19.98 -5.53
CA LEU L 193 16.90 19.60 -4.34
C LEU L 193 16.95 18.10 -4.12
N LEU L 194 17.27 17.31 -5.15
CA LEU L 194 17.41 15.87 -5.01
C LEU L 194 18.59 15.48 -4.13
N ALA L 195 19.61 16.32 -4.02
CA ALA L 195 20.85 15.90 -3.38
C ALA L 195 21.44 16.90 -2.38
N ASN L 196 20.79 18.02 -2.11
CA ASN L 196 21.42 19.07 -1.32
C ASN L 196 20.46 19.63 -0.29
N SER L 197 21.03 20.12 0.82
CA SER L 197 20.29 20.89 1.81
C SER L 197 20.26 22.35 1.40
N PHE L 198 19.14 23.02 1.68
CA PHE L 198 19.01 24.43 1.38
C PHE L 198 18.90 25.24 2.66
N LEU L 199 19.36 26.49 2.58
CA LEU L 199 19.32 27.42 3.69
C LEU L 199 18.54 28.65 3.25
N PHE L 200 17.32 28.78 3.76
CA PHE L 200 16.43 29.88 3.37
C PHE L 200 16.72 31.08 4.26
N ILE L 201 17.21 32.16 3.67
CA ILE L 201 17.56 33.37 4.38
C ILE L 201 16.83 34.54 3.74
N GLY L 202 16.02 35.25 4.52
CA GLY L 202 15.32 36.41 4.02
C GLY L 202 14.16 36.12 3.12
N TYR L 203 13.70 34.87 3.06
CA TYR L 203 12.59 34.49 2.21
C TYR L 203 11.48 33.89 3.07
N SER L 204 10.24 34.27 2.79
CA SER L 204 9.08 33.71 3.45
C SER L 204 8.26 32.94 2.44
N PHE L 205 7.86 31.72 2.81
CA PHE L 205 7.14 30.81 1.88
C PHE L 205 5.72 31.31 1.61
N SER L 206 5.58 32.35 0.79
CA SER L 206 4.29 32.89 0.40
C SER L 206 3.94 32.61 -1.05
N ASP L 207 4.97 32.33 -1.87
CA ASP L 207 4.75 32.02 -3.30
C ASP L 207 4.39 30.54 -3.44
N THR L 208 3.31 30.23 -4.16
CA THR L 208 2.88 28.85 -4.33
C THR L 208 3.70 28.10 -5.37
N ASN L 209 4.64 28.77 -6.04
CA ASN L 209 5.55 28.05 -6.93
C ASN L 209 6.71 27.41 -6.18
N ILE L 210 7.09 27.97 -5.02
CA ILE L 210 8.12 27.32 -4.21
C ILE L 210 7.52 26.19 -3.39
N ARG L 211 6.35 26.41 -2.80
CA ARG L 211 5.73 25.41 -1.92
C ARG L 211 5.29 24.16 -2.69
N TYR L 212 5.05 24.29 -3.99
CA TYR L 212 4.69 23.17 -4.84
C TYR L 212 5.89 22.31 -5.22
N ILE L 213 7.10 22.86 -5.22
CA ILE L 213 8.29 22.07 -5.55
C ILE L 213 8.65 21.15 -4.40
N TRP L 214 8.65 21.67 -3.17
CA TRP L 214 8.90 20.86 -1.98
C TRP L 214 7.77 19.89 -1.69
N TYR L 215 6.57 20.16 -2.20
CA TYR L 215 5.51 19.18 -2.11
C TYR L 215 5.83 17.93 -2.93
N ARG L 216 6.22 18.12 -4.19
CA ARG L 216 6.45 17.01 -5.10
C ARG L 216 7.82 16.35 -4.91
N MET L 217 8.63 16.89 -4.01
CA MET L 217 9.91 16.21 -3.68
C MET L 217 9.59 15.24 -2.55
N ASN L 218 8.61 15.59 -1.71
CA ASN L 218 8.18 14.71 -0.60
C ASN L 218 7.37 13.54 -1.19
N GLN L 219 6.70 13.77 -2.32
CA GLN L 219 5.94 12.68 -2.98
C GLN L 219 6.92 11.60 -3.44
N LEU L 220 8.01 12.01 -4.09
CA LEU L 220 9.06 11.03 -4.49
C LEU L 220 9.60 10.35 -3.23
N ARG L 221 9.63 11.07 -2.12
CA ARG L 221 10.13 10.53 -0.87
C ARG L 221 9.17 9.51 -0.27
N GLU L 222 7.87 9.75 -0.35
CA GLU L 222 6.91 8.82 0.23
C GLU L 222 6.70 7.59 -0.64
N GLN L 223 6.77 7.73 -1.97
CA GLN L 223 6.62 6.58 -2.85
C GLN L 223 7.84 5.68 -2.85
N SER L 224 8.99 6.19 -2.42
CA SER L 224 10.20 5.38 -2.34
C SER L 224 10.22 4.45 -1.12
N GLN L 225 9.29 4.64 -0.18
CA GLN L 225 9.02 3.74 0.94
C GLN L 225 10.23 3.57 1.85
N LEU L 226 10.92 4.68 2.13
CA LEU L 226 11.95 4.65 3.15
C LEU L 226 11.32 4.57 4.54
N GLY L 227 12.16 4.26 5.53
CA GLY L 227 11.71 4.13 6.89
C GLY L 227 11.45 5.48 7.54
N VAL L 228 11.13 5.42 8.84
CA VAL L 228 10.95 6.64 9.62
C VAL L 228 12.29 7.33 9.83
N LYS L 229 13.36 6.55 10.00
CA LYS L 229 14.66 7.10 10.29
C LYS L 229 15.31 7.71 9.05
N HIS L 230 15.21 7.03 7.91
CA HIS L 230 15.96 7.42 6.72
C HIS L 230 15.26 8.47 5.87
N SER L 231 13.94 8.59 5.96
CA SER L 231 13.24 9.64 5.25
C SER L 231 13.36 10.99 5.93
N GLN L 232 13.82 11.02 7.18
CA GLN L 232 13.98 12.27 7.93
C GLN L 232 15.44 12.68 8.06
N ALA L 233 16.33 12.11 7.24
CA ALA L 233 17.75 12.33 7.43
C ALA L 233 18.22 13.64 6.81
N ARG L 234 17.79 13.93 5.59
CA ARG L 234 18.22 15.12 4.87
C ARG L 234 17.21 16.23 5.10
N ARG L 235 17.64 17.29 5.79
CA ARG L 235 16.77 18.38 6.18
C ARG L 235 17.09 19.64 5.38
N CYS L 236 16.17 20.59 5.41
CA CYS L 236 16.40 21.94 4.92
C CYS L 236 16.17 22.91 6.07
N PHE L 237 16.76 24.10 5.95
CA PHE L 237 16.80 25.03 7.06
C PHE L 237 16.19 26.38 6.63
N PHE L 238 15.40 26.95 7.52
CA PHE L 238 14.53 28.09 7.22
C PHE L 238 14.70 29.13 8.32
N ALA L 239 15.66 30.03 8.12
CA ALA L 239 15.97 31.06 9.11
C ALA L 239 14.97 32.22 8.96
N THR L 240 14.25 32.51 10.03
CA THR L 240 13.18 33.52 9.98
C THR L 240 13.03 34.16 11.35
N HIS L 241 12.97 35.49 11.37
CA HIS L 241 12.79 36.22 12.62
C HIS L 241 11.37 36.10 13.13
N GLY L 242 10.39 36.01 12.24
CA GLY L 242 9.00 36.15 12.63
C GLY L 242 8.06 35.04 12.17
N ALA L 243 8.53 33.80 12.23
CA ALA L 243 7.67 32.67 11.89
C ALA L 243 6.56 32.51 12.90
N GLY L 244 5.36 32.21 12.42
CA GLY L 244 4.19 32.12 13.27
C GLY L 244 4.05 30.80 14.01
N LEU L 245 2.83 30.30 14.11
CA LEU L 245 2.55 29.05 14.79
C LEU L 245 2.09 27.94 13.86
N VAL L 246 1.49 28.30 12.72
CA VAL L 246 0.99 27.32 11.77
C VAL L 246 2.07 26.92 10.77
N GLN L 247 2.77 27.92 10.21
CA GLN L 247 3.73 27.66 9.14
C GLN L 247 4.95 26.80 9.50
N PRO L 248 5.54 26.84 10.71
CA PRO L 248 6.61 25.86 10.99
C PRO L 248 6.15 24.41 11.04
N ASP L 249 4.88 24.14 11.35
CA ASP L 249 4.41 22.76 11.39
C ASP L 249 3.99 22.25 10.01
N ILE L 250 3.66 23.13 9.08
CA ILE L 250 3.38 22.69 7.71
C ILE L 250 4.68 22.22 7.05
N LEU L 251 5.79 22.87 7.36
CA LEU L 251 7.06 22.59 6.73
C LEU L 251 7.80 21.41 7.34
N GLN L 252 7.34 20.90 8.49
CA GLN L 252 7.91 19.67 9.03
C GLN L 252 7.54 18.47 8.17
N GLN L 253 6.43 18.55 7.44
CA GLN L 253 6.08 17.54 6.44
C GLN L 253 7.13 17.47 5.34
N TRP L 254 7.75 18.59 5.02
CA TRP L 254 8.55 18.71 3.81
C TRP L 254 10.05 18.72 4.12
N ASN L 255 10.43 18.25 5.32
CA ASN L 255 11.80 18.22 5.82
C ASN L 255 12.45 19.60 5.80
N ILE L 256 11.76 20.58 6.38
CA ILE L 256 12.25 21.95 6.48
C ILE L 256 12.23 22.32 7.95
N ASP L 257 13.41 22.58 8.51
CA ASP L 257 13.54 23.00 9.89
C ASP L 257 13.61 24.53 9.98
N VAL L 258 13.05 25.07 11.06
CA VAL L 258 12.97 26.51 11.25
C VAL L 258 14.04 26.93 12.25
N ILE L 259 14.83 27.93 11.88
CA ILE L 259 15.85 28.51 12.74
C ILE L 259 15.32 29.86 13.20
N GLN L 260 15.03 29.98 14.50
CA GLN L 260 14.50 31.23 15.04
C GLN L 260 15.65 32.19 15.29
N LEU L 261 15.64 33.32 14.60
CA LEU L 261 16.63 34.36 14.77
C LEU L 261 16.09 35.46 15.69
N ASP L 262 16.99 36.25 16.24
CA ASP L 262 16.62 37.28 17.20
C ASP L 262 16.00 38.47 16.47
N PRO L 263 14.73 38.81 16.75
CA PRO L 263 14.05 39.84 15.97
C PRO L 263 14.35 41.28 16.38
N THR L 264 15.24 41.50 17.35
CA THR L 264 15.54 42.87 17.76
C THR L 264 16.38 43.58 16.70
N ASP L 265 17.49 42.97 16.31
CA ASP L 265 18.33 43.48 15.21
C ASP L 265 18.32 42.39 14.14
N LYS L 266 17.57 42.63 13.07
CA LYS L 266 17.41 41.60 12.04
C LYS L 266 18.66 41.46 11.19
N SER L 267 19.48 42.51 11.10
CA SER L 267 20.67 42.44 10.26
C SER L 267 21.79 41.66 10.94
N ALA L 268 21.98 41.86 12.24
CA ALA L 268 23.04 41.19 12.97
C ALA L 268 22.74 39.72 13.26
N SER L 269 21.47 39.35 13.32
CA SER L 269 21.11 37.97 13.60
C SER L 269 21.44 37.06 12.42
N VAL L 270 21.25 37.58 11.20
CA VAL L 270 21.60 36.82 10.01
C VAL L 270 23.10 36.72 9.85
N ALA L 271 23.82 37.80 10.17
CA ALA L 271 25.27 37.82 10.03
C ALA L 271 25.96 36.86 11.00
N ARG L 272 25.40 36.68 12.19
CA ARG L 272 25.95 35.69 13.11
C ARG L 272 25.65 34.26 12.66
N LEU L 273 24.62 34.05 11.85
CA LEU L 273 24.36 32.73 11.31
C LEU L 273 25.37 32.38 10.22
N LEU L 274 25.67 33.33 9.34
CA LEU L 274 26.61 33.07 8.26
C LEU L 274 28.05 32.98 8.74
N GLU L 275 28.38 33.63 9.85
CA GLU L 275 29.70 33.48 10.44
C GLU L 275 29.84 32.21 11.24
N SER L 276 28.73 31.62 11.70
CA SER L 276 28.78 30.36 12.41
C SER L 276 28.96 29.17 11.48
N ILE L 277 28.70 29.34 10.18
CA ILE L 277 28.95 28.28 9.23
C ILE L 277 30.45 28.15 8.96
N ALA L 278 31.16 29.27 8.95
CA ALA L 278 32.61 29.29 8.77
C ALA L 278 33.34 28.69 9.96
N THR M 2 22.42 9.73 20.14
CA THR M 2 21.73 8.50 19.78
C THR M 2 21.26 7.75 21.02
N THR M 3 21.59 8.29 22.20
CA THR M 3 21.25 7.66 23.47
C THR M 3 21.04 8.74 24.51
N LEU M 4 19.90 8.67 25.20
CA LEU M 4 19.58 9.66 26.22
C LEU M 4 20.47 9.48 27.45
N THR M 5 20.77 10.59 28.10
CA THR M 5 21.48 10.57 29.37
C THR M 5 20.46 10.65 30.50
N LEU M 6 20.95 10.77 31.73
CA LEU M 6 20.05 10.80 32.89
C LEU M 6 19.33 12.14 32.99
N SER M 7 20.03 13.24 32.72
CA SER M 7 19.40 14.55 32.82
C SER M 7 18.46 14.84 31.66
N GLU M 8 18.71 14.24 30.49
CA GLU M 8 17.84 14.44 29.34
C GLU M 8 16.54 13.67 29.48
N ALA M 9 16.61 12.44 29.99
CA ALA M 9 15.44 11.59 30.11
C ALA M 9 14.60 11.87 31.34
N ALA M 10 15.11 12.66 32.29
CA ALA M 10 14.39 12.99 33.52
C ALA M 10 13.12 13.82 33.31
N PRO M 11 13.06 14.88 32.47
CA PRO M 11 11.76 15.51 32.25
C PRO M 11 10.82 14.70 31.39
N LEU M 12 11.32 13.76 30.59
CA LEU M 12 10.44 12.91 29.81
C LEU M 12 9.76 11.87 30.69
N LEU M 13 10.40 11.47 31.78
CA LEU M 13 9.79 10.53 32.71
C LEU M 13 8.86 11.20 33.71
N LYS M 14 9.06 12.49 33.99
CA LYS M 14 8.14 13.21 34.86
C LYS M 14 6.79 13.41 34.20
N LYS M 15 6.77 13.61 32.88
CA LYS M 15 5.53 13.90 32.18
C LYS M 15 4.65 12.66 32.09
N GLU M 16 5.25 11.50 31.82
CA GLU M 16 4.48 10.27 31.77
C GLU M 16 4.06 9.78 33.15
N PHE M 17 4.78 10.17 34.20
CA PHE M 17 4.41 9.72 35.54
C PHE M 17 3.27 10.54 36.12
N ARG M 18 3.28 11.86 35.90
CA ARG M 18 2.19 12.68 36.44
C ARG M 18 0.89 12.49 35.67
N GLU M 19 0.95 11.94 34.47
CA GLU M 19 -0.25 11.52 33.76
C GLU M 19 -0.70 10.11 34.14
N GLY M 20 0.12 9.38 34.90
CA GLY M 20 -0.23 8.03 35.28
C GLY M 20 -0.08 7.01 34.18
N ARG M 21 0.84 7.23 33.25
CA ARG M 21 0.97 6.39 32.07
C ARG M 21 2.38 5.81 31.96
N LEU M 22 3.08 5.70 33.07
CA LEU M 22 4.40 5.10 33.14
C LEU M 22 4.34 3.88 34.04
N ILE M 23 4.88 2.75 33.55
CA ILE M 23 4.84 1.49 34.26
C ILE M 23 6.24 0.88 34.30
N PRO M 24 6.78 0.57 35.47
CA PRO M 24 8.13 -0.02 35.51
C PRO M 24 8.11 -1.48 35.08
N PHE M 25 9.14 -1.88 34.35
CA PHE M 25 9.37 -3.27 33.99
C PHE M 25 10.71 -3.67 34.59
N LEU M 26 10.68 -4.47 35.64
CA LEU M 26 11.88 -4.80 36.41
C LEU M 26 12.39 -6.19 36.03
N GLY M 27 13.71 -6.34 35.98
CA GLY M 27 14.33 -7.57 35.59
C GLY M 27 15.06 -8.26 36.73
N ALA M 28 15.96 -9.17 36.36
CA ALA M 28 16.75 -9.89 37.35
C ALA M 28 17.83 -9.00 37.97
N GLY M 29 18.28 -7.99 37.22
CA GLY M 29 19.33 -7.11 37.70
C GLY M 29 18.91 -6.15 38.78
N PHE M 30 17.60 -6.03 39.03
CA PHE M 30 17.11 -5.16 40.09
C PHE M 30 17.35 -5.75 41.48
N SER M 31 17.66 -7.04 41.57
CA SER M 31 17.92 -7.70 42.85
C SER M 31 19.39 -8.03 43.05
N LYS M 32 20.28 -7.46 42.25
CA LYS M 32 21.72 -7.67 42.39
C LYS M 32 22.36 -7.03 43.64
N PRO M 33 21.93 -5.88 44.17
CA PRO M 33 22.45 -5.47 45.49
C PRO M 33 21.97 -6.32 46.65
N LEU M 34 21.01 -7.21 46.44
CA LEU M 34 20.59 -8.14 47.47
C LEU M 34 21.45 -9.41 47.49
N LYS M 35 22.56 -9.40 46.73
CA LYS M 35 23.52 -10.51 46.63
C LYS M 35 22.84 -11.79 46.14
N LEU M 36 21.97 -11.64 45.17
CA LEU M 36 21.29 -12.78 44.59
C LEU M 36 21.92 -13.17 43.27
N PRO M 37 21.87 -14.46 42.91
CA PRO M 37 22.38 -14.89 41.61
C PRO M 37 21.57 -14.33 40.46
N ASP M 38 22.26 -14.00 39.37
CA ASP M 38 21.62 -13.65 38.12
C ASP M 38 21.49 -14.91 37.27
N GLY M 39 21.22 -14.76 35.97
CA GLY M 39 21.11 -15.89 35.08
C GLY M 39 22.40 -16.65 34.82
N SER M 40 23.55 -16.11 35.23
CA SER M 40 24.82 -16.79 35.05
C SER M 40 25.21 -17.63 36.26
N GLN M 41 24.90 -17.18 37.47
CA GLN M 41 25.23 -17.98 38.65
C GLN M 41 24.22 -19.08 38.95
N LEU M 42 23.04 -19.05 38.33
CA LEU M 42 22.17 -20.22 38.40
C LEU M 42 22.76 -21.37 37.60
N ILE M 43 23.26 -21.08 36.39
CA ILE M 43 23.88 -22.09 35.54
C ILE M 43 25.14 -22.65 36.18
N ALA M 44 25.86 -21.83 36.94
CA ALA M 44 26.99 -22.32 37.72
C ALA M 44 26.55 -23.25 38.85
N SER M 45 25.32 -23.07 39.34
CA SER M 45 24.78 -23.96 40.36
C SER M 45 24.10 -25.19 39.77
N LEU M 46 23.54 -25.08 38.56
CA LEU M 46 22.98 -26.25 37.91
C LEU M 46 24.06 -27.19 37.41
N ALA M 47 25.22 -26.65 37.03
CA ALA M 47 26.32 -27.48 36.57
C ALA M 47 26.97 -28.25 37.70
N LYS M 48 26.93 -27.70 38.92
CA LYS M 48 27.49 -28.39 40.07
C LYS M 48 26.65 -29.59 40.46
N THR M 49 25.33 -29.50 40.32
CA THR M 49 24.45 -30.61 40.63
C THR M 49 24.58 -31.72 39.59
N LEU M 50 24.64 -31.35 38.31
CA LEU M 50 24.70 -32.34 37.23
C LEU M 50 26.09 -32.94 37.04
N GLY M 51 27.11 -32.41 37.69
CA GLY M 51 28.45 -32.94 37.54
C GLY M 51 29.26 -32.29 36.44
N PHE M 52 28.79 -31.18 35.87
CA PHE M 52 29.53 -30.45 34.87
C PHE M 52 30.47 -29.44 35.52
N GLU M 53 31.45 -29.00 34.74
CA GLU M 53 32.20 -27.80 35.08
C GLU M 53 31.41 -26.61 34.58
N PRO M 54 31.38 -25.48 35.31
CA PRO M 54 30.51 -24.36 34.94
C PRO M 54 30.90 -23.67 33.63
N GLU M 55 32.18 -23.77 33.25
CA GLU M 55 32.60 -23.18 31.98
C GLU M 55 32.29 -24.10 30.81
N LEU M 56 32.32 -25.42 31.03
CA LEU M 56 31.98 -26.35 29.97
C LEU M 56 30.47 -26.48 29.77
N PHE M 57 29.69 -26.31 30.84
CA PHE M 57 28.24 -26.46 30.74
C PHE M 57 27.61 -25.27 30.02
N ASP M 58 28.27 -24.11 30.08
CA ASP M 58 27.67 -22.88 29.49
C ASP M 58 27.85 -22.87 27.97
N MET M 59 28.62 -23.81 27.42
CA MET M 59 28.91 -23.80 25.95
C MET M 59 27.99 -24.80 25.24
N HIS M 60 26.99 -25.34 25.93
CA HIS M 60 26.12 -26.39 25.32
C HIS M 60 24.73 -25.84 25.02
N GLY M 61 24.55 -24.51 25.05
CA GLY M 61 23.26 -23.96 24.70
C GLY M 61 22.99 -22.68 25.46
N ARG M 62 21.81 -22.12 25.21
CA ARG M 62 21.39 -20.89 25.83
C ARG M 62 20.89 -21.15 27.25
N PHE M 63 20.49 -20.07 27.93
CA PHE M 63 19.98 -20.18 29.30
C PHE M 63 18.67 -20.96 29.36
N GLU M 64 17.84 -20.82 28.34
CA GLU M 64 16.57 -21.55 28.30
C GLU M 64 16.79 -23.04 28.09
N GLN M 65 17.84 -23.40 27.34
CA GLN M 65 18.08 -24.78 26.97
C GLN M 65 18.84 -25.55 28.03
N LEU M 66 19.68 -24.87 28.83
CA LEU M 66 20.39 -25.55 29.89
C LEU M 66 19.49 -25.85 31.08
N ALA M 67 18.45 -25.04 31.29
CA ALA M 67 17.49 -25.33 32.35
C ALA M 67 16.52 -26.43 31.94
N GLU M 68 16.23 -26.55 30.64
CA GLU M 68 15.44 -27.67 30.15
C GLU M 68 16.19 -28.98 30.31
N PHE M 69 17.52 -28.96 30.12
CA PHE M 69 18.34 -30.15 30.33
C PHE M 69 18.41 -30.53 31.80
N PHE M 70 18.37 -29.53 32.69
CA PHE M 70 18.40 -29.82 34.12
C PHE M 70 17.10 -30.47 34.60
N ALA M 71 15.97 -30.01 34.08
CA ALA M 71 14.68 -30.45 34.58
C ALA M 71 14.33 -31.87 34.18
N ILE M 72 14.98 -32.41 33.15
CA ILE M 72 14.68 -33.76 32.67
C ILE M 72 15.82 -34.73 32.97
N SER M 73 16.77 -34.34 33.81
CA SER M 73 17.86 -35.24 34.16
C SER M 73 17.40 -36.30 35.14
N ALA M 74 16.42 -35.98 35.98
CA ALA M 74 15.91 -36.88 36.99
C ALA M 74 14.50 -36.46 37.33
N PRO M 75 13.67 -37.36 37.85
CA PRO M 75 12.35 -36.95 38.33
C PRO M 75 12.46 -36.06 39.54
N ASN M 76 11.51 -35.12 39.64
CA ASN M 76 11.38 -34.14 40.73
C ASN M 76 12.64 -33.27 40.85
N ARG M 77 13.33 -33.03 39.75
CA ARG M 77 14.54 -32.22 39.79
C ARG M 77 14.23 -30.74 39.69
N LEU M 78 13.15 -30.37 39.00
CA LEU M 78 12.74 -28.98 38.93
C LEU M 78 12.11 -28.49 40.23
N GLN M 79 11.36 -29.37 40.90
CA GLN M 79 10.76 -29.00 42.19
C GLN M 79 11.81 -28.85 43.28
N ARG M 80 12.95 -29.52 43.13
CA ARG M 80 14.04 -29.33 44.11
C ARG M 80 14.64 -27.92 43.92
N LEU M 81 14.84 -27.51 42.67
CA LEU M 81 15.46 -26.18 42.39
C LEU M 81 14.60 -25.07 42.96
N VAL M 82 13.28 -25.13 42.75
CA VAL M 82 12.36 -24.05 43.24
C VAL M 82 12.51 -23.96 44.76
N TYR M 83 12.52 -25.10 45.45
CA TYR M 83 12.67 -25.11 46.92
C TYR M 83 14.02 -24.48 47.30
N GLU M 84 15.08 -24.84 46.58
CA GLU M 84 16.43 -24.28 46.85
C GLU M 84 16.40 -22.77 46.60
N MET M 85 15.79 -22.34 45.49
CA MET M 85 15.76 -20.92 45.17
C MET M 85 14.95 -20.13 46.19
N SER M 86 13.93 -20.74 46.78
CA SER M 86 13.18 -20.06 47.83
C SER M 86 13.99 -19.85 49.08
N LEU M 87 14.91 -20.77 49.39
CA LEU M 87 15.78 -20.63 50.55
C LEU M 87 16.82 -19.53 50.38
N SER M 88 17.22 -19.23 49.14
CA SER M 88 18.30 -18.29 48.90
C SER M 88 17.84 -16.93 48.40
N PHE M 89 16.71 -16.86 47.68
CA PHE M 89 16.26 -15.58 47.16
C PHE M 89 15.47 -14.80 48.20
N ASP M 90 14.55 -15.48 48.88
CA ASP M 90 13.66 -14.84 49.86
C ASP M 90 14.08 -15.15 51.30
N SER M 91 15.38 -15.23 51.54
CA SER M 91 15.89 -15.50 52.88
C SER M 91 15.76 -14.25 53.76
N ALA M 92 16.08 -14.42 55.04
CA ALA M 92 15.96 -13.33 55.99
C ALA M 92 17.09 -12.31 55.81
N GLU M 93 18.28 -12.75 55.41
CA GLU M 93 19.37 -11.81 55.18
C GLU M 93 19.22 -11.06 53.87
N ALA M 94 18.42 -11.58 52.93
CA ALA M 94 18.09 -10.82 51.73
C ALA M 94 17.01 -9.79 51.99
N GLU M 95 16.15 -10.03 52.98
CA GLU M 95 15.18 -9.01 53.38
C GLU M 95 15.85 -7.88 54.14
N ALA M 96 16.91 -8.19 54.91
CA ALA M 96 17.58 -7.18 55.70
C ALA M 96 18.41 -6.24 54.83
N LEU M 97 18.90 -6.72 53.69
CA LEU M 97 19.58 -5.86 52.74
C LEU M 97 18.61 -5.04 51.89
N ARG M 98 17.32 -5.27 52.04
CA ARG M 98 16.30 -4.69 51.16
C ARG M 98 15.71 -3.41 51.71
N GLU M 99 15.70 -3.21 53.04
CA GLU M 99 15.26 -1.92 53.56
C GLU M 99 16.33 -0.86 53.39
N LYS M 100 17.59 -1.25 53.49
CA LYS M 100 18.70 -0.31 53.35
C LYS M 100 19.19 -0.17 51.92
N SER M 101 18.47 -0.75 50.96
CA SER M 101 18.83 -0.60 49.55
C SER M 101 18.23 0.70 49.01
N PRO M 102 19.05 1.58 48.42
CA PRO M 102 18.52 2.85 47.93
C PRO M 102 17.62 2.73 46.70
N MET M 103 17.73 1.65 45.92
CA MET M 103 16.84 1.50 44.77
C MET M 103 15.44 1.10 45.22
N HIS M 104 15.34 0.20 46.20
CA HIS M 104 14.05 -0.27 46.66
C HIS M 104 13.33 0.79 47.49
N ARG M 105 14.08 1.70 48.11
CA ARG M 105 13.44 2.84 48.76
C ARG M 105 12.93 3.83 47.74
N ALA M 106 13.71 4.10 46.70
CA ALA M 106 13.30 5.05 45.67
C ALA M 106 12.21 4.51 44.77
N LEU M 107 12.09 3.19 44.63
CA LEU M 107 11.00 2.62 43.86
C LEU M 107 9.68 2.74 44.62
N ALA M 108 9.68 2.46 45.91
CA ALA M 108 8.47 2.49 46.71
C ALA M 108 8.04 3.89 47.10
N ALA M 109 8.91 4.90 46.93
CA ALA M 109 8.53 6.27 47.24
C ALA M 109 7.56 6.84 46.21
N LEU M 110 7.56 6.30 45.00
CA LEU M 110 6.64 6.75 43.96
C LEU M 110 5.32 5.99 44.06
N ASP M 111 4.25 6.66 43.62
CA ASP M 111 2.90 6.13 43.74
C ASP M 111 2.55 5.45 42.42
N TRP M 112 3.03 4.21 42.26
CA TRP M 112 2.75 3.45 41.05
C TRP M 112 1.37 2.81 41.14
N ARG M 113 0.90 2.32 39.99
CA ARG M 113 -0.32 1.52 39.94
C ARG M 113 -0.10 0.12 39.40
N THR M 114 0.91 -0.10 38.57
CA THR M 114 1.20 -1.41 38.01
C THR M 114 2.70 -1.55 37.89
N ILE M 115 3.24 -2.68 38.34
CA ILE M 115 4.66 -2.99 38.21
C ILE M 115 4.79 -4.40 37.63
N TYR M 116 5.51 -4.52 36.54
CA TYR M 116 5.82 -5.81 35.93
C TYR M 116 7.23 -6.23 36.33
N THR M 117 7.39 -7.48 36.74
CA THR M 117 8.69 -8.04 37.11
C THR M 117 8.87 -9.40 36.47
N THR M 118 10.13 -9.75 36.19
CA THR M 118 10.45 -11.08 35.60
C THR M 118 11.40 -11.83 36.53
N ALA M 119 11.38 -11.51 37.83
CA ALA M 119 12.30 -12.14 38.79
C ALA M 119 11.52 -13.09 39.71
N TYR M 120 12.22 -14.00 40.39
CA TYR M 120 11.56 -14.97 41.31
C TYR M 120 11.89 -14.61 42.76
N ASP M 121 11.31 -13.53 43.27
CA ASP M 121 11.55 -13.11 44.65
C ASP M 121 10.50 -12.08 45.05
N LYS M 122 10.22 -12.01 46.35
CA LYS M 122 9.27 -11.05 46.87
C LYS M 122 9.95 -9.76 47.34
N HIS M 123 10.83 -9.22 46.51
CA HIS M 123 11.58 -8.03 46.90
C HIS M 123 11.16 -6.78 46.16
N VAL M 124 10.20 -6.88 45.25
CA VAL M 124 9.61 -5.71 44.62
C VAL M 124 8.32 -5.31 45.31
N GLU M 125 7.42 -6.26 45.54
CA GLU M 125 6.28 -5.97 46.40
C GLU M 125 6.69 -5.88 47.86
N GLY M 126 7.78 -6.55 48.26
CA GLY M 126 8.25 -6.43 49.62
C GLY M 126 8.86 -5.08 49.92
N ALA M 127 9.37 -4.39 48.89
CA ALA M 127 9.80 -3.02 49.08
C ALA M 127 8.62 -2.08 49.27
N LEU M 128 7.46 -2.43 48.71
CA LEU M 128 6.27 -1.61 48.89
C LEU M 128 5.68 -1.79 50.28
N ARG M 129 5.78 -2.99 50.84
CA ARG M 129 5.33 -3.20 52.23
C ARG M 129 6.24 -2.51 53.22
N ASP M 130 7.50 -2.28 52.88
CA ASP M 130 8.42 -1.62 53.78
C ASP M 130 8.13 -0.12 53.89
N ALA M 131 7.58 0.48 52.84
CA ALA M 131 7.26 1.89 52.83
C ALA M 131 5.85 2.18 53.32
N GLY M 132 5.20 1.23 53.98
CA GLY M 132 3.86 1.41 54.47
C GLY M 132 2.77 1.13 53.46
N LYS M 133 3.10 1.06 52.18
CA LYS M 133 2.12 0.78 51.14
C LYS M 133 1.80 -0.70 51.11
N GLN M 134 0.76 -1.04 50.35
CA GLN M 134 0.36 -2.43 50.17
C GLN M 134 0.30 -2.76 48.68
N ALA M 135 0.63 -4.00 48.36
CA ALA M 135 0.72 -4.45 46.98
C ALA M 135 -0.16 -5.67 46.78
N ALA M 136 -0.29 -6.09 45.54
CA ALA M 136 -1.12 -7.23 45.17
C ALA M 136 -0.39 -8.03 44.11
N VAL M 137 0.12 -9.20 44.50
CA VAL M 137 0.86 -10.06 43.58
C VAL M 137 -0.13 -10.78 42.69
N LEU M 138 0.04 -10.64 41.38
CA LEU M 138 -0.82 -11.31 40.40
C LEU M 138 0.08 -12.13 39.48
N ALA M 139 0.01 -13.44 39.62
CA ALA M 139 0.87 -14.32 38.82
C ALA M 139 0.10 -15.37 38.05
N SER M 140 -0.97 -15.92 38.61
CA SER M 140 -1.74 -16.98 38.00
C SER M 140 -3.15 -16.49 37.69
N PHE M 141 -3.96 -17.36 37.09
CA PHE M 141 -5.33 -17.02 36.76
C PHE M 141 -6.18 -16.80 38.00
N ALA M 142 -5.92 -17.56 39.07
CA ALA M 142 -6.68 -17.41 40.30
C ALA M 142 -6.38 -16.10 41.02
N ASP M 143 -5.22 -15.50 40.77
CA ASP M 143 -4.91 -14.21 41.38
C ASP M 143 -5.68 -13.08 40.73
N PHE M 144 -5.80 -13.10 39.41
CA PHE M 144 -6.59 -12.08 38.71
C PHE M 144 -8.08 -12.19 39.04
N GLN M 145 -8.59 -13.39 39.19
CA GLN M 145 -9.99 -13.58 39.57
C GLN M 145 -10.25 -13.27 41.03
N GLY M 146 -9.25 -13.35 41.89
CA GLY M 146 -9.44 -13.20 43.31
C GLY M 146 -9.68 -11.76 43.73
N PRO M 147 -9.98 -11.57 45.02
CA PRO M 147 -10.30 -10.22 45.50
C PRO M 147 -9.06 -9.41 45.85
N ARG M 148 -9.14 -8.12 45.52
CA ARG M 148 -8.08 -7.16 45.89
C ARG M 148 -8.82 -5.94 46.44
N ALA M 149 -8.11 -4.94 46.93
CA ALA M 149 -8.72 -3.70 47.47
C ALA M 149 -9.04 -2.77 46.31
N ARG M 150 -9.76 -1.67 46.57
CA ARG M 150 -10.19 -0.77 45.46
C ARG M 150 -8.96 -0.22 44.73
N ASP M 151 -7.99 0.33 45.46
CA ASP M 151 -6.80 0.95 44.81
C ASP M 151 -5.53 0.43 45.46
N VAL M 152 -4.84 -0.50 44.80
CA VAL M 152 -3.58 -1.09 45.35
C VAL M 152 -2.64 -1.38 44.18
N CYS M 153 -1.40 -0.90 44.24
CA CYS M 153 -0.44 -1.20 43.17
C CYS M 153 -0.38 -2.70 42.91
N GLU M 154 -0.70 -3.08 41.68
CA GLU M 154 -0.73 -4.47 41.28
C GLU M 154 0.64 -4.86 40.73
N VAL M 155 1.31 -5.79 41.40
CA VAL M 155 2.61 -6.28 40.95
C VAL M 155 2.37 -7.52 40.10
N ILE M 156 2.63 -7.41 38.80
CA ILE M 156 2.39 -8.50 37.87
C ILE M 156 3.69 -9.30 37.75
N LYS M 157 3.68 -10.51 38.30
CA LYS M 157 4.81 -11.43 38.14
C LYS M 157 4.75 -12.04 36.76
N PHE M 158 5.49 -11.45 35.82
CA PHE M 158 5.45 -11.90 34.44
C PHE M 158 6.12 -13.26 34.25
N ALA M 159 7.06 -13.61 35.11
CA ALA M 159 7.75 -14.89 34.99
C ALA M 159 7.25 -15.94 35.98
N GLY M 160 6.51 -15.54 37.01
CA GLY M 160 6.05 -16.45 38.03
C GLY M 160 6.61 -16.09 39.39
N THR M 161 6.10 -16.81 40.39
CA THR M 161 6.46 -16.56 41.78
C THR M 161 6.86 -17.89 42.41
N LEU M 162 7.71 -17.82 43.45
CA LEU M 162 8.20 -19.04 44.08
C LEU M 162 7.15 -19.73 44.95
N ASP M 163 6.12 -19.02 45.41
CA ASP M 163 5.09 -19.66 46.20
C ASP M 163 4.03 -20.35 45.34
N GLN M 164 4.08 -20.16 44.03
CA GLN M 164 3.24 -20.88 43.07
C GLN M 164 4.17 -21.47 42.03
N PRO M 165 4.72 -22.66 42.27
CA PRO M 165 5.77 -23.20 41.38
C PRO M 165 5.29 -23.61 40.00
N ASP M 166 3.97 -23.66 39.75
CA ASP M 166 3.47 -23.96 38.42
C ASP M 166 3.57 -22.76 37.47
N THR M 167 3.74 -21.56 38.00
CA THR M 167 3.77 -20.35 37.19
C THR M 167 5.17 -19.98 36.74
N ILE M 168 6.20 -20.66 37.22
CA ILE M 168 7.59 -20.31 36.94
C ILE M 168 7.93 -20.74 35.52
N VAL M 169 8.39 -19.80 34.70
CA VAL M 169 8.92 -20.10 33.38
C VAL M 169 10.44 -20.01 33.45
N LEU M 170 11.09 -21.15 33.45
CA LEU M 170 12.54 -21.20 33.50
C LEU M 170 13.12 -22.09 32.41
N THR M 171 12.47 -23.20 32.10
CA THR M 171 12.93 -24.15 31.10
C THR M 171 12.43 -23.74 29.71
N GLU M 172 13.00 -24.36 28.68
CA GLU M 172 12.71 -23.96 27.30
C GLU M 172 11.28 -24.31 26.91
N SER M 173 10.74 -25.41 27.44
CA SER M 173 9.36 -25.79 27.14
C SER M 173 8.36 -24.81 27.77
N SER M 174 8.75 -24.15 28.84
CA SER M 174 7.89 -23.15 29.45
C SER M 174 7.91 -21.84 28.67
N TYR M 175 9.04 -21.49 28.04
CA TYR M 175 9.07 -20.31 27.18
C TYR M 175 8.32 -20.54 25.88
N PHE M 176 8.34 -21.76 25.35
CA PHE M 176 7.57 -22.06 24.14
C PHE M 176 6.08 -22.11 24.44
N GLN M 177 5.70 -22.41 25.68
CA GLN M 177 4.29 -22.37 26.05
C GLN M 177 3.79 -20.94 26.13
N ARG M 178 4.69 -19.98 26.41
CA ARG M 178 4.33 -18.57 26.49
C ARG M 178 4.43 -17.86 25.15
N MET M 179 4.84 -18.55 24.08
CA MET M 179 4.90 -17.93 22.76
C MET M 179 3.51 -17.66 22.19
N ALA M 180 2.49 -18.39 22.64
CA ALA M 180 1.13 -18.19 22.15
C ALA M 180 0.48 -16.94 22.70
N LEU M 181 1.09 -16.31 23.72
CA LEU M 181 0.63 -15.07 24.35
C LEU M 181 -0.78 -15.22 24.92
N ASP M 182 -1.04 -16.38 25.53
CA ASP M 182 -2.35 -16.73 26.05
C ASP M 182 -2.38 -16.72 27.58
N ALA M 183 -1.24 -16.64 28.24
CA ALA M 183 -1.19 -16.60 29.69
C ALA M 183 -1.76 -15.28 30.21
N PRO M 184 -2.29 -15.28 31.42
CA PRO M 184 -2.82 -14.03 32.02
C PRO M 184 -1.77 -12.95 32.23
N PRO M 185 -0.48 -13.26 32.52
CA PRO M 185 0.49 -12.15 32.42
C PRO M 185 0.75 -11.69 31.00
N ASP M 186 0.56 -12.55 30.00
CA ASP M 186 0.78 -12.13 28.61
C ASP M 186 -0.37 -11.25 28.12
N GLN M 187 -1.60 -11.57 28.52
CA GLN M 187 -2.76 -10.79 28.07
C GLN M 187 -2.82 -9.44 28.77
N ARG M 188 -2.37 -9.37 30.02
CA ARG M 188 -2.38 -8.10 30.74
C ARG M 188 -1.28 -7.17 30.24
N LEU M 189 -0.15 -7.73 29.81
CA LEU M 189 0.96 -6.91 29.32
C LEU M 189 0.63 -6.28 27.98
N ARG M 190 -0.01 -7.03 27.08
CA ARG M 190 -0.31 -6.53 25.74
C ARG M 190 -1.40 -5.47 25.74
N ALA M 191 -2.26 -5.46 26.75
CA ALA M 191 -3.27 -4.41 26.84
C ALA M 191 -2.73 -3.16 27.51
N ASP M 192 -1.77 -3.30 28.42
CA ASP M 192 -1.14 -2.14 29.02
C ASP M 192 -0.14 -1.49 28.07
N LEU M 193 0.41 -2.26 27.14
CA LEU M 193 1.32 -1.70 26.15
C LEU M 193 0.60 -0.86 25.11
N LEU M 194 -0.72 -1.06 24.96
CA LEU M 194 -1.52 -0.25 24.04
C LEU M 194 -1.61 1.21 24.46
N ALA M 195 -1.46 1.51 25.75
CA ALA M 195 -1.76 2.84 26.24
C ALA M 195 -0.72 3.44 27.19
N ASN M 196 0.40 2.77 27.46
CA ASN M 196 1.30 3.23 28.50
C ASN M 196 2.75 3.15 28.04
N SER M 197 3.57 4.03 28.61
CA SER M 197 5.02 3.96 28.47
C SER M 197 5.59 3.02 29.51
N PHE M 198 6.63 2.28 29.13
CA PHE M 198 7.29 1.39 30.07
C PHE M 198 8.71 1.86 30.35
N LEU M 199 9.19 1.53 31.55
CA LEU M 199 10.54 1.87 32.00
C LEU M 199 11.26 0.58 32.36
N PHE M 200 12.19 0.16 31.51
CA PHE M 200 12.92 -1.08 31.70
C PHE M 200 14.13 -0.82 32.59
N ILE M 201 14.13 -1.42 33.78
CA ILE M 201 15.20 -1.25 34.74
C ILE M 201 15.71 -2.63 35.13
N GLY M 202 17.01 -2.85 34.92
CA GLY M 202 17.61 -4.10 35.32
C GLY M 202 17.28 -5.29 34.43
N TYR M 203 16.71 -5.04 33.26
CA TYR M 203 16.34 -6.11 32.34
C TYR M 203 17.05 -5.88 31.01
N SER M 204 17.58 -6.96 30.45
CA SER M 204 18.20 -6.93 29.13
C SER M 204 17.38 -7.77 28.18
N PHE M 205 17.09 -7.21 27.00
CA PHE M 205 16.20 -7.89 26.01
C PHE M 205 16.87 -9.11 25.39
N SER M 206 16.97 -10.21 26.14
CA SER M 206 17.53 -11.46 25.66
C SER M 206 16.49 -12.54 25.45
N ASP M 207 15.34 -12.40 26.12
CA ASP M 207 14.24 -13.39 25.97
C ASP M 207 13.42 -13.04 24.72
N THR M 208 13.19 -14.02 23.86
CA THR M 208 12.43 -13.79 22.63
C THR M 208 10.93 -13.71 22.85
N ASN M 209 10.45 -13.92 24.08
CA ASN M 209 9.05 -13.70 24.37
C ASN M 209 8.73 -12.24 24.63
N ILE M 210 9.71 -11.45 25.09
CA ILE M 210 9.49 -10.03 25.25
C ILE M 210 9.65 -9.31 23.91
N ARG M 211 10.68 -9.67 23.14
CA ARG M 211 10.97 -8.99 21.88
C ARG M 211 9.89 -9.24 20.83
N TYR M 212 9.14 -10.33 20.96
CA TYR M 212 8.04 -10.64 20.06
C TYR M 212 6.78 -9.84 20.38
N ILE M 213 6.61 -9.37 21.61
CA ILE M 213 5.43 -8.59 21.95
C ILE M 213 5.56 -7.17 21.40
N TRP M 214 6.73 -6.55 21.57
CA TRP M 214 6.99 -5.23 21.00
C TRP M 214 7.11 -5.26 19.49
N TYR M 215 7.39 -6.42 18.90
CA TYR M 215 7.32 -6.55 17.45
C TYR M 215 5.88 -6.39 16.96
N ARG M 216 4.97 -7.14 17.56
CA ARG M 216 3.55 -7.14 17.13
C ARG M 216 2.89 -5.80 17.44
N MET M 217 3.35 -5.10 18.49
CA MET M 217 2.81 -3.75 18.79
C MET M 217 3.16 -2.82 17.61
N ASN M 218 4.38 -2.96 17.08
CA ASN M 218 4.81 -2.12 15.92
C ASN M 218 3.96 -2.47 14.70
N GLN M 219 3.49 -3.72 14.60
CA GLN M 219 2.60 -4.12 13.48
C GLN M 219 1.31 -3.28 13.57
N LEU M 220 0.56 -3.40 14.68
CA LEU M 220 -0.61 -2.56 14.85
C LEU M 220 -0.31 -1.10 14.53
N ARG M 221 0.93 -0.67 14.78
CA ARG M 221 1.29 0.73 14.57
C ARG M 221 1.50 1.03 13.08
N GLU M 222 2.12 0.11 12.34
CA GLU M 222 2.38 0.37 10.93
C GLU M 222 1.14 0.17 10.07
N GLN M 223 0.27 -0.76 10.43
CA GLN M 223 -0.97 -0.96 9.67
C GLN M 223 -1.99 0.14 9.92
N SER M 224 -1.86 0.88 11.00
CA SER M 224 -2.77 1.99 11.29
C SER M 224 -2.45 3.24 10.47
N GLN M 225 -1.30 3.26 9.80
CA GLN M 225 -0.93 4.28 8.80
C GLN M 225 -0.87 5.69 9.41
N LEU M 226 -0.31 5.80 10.60
CA LEU M 226 -0.04 7.11 11.16
C LEU M 226 1.16 7.75 10.45
N GLY M 227 1.32 9.04 10.67
CA GLY M 227 2.40 9.78 10.04
C GLY M 227 3.75 9.50 10.69
N VAL M 228 4.75 10.24 10.21
CA VAL M 228 6.08 10.14 10.81
C VAL M 228 6.08 10.77 12.20
N LYS M 229 5.32 11.84 12.38
CA LYS M 229 5.30 12.55 13.65
C LYS M 229 4.51 11.81 14.72
N HIS M 230 3.35 11.25 14.35
CA HIS M 230 2.44 10.69 15.34
C HIS M 230 2.75 9.25 15.70
N SER M 231 3.41 8.50 14.83
CA SER M 231 3.81 7.14 15.18
C SER M 231 5.03 7.10 16.09
N GLN M 232 5.73 8.21 16.24
CA GLN M 232 6.91 8.29 17.09
C GLN M 232 6.65 9.04 18.39
N ALA M 233 5.38 9.24 18.75
CA ALA M 233 5.05 10.09 19.89
C ALA M 233 5.19 9.36 21.21
N ARG M 234 4.67 8.15 21.30
CA ARG M 234 4.68 7.38 22.54
C ARG M 234 5.90 6.48 22.55
N ARG M 235 6.81 6.74 23.49
CA ARG M 235 8.09 6.04 23.57
C ARG M 235 8.11 5.13 24.78
N CYS M 236 9.07 4.21 24.78
CA CYS M 236 9.41 3.41 25.94
C CYS M 236 10.88 3.65 26.27
N PHE M 237 11.24 3.40 27.53
CA PHE M 237 12.55 3.77 28.03
C PHE M 237 13.28 2.56 28.60
N PHE M 238 14.57 2.46 28.28
CA PHE M 238 15.37 1.25 28.51
C PHE M 238 16.67 1.66 29.18
N ALA M 239 16.66 1.69 30.51
CA ALA M 239 17.83 2.10 31.28
C ALA M 239 18.80 0.93 31.39
N THR M 240 20.03 1.12 30.92
CA THR M 240 21.01 0.04 30.87
C THR M 240 22.40 0.62 30.99
N HIS M 241 23.22 0.02 31.87
CA HIS M 241 24.59 0.46 32.05
C HIS M 241 25.48 0.05 30.87
N GLY M 242 25.20 -1.09 30.26
CA GLY M 242 26.12 -1.69 29.31
C GLY M 242 25.53 -2.06 27.97
N ALA M 243 24.66 -1.21 27.41
CA ALA M 243 24.12 -1.45 26.09
C ALA M 243 25.20 -1.32 25.03
N GLY M 244 25.17 -2.22 24.05
CA GLY M 244 26.20 -2.27 23.03
C GLY M 244 26.01 -1.27 21.91
N LEU M 245 26.29 -1.69 20.68
CA LEU M 245 26.15 -0.83 19.52
C LEU M 245 25.05 -1.26 18.57
N VAL M 246 24.69 -2.55 18.58
CA VAL M 246 23.66 -3.07 17.70
C VAL M 246 22.29 -2.98 18.35
N GLN M 247 22.18 -3.38 19.61
CA GLN M 247 20.88 -3.46 20.28
C GLN M 247 20.15 -2.14 20.49
N PRO M 248 20.77 -0.97 20.74
CA PRO M 248 19.97 0.27 20.79
C PRO M 248 19.35 0.66 19.45
N ASP M 249 19.93 0.26 18.32
CA ASP M 249 19.35 0.60 17.04
C ASP M 249 18.26 -0.36 16.59
N ILE M 250 18.24 -1.58 17.11
CA ILE M 250 17.14 -2.50 16.84
C ILE M 250 15.87 -2.00 17.52
N LEU M 251 16.02 -1.43 18.71
CA LEU M 251 14.88 -1.02 19.52
C LEU M 251 14.33 0.34 19.12
N GLN M 252 15.03 1.11 18.27
CA GLN M 252 14.46 2.34 17.74
C GLN M 252 13.31 2.05 16.79
N GLN M 253 13.30 0.87 16.18
CA GLN M 253 12.16 0.41 15.39
C GLN M 253 10.91 0.29 16.25
N TRP M 254 11.08 -0.06 17.52
CA TRP M 254 9.97 -0.49 18.36
C TRP M 254 9.58 0.58 19.36
N ASN M 255 10.00 1.83 19.12
CA ASN M 255 9.78 2.99 19.99
C ASN M 255 10.29 2.75 21.41
N ILE M 256 11.55 2.33 21.50
CA ILE M 256 12.21 2.09 22.78
C ILE M 256 13.48 2.94 22.80
N ASP M 257 13.53 3.89 23.72
CA ASP M 257 14.70 4.74 23.89
C ASP M 257 15.62 4.18 24.97
N VAL M 258 16.91 4.37 24.78
CA VAL M 258 17.93 3.83 25.68
C VAL M 258 18.43 4.95 26.58
N ILE M 259 18.43 4.72 27.88
CA ILE M 259 18.96 5.66 28.87
C ILE M 259 20.29 5.09 29.35
N GLN M 260 21.38 5.76 29.03
CA GLN M 260 22.70 5.30 29.43
C GLN M 260 22.97 5.72 30.86
N LEU M 261 23.14 4.73 31.74
CA LEU M 261 23.47 4.97 33.14
C LEU M 261 24.97 4.82 33.36
N ASP M 262 25.44 5.38 34.46
CA ASP M 262 26.87 5.39 34.77
C ASP M 262 27.30 4.01 35.25
N PRO M 263 28.21 3.32 34.55
CA PRO M 263 28.54 1.93 34.90
C PRO M 263 29.53 1.78 36.04
N THR M 264 29.98 2.86 36.67
CA THR M 264 30.94 2.74 37.76
C THR M 264 30.27 2.18 39.02
N ASP M 265 29.19 2.81 39.44
CA ASP M 265 28.37 2.31 40.55
C ASP M 265 26.98 2.04 39.97
N LYS M 266 26.67 0.76 39.77
CA LYS M 266 25.42 0.40 39.11
C LYS M 266 24.22 0.60 40.02
N SER M 267 24.43 0.55 41.34
CA SER M 267 23.31 0.68 42.27
C SER M 267 22.88 2.13 42.42
N ALA M 268 23.83 3.06 42.47
CA ALA M 268 23.52 4.47 42.66
C ALA M 268 23.01 5.14 41.39
N SER M 269 23.36 4.60 40.22
CA SER M 269 22.89 5.19 38.97
C SER M 269 21.41 4.96 38.77
N VAL M 270 20.92 3.78 39.19
CA VAL M 270 19.49 3.48 39.09
C VAL M 270 18.71 4.29 40.10
N ALA M 271 19.27 4.46 41.30
CA ALA M 271 18.59 5.18 42.38
C ALA M 271 18.43 6.66 42.05
N ARG M 272 19.40 7.24 41.33
CA ARG M 272 19.24 8.63 40.90
C ARG M 272 18.23 8.77 39.78
N LEU M 273 17.96 7.70 39.03
CA LEU M 273 16.91 7.75 38.01
C LEU M 273 15.53 7.73 38.65
N LEU M 274 15.33 6.88 39.66
CA LEU M 274 14.04 6.79 40.32
C LEU M 274 13.73 7.99 41.20
N GLU M 275 14.76 8.67 41.70
CA GLU M 275 14.54 9.90 42.45
C GLU M 275 14.32 11.10 41.53
N SER M 276 14.76 11.02 40.27
CA SER M 276 14.50 12.09 39.33
C SER M 276 13.09 12.07 38.79
N ILE M 277 12.38 10.95 38.92
CA ILE M 277 10.98 10.89 38.52
C ILE M 277 10.12 11.63 39.53
N ALA M 278 10.47 11.54 40.81
CA ALA M 278 9.75 12.24 41.88
C ALA M 278 9.94 13.75 41.79
N THR N 2 23.22 -43.89 23.54
CA THR N 2 22.38 -42.70 23.60
C THR N 2 22.38 -41.96 22.26
N THR N 3 23.14 -42.48 21.30
CA THR N 3 23.27 -41.84 20.00
C THR N 3 23.51 -42.93 18.96
N LEU N 4 22.72 -42.91 17.90
CA LEU N 4 22.85 -43.89 16.83
C LEU N 4 24.11 -43.66 16.02
N THR N 5 24.69 -44.75 15.54
CA THR N 5 25.82 -44.69 14.63
C THR N 5 25.30 -44.80 13.20
N LEU N 6 26.22 -44.89 12.24
CA LEU N 6 25.82 -44.95 10.84
C LEU N 6 25.25 -46.33 10.48
N SER N 7 25.85 -47.40 11.00
CA SER N 7 25.38 -48.74 10.69
C SER N 7 24.09 -49.08 11.43
N GLU N 8 23.85 -48.48 12.59
CA GLU N 8 22.63 -48.73 13.33
C GLU N 8 21.44 -48.02 12.72
N ALA N 9 21.63 -46.79 12.25
CA ALA N 9 20.55 -45.99 11.71
C ALA N 9 20.24 -46.31 10.25
N ALA N 10 21.11 -47.05 9.57
CA ALA N 10 20.91 -47.40 8.17
C ALA N 10 19.71 -48.31 7.89
N PRO N 11 19.39 -49.38 8.66
CA PRO N 11 18.13 -50.09 8.38
C PRO N 11 16.90 -49.32 8.83
N LEU N 12 17.02 -48.37 9.75
CA LEU N 12 15.87 -47.56 10.13
C LEU N 12 15.51 -46.56 9.06
N LEU N 13 16.49 -46.11 8.28
CA LEU N 13 16.23 -45.19 7.18
C LEU N 13 15.78 -45.91 5.91
N LYS N 14 16.13 -47.19 5.74
CA LYS N 14 15.64 -47.93 4.59
C LYS N 14 14.14 -48.21 4.70
N LYS N 15 13.65 -48.42 5.93
CA LYS N 15 12.25 -48.78 6.11
C LYS N 15 11.34 -47.58 5.86
N GLU N 16 11.74 -46.39 6.32
CA GLU N 16 10.94 -45.20 6.07
C GLU N 16 11.04 -44.73 4.63
N PHE N 17 12.12 -45.07 3.93
CA PHE N 17 12.26 -44.63 2.55
C PHE N 17 11.46 -45.49 1.58
N ARG N 18 11.44 -46.81 1.80
CA ARG N 18 10.69 -47.68 0.90
C ARG N 18 9.18 -47.56 1.13
N GLU N 19 8.76 -47.01 2.27
CA GLU N 19 7.36 -46.67 2.47
C GLU N 19 7.02 -45.28 1.94
N GLY N 20 8.02 -44.50 1.53
CA GLY N 20 7.77 -43.17 1.04
C GLY N 20 7.45 -42.15 2.11
N ARG N 21 7.98 -42.34 3.31
CA ARG N 21 7.61 -41.50 4.45
C ARG N 21 8.84 -40.86 5.08
N LEU N 22 9.90 -40.69 4.29
CA LEU N 22 11.13 -40.04 4.72
C LEU N 22 11.35 -38.80 3.86
N ILE N 23 11.61 -37.66 4.49
CA ILE N 23 11.77 -36.39 3.80
C ILE N 23 13.06 -35.72 4.29
N PRO N 24 13.98 -35.37 3.40
CA PRO N 24 15.21 -34.71 3.86
C PRO N 24 14.96 -33.26 4.24
N PHE N 25 15.62 -32.82 5.30
CA PHE N 25 15.63 -31.41 5.70
C PHE N 25 17.08 -30.95 5.64
N LEU N 26 17.41 -30.13 4.64
CA LEU N 26 18.79 -29.75 4.38
C LEU N 26 19.05 -28.34 4.90
N GLY N 27 20.25 -28.12 5.44
CA GLY N 27 20.61 -26.87 6.02
C GLY N 27 21.68 -26.14 5.24
N ALA N 28 22.32 -25.18 5.89
CA ALA N 28 23.40 -24.41 5.26
C ALA N 28 24.66 -25.24 5.11
N GLY N 29 24.86 -26.24 5.98
CA GLY N 29 26.06 -27.05 5.93
C GLY N 29 26.11 -28.02 4.78
N PHE N 30 25.00 -28.21 4.06
CA PHE N 30 24.99 -29.09 2.90
C PHE N 30 25.69 -28.48 1.70
N SER N 31 25.95 -27.17 1.71
CA SER N 31 26.63 -26.49 0.62
C SER N 31 28.06 -26.09 0.97
N LYS N 32 28.61 -26.61 2.06
CA LYS N 32 29.99 -26.33 2.46
C LYS N 32 31.08 -26.92 1.55
N PRO N 33 30.94 -28.09 0.90
CA PRO N 33 31.93 -28.47 -0.12
C PRO N 33 31.88 -27.63 -1.38
N LEU N 34 30.86 -26.79 -1.56
CA LEU N 34 30.80 -25.86 -2.68
C LEU N 34 31.55 -24.57 -2.39
N LYS N 35 32.30 -24.52 -1.28
CA LYS N 35 33.08 -23.36 -0.83
C LYS N 35 32.22 -22.13 -0.65
N LEU N 36 31.05 -22.33 -0.06
CA LEU N 36 30.15 -21.22 0.20
C LEU N 36 30.23 -20.82 1.67
N PRO N 37 29.99 -19.54 1.96
CA PRO N 37 29.95 -19.09 3.36
C PRO N 37 28.79 -19.70 4.13
N ASP N 38 29.05 -20.02 5.39
CA ASP N 38 28.00 -20.41 6.32
C ASP N 38 27.51 -19.16 7.06
N GLY N 39 26.79 -19.33 8.16
CA GLY N 39 26.29 -18.22 8.94
C GLY N 39 27.36 -17.40 9.65
N SER N 40 28.60 -17.89 9.70
CA SER N 40 29.67 -17.14 10.33
C SER N 40 30.44 -16.27 9.36
N GLN N 41 30.63 -16.72 8.11
CA GLN N 41 31.34 -15.90 7.13
C GLN N 41 30.47 -14.85 6.48
N LEU N 42 29.14 -14.94 6.61
CA LEU N 42 28.30 -13.81 6.21
C LEU N 42 28.49 -12.64 7.16
N ILE N 43 28.52 -12.92 8.47
CA ILE N 43 28.73 -11.90 9.49
C ILE N 43 30.10 -11.26 9.35
N ALA N 44 31.10 -12.04 8.91
CA ALA N 44 32.41 -11.48 8.62
C ALA N 44 32.37 -10.57 7.39
N SER N 45 31.42 -10.80 6.48
CA SER N 45 31.27 -9.93 5.33
C SER N 45 30.35 -8.75 5.61
N LEU N 46 29.40 -8.90 6.53
CA LEU N 46 28.57 -7.75 6.91
C LEU N 46 29.34 -6.76 7.77
N ALA N 47 30.29 -7.26 8.56
CA ALA N 47 31.10 -6.37 9.39
C ALA N 47 32.08 -5.57 8.56
N LYS N 48 32.53 -6.11 7.42
CA LYS N 48 33.45 -5.38 6.56
C LYS N 48 32.75 -4.21 5.88
N THR N 49 31.48 -4.37 5.52
CA THR N 49 30.73 -3.29 4.89
C THR N 49 30.40 -2.19 5.89
N LEU N 50 30.00 -2.57 7.10
CA LEU N 50 29.61 -1.61 8.12
C LEU N 50 30.79 -0.93 8.80
N GLY N 51 32.01 -1.40 8.58
CA GLY N 51 33.17 -0.81 9.22
C GLY N 51 33.54 -1.43 10.55
N PHE N 52 32.95 -2.56 10.91
CA PHE N 52 33.30 -3.27 12.12
C PHE N 52 34.46 -4.23 11.89
N GLU N 53 35.11 -4.62 12.98
CA GLU N 53 35.98 -5.77 12.95
C GLU N 53 35.13 -7.02 13.14
N PRO N 54 35.43 -8.14 12.46
CA PRO N 54 34.54 -9.30 12.49
C PRO N 54 34.45 -9.98 13.85
N GLU N 55 35.48 -9.84 14.68
CA GLU N 55 35.42 -10.40 16.02
C GLU N 55 34.66 -9.50 16.98
N LEU N 56 34.70 -8.19 16.77
CA LEU N 56 33.94 -7.28 17.62
C LEU N 56 32.47 -7.24 17.25
N PHE N 57 32.15 -7.44 15.97
CA PHE N 57 30.77 -7.36 15.52
C PHE N 57 29.98 -8.59 15.96
N ASP N 58 30.65 -9.71 16.16
CA ASP N 58 29.94 -10.97 16.50
C ASP N 58 29.52 -10.98 17.97
N MET N 59 29.97 -9.99 18.76
CA MET N 59 29.67 -10.00 20.22
C MET N 59 28.51 -9.05 20.51
N HIS N 60 27.90 -8.46 19.48
CA HIS N 60 26.82 -7.46 19.72
C HIS N 60 25.44 -8.09 19.56
N GLY N 61 25.38 -9.40 19.26
CA GLY N 61 24.07 -10.07 19.18
C GLY N 61 24.10 -11.37 18.41
N ARG N 62 22.96 -12.06 18.31
CA ARG N 62 22.86 -13.31 17.58
C ARG N 62 22.91 -13.05 16.07
N PHE N 63 22.84 -14.14 15.30
CA PHE N 63 22.88 -14.05 13.83
C PHE N 63 21.66 -13.33 13.29
N GLU N 64 20.50 -13.53 13.92
CA GLU N 64 19.28 -12.87 13.49
C GLU N 64 19.34 -11.36 13.75
N GLN N 65 20.00 -10.96 14.82
CA GLN N 65 20.03 -9.57 15.25
C GLN N 65 21.09 -8.75 14.54
N LEU N 66 22.19 -9.39 14.12
CA LEU N 66 23.21 -8.66 13.39
C LEU N 66 22.80 -8.38 11.95
N ALA N 67 21.97 -9.25 11.37
CA ALA N 67 21.45 -9.01 10.04
C ALA N 67 20.35 -7.95 10.04
N GLU N 68 19.59 -7.86 11.14
CA GLU N 68 18.62 -6.78 11.29
C GLU N 68 19.31 -5.43 11.41
N PHE N 69 20.47 -5.39 12.08
CA PHE N 69 21.25 -4.17 12.18
C PHE N 69 21.85 -3.77 10.84
N PHE N 70 22.19 -4.75 10.00
CA PHE N 70 22.74 -4.45 8.68
C PHE N 70 21.68 -3.88 7.76
N ALA N 71 20.46 -4.39 7.82
CA ALA N 71 19.43 -4.01 6.86
C ALA N 71 18.89 -2.61 7.10
N ILE N 72 19.08 -2.04 8.29
CA ILE N 72 18.56 -0.72 8.62
C ILE N 72 19.67 0.31 8.75
N SER N 73 20.89 -0.03 8.34
CA SER N 73 21.98 0.93 8.40
C SER N 73 21.87 1.98 7.30
N ALA N 74 21.29 1.62 6.17
CA ALA N 74 21.15 2.50 5.03
C ALA N 74 19.98 2.02 4.20
N PRO N 75 19.36 2.88 3.39
CA PRO N 75 18.33 2.41 2.47
C PRO N 75 18.94 1.53 1.38
N ASN N 76 18.13 0.55 0.95
CA ASN N 76 18.48 -0.42 -0.09
C ASN N 76 19.73 -1.22 0.25
N ARG N 77 19.97 -1.45 1.55
CA ARG N 77 21.15 -2.19 1.97
C ARG N 77 20.89 -3.69 1.95
N LEU N 78 19.66 -4.12 2.20
CA LEU N 78 19.33 -5.53 2.13
C LEU N 78 19.25 -6.03 0.69
N GLN N 79 18.76 -5.19 -0.22
CA GLN N 79 18.69 -5.58 -1.64
C GLN N 79 20.08 -5.67 -2.26
N ARG N 80 21.04 -4.93 -1.71
CA ARG N 80 22.44 -5.06 -2.20
C ARG N 80 22.97 -6.43 -1.79
N LEU N 81 22.68 -6.85 -0.55
CA LEU N 81 23.19 -8.14 -0.03
C LEU N 81 22.67 -9.29 -0.89
N VAL N 82 21.37 -9.30 -1.20
CA VAL N 82 20.77 -10.41 -1.99
C VAL N 82 21.48 -10.48 -3.34
N TYR N 83 21.71 -9.32 -3.97
CA TYR N 83 22.39 -9.28 -5.29
C TYR N 83 23.80 -9.87 -5.14
N GLU N 84 24.53 -9.45 -4.10
CA GLU N 84 25.91 -9.94 -3.88
C GLU N 84 25.87 -11.45 -3.60
N MET N 85 24.92 -11.90 -2.79
CA MET N 85 24.81 -13.34 -2.45
C MET N 85 24.57 -14.14 -3.73
N SER N 86 23.75 -13.62 -4.65
CA SER N 86 23.48 -14.33 -5.89
C SER N 86 24.72 -14.48 -6.75
N LEU N 87 25.63 -13.52 -6.70
CA LEU N 87 26.87 -13.61 -7.45
C LEU N 87 27.84 -14.65 -6.89
N SER N 88 27.76 -14.95 -5.59
CA SER N 88 28.71 -15.83 -4.95
C SER N 88 28.17 -17.22 -4.66
N PHE N 89 26.86 -17.35 -4.40
CA PHE N 89 26.31 -18.66 -4.07
C PHE N 89 25.99 -19.46 -5.33
N ASP N 90 25.37 -18.83 -6.32
CA ASP N 90 24.94 -19.50 -7.54
C ASP N 90 25.84 -19.16 -8.72
N SER N 91 27.14 -19.01 -8.47
CA SER N 91 28.10 -18.70 -9.53
C SER N 91 28.37 -19.94 -10.37
N ALA N 92 29.13 -19.74 -11.45
CA ALA N 92 29.43 -20.84 -12.36
C ALA N 92 30.46 -21.80 -11.77
N GLU N 93 31.39 -21.30 -10.96
CA GLU N 93 32.36 -22.19 -10.33
C GLU N 93 31.77 -22.96 -9.16
N ALA N 94 30.67 -22.49 -8.59
CA ALA N 94 29.95 -23.27 -7.59
C ALA N 94 29.09 -24.36 -8.22
N GLU N 95 28.65 -24.15 -9.47
CA GLU N 95 27.95 -25.21 -10.19
C GLU N 95 28.91 -26.30 -10.63
N ALA N 96 30.16 -25.93 -10.95
CA ALA N 96 31.13 -26.90 -11.43
C ALA N 96 31.62 -27.81 -10.31
N LEU N 97 31.64 -27.31 -9.07
CA LEU N 97 31.95 -28.14 -7.92
C LEU N 97 30.77 -29.02 -7.48
N ARG N 98 29.61 -28.86 -8.11
CA ARG N 98 28.38 -29.49 -7.67
C ARG N 98 28.09 -30.80 -8.39
N GLU N 99 28.59 -30.98 -9.61
CA GLU N 99 28.44 -32.28 -10.26
C GLU N 99 29.42 -33.30 -9.69
N LYS N 100 30.61 -32.85 -9.32
CA LYS N 100 31.63 -33.73 -8.77
C LYS N 100 31.55 -33.86 -7.26
N SER N 101 30.50 -33.32 -6.64
CA SER N 101 30.32 -33.47 -5.20
C SER N 101 29.63 -34.80 -4.90
N PRO N 102 30.21 -35.64 -4.04
CA PRO N 102 29.60 -36.95 -3.77
C PRO N 102 28.31 -36.88 -2.97
N MET N 103 28.07 -35.80 -2.22
CA MET N 103 26.80 -35.70 -1.48
C MET N 103 25.66 -35.38 -2.41
N HIS N 104 25.89 -34.48 -3.38
CA HIS N 104 24.84 -34.06 -4.29
C HIS N 104 24.53 -35.15 -5.32
N ARG N 105 25.50 -36.01 -5.60
CA ARG N 105 25.22 -37.18 -6.44
C ARG N 105 24.40 -38.22 -5.68
N ALA N 106 24.75 -38.45 -4.40
CA ALA N 106 24.04 -39.44 -3.60
C ALA N 106 22.66 -38.95 -3.17
N LEU N 107 22.44 -37.64 -3.11
CA LEU N 107 21.11 -37.12 -2.81
C LEU N 107 20.17 -37.31 -3.99
N ALA N 108 20.65 -37.01 -5.19
CA ALA N 108 19.82 -37.09 -6.38
C ALA N 108 19.63 -38.52 -6.90
N ALA N 109 20.43 -39.47 -6.40
CA ALA N 109 20.26 -40.86 -6.81
C ALA N 109 19.00 -41.49 -6.22
N LEU N 110 18.52 -40.96 -5.10
CA LEU N 110 17.31 -41.46 -4.47
C LEU N 110 16.09 -40.79 -5.06
N ASP N 111 14.96 -41.50 -5.05
CA ASP N 111 13.73 -41.02 -5.67
C ASP N 111 12.88 -40.38 -4.58
N TRP N 112 13.19 -39.13 -4.26
CA TRP N 112 12.46 -38.40 -3.26
C TRP N 112 11.18 -37.81 -3.86
N ARG N 113 10.30 -37.36 -2.97
CA ARG N 113 9.11 -36.62 -3.38
C ARG N 113 9.03 -35.22 -2.82
N THR N 114 9.65 -34.96 -1.67
CA THR N 114 9.64 -33.64 -1.06
C THR N 114 10.99 -33.43 -0.38
N ILE N 115 11.60 -32.27 -0.61
CA ILE N 115 12.85 -31.89 0.03
C ILE N 115 12.68 -30.48 0.60
N TYR N 116 12.95 -30.33 1.90
CA TYR N 116 12.93 -29.04 2.55
C TYR N 116 14.37 -28.55 2.71
N THR N 117 14.60 -27.28 2.37
CA THR N 117 15.92 -26.66 2.51
C THR N 117 15.79 -25.29 3.16
N THR N 118 16.83 -24.90 3.89
CA THR N 118 16.91 -23.57 4.48
C THR N 118 18.12 -22.80 3.99
N ALA N 119 18.54 -23.04 2.74
CA ALA N 119 19.68 -22.34 2.19
C ALA N 119 19.29 -21.58 0.92
N TYR N 120 19.95 -20.44 0.70
CA TYR N 120 19.60 -19.57 -0.46
C TYR N 120 20.52 -19.84 -1.64
N ASP N 121 20.38 -20.99 -2.30
CA ASP N 121 21.13 -21.38 -3.48
C ASP N 121 20.37 -22.46 -4.23
N LYS N 122 20.59 -22.52 -5.54
CA LYS N 122 19.94 -23.53 -6.36
C LYS N 122 20.82 -24.78 -6.53
N HIS N 123 21.35 -25.29 -5.43
CA HIS N 123 22.25 -26.43 -5.50
C HIS N 123 21.64 -27.70 -4.96
N VAL N 124 20.42 -27.66 -4.47
CA VAL N 124 19.68 -28.87 -4.10
C VAL N 124 18.78 -29.33 -5.22
N GLU N 125 17.99 -28.41 -5.78
CA GLU N 125 17.26 -28.75 -6.99
C GLU N 125 18.18 -28.82 -8.20
N GLY N 126 19.30 -28.08 -8.17
CA GLY N 126 20.25 -28.17 -9.25
C GLY N 126 21.00 -29.48 -9.30
N ALA N 127 21.12 -30.16 -8.15
CA ALA N 127 21.66 -31.51 -8.14
C ALA N 127 20.69 -32.49 -8.76
N LEU N 128 19.38 -32.21 -8.65
CA LEU N 128 18.38 -33.09 -9.27
C LEU N 128 18.34 -32.93 -10.77
N ARG N 129 18.59 -31.71 -11.28
CA ARG N 129 18.68 -31.51 -12.72
C ARG N 129 19.93 -32.15 -13.31
N ASP N 130 20.98 -32.32 -12.51
CA ASP N 130 22.20 -32.93 -13.01
C ASP N 130 22.05 -34.42 -13.20
N ALA N 131 21.18 -35.07 -12.43
CA ALA N 131 20.94 -36.50 -12.52
C ALA N 131 19.83 -36.86 -13.50
N GLY N 132 19.44 -35.92 -14.36
CA GLY N 132 18.37 -36.16 -15.31
C GLY N 132 16.98 -35.95 -14.78
N LYS N 133 16.80 -35.88 -13.47
CA LYS N 133 15.49 -35.67 -12.88
C LYS N 133 15.12 -34.19 -12.98
N GLN N 134 13.85 -33.91 -12.67
CA GLN N 134 13.35 -32.55 -12.66
C GLN N 134 12.72 -32.24 -11.31
N ALA N 135 12.85 -30.98 -10.89
CA ALA N 135 12.41 -30.54 -9.59
C ALA N 135 11.44 -29.37 -9.75
N ALA N 136 10.84 -28.98 -8.63
CA ALA N 136 9.87 -27.88 -8.62
C ALA N 136 10.13 -27.05 -7.37
N VAL N 137 10.68 -25.85 -7.55
CA VAL N 137 10.98 -24.97 -6.43
C VAL N 137 9.70 -24.30 -5.98
N LEU N 138 9.37 -24.45 -4.70
CA LEU N 138 8.18 -23.84 -4.11
C LEU N 138 8.63 -22.98 -2.95
N ALA N 139 8.55 -21.67 -3.10
CA ALA N 139 9.00 -20.76 -2.06
C ALA N 139 7.95 -19.75 -1.63
N SER N 140 7.15 -19.25 -2.56
CA SER N 140 6.15 -18.23 -2.28
C SER N 140 4.76 -18.81 -2.52
N PHE N 141 3.74 -17.97 -2.27
CA PHE N 141 2.36 -18.39 -2.47
C PHE N 141 2.04 -18.63 -3.93
N ALA N 142 2.65 -17.87 -4.84
CA ALA N 142 2.40 -18.04 -6.27
C ALA N 142 3.01 -19.31 -6.81
N ASP N 143 4.02 -19.87 -6.13
CA ASP N 143 4.61 -21.12 -6.58
C ASP N 143 3.71 -22.30 -6.25
N PHE N 144 3.09 -22.30 -5.06
CA PHE N 144 2.16 -23.36 -4.71
C PHE N 144 0.91 -23.33 -5.57
N GLN N 145 0.42 -22.15 -5.91
CA GLN N 145 -0.74 -22.03 -6.78
C GLN N 145 -0.43 -22.33 -8.23
N GLY N 146 0.81 -22.19 -8.65
CA GLY N 146 1.18 -22.34 -10.04
C GLY N 146 1.19 -23.78 -10.51
N PRO N 147 1.39 -23.98 -11.82
CA PRO N 147 1.34 -25.34 -12.37
C PRO N 147 2.65 -26.09 -12.22
N ARG N 148 2.52 -27.39 -11.94
CA ARG N 148 3.69 -28.29 -11.87
C ARG N 148 3.27 -29.53 -12.67
N ALA N 149 4.17 -30.50 -12.82
CA ALA N 149 3.86 -31.76 -13.55
C ALA N 149 3.18 -32.72 -12.58
N ARG N 150 2.68 -33.86 -13.08
CA ARG N 150 1.92 -34.80 -12.20
C ARG N 150 2.80 -35.28 -11.05
N ASP N 151 4.00 -35.79 -11.34
CA ASP N 151 4.88 -36.35 -10.28
C ASP N 151 6.29 -35.76 -10.42
N VAL N 152 6.63 -34.77 -9.59
CA VAL N 152 7.97 -34.12 -9.65
C VAL N 152 8.38 -33.79 -8.21
N CYS N 153 9.58 -34.22 -7.79
CA CYS N 153 10.06 -33.88 -6.46
C CYS N 153 9.94 -32.39 -6.21
N GLU N 154 9.16 -32.03 -5.19
CA GLU N 154 8.92 -30.64 -4.83
C GLU N 154 9.96 -30.20 -3.82
N VAL N 155 10.79 -29.23 -4.19
CA VAL N 155 11.81 -28.68 -3.31
C VAL N 155 11.20 -27.46 -2.62
N ILE N 156 10.98 -27.57 -1.31
CA ILE N 156 10.34 -26.50 -0.55
C ILE N 156 11.46 -25.64 0.04
N LYS N 157 11.60 -24.42 -0.48
CA LYS N 157 12.55 -23.46 0.07
C LYS N 157 11.94 -22.87 1.33
N PHE N 158 12.31 -23.42 2.48
CA PHE N 158 11.74 -22.99 3.74
C PHE N 158 12.22 -21.61 4.15
N ALA N 159 13.40 -21.19 3.70
CA ALA N 159 13.92 -19.88 4.05
C ALA N 159 13.78 -18.85 2.94
N GLY N 160 13.50 -19.27 1.72
CA GLY N 160 13.40 -18.38 0.59
C GLY N 160 14.45 -18.70 -0.46
N THR N 161 14.31 -18.00 -1.59
CA THR N 161 15.17 -18.22 -2.75
C THR N 161 15.72 -16.86 -3.19
N LEU N 162 16.88 -16.88 -3.83
CA LEU N 162 17.51 -15.64 -4.25
C LEU N 162 16.84 -14.99 -5.46
N ASP N 163 16.09 -15.75 -6.25
CA ASP N 163 15.39 -15.15 -7.38
C ASP N 163 14.07 -14.52 -6.98
N GLN N 164 13.63 -14.71 -5.74
CA GLN N 164 12.46 -14.05 -5.18
C GLN N 164 12.91 -13.43 -3.87
N PRO N 165 13.44 -12.20 -3.90
CA PRO N 165 14.06 -11.62 -2.69
C PRO N 165 13.08 -11.26 -1.59
N ASP N 166 11.77 -11.27 -1.85
CA ASP N 166 10.79 -11.01 -0.80
C ASP N 166 10.58 -12.20 0.12
N THR N 167 11.00 -13.40 -0.30
CA THR N 167 10.79 -14.61 0.48
C THR N 167 11.94 -14.92 1.43
N ILE N 168 13.04 -14.18 1.35
CA ILE N 168 14.23 -14.46 2.14
C ILE N 168 14.01 -14.03 3.58
N VAL N 169 14.17 -14.95 4.51
CA VAL N 169 14.15 -14.64 5.94
C VAL N 169 15.59 -14.65 6.44
N LEU N 170 16.13 -13.48 6.67
CA LEU N 170 17.49 -13.35 7.16
C LEU N 170 17.59 -12.45 8.38
N THR N 171 16.81 -11.38 8.42
CA THR N 171 16.83 -10.42 9.51
C THR N 171 15.87 -10.87 10.61
N GLU N 172 15.98 -10.23 11.77
CA GLU N 172 15.21 -10.65 12.95
C GLU N 172 13.72 -10.38 12.78
N SER N 173 13.36 -9.30 12.09
CA SER N 173 11.95 -9.00 11.84
C SER N 173 11.31 -10.01 10.90
N SER N 174 12.12 -10.64 10.05
CA SER N 174 11.59 -11.68 9.18
C SER N 174 11.38 -13.00 9.92
N TYR N 175 12.21 -13.30 10.92
CA TYR N 175 11.97 -14.48 11.74
C TYR N 175 10.78 -14.30 12.67
N PHE N 176 10.55 -13.08 13.17
CA PHE N 176 9.38 -12.83 13.99
C PHE N 176 8.10 -12.85 13.16
N GLN N 177 8.19 -12.57 11.86
CA GLN N 177 7.03 -12.68 11.00
C GLN N 177 6.67 -14.13 10.74
N ARG N 178 7.64 -15.03 10.84
CA ARG N 178 7.42 -16.45 10.64
C ARG N 178 7.05 -17.18 11.93
N MET N 179 6.99 -16.48 13.07
CA MET N 179 6.58 -17.10 14.32
C MET N 179 5.10 -17.46 14.33
N ALA N 180 4.28 -16.77 13.53
CA ALA N 180 2.86 -17.03 13.48
C ALA N 180 2.51 -18.31 12.74
N LEU N 181 3.49 -18.90 12.03
CA LEU N 181 3.36 -20.17 11.28
C LEU N 181 2.26 -20.07 10.23
N ASP N 182 2.20 -18.92 9.55
CA ASP N 182 1.16 -18.64 8.58
C ASP N 182 1.69 -18.63 7.15
N ALA N 183 3.00 -18.64 6.97
CA ALA N 183 3.59 -18.67 5.64
C ALA N 183 3.32 -20.00 4.95
N PRO N 184 3.27 -20.03 3.62
CA PRO N 184 3.07 -21.29 2.90
C PRO N 184 4.17 -22.32 3.09
N PRO N 185 5.45 -21.95 3.31
CA PRO N 185 6.38 -23.00 3.77
C PRO N 185 6.12 -23.47 5.19
N ASP N 186 5.52 -22.63 6.05
CA ASP N 186 5.23 -23.06 7.40
C ASP N 186 4.02 -23.99 7.45
N GLN N 187 3.02 -23.73 6.61
CA GLN N 187 1.82 -24.56 6.62
C GLN N 187 2.08 -25.91 5.96
N ARG N 188 2.97 -25.95 4.97
CA ARG N 188 3.29 -27.21 4.30
C ARG N 188 4.18 -28.09 5.18
N LEU N 189 5.04 -27.48 6.00
CA LEU N 189 5.91 -28.24 6.87
C LEU N 189 5.14 -28.91 8.00
N ARG N 190 4.18 -28.20 8.59
CA ARG N 190 3.43 -28.72 9.72
C ARG N 190 2.48 -29.84 9.33
N ALA N 191 2.05 -29.88 8.06
CA ALA N 191 1.20 -30.98 7.62
C ALA N 191 2.02 -32.19 7.22
N ASP N 192 3.23 -31.99 6.72
CA ASP N 192 4.10 -33.12 6.41
C ASP N 192 4.71 -33.73 7.67
N LEU N 193 4.82 -32.94 8.73
CA LEU N 193 5.33 -33.46 10.00
C LEU N 193 4.31 -34.35 10.70
N LEU N 194 3.03 -34.22 10.35
CA LEU N 194 1.99 -35.08 10.91
C LEU N 194 2.14 -36.53 10.49
N ALA N 195 2.77 -36.80 9.36
CA ALA N 195 2.75 -38.15 8.81
C ALA N 195 4.08 -38.69 8.33
N ASN N 196 5.18 -37.96 8.48
CA ASN N 196 6.43 -38.37 7.85
C ASN N 196 7.60 -38.22 8.82
N SER N 197 8.62 -39.05 8.61
CA SER N 197 9.90 -38.90 9.28
C SER N 197 10.78 -37.92 8.51
N PHE N 198 11.56 -37.15 9.24
CA PHE N 198 12.47 -36.21 8.61
C PHE N 198 13.93 -36.60 8.88
N LEU N 199 14.79 -36.24 7.95
CA LEU N 199 16.22 -36.52 8.04
C LEU N 199 16.96 -35.19 7.95
N PHE N 200 17.49 -34.74 9.08
CA PHE N 200 18.17 -33.45 9.17
C PHE N 200 19.64 -33.64 8.79
N ILE N 201 20.05 -33.03 7.69
CA ILE N 201 21.42 -33.14 7.19
C ILE N 201 21.97 -31.74 7.02
N GLY N 202 23.08 -31.45 7.68
CA GLY N 202 23.72 -30.17 7.53
C GLY N 202 23.04 -29.02 8.22
N TYR N 203 22.08 -29.29 9.09
CA TYR N 203 21.34 -28.26 9.80
C TYR N 203 21.51 -28.46 11.29
N SER N 204 21.74 -27.36 12.02
CA SER N 204 21.83 -27.37 13.46
C SER N 204 20.67 -26.58 14.03
N PHE N 205 19.99 -27.17 15.02
CA PHE N 205 18.76 -26.55 15.60
C PHE N 205 19.09 -25.30 16.42
N SER N 206 19.41 -24.19 15.75
CA SER N 206 19.69 -22.93 16.40
C SER N 206 18.60 -21.90 16.19
N ASP N 207 17.79 -22.08 15.14
CA ASP N 207 16.66 -21.16 14.86
C ASP N 207 15.46 -21.56 15.73
N THR N 208 14.86 -20.59 16.43
CA THR N 208 13.73 -20.87 17.29
C THR N 208 12.42 -21.02 16.52
N ASN N 209 12.43 -20.82 15.20
CA ASN N 209 11.24 -21.11 14.41
C ASN N 209 11.12 -22.58 14.07
N ILE N 210 12.24 -23.31 14.01
CA ILE N 210 12.15 -24.75 13.79
C ILE N 210 11.84 -25.47 15.10
N ARG N 211 12.50 -25.07 16.20
CA ARG N 211 12.33 -25.74 17.48
C ARG N 211 10.92 -25.56 18.04
N TYR N 212 10.22 -24.50 17.64
CA TYR N 212 8.85 -24.26 18.07
C TYR N 212 7.84 -25.12 17.32
N ILE N 213 8.17 -25.59 16.11
CA ILE N 213 7.24 -26.43 15.36
C ILE N 213 7.22 -27.83 15.94
N TRP N 214 8.40 -28.39 16.22
CA TRP N 214 8.49 -29.70 16.86
C TRP N 214 8.04 -29.69 18.30
N TYR N 215 8.02 -28.52 18.94
CA TYR N 215 7.41 -28.41 20.26
C TYR N 215 5.91 -28.64 20.19
N ARG N 216 5.25 -27.93 19.26
CA ARG N 216 3.77 -28.01 19.15
C ARG N 216 3.34 -29.38 18.63
N MET N 217 4.17 -30.04 17.82
CA MET N 217 3.85 -31.41 17.36
C MET N 217 3.78 -32.33 18.59
N ASN N 218 4.69 -32.15 19.54
CA ASN N 218 4.70 -32.97 20.78
C ASN N 218 3.43 -32.68 21.59
N GLN N 219 2.93 -31.45 21.52
CA GLN N 219 1.66 -31.11 22.22
C GLN N 219 0.54 -31.99 21.65
N LEU N 220 0.28 -31.91 20.34
CA LEU N 220 -0.71 -32.80 19.76
C LEU N 220 -0.47 -34.24 20.18
N ARG N 221 0.78 -34.62 20.42
CA ARG N 221 1.11 -36.00 20.76
C ARG N 221 0.78 -36.31 22.22
N GLU N 222 1.03 -35.37 23.13
CA GLU N 222 0.75 -35.61 24.54
C GLU N 222 -0.73 -35.50 24.88
N GLN N 223 -1.45 -34.61 24.19
CA GLN N 223 -2.89 -34.47 24.45
C GLN N 223 -3.69 -35.61 23.85
N SER N 224 -3.12 -36.34 22.89
CA SER N 224 -3.81 -37.49 22.31
C SER N 224 -3.76 -38.73 23.19
N GLN N 225 -2.94 -38.70 24.24
CA GLN N 225 -2.91 -39.72 25.31
C GLN N 225 -2.57 -41.11 24.79
N LEU N 226 -1.60 -41.18 23.89
CA LEU N 226 -1.07 -42.47 23.48
C LEU N 226 -0.20 -43.05 24.60
N GLY N 227 0.10 -44.34 24.48
CA GLY N 227 0.91 -45.03 25.46
C GLY N 227 2.38 -44.67 25.36
N VAL N 228 3.17 -45.37 26.18
CA VAL N 228 4.62 -45.20 26.12
C VAL N 228 5.17 -45.82 24.84
N LYS N 229 4.58 -46.92 24.40
CA LYS N 229 5.07 -47.62 23.22
C LYS N 229 4.70 -46.90 21.93
N HIS N 230 3.47 -46.40 21.82
CA HIS N 230 2.97 -45.88 20.57
C HIS N 230 3.31 -44.43 20.32
N SER N 231 3.57 -43.65 21.38
CA SER N 231 3.99 -42.27 21.19
C SER N 231 5.46 -42.16 20.79
N GLN N 232 6.23 -43.23 20.93
CA GLN N 232 7.65 -43.24 20.58
C GLN N 232 7.92 -43.99 19.28
N ALA N 233 6.88 -44.25 18.48
CA ALA N 233 7.05 -45.12 17.31
C ALA N 233 7.63 -44.37 16.13
N ARG N 234 7.11 -43.17 15.84
CA ARG N 234 7.54 -42.40 14.68
C ARG N 234 8.65 -41.43 15.11
N ARG N 235 9.86 -41.65 14.59
CA ARG N 235 11.03 -40.88 14.99
C ARG N 235 11.46 -39.95 13.86
N CYS N 236 12.29 -38.99 14.21
CA CYS N 236 13.01 -38.17 13.25
C CYS N 236 14.50 -38.33 13.49
N PHE N 237 15.29 -38.04 12.46
CA PHE N 237 16.72 -38.35 12.49
C PHE N 237 17.53 -37.10 12.22
N PHE N 238 18.61 -36.93 12.98
CA PHE N 238 19.37 -35.69 13.07
C PHE N 238 20.85 -36.03 12.93
N ALA N 239 21.34 -36.05 11.69
CA ALA N 239 22.74 -36.39 11.41
C ALA N 239 23.62 -35.17 11.66
N THR N 240 24.59 -35.30 12.56
CA THR N 240 25.42 -34.18 12.96
C THR N 240 26.79 -34.69 13.37
N HIS N 241 27.84 -34.04 12.85
CA HIS N 241 29.20 -34.41 13.21
C HIS N 241 29.57 -33.97 14.62
N GLY N 242 29.01 -32.85 15.07
CA GLY N 242 29.49 -32.21 16.28
C GLY N 242 28.43 -31.88 17.32
N ALA N 243 27.47 -32.78 17.52
CA ALA N 243 26.45 -32.58 18.54
C ALA N 243 27.07 -32.66 19.93
N GLY N 244 26.63 -31.77 20.81
CA GLY N 244 27.20 -31.69 22.14
C GLY N 244 26.65 -32.71 23.12
N LEU N 245 26.45 -32.29 24.36
CA LEU N 245 25.92 -33.16 25.40
C LEU N 245 24.52 -32.79 25.86
N VAL N 246 24.14 -31.53 25.71
CA VAL N 246 22.82 -31.06 26.14
C VAL N 246 21.80 -31.22 25.03
N GLN N 247 22.15 -30.81 23.82
CA GLN N 247 21.20 -30.79 22.71
C GLN N 247 20.66 -32.15 22.25
N PRO N 248 21.40 -33.27 22.26
CA PRO N 248 20.72 -34.56 21.94
C PRO N 248 19.67 -34.99 22.94
N ASP N 249 19.76 -34.57 24.21
CA ASP N 249 18.76 -34.95 25.20
C ASP N 249 17.54 -34.04 25.19
N ILE N 250 17.66 -32.82 24.68
CA ILE N 250 16.49 -31.97 24.52
C ILE N 250 15.59 -32.52 23.42
N LEU N 251 16.20 -33.07 22.37
CA LEU N 251 15.47 -33.54 21.20
C LEU N 251 14.88 -34.93 21.38
N GLN N 252 15.25 -35.66 22.43
CA GLN N 252 14.58 -36.92 22.73
C GLN N 252 13.15 -36.71 23.19
N GLN N 253 12.86 -35.53 23.73
CA GLN N 253 11.48 -35.14 24.04
C GLN N 253 10.63 -35.06 22.78
N TRP N 254 11.24 -34.70 21.66
CA TRP N 254 10.51 -34.32 20.46
C TRP N 254 10.58 -35.39 19.39
N ASN N 255 10.93 -36.63 19.78
CA ASN N 255 11.11 -37.79 18.90
C ASN N 255 12.11 -37.51 17.78
N ILE N 256 13.28 -37.02 18.16
CA ILE N 256 14.36 -36.74 17.22
C ILE N 256 15.58 -37.52 17.68
N ASP N 257 16.03 -38.46 16.85
CA ASP N 257 17.22 -39.25 17.14
C ASP N 257 18.43 -38.64 16.47
N VAL N 258 19.58 -38.76 17.13
CA VAL N 258 20.83 -38.17 16.66
C VAL N 258 21.68 -39.25 16.04
N ILE N 259 22.15 -39.00 14.82
CA ILE N 259 23.06 -39.91 14.11
C ILE N 259 24.44 -39.27 14.14
N GLN N 260 25.36 -39.89 14.87
CA GLN N 260 26.72 -39.36 14.98
C GLN N 260 27.53 -39.75 13.75
N LEU N 261 27.96 -38.75 12.99
CA LEU N 261 28.79 -38.97 11.82
C LEU N 261 30.26 -38.73 12.17
N ASP N 262 31.13 -39.26 11.33
CA ASP N 262 32.57 -39.19 11.58
C ASP N 262 33.08 -37.79 11.27
N PRO N 263 33.63 -37.06 12.25
CA PRO N 263 34.00 -35.66 12.04
C PRO N 263 35.33 -35.44 11.35
N THR N 264 36.04 -36.49 10.94
CA THR N 264 37.33 -36.31 10.29
C THR N 264 37.15 -35.78 8.87
N ASP N 265 36.33 -36.46 8.07
CA ASP N 265 35.95 -35.99 6.74
C ASP N 265 34.44 -35.79 6.76
N LYS N 266 34.01 -34.53 6.81
CA LYS N 266 32.60 -34.24 6.96
C LYS N 266 31.84 -34.49 5.66
N SER N 267 32.52 -34.41 4.52
CA SER N 267 31.84 -34.60 3.24
C SER N 267 31.56 -36.07 2.96
N ALA N 268 32.51 -36.94 3.28
CA ALA N 268 32.36 -38.37 3.00
C ALA N 268 31.45 -39.07 3.99
N SER N 269 31.30 -38.53 5.21
CA SER N 269 30.44 -39.15 6.19
C SER N 269 28.97 -38.99 5.82
N VAL N 270 28.62 -37.84 5.24
CA VAL N 270 27.25 -37.61 4.81
C VAL N 270 26.94 -38.44 3.57
N ALA N 271 27.92 -38.58 2.67
CA ALA N 271 27.72 -39.33 1.43
C ALA N 271 27.53 -40.81 1.69
N ARG N 272 28.18 -41.36 2.71
CA ARG N 272 27.95 -42.75 3.08
C ARG N 272 26.59 -42.95 3.74
N LEU N 273 26.01 -41.90 4.33
CA LEU N 273 24.66 -42.01 4.88
C LEU N 273 23.62 -42.05 3.77
N LEU N 274 23.77 -41.21 2.76
CA LEU N 274 22.81 -41.16 1.67
C LEU N 274 22.92 -42.37 0.75
N GLU N 275 24.09 -43.00 0.67
CA GLU N 275 24.22 -44.23 -0.10
C GLU N 275 23.74 -45.45 0.67
N SER N 276 23.68 -45.37 2.01
CA SER N 276 23.13 -46.46 2.80
C SER N 276 21.62 -46.50 2.78
N ILE N 277 20.96 -45.42 2.38
CA ILE N 277 19.51 -45.44 2.24
C ILE N 277 19.12 -46.21 0.98
N ALA N 278 19.92 -46.09 -0.08
CA ALA N 278 19.68 -46.81 -1.32
C ALA N 278 19.91 -48.31 -1.16
N THR O 2 -23.39 -15.89 -14.30
CA THR O 2 -22.86 -15.70 -12.96
C THR O 2 -22.73 -17.03 -12.22
N THR O 3 -23.13 -18.11 -12.88
CA THR O 3 -23.11 -19.43 -12.28
C THR O 3 -22.88 -20.46 -13.39
N LEU O 4 -21.89 -21.33 -13.19
CA LEU O 4 -21.57 -22.35 -14.16
C LEU O 4 -22.65 -23.43 -14.20
N THR O 5 -22.87 -23.98 -15.38
CA THR O 5 -23.75 -25.12 -15.56
C THR O 5 -22.93 -26.39 -15.55
N LEU O 6 -23.57 -27.52 -15.82
CA LEU O 6 -22.87 -28.80 -15.79
C LEU O 6 -21.96 -28.98 -17.00
N SER O 7 -22.41 -28.56 -18.17
CA SER O 7 -21.61 -28.71 -19.39
C SER O 7 -20.47 -27.70 -19.45
N GLU O 8 -20.63 -26.54 -18.81
CA GLU O 8 -19.57 -25.53 -18.81
C GLU O 8 -18.45 -25.92 -17.84
N ALA O 9 -18.80 -26.45 -16.68
CA ALA O 9 -17.81 -26.78 -15.67
C ALA O 9 -17.15 -28.14 -15.90
N ALA O 10 -17.66 -28.95 -16.81
CA ALA O 10 -17.09 -30.27 -17.09
C ALA O 10 -15.69 -30.24 -17.71
N PRO O 11 -15.33 -29.38 -18.69
CA PRO O 11 -13.92 -29.36 -19.10
C PRO O 11 -13.00 -28.69 -18.10
N LEU O 12 -13.53 -27.85 -17.21
CA LEU O 12 -12.68 -27.26 -16.17
C LEU O 12 -12.33 -28.27 -15.10
N LEU O 13 -13.18 -29.26 -14.86
CA LEU O 13 -12.90 -30.31 -13.90
C LEU O 13 -12.03 -31.42 -14.49
N LYS O 14 -12.05 -31.62 -15.81
CA LYS O 14 -11.18 -32.60 -16.42
C LYS O 14 -9.72 -32.16 -16.36
N LYS O 15 -9.47 -30.85 -16.49
CA LYS O 15 -8.10 -30.35 -16.52
C LYS O 15 -7.44 -30.46 -15.16
N GLU O 16 -8.17 -30.14 -14.10
CA GLU O 16 -7.61 -30.25 -12.75
C GLU O 16 -7.49 -31.70 -12.30
N PHE O 17 -8.29 -32.60 -12.87
CA PHE O 17 -8.22 -34.00 -12.44
C PHE O 17 -7.07 -34.73 -13.11
N ARG O 18 -6.82 -34.47 -14.40
CA ARG O 18 -5.71 -35.14 -15.07
C ARG O 18 -4.35 -34.61 -14.63
N GLU O 19 -4.32 -33.43 -14.01
CA GLU O 19 -3.11 -32.94 -13.37
C GLU O 19 -2.96 -33.44 -11.95
N GLY O 20 -3.99 -34.08 -11.39
CA GLY O 20 -3.92 -34.56 -10.03
C GLY O 20 -4.08 -33.50 -8.98
N ARG O 21 -4.80 -32.41 -9.29
CA ARG O 21 -4.88 -31.26 -8.41
C ARG O 21 -6.33 -30.93 -8.05
N LEU O 22 -7.20 -31.94 -8.11
CA LEU O 22 -8.60 -31.81 -7.73
C LEU O 22 -8.88 -32.74 -6.58
N ILE O 23 -9.52 -32.23 -5.52
CA ILE O 23 -9.79 -32.98 -4.31
C ILE O 23 -11.26 -32.81 -3.94
N PRO O 24 -12.03 -33.89 -3.78
CA PRO O 24 -13.44 -33.73 -3.42
C PRO O 24 -13.59 -33.37 -1.95
N PHE O 25 -14.55 -32.48 -1.68
CA PHE O 25 -14.94 -32.15 -0.31
C PHE O 25 -16.41 -32.54 -0.18
N LEU O 26 -16.68 -33.62 0.56
CA LEU O 26 -18.02 -34.17 0.65
C LEU O 26 -18.67 -33.78 1.96
N GLY O 27 -19.98 -33.52 1.90
CA GLY O 27 -20.73 -33.08 3.04
C GLY O 27 -21.73 -34.11 3.53
N ALA O 28 -22.69 -33.63 4.33
CA ALA O 28 -23.74 -34.51 4.84
C ALA O 28 -24.74 -34.90 3.77
N GLY O 29 -24.90 -34.06 2.74
CA GLY O 29 -25.85 -34.33 1.69
C GLY O 29 -25.44 -35.43 0.73
N PHE O 30 -24.20 -35.89 0.80
CA PHE O 30 -23.74 -36.97 -0.04
C PHE O 30 -24.28 -38.33 0.41
N SER O 31 -24.81 -38.42 1.64
CA SER O 31 -25.36 -39.66 2.16
C SER O 31 -26.88 -39.63 2.25
N LYS O 32 -27.54 -38.67 1.60
CA LYS O 32 -29.00 -38.58 1.56
C LYS O 32 -29.71 -39.69 0.76
N PRO O 33 -29.18 -40.24 -0.34
CA PRO O 33 -29.83 -41.45 -0.91
C PRO O 33 -29.68 -42.70 -0.07
N LEU O 34 -28.86 -42.68 0.97
CA LEU O 34 -28.76 -43.79 1.90
C LEU O 34 -29.81 -43.73 3.00
N LYS O 35 -30.77 -42.80 2.87
CA LYS O 35 -31.87 -42.58 3.82
C LYS O 35 -31.34 -42.25 5.21
N LEU O 36 -30.32 -41.43 5.27
CA LEU O 36 -29.75 -41.02 6.54
C LEU O 36 -30.23 -39.62 6.91
N PRO O 37 -30.34 -39.33 8.20
CA PRO O 37 -30.71 -37.98 8.63
C PRO O 37 -29.64 -36.95 8.28
N ASP O 38 -30.10 -35.77 7.91
CA ASP O 38 -29.22 -34.62 7.74
C ASP O 38 -29.17 -33.84 9.06
N GLY O 39 -28.68 -32.60 9.03
CA GLY O 39 -28.62 -31.78 10.23
C GLY O 39 -29.97 -31.34 10.79
N SER O 40 -31.05 -31.54 10.04
CA SER O 40 -32.37 -31.19 10.54
C SER O 40 -33.09 -32.35 11.23
N GLN O 41 -32.90 -33.58 10.76
CA GLN O 41 -33.54 -34.71 11.41
C GLN O 41 -32.78 -35.21 12.63
N LEU O 42 -31.52 -34.79 12.83
CA LEU O 42 -30.88 -35.04 14.12
C LEU O 42 -31.52 -34.21 15.21
N ILE O 43 -31.78 -32.92 14.92
CA ILE O 43 -32.41 -32.01 15.87
C ILE O 43 -33.83 -32.46 16.18
N ALA O 44 -34.51 -33.07 15.21
CA ALA O 44 -35.81 -33.67 15.48
C ALA O 44 -35.71 -34.89 16.39
N SER O 45 -34.57 -35.56 16.38
CA SER O 45 -34.34 -36.69 17.27
C SER O 45 -33.80 -36.26 18.62
N LEU O 46 -33.05 -35.16 18.68
CA LEU O 46 -32.58 -34.66 19.97
C LEU O 46 -33.72 -34.01 20.76
N ALA O 47 -34.69 -33.43 20.06
CA ALA O 47 -35.83 -32.82 20.74
C ALA O 47 -36.76 -33.88 21.32
N LYS O 48 -36.83 -35.06 20.71
CA LYS O 48 -37.67 -36.13 21.23
C LYS O 48 -37.11 -36.69 22.53
N THR O 49 -35.77 -36.76 22.64
CA THR O 49 -35.16 -37.26 23.87
C THR O 49 -35.30 -36.25 25.01
N LEU O 50 -35.11 -34.97 24.71
CA LEU O 50 -35.16 -33.93 25.74
C LEU O 50 -36.57 -33.54 26.13
N GLY O 51 -37.59 -34.00 25.40
CA GLY O 51 -38.95 -33.65 25.72
C GLY O 51 -39.47 -32.41 25.03
N PHE O 52 -38.74 -31.88 24.05
CA PHE O 52 -39.18 -30.75 23.27
C PHE O 52 -40.03 -31.19 22.09
N GLU O 53 -40.80 -30.25 21.56
CA GLU O 53 -41.38 -30.43 20.24
C GLU O 53 -40.35 -30.01 19.20
N PRO O 54 -40.25 -30.70 18.06
CA PRO O 54 -39.16 -30.42 17.11
C PRO O 54 -39.23 -29.05 16.45
N GLU O 55 -40.42 -28.47 16.36
CA GLU O 55 -40.53 -27.14 15.81
C GLU O 55 -40.20 -26.07 16.84
N LEU O 56 -40.49 -26.32 18.11
CA LEU O 56 -40.14 -25.37 19.16
C LEU O 56 -38.66 -25.42 19.53
N PHE O 57 -38.05 -26.60 19.41
CA PHE O 57 -36.63 -26.74 19.83
C PHE O 57 -35.71 -25.98 18.86
N ASP O 58 -36.04 -25.99 17.56
CA ASP O 58 -35.15 -25.36 16.55
C ASP O 58 -35.09 -23.83 16.72
N MET O 59 -36.12 -23.22 17.29
CA MET O 59 -36.14 -21.73 17.38
C MET O 59 -35.28 -21.24 18.56
N HIS O 60 -34.59 -22.15 19.24
CA HIS O 60 -33.83 -21.75 20.45
C HIS O 60 -32.32 -21.60 20.15
N GLY O 61 -31.92 -21.80 18.89
CA GLY O 61 -30.50 -21.59 18.54
C GLY O 61 -30.08 -22.31 17.27
N ARG O 62 -28.81 -22.17 16.88
CA ARG O 62 -28.29 -22.80 15.68
C ARG O 62 -28.05 -24.30 15.93
N PHE O 63 -27.59 -24.99 14.89
CA PHE O 63 -27.33 -26.42 14.99
C PHE O 63 -26.20 -26.73 15.96
N GLU O 64 -25.21 -25.85 16.01
CA GLU O 64 -24.08 -26.04 16.93
C GLU O 64 -24.51 -25.86 18.38
N GLN O 65 -25.47 -24.96 18.62
CA GLN O 65 -25.88 -24.61 19.96
C GLN O 65 -26.92 -25.56 20.54
N LEU O 66 -27.74 -26.17 19.69
CA LEU O 66 -28.71 -27.14 20.18
C LEU O 66 -28.06 -28.46 20.56
N ALA O 67 -26.95 -28.82 19.89
CA ALA O 67 -26.23 -30.02 20.26
C ALA O 67 -25.40 -29.82 21.52
N GLU O 68 -24.93 -28.59 21.77
CA GLU O 68 -24.27 -28.28 23.03
C GLU O 68 -25.25 -28.36 24.20
N PHE O 69 -26.50 -27.96 23.97
CA PHE O 69 -27.53 -28.07 25.00
C PHE O 69 -27.89 -29.53 25.27
N PHE O 70 -27.82 -30.38 24.25
CA PHE O 70 -28.12 -31.79 24.43
C PHE O 70 -27.05 -32.49 25.24
N ALA O 71 -25.78 -32.14 25.00
CA ALA O 71 -24.67 -32.88 25.61
C ALA O 71 -24.51 -32.59 27.09
N ILE O 72 -25.07 -31.48 27.59
CA ILE O 72 -24.92 -31.10 28.99
C ILE O 72 -26.23 -31.26 29.75
N SER O 73 -27.23 -31.91 29.16
CA SER O 73 -28.50 -32.12 29.86
C SER O 73 -28.38 -33.20 30.91
N ALA O 74 -27.50 -34.17 30.70
CA ALA O 74 -27.30 -35.29 31.60
C ALA O 74 -25.91 -35.83 31.39
N PRO O 75 -25.33 -36.51 32.38
CA PRO O 75 -24.05 -37.18 32.15
C PRO O 75 -24.19 -38.34 31.17
N ASN O 76 -23.13 -38.54 30.39
CA ASN O 76 -23.02 -39.60 29.37
C ASN O 76 -24.11 -39.50 28.32
N ARG O 77 -24.58 -38.28 28.03
CA ARG O 77 -25.64 -38.09 27.05
C ARG O 77 -25.07 -37.99 25.64
N LEU O 78 -23.85 -37.48 25.50
CA LEU O 78 -23.21 -37.42 24.18
C LEU O 78 -22.72 -38.79 23.74
N GLN O 79 -22.22 -39.58 24.67
CA GLN O 79 -21.72 -40.94 24.32
C GLN O 79 -22.88 -41.76 23.76
N ARG O 80 -24.06 -41.66 24.36
CA ARG O 80 -25.25 -42.42 23.89
C ARG O 80 -25.57 -42.00 22.46
N LEU O 81 -25.52 -40.70 22.17
CA LEU O 81 -25.87 -40.20 20.81
C LEU O 81 -24.95 -40.86 19.78
N VAL O 82 -23.65 -40.90 20.05
CA VAL O 82 -22.68 -41.49 19.09
C VAL O 82 -23.05 -42.96 18.88
N TYR O 83 -23.36 -43.68 19.95
CA TYR O 83 -23.73 -45.11 19.85
C TYR O 83 -24.99 -45.25 18.98
N GLU O 84 -25.99 -44.40 19.24
CA GLU O 84 -27.26 -44.45 18.46
C GLU O 84 -26.98 -44.13 17.00
N MET O 85 -26.16 -43.10 16.75
CA MET O 85 -25.85 -42.69 15.36
C MET O 85 -25.18 -43.86 14.63
N SER O 86 -24.27 -44.56 15.32
CA SER O 86 -23.58 -45.73 14.70
C SER O 86 -24.62 -46.75 14.24
N LEU O 87 -25.59 -47.08 15.11
CA LEU O 87 -26.59 -48.07 14.76
C LEU O 87 -27.40 -47.70 13.53
N SER O 88 -27.55 -46.40 13.25
CA SER O 88 -28.41 -45.95 12.16
C SER O 88 -27.67 -45.49 10.92
N PHE O 89 -26.44 -44.96 11.08
CA PHE O 89 -25.71 -44.47 9.92
C PHE O 89 -24.97 -45.59 9.21
N ASP O 90 -24.30 -46.45 9.97
CA ASP O 90 -23.48 -47.52 9.43
C ASP O 90 -24.15 -48.88 9.57
N SER O 91 -25.48 -48.92 9.44
CA SER O 91 -26.21 -50.17 9.54
C SER O 91 -26.03 -51.01 8.28
N ALA O 92 -26.57 -52.22 8.32
CA ALA O 92 -26.41 -53.14 7.19
C ALA O 92 -27.31 -52.75 6.02
N GLU O 93 -28.48 -52.18 6.30
CA GLU O 93 -29.36 -51.73 5.22
C GLU O 93 -28.88 -50.43 4.58
N ALA O 94 -28.05 -49.66 5.28
CA ALA O 94 -27.42 -48.50 4.66
C ALA O 94 -26.24 -48.90 3.79
N GLU O 95 -25.59 -50.02 4.10
CA GLU O 95 -24.54 -50.54 3.23
C GLU O 95 -25.13 -51.14 1.96
N ALA O 96 -26.32 -51.73 2.06
CA ALA O 96 -26.94 -52.37 0.89
C ALA O 96 -27.45 -51.34 -0.10
N LEU O 97 -27.85 -50.16 0.36
CA LEU O 97 -28.21 -49.07 -0.54
C LEU O 97 -27.00 -48.36 -1.13
N ARG O 98 -25.80 -48.73 -0.71
CA ARG O 98 -24.59 -48.01 -1.07
C ARG O 98 -23.87 -48.60 -2.28
N GLU O 99 -24.04 -49.89 -2.55
CA GLU O 99 -23.48 -50.45 -3.79
C GLU O 99 -24.32 -50.06 -4.99
N LYS O 100 -25.63 -49.97 -4.82
CA LYS O 100 -26.54 -49.62 -5.90
C LYS O 100 -26.76 -48.12 -6.03
N SER O 101 -26.01 -47.31 -5.29
CA SER O 101 -26.12 -45.86 -5.40
C SER O 101 -25.25 -45.37 -6.55
N PRO O 102 -25.81 -44.62 -7.51
CA PRO O 102 -25.00 -44.18 -8.65
C PRO O 102 -23.96 -43.12 -8.31
N MET O 103 -24.12 -42.38 -7.22
CA MET O 103 -23.10 -41.39 -6.85
C MET O 103 -21.87 -42.07 -6.28
N HIS O 104 -22.08 -43.09 -5.45
CA HIS O 104 -20.97 -43.77 -4.80
C HIS O 104 -20.22 -44.67 -5.78
N ARG O 105 -20.89 -45.12 -6.83
CA ARG O 105 -20.19 -45.83 -7.90
C ARG O 105 -19.36 -44.87 -8.74
N ALA O 106 -19.92 -43.70 -9.06
CA ALA O 106 -19.21 -42.72 -9.87
C ALA O 106 -18.09 -42.03 -9.10
N LEU O 107 -18.18 -41.97 -7.78
CA LEU O 107 -17.09 -41.41 -6.99
C LEU O 107 -15.90 -42.36 -6.95
N ALA O 108 -16.16 -43.64 -6.75
CA ALA O 108 -15.09 -44.62 -6.65
C ALA O 108 -14.49 -45.03 -7.99
N ALA O 109 -15.15 -44.68 -9.10
CA ALA O 109 -14.60 -44.99 -10.41
C ALA O 109 -13.41 -44.12 -10.76
N LEU O 110 -13.30 -42.95 -10.15
CA LEU O 110 -12.19 -42.05 -10.39
C LEU O 110 -11.03 -42.39 -9.45
N ASP O 111 -9.82 -42.11 -9.91
CA ASP O 111 -8.60 -42.47 -9.17
C ASP O 111 -8.16 -41.24 -8.36
N TRP O 112 -8.80 -41.06 -7.22
CA TRP O 112 -8.48 -39.94 -6.36
C TRP O 112 -7.26 -40.27 -5.50
N ARG O 113 -6.70 -39.24 -4.88
CA ARG O 113 -5.64 -39.42 -3.90
C ARG O 113 -5.99 -38.89 -2.52
N THR O 114 -6.89 -37.93 -2.41
CA THR O 114 -7.29 -37.37 -1.12
C THR O 114 -8.76 -37.01 -1.21
N ILE O 115 -9.55 -37.42 -0.21
CA ILE O 115 -10.96 -37.07 -0.12
C ILE O 115 -11.22 -36.53 1.28
N TYR O 116 -11.79 -35.33 1.37
CA TYR O 116 -12.21 -34.73 2.62
C TYR O 116 -13.71 -34.91 2.79
N THR O 117 -14.13 -35.34 3.98
CA THR O 117 -15.54 -35.51 4.29
C THR O 117 -15.84 -34.89 5.65
N THR O 118 -17.08 -34.42 5.81
CA THR O 118 -17.52 -33.84 7.10
C THR O 118 -18.71 -34.65 7.62
N ALA O 119 -18.80 -35.93 7.24
CA ALA O 119 -19.95 -36.77 7.64
C ALA O 119 -19.49 -37.84 8.65
N TYR O 120 -20.44 -38.40 9.41
CA TYR O 120 -20.10 -39.44 10.42
C TYR O 120 -20.60 -40.80 9.93
N ASP O 121 -19.95 -41.37 8.91
CA ASP O 121 -20.33 -42.68 8.38
C ASP O 121 -19.21 -43.19 7.50
N LYS O 122 -19.12 -44.52 7.40
CA LYS O 122 -18.10 -45.15 6.56
C LYS O 122 -18.63 -45.45 5.15
N HIS O 123 -19.28 -44.48 4.53
CA HIS O 123 -19.88 -44.69 3.22
C HIS O 123 -19.14 -43.98 2.10
N VAL O 124 -18.08 -43.24 2.41
CA VAL O 124 -17.21 -42.68 1.39
C VAL O 124 -16.01 -43.56 1.15
N GLU O 125 -15.33 -43.97 2.21
CA GLU O 125 -14.29 -44.99 2.05
C GLU O 125 -14.90 -46.36 1.81
N GLY O 126 -16.13 -46.60 2.27
CA GLY O 126 -16.79 -47.86 1.99
C GLY O 126 -17.21 -48.01 0.55
N ALA O 127 -17.43 -46.89 -0.15
CA ALA O 127 -17.66 -46.95 -1.59
C ALA O 127 -16.37 -47.30 -2.33
N LEU O 128 -15.21 -46.94 -1.77
CA LEU O 128 -13.95 -47.28 -2.41
C LEU O 128 -13.61 -48.75 -2.22
N ARG O 129 -14.00 -49.34 -1.09
CA ARG O 129 -13.82 -50.78 -0.89
C ARG O 129 -14.73 -51.60 -1.78
N ASP O 130 -15.88 -51.03 -2.18
CA ASP O 130 -16.81 -51.77 -3.04
C ASP O 130 -16.30 -51.86 -4.47
N ALA O 131 -15.49 -50.89 -4.91
CA ALA O 131 -14.94 -50.87 -6.26
C ALA O 131 -13.60 -51.59 -6.36
N GLY O 132 -13.23 -52.38 -5.35
CA GLY O 132 -11.97 -53.07 -5.34
C GLY O 132 -10.79 -52.25 -4.84
N LYS O 133 -10.93 -50.93 -4.75
CA LYS O 133 -9.86 -50.08 -4.25
C LYS O 133 -9.78 -50.17 -2.74
N GLN O 134 -8.72 -49.60 -2.19
CA GLN O 134 -8.52 -49.53 -0.75
C GLN O 134 -8.29 -48.09 -0.32
N ALA O 135 -8.77 -47.77 0.87
CA ALA O 135 -8.73 -46.41 1.39
C ALA O 135 -8.02 -46.40 2.74
N ALA O 136 -7.79 -45.20 3.25
CA ALA O 136 -7.10 -45.01 4.52
C ALA O 136 -7.79 -43.89 5.27
N VAL O 137 -8.53 -44.23 6.31
CA VAL O 137 -9.25 -43.24 7.11
C VAL O 137 -8.27 -42.54 8.03
N LEU O 138 -8.21 -41.22 7.94
CA LEU O 138 -7.33 -40.42 8.80
C LEU O 138 -8.20 -39.40 9.52
N ALA O 139 -8.36 -39.58 10.82
CA ALA O 139 -9.22 -38.70 11.61
C ALA O 139 -8.52 -38.09 12.81
N SER O 140 -7.66 -38.85 13.48
CA SER O 140 -6.99 -38.41 14.69
C SER O 140 -5.50 -38.32 14.43
N PHE O 141 -4.76 -37.89 15.47
CA PHE O 141 -3.30 -37.76 15.36
C PHE O 141 -2.63 -39.13 15.21
N ALA O 142 -3.19 -40.17 15.83
CA ALA O 142 -2.60 -41.50 15.73
C ALA O 142 -2.79 -42.11 14.35
N ASP O 143 -3.78 -41.65 13.59
CA ASP O 143 -3.97 -42.16 12.24
C ASP O 143 -2.93 -41.60 11.29
N PHE O 144 -2.61 -40.32 11.41
CA PHE O 144 -1.57 -39.72 10.57
C PHE O 144 -0.19 -40.30 10.88
N GLN O 145 0.09 -40.56 12.15
CA GLN O 145 1.37 -41.17 12.53
C GLN O 145 1.45 -42.64 12.17
N GLY O 146 0.32 -43.33 12.04
CA GLY O 146 0.31 -44.76 11.82
C GLY O 146 0.71 -45.17 10.42
N PRO O 147 0.85 -46.47 10.20
CA PRO O 147 1.30 -46.95 8.89
C PRO O 147 0.17 -47.06 7.87
N ARG O 148 0.52 -46.70 6.64
CA ARG O 148 -0.42 -46.85 5.50
C ARG O 148 0.43 -47.47 4.38
N ALA O 149 -0.19 -47.80 3.24
CA ALA O 149 0.53 -48.40 2.09
C ALA O 149 1.17 -47.27 1.29
N ARG O 150 2.01 -47.60 0.31
CA ARG O 150 2.75 -46.55 -0.44
C ARG O 150 1.76 -45.59 -1.14
N ASP O 151 0.80 -46.14 -1.88
CA ASP O 151 -0.16 -45.26 -2.63
C ASP O 151 -1.59 -45.73 -2.37
N VAL O 152 -2.31 -45.01 -1.50
CA VAL O 152 -3.71 -45.37 -1.16
C VAL O 152 -4.50 -44.07 -0.94
N CYS O 153 -5.64 -43.91 -1.61
CA CYS O 153 -6.46 -42.72 -1.40
C CYS O 153 -6.72 -42.51 0.08
N GLU O 154 -6.28 -41.36 0.59
CA GLU O 154 -6.43 -41.02 2.00
C GLU O 154 -7.74 -40.27 2.19
N VAL O 155 -8.65 -40.86 2.97
CA VAL O 155 -9.93 -40.22 3.28
C VAL O 155 -9.76 -39.46 4.59
N ILE O 156 -9.80 -38.14 4.52
CA ILE O 156 -9.61 -37.30 5.69
C ILE O 156 -10.97 -37.00 6.29
N LYS O 157 -11.26 -37.59 7.44
CA LYS O 157 -12.49 -37.28 8.17
C LYS O 157 -12.31 -35.95 8.87
N PHE O 158 -12.79 -34.88 8.24
CA PHE O 158 -12.61 -33.54 8.77
C PHE O 158 -13.46 -33.30 10.02
N ALA O 159 -14.57 -34.01 10.17
CA ALA O 159 -15.43 -33.83 11.33
C ALA O 159 -15.27 -34.92 12.37
N GLY O 160 -14.64 -36.04 12.03
CA GLY O 160 -14.50 -37.15 12.94
C GLY O 160 -15.19 -38.40 12.42
N THR O 161 -14.97 -39.49 13.14
CA THR O 161 -15.49 -40.79 12.75
C THR O 161 -16.20 -41.41 13.96
N LEU O 162 -17.17 -42.28 13.70
CA LEU O 162 -17.94 -42.87 14.78
C LEU O 162 -17.18 -43.92 15.57
N ASP O 163 -16.13 -44.51 15.00
CA ASP O 163 -15.34 -45.49 15.74
C ASP O 163 -14.30 -44.84 16.64
N GLN O 164 -14.12 -43.52 16.53
CA GLN O 164 -13.26 -42.75 17.44
C GLN O 164 -14.11 -41.59 17.92
N PRO O 165 -14.87 -41.78 19.01
CA PRO O 165 -15.85 -40.76 19.43
C PRO O 165 -15.23 -39.49 19.99
N ASP O 166 -13.93 -39.46 20.26
CA ASP O 166 -13.28 -38.24 20.72
C ASP O 166 -13.03 -37.25 19.59
N THR O 167 -13.08 -37.70 18.34
CA THR O 167 -12.79 -36.85 17.20
C THR O 167 -14.02 -36.16 16.63
N ILE O 168 -15.22 -36.49 17.12
CA ILE O 168 -16.46 -35.97 16.58
C ILE O 168 -16.65 -34.53 17.04
N VAL O 169 -16.81 -33.62 16.09
CA VAL O 169 -17.18 -32.24 16.39
C VAL O 169 -18.65 -32.05 16.05
N LEU O 170 -19.47 -32.00 17.08
CA LEU O 170 -20.90 -31.81 16.90
C LEU O 170 -21.45 -30.68 17.75
N THR O 171 -20.95 -30.51 18.97
CA THR O 171 -21.40 -29.49 19.88
C THR O 171 -20.62 -28.20 19.65
N GLU O 172 -21.13 -27.10 20.23
CA GLU O 172 -20.56 -25.78 19.98
C GLU O 172 -19.16 -25.63 20.57
N SER O 173 -18.91 -26.28 21.71
CA SER O 173 -17.57 -26.22 22.31
C SER O 173 -16.54 -26.96 21.47
N SER O 174 -16.98 -27.95 20.68
CA SER O 174 -16.07 -28.64 19.80
C SER O 174 -15.75 -27.82 18.55
N TYR O 175 -16.70 -27.01 18.07
CA TYR O 175 -16.40 -26.12 16.95
C TYR O 175 -15.50 -24.96 17.38
N PHE O 176 -15.65 -24.47 18.61
CA PHE O 176 -14.76 -23.43 19.11
C PHE O 176 -13.36 -23.96 19.37
N GLN O 177 -13.23 -25.26 19.65
CA GLN O 177 -11.91 -25.85 19.80
C GLN O 177 -11.19 -25.96 18.46
N ARG O 178 -11.95 -26.05 17.37
CA ARG O 178 -11.40 -26.13 16.02
C ARG O 178 -11.17 -24.77 15.39
N MET O 179 -11.51 -23.68 16.07
CA MET O 179 -11.26 -22.34 15.55
C MET O 179 -9.78 -22.00 15.53
N ALA O 180 -8.97 -22.64 16.37
CA ALA O 180 -7.55 -22.36 16.42
C ALA O 180 -6.79 -22.96 15.25
N LEU O 181 -7.44 -23.85 14.48
CA LEU O 181 -6.88 -24.49 13.29
C LEU O 181 -5.62 -25.29 13.63
N ASP O 182 -5.66 -25.98 14.76
CA ASP O 182 -4.52 -26.72 15.28
C ASP O 182 -4.71 -28.22 15.18
N ALA O 183 -5.92 -28.68 14.88
CA ALA O 183 -6.19 -30.11 14.75
C ALA O 183 -5.50 -30.67 13.50
N PRO O 184 -5.15 -31.96 13.50
CA PRO O 184 -4.53 -32.57 12.32
C PRO O 184 -5.41 -32.59 11.08
N PRO O 185 -6.75 -32.66 11.16
CA PRO O 185 -7.51 -32.37 9.93
C PRO O 185 -7.48 -30.90 9.51
N ASP O 186 -7.28 -29.98 10.46
CA ASP O 186 -7.19 -28.58 10.09
C ASP O 186 -5.86 -28.24 9.44
N GLN O 187 -4.77 -28.84 9.92
CA GLN O 187 -3.46 -28.55 9.36
C GLN O 187 -3.28 -29.20 8.00
N ARG O 188 -3.90 -30.36 7.78
CA ARG O 188 -3.79 -31.03 6.49
C ARG O 188 -4.63 -30.32 5.43
N LEU O 189 -5.76 -29.73 5.83
CA LEU O 189 -6.63 -29.04 4.88
C LEU O 189 -5.99 -27.75 4.39
N ARG O 190 -5.36 -26.99 5.29
CA ARG O 190 -4.79 -25.71 4.92
C ARG O 190 -3.54 -25.84 4.05
N ALA O 191 -2.85 -26.98 4.11
CA ALA O 191 -1.71 -27.19 3.23
C ALA O 191 -2.14 -27.72 1.87
N ASP O 192 -3.24 -28.47 1.81
CA ASP O 192 -3.75 -28.91 0.52
C ASP O 192 -4.47 -27.80 -0.21
N LEU O 193 -4.98 -26.81 0.51
CA LEU O 193 -5.64 -25.67 -0.11
C LEU O 193 -4.62 -24.72 -0.76
N LEU O 194 -3.35 -24.80 -0.36
CA LEU O 194 -2.31 -24.00 -0.97
C LEU O 194 -2.05 -24.38 -2.42
N ALA O 195 -2.35 -25.61 -2.82
CA ALA O 195 -1.91 -26.09 -4.12
C ALA O 195 -2.97 -26.83 -4.93
N ASN O 196 -4.20 -26.94 -4.46
CA ASN O 196 -5.17 -27.81 -5.13
C ASN O 196 -6.52 -27.13 -5.24
N SER O 197 -7.27 -27.52 -6.27
CA SER O 197 -8.67 -27.14 -6.42
C SER O 197 -9.54 -28.11 -5.64
N PHE O 198 -10.62 -27.60 -5.05
CA PHE O 198 -11.55 -28.45 -4.33
C PHE O 198 -12.90 -28.48 -5.03
N LEU O 199 -13.61 -29.59 -4.87
CA LEU O 199 -14.93 -29.80 -5.44
C LEU O 199 -15.89 -30.09 -4.30
N PHE O 200 -16.74 -29.11 -3.98
CA PHE O 200 -17.69 -29.23 -2.88
C PHE O 200 -18.95 -29.90 -3.39
N ILE O 201 -19.24 -31.09 -2.87
CA ILE O 201 -20.40 -31.87 -3.27
C ILE O 201 -21.19 -32.22 -2.01
N GLY O 202 -22.46 -31.82 -1.98
CA GLY O 202 -23.32 -32.16 -0.87
C GLY O 202 -23.06 -31.38 0.40
N TYR O 203 -22.28 -30.30 0.33
CA TYR O 203 -21.95 -29.50 1.49
C TYR O 203 -22.40 -28.07 1.25
N SER O 204 -23.00 -27.45 2.26
CA SER O 204 -23.41 -26.06 2.22
C SER O 204 -22.58 -25.29 3.24
N PHE O 205 -22.04 -24.14 2.80
CA PHE O 205 -21.13 -23.33 3.66
C PHE O 205 -21.89 -22.66 4.81
N SER O 206 -22.28 -23.43 5.83
CA SER O 206 -22.96 -22.91 7.00
C SER O 206 -22.09 -22.91 8.24
N ASP O 207 -21.04 -23.75 8.23
CA ASP O 207 -20.11 -23.82 9.38
C ASP O 207 -19.07 -22.70 9.25
N THR O 208 -18.87 -21.92 10.32
CA THR O 208 -17.91 -20.83 10.28
C THR O 208 -16.46 -21.30 10.43
N ASN O 209 -16.23 -22.59 10.64
CA ASN O 209 -14.86 -23.10 10.62
C ASN O 209 -14.36 -23.34 9.21
N ILE O 210 -15.25 -23.62 8.26
CA ILE O 210 -14.82 -23.76 6.87
C ILE O 210 -14.65 -22.39 6.22
N ARG O 211 -15.61 -21.48 6.47
CA ARG O 211 -15.57 -20.16 5.83
C ARG O 211 -14.39 -19.32 6.31
N TYR O 212 -13.88 -19.60 7.50
CA TYR O 212 -12.71 -18.89 8.03
C TYR O 212 -11.40 -19.39 7.42
N ILE O 213 -11.36 -20.62 6.90
CA ILE O 213 -10.13 -21.11 6.28
C ILE O 213 -9.92 -20.49 4.91
N TRP O 214 -10.99 -20.45 4.11
CA TRP O 214 -10.94 -19.79 2.81
C TRP O 214 -10.82 -18.28 2.91
N TYR O 215 -11.21 -17.70 4.04
CA TYR O 215 -10.94 -16.30 4.28
C TYR O 215 -9.43 -16.03 4.38
N ARG O 216 -8.74 -16.81 5.19
CA ARG O 216 -7.32 -16.57 5.44
C ARG O 216 -6.41 -17.14 4.37
N MET O 217 -6.99 -17.79 3.36
CA MET O 217 -6.18 -18.23 2.20
C MET O 217 -6.21 -17.07 1.21
N ASN O 218 -7.33 -16.33 1.17
CA ASN O 218 -7.45 -15.15 0.29
C ASN O 218 -6.60 -14.01 0.86
N GLN O 219 -6.46 -13.96 2.20
CA GLN O 219 -5.61 -12.92 2.83
C GLN O 219 -4.17 -13.11 2.35
N LEU O 220 -3.69 -14.36 2.31
CA LEU O 220 -2.34 -14.64 1.77
C LEU O 220 -2.30 -14.23 0.30
N ARG O 221 -3.38 -14.50 -0.43
CA ARG O 221 -3.45 -14.15 -1.88
C ARG O 221 -3.35 -12.63 -2.05
N GLU O 222 -3.99 -11.85 -1.17
CA GLU O 222 -3.99 -10.42 -1.36
C GLU O 222 -2.67 -9.77 -0.93
N GLN O 223 -2.03 -10.30 0.10
CA GLN O 223 -0.74 -9.75 0.54
C GLN O 223 0.39 -10.13 -0.40
N SER O 224 0.23 -11.16 -1.21
CA SER O 224 1.25 -11.54 -2.17
C SER O 224 1.27 -10.65 -3.41
N GLN O 225 0.25 -9.79 -3.58
CA GLN O 225 0.21 -8.71 -4.57
C GLN O 225 0.30 -9.24 -6.00
N LEU O 226 -0.41 -10.32 -6.28
CA LEU O 226 -0.55 -10.79 -7.65
C LEU O 226 -1.50 -9.86 -8.41
N GLY O 227 -1.49 -10.00 -9.74
CA GLY O 227 -2.31 -9.18 -10.59
C GLY O 227 -3.78 -9.61 -10.56
N VAL O 228 -4.55 -8.96 -11.43
CA VAL O 228 -5.96 -9.33 -11.57
C VAL O 228 -6.08 -10.67 -12.27
N LYS O 229 -5.18 -10.93 -13.23
CA LYS O 229 -5.24 -12.17 -14.01
C LYS O 229 -4.76 -13.38 -13.21
N HIS O 230 -3.67 -13.22 -12.46
CA HIS O 230 -3.03 -14.37 -11.83
C HIS O 230 -3.61 -14.73 -10.48
N SER O 231 -4.25 -13.79 -9.79
CA SER O 231 -4.91 -14.12 -8.53
C SER O 231 -6.25 -14.82 -8.73
N GLN O 232 -6.78 -14.82 -9.95
CA GLN O 232 -8.05 -15.46 -10.27
C GLN O 232 -7.87 -16.75 -11.04
N ALA O 233 -6.65 -17.30 -11.06
CA ALA O 233 -6.37 -18.45 -11.93
C ALA O 233 -6.82 -19.77 -11.32
N ARG O 234 -6.54 -19.98 -10.04
CA ARG O 234 -6.85 -21.23 -9.37
C ARG O 234 -8.20 -21.08 -8.67
N ARG O 235 -9.19 -21.83 -9.13
CA ARG O 235 -10.55 -21.73 -8.64
C ARG O 235 -10.92 -22.95 -7.82
N CYS O 236 -12.00 -22.84 -7.06
CA CYS O 236 -12.65 -23.96 -6.41
C CYS O 236 -14.09 -24.04 -6.90
N PHE O 237 -14.68 -25.22 -6.77
CA PHE O 237 -15.97 -25.50 -7.38
C PHE O 237 -16.96 -25.98 -6.34
N PHE O 238 -18.18 -25.47 -6.41
CA PHE O 238 -19.20 -25.60 -5.37
C PHE O 238 -20.51 -26.04 -6.02
N ALA O 239 -20.70 -27.35 -6.13
CA ALA O 239 -21.89 -27.91 -6.76
C ALA O 239 -23.04 -27.90 -5.77
N THR O 240 -24.14 -27.23 -6.12
CA THR O 240 -25.26 -27.05 -5.20
C THR O 240 -26.55 -26.93 -6.00
N HIS O 241 -27.57 -27.69 -5.59
CA HIS O 241 -28.86 -27.62 -6.26
C HIS O 241 -29.61 -26.34 -5.91
N GLY O 242 -29.43 -25.82 -4.71
CA GLY O 242 -30.28 -24.76 -4.21
C GLY O 242 -29.56 -23.54 -3.66
N ALA O 243 -28.49 -23.11 -4.32
CA ALA O 243 -27.80 -21.90 -3.91
C ALA O 243 -28.67 -20.67 -4.14
N GLY O 244 -28.63 -19.75 -3.19
CA GLY O 244 -29.49 -18.58 -3.24
C GLY O 244 -28.96 -17.47 -4.14
N LEU O 245 -29.12 -16.23 -3.69
CA LEU O 245 -28.66 -15.06 -4.43
C LEU O 245 -27.52 -14.32 -3.78
N VAL O 246 -27.39 -14.44 -2.46
CA VAL O 246 -26.32 -13.76 -1.72
C VAL O 246 -25.06 -14.62 -1.65
N GLN O 247 -25.23 -15.89 -1.31
CA GLN O 247 -24.08 -16.76 -1.07
C GLN O 247 -23.18 -17.05 -2.27
N PRO O 248 -23.64 -17.15 -3.54
CA PRO O 248 -22.66 -17.27 -4.63
C PRO O 248 -21.78 -16.04 -4.84
N ASP O 249 -22.23 -14.85 -4.47
CA ASP O 249 -21.42 -13.66 -4.63
C ASP O 249 -20.45 -13.43 -3.49
N ILE O 250 -20.71 -14.00 -2.30
CA ILE O 250 -19.74 -13.94 -1.22
C ILE O 250 -18.53 -14.81 -1.55
N LEU O 251 -18.76 -15.93 -2.21
CA LEU O 251 -17.72 -16.90 -2.50
C LEU O 251 -16.88 -16.55 -3.73
N GLN O 252 -17.32 -15.57 -4.53
CA GLN O 252 -16.48 -15.09 -5.62
C GLN O 252 -15.26 -14.35 -5.10
N GLN O 253 -15.35 -13.79 -3.89
CA GLN O 253 -14.19 -13.22 -3.22
C GLN O 253 -13.12 -14.27 -2.95
N TRP O 254 -13.54 -15.51 -2.71
CA TRP O 254 -12.66 -16.54 -2.18
C TRP O 254 -12.26 -17.55 -3.23
N ASN O 255 -12.42 -17.19 -4.51
CA ASN O 255 -12.15 -18.05 -5.68
C ASN O 255 -12.91 -19.38 -5.61
N ILE O 256 -14.22 -19.27 -5.39
CA ILE O 256 -15.10 -20.43 -5.34
C ILE O 256 -16.21 -20.21 -6.37
N ASP O 257 -16.24 -21.08 -7.38
CA ASP O 257 -17.27 -21.03 -8.41
C ASP O 257 -18.41 -21.97 -8.07
N VAL O 258 -19.62 -21.56 -8.45
CA VAL O 258 -20.83 -22.30 -8.14
C VAL O 258 -21.28 -23.06 -9.37
N ILE O 259 -21.51 -24.36 -9.22
CA ILE O 259 -22.03 -25.21 -10.29
C ILE O 259 -23.49 -25.50 -9.97
N GLN O 260 -24.40 -24.97 -10.78
CA GLN O 260 -25.83 -25.17 -10.56
C GLN O 260 -26.24 -26.53 -11.10
N LEU O 261 -26.71 -27.40 -10.21
CA LEU O 261 -27.20 -28.72 -10.60
C LEU O 261 -28.72 -28.70 -10.68
N ASP O 262 -29.25 -29.68 -11.39
CA ASP O 262 -30.69 -29.75 -11.63
C ASP O 262 -31.41 -30.22 -10.37
N PRO O 263 -32.30 -29.40 -9.79
CA PRO O 263 -32.91 -29.74 -8.50
C PRO O 263 -34.08 -30.71 -8.57
N THR O 264 -34.44 -31.22 -9.75
CA THR O 264 -35.56 -32.14 -9.84
C THR O 264 -35.19 -33.51 -9.27
N ASP O 265 -34.10 -34.09 -9.74
CA ASP O 265 -33.55 -35.33 -9.20
C ASP O 265 -32.15 -34.99 -8.67
N LYS O 266 -32.03 -34.89 -7.35
CA LYS O 266 -30.76 -34.46 -6.76
C LYS O 266 -29.70 -35.55 -6.83
N SER O 267 -30.12 -36.81 -6.90
CA SER O 267 -29.17 -37.91 -6.91
C SER O 267 -28.52 -38.07 -8.29
N ALA O 268 -29.31 -37.93 -9.35
CA ALA O 268 -28.80 -38.12 -10.70
C ALA O 268 -27.99 -36.92 -11.20
N SER O 269 -28.24 -35.73 -10.65
CA SER O 269 -27.50 -34.55 -11.09
C SER O 269 -26.06 -34.60 -10.60
N VAL O 270 -25.84 -35.14 -9.39
CA VAL O 270 -24.49 -35.28 -8.86
C VAL O 270 -23.74 -36.39 -9.62
N ALA O 271 -24.45 -37.47 -9.94
CA ALA O 271 -23.83 -38.60 -10.61
C ALA O 271 -23.39 -38.26 -12.03
N ARG O 272 -24.12 -37.38 -12.72
CA ARG O 272 -23.68 -36.92 -14.03
C ARG O 272 -22.49 -35.97 -13.93
N LEU O 273 -22.29 -35.32 -12.79
CA LEU O 273 -21.10 -34.49 -12.61
C LEU O 273 -19.87 -35.34 -12.41
N LEU O 274 -19.97 -36.39 -11.61
CA LEU O 274 -18.82 -37.26 -11.35
C LEU O 274 -18.46 -38.13 -12.54
N GLU O 275 -19.43 -38.43 -13.41
CA GLU O 275 -19.12 -39.16 -14.64
C GLU O 275 -18.57 -38.25 -15.72
N SER O 276 -18.81 -36.95 -15.64
CA SER O 276 -18.25 -36.02 -16.59
C SER O 276 -16.79 -35.70 -16.31
N ILE O 277 -16.30 -36.01 -15.11
CA ILE O 277 -14.89 -35.83 -14.81
C ILE O 277 -14.07 -36.94 -15.46
N ALA O 278 -14.63 -38.15 -15.52
CA ALA O 278 -13.98 -39.29 -16.16
C ALA O 278 -13.91 -39.11 -17.67
N THR P 2 -33.44 -21.06 38.13
CA THR P 2 -32.44 -21.22 37.08
C THR P 2 -32.11 -19.87 36.44
N THR P 3 -32.79 -18.82 36.89
CA THR P 3 -32.62 -17.49 36.33
C THR P 3 -32.87 -16.47 37.42
N LEU P 4 -31.92 -15.54 37.60
CA LEU P 4 -32.05 -14.51 38.62
C LEU P 4 -33.13 -13.50 38.23
N THR P 5 -33.80 -12.97 39.24
CA THR P 5 -34.74 -11.88 39.07
C THR P 5 -34.04 -10.56 39.35
N LEU P 6 -34.80 -9.47 39.35
CA LEU P 6 -34.21 -8.16 39.57
C LEU P 6 -33.83 -7.95 41.04
N SER P 7 -34.67 -8.41 41.96
CA SER P 7 -34.39 -8.22 43.38
C SER P 7 -33.30 -9.17 43.87
N GLU P 8 -33.15 -10.34 43.23
CA GLU P 8 -32.11 -11.27 43.64
C GLU P 8 -30.74 -10.83 43.17
N ALA P 9 -30.65 -10.30 41.95
CA ALA P 9 -29.37 -9.91 41.38
C ALA P 9 -28.91 -8.53 41.83
N ALA P 10 -29.77 -7.75 42.47
CA ALA P 10 -29.43 -6.40 42.93
C ALA P 10 -28.36 -6.36 44.03
N PRO P 11 -28.35 -7.21 45.08
CA PRO P 11 -27.20 -7.17 46.00
C PRO P 11 -25.93 -7.78 45.42
N LEU P 12 -26.04 -8.63 44.39
CA LEU P 12 -24.84 -9.17 43.77
C LEU P 12 -24.16 -8.13 42.90
N LEU P 13 -24.93 -7.18 42.35
CA LEU P 13 -24.35 -6.11 41.56
C LEU P 13 -23.83 -4.96 42.41
N LYS P 14 -24.35 -4.78 43.62
CA LYS P 14 -23.82 -3.76 44.52
C LYS P 14 -22.43 -4.12 45.01
N LYS P 15 -22.18 -5.41 45.23
CA LYS P 15 -20.90 -5.84 45.78
C LYS P 15 -19.77 -5.69 44.77
N GLU P 16 -20.04 -6.04 43.51
CA GLU P 16 -19.03 -5.88 42.47
C GLU P 16 -18.82 -4.42 42.08
N PHE P 17 -19.82 -3.56 42.29
CA PHE P 17 -19.67 -2.17 41.92
C PHE P 17 -18.89 -1.38 42.97
N ARG P 18 -19.13 -1.64 44.25
CA ARG P 18 -18.40 -0.92 45.29
C ARG P 18 -16.95 -1.37 45.40
N GLU P 19 -16.61 -2.54 44.86
CA GLU P 19 -15.23 -2.96 44.72
C GLU P 19 -14.58 -2.43 43.44
N GLY P 20 -15.37 -1.85 42.54
CA GLY P 20 -14.82 -1.34 41.29
C GLY P 20 -14.51 -2.41 40.28
N ARG P 21 -15.24 -3.53 40.30
CA ARG P 21 -14.92 -4.68 39.46
C ARG P 21 -16.10 -5.07 38.59
N LEU P 22 -16.99 -4.11 38.31
CA LEU P 22 -18.14 -4.32 37.44
C LEU P 22 -18.01 -3.38 36.26
N ILE P 23 -18.17 -3.93 35.04
CA ILE P 23 -18.01 -3.18 33.81
C ILE P 23 -19.23 -3.42 32.91
N PRO P 24 -19.94 -2.39 32.47
CA PRO P 24 -21.09 -2.61 31.60
C PRO P 24 -20.67 -2.96 30.19
N PHE P 25 -21.40 -3.90 29.58
CA PHE P 25 -21.24 -4.24 28.17
C PHE P 25 -22.56 -3.91 27.49
N LEU P 26 -22.59 -2.85 26.70
CA LEU P 26 -23.82 -2.36 26.11
C LEU P 26 -23.93 -2.77 24.65
N GLY P 27 -25.14 -3.10 24.21
CA GLY P 27 -25.38 -3.58 22.88
C GLY P 27 -26.17 -2.60 22.04
N ALA P 28 -26.75 -3.10 20.95
CA ALA P 28 -27.56 -2.28 20.08
C ALA P 28 -28.91 -1.95 20.69
N GLY P 29 -29.40 -2.82 21.58
CA GLY P 29 -30.69 -2.60 22.20
C GLY P 29 -30.74 -1.50 23.23
N PHE P 30 -29.58 -0.98 23.63
CA PHE P 30 -29.52 0.13 24.57
C PHE P 30 -29.93 1.45 23.94
N SER P 31 -29.96 1.53 22.60
CA SER P 31 -30.35 2.74 21.89
C SER P 31 -31.71 2.64 21.25
N LYS P 32 -32.52 1.64 21.60
CA LYS P 32 -33.88 1.48 21.10
C LYS P 32 -34.90 2.53 21.56
N PRO P 33 -34.85 3.10 22.77
CA PRO P 33 -35.72 4.25 23.05
C PRO P 33 -35.34 5.52 22.32
N LEU P 34 -34.19 5.56 21.66
CA LEU P 34 -33.80 6.69 20.82
C LEU P 34 -34.35 6.59 19.41
N LYS P 35 -35.25 5.60 19.18
CA LYS P 35 -35.89 5.34 17.89
C LYS P 35 -34.86 5.06 16.80
N LEU P 36 -33.86 4.29 17.13
CA LEU P 36 -32.83 3.92 16.18
C LEU P 36 -33.06 2.51 15.67
N PRO P 37 -32.66 2.22 14.43
CA PRO P 37 -32.77 0.85 13.91
C PRO P 37 -31.86 -0.11 14.65
N ASP P 38 -32.36 -1.33 14.82
CA ASP P 38 -31.55 -2.43 15.32
C ASP P 38 -30.97 -3.19 14.12
N GLY P 39 -30.46 -4.40 14.35
CA GLY P 39 -29.91 -5.21 13.27
C GLY P 39 -30.92 -5.71 12.26
N SER P 40 -32.22 -5.57 12.53
CA SER P 40 -33.24 -6.00 11.58
C SER P 40 -33.70 -4.87 10.66
N GLN P 41 -33.77 -3.64 11.16
CA GLN P 41 -34.17 -2.52 10.31
C GLN P 41 -33.03 -1.98 9.45
N LEU P 42 -31.78 -2.33 9.74
CA LEU P 42 -30.72 -2.03 8.78
C LEU P 42 -30.85 -2.88 7.54
N ILE P 43 -31.13 -4.18 7.73
CA ILE P 43 -31.31 -5.11 6.63
C ILE P 43 -32.53 -4.74 5.78
N ALA P 44 -33.56 -4.17 6.43
CA ALA P 44 -34.70 -3.65 5.68
C ALA P 44 -34.32 -2.42 4.87
N SER P 45 -33.31 -1.68 5.31
CA SER P 45 -32.82 -0.53 4.55
C SER P 45 -31.78 -0.91 3.51
N LEU P 46 -31.01 -1.98 3.75
CA LEU P 46 -30.07 -2.45 2.73
C LEU P 46 -30.79 -3.13 1.58
N ALA P 47 -31.92 -3.78 1.86
CA ALA P 47 -32.69 -4.43 0.81
C ALA P 47 -33.39 -3.42 -0.09
N LYS P 48 -33.74 -2.25 0.45
CA LYS P 48 -34.38 -1.22 -0.36
C LYS P 48 -33.40 -0.62 -1.36
N THR P 49 -32.13 -0.48 -0.98
CA THR P 49 -31.13 0.06 -1.87
C THR P 49 -30.78 -0.93 -2.98
N LEU P 50 -30.64 -2.21 -2.62
CA LEU P 50 -30.25 -3.24 -3.56
C LEU P 50 -31.38 -3.70 -4.46
N GLY P 51 -32.62 -3.30 -4.18
CA GLY P 51 -33.75 -3.73 -4.99
C GLY P 51 -34.43 -4.99 -4.53
N PHE P 52 -34.09 -5.49 -3.34
CA PHE P 52 -34.74 -6.66 -2.77
C PHE P 52 -35.99 -6.27 -2.00
N GLU P 53 -36.84 -7.25 -1.79
CA GLU P 53 -37.89 -7.13 -0.78
C GLU P 53 -37.29 -7.50 0.57
N PRO P 54 -37.67 -6.82 1.66
CA PRO P 54 -37.00 -7.04 2.95
C PRO P 54 -37.24 -8.42 3.55
N GLU P 55 -38.34 -9.06 3.19
CA GLU P 55 -38.60 -10.41 3.67
C GLU P 55 -37.84 -11.46 2.86
N LEU P 56 -37.64 -11.20 1.56
CA LEU P 56 -36.88 -12.12 0.73
C LEU P 56 -35.38 -11.99 0.94
N PHE P 57 -34.92 -10.78 1.28
CA PHE P 57 -33.46 -10.54 1.45
C PHE P 57 -32.96 -11.25 2.72
N ASP P 58 -33.77 -11.28 3.77
CA ASP P 58 -33.32 -11.85 5.07
C ASP P 58 -33.11 -13.37 4.98
N MET P 59 -33.77 -14.05 4.04
CA MET P 59 -33.68 -15.53 3.97
C MET P 59 -32.43 -15.96 3.20
N HIS P 60 -31.57 -15.02 2.81
CA HIS P 60 -30.40 -15.36 1.97
C HIS P 60 -29.12 -15.46 2.80
N GLY P 61 -29.20 -15.23 4.12
CA GLY P 61 -28.01 -15.39 4.97
C GLY P 61 -28.12 -14.67 6.31
N ARG P 62 -27.08 -14.75 7.13
CA ARG P 62 -27.08 -14.10 8.43
C ARG P 62 -26.85 -12.60 8.26
N PHE P 63 -26.85 -11.88 9.40
CA PHE P 63 -26.65 -10.43 9.40
C PHE P 63 -25.26 -10.07 8.91
N GLU P 64 -24.26 -10.88 9.25
CA GLU P 64 -22.89 -10.63 8.82
C GLU P 64 -22.73 -10.82 7.32
N GLN P 65 -23.49 -11.76 6.75
CA GLN P 65 -23.34 -12.12 5.34
C GLN P 65 -24.13 -11.22 4.42
N LEU P 66 -25.24 -10.66 4.89
CA LEU P 66 -26.01 -9.74 4.06
C LEU P 66 -25.34 -8.38 3.95
N ALA P 67 -24.58 -7.97 4.97
CA ALA P 67 -23.83 -6.73 4.89
C ALA P 67 -22.58 -6.87 4.03
N GLU P 68 -22.00 -8.07 3.99
CA GLU P 68 -20.90 -8.34 3.08
C GLU P 68 -21.36 -8.30 1.63
N PHE P 69 -22.59 -8.77 1.37
CA PHE P 69 -23.16 -8.69 0.02
C PHE P 69 -23.46 -7.26 -0.37
N PHE P 70 -23.83 -6.41 0.58
CA PHE P 70 -24.11 -5.02 0.30
C PHE P 70 -22.85 -4.25 -0.05
N ALA P 71 -21.75 -4.53 0.64
CA ALA P 71 -20.54 -3.74 0.49
C ALA P 71 -19.81 -4.01 -0.82
N ILE P 72 -20.09 -5.13 -1.48
CA ILE P 72 -19.41 -5.49 -2.72
C ILE P 72 -20.34 -5.39 -3.92
N SER P 73 -21.53 -4.80 -3.75
CA SER P 73 -22.44 -4.66 -4.87
C SER P 73 -21.98 -3.55 -5.83
N ALA P 74 -21.31 -2.54 -5.30
CA ALA P 74 -20.85 -1.40 -6.08
C ALA P 74 -19.67 -0.79 -5.36
N PRO P 75 -18.80 -0.07 -6.06
CA PRO P 75 -17.73 0.66 -5.38
C PRO P 75 -18.29 1.80 -4.54
N ASN P 76 -17.61 2.06 -3.41
CA ASN P 76 -17.96 3.10 -2.45
C ASN P 76 -19.35 2.93 -1.88
N ARG P 77 -19.83 1.68 -1.78
CA ARG P 77 -21.17 1.43 -1.26
C ARG P 77 -21.16 1.35 0.26
N LEU P 78 -20.06 0.90 0.86
CA LEU P 78 -19.97 0.85 2.32
C LEU P 78 -19.75 2.24 2.91
N GLN P 79 -18.99 3.10 2.21
CA GLN P 79 -18.79 4.47 2.70
C GLN P 79 -20.06 5.30 2.61
N ARG P 80 -20.96 4.93 1.70
CA ARG P 80 -22.26 5.65 1.63
C ARG P 80 -23.08 5.27 2.87
N LEU P 81 -23.08 3.99 3.24
CA LEU P 81 -23.89 3.52 4.40
C LEU P 81 -23.44 4.23 5.67
N VAL P 82 -22.13 4.32 5.90
CA VAL P 82 -21.61 4.95 7.15
C VAL P 82 -22.10 6.41 7.20
N TYR P 83 -22.04 7.11 6.06
CA TYR P 83 -22.51 8.52 6.01
C TYR P 83 -23.99 8.58 6.34
N GLU P 84 -24.79 7.69 5.74
CA GLU P 84 -26.25 7.68 6.00
C GLU P 84 -26.50 7.34 7.47
N MET P 85 -25.75 6.39 8.01
CA MET P 85 -25.93 5.98 9.43
C MET P 85 -25.62 7.17 10.34
N SER P 86 -24.59 7.94 10.01
CA SER P 86 -24.25 9.10 10.83
C SER P 86 -25.35 10.14 10.84
N LEU P 87 -26.09 10.28 9.75
CA LEU P 87 -27.20 11.22 9.67
C LEU P 87 -28.39 10.79 10.52
N SER P 88 -28.57 9.49 10.74
CA SER P 88 -29.75 8.98 11.42
C SER P 88 -29.48 8.54 12.85
N PHE P 89 -28.28 8.07 13.17
CA PHE P 89 -28.01 7.62 14.53
C PHE P 89 -27.64 8.77 15.45
N ASP P 90 -26.78 9.67 14.99
CA ASP P 90 -26.28 10.78 15.78
C ASP P 90 -26.93 12.10 15.39
N SER P 91 -28.20 12.08 15.02
CA SER P 91 -28.92 13.28 14.64
C SER P 91 -29.26 14.10 15.87
N ALA P 92 -29.81 15.30 15.62
CA ALA P 92 -30.14 16.20 16.71
C ALA P 92 -31.39 15.76 17.46
N GLU P 93 -32.34 15.12 16.76
CA GLU P 93 -33.53 14.62 17.45
C GLU P 93 -33.26 13.35 18.23
N ALA P 94 -32.19 12.62 17.90
CA ALA P 94 -31.78 11.49 18.72
C ALA P 94 -31.04 11.94 19.96
N GLU P 95 -30.38 13.10 19.92
CA GLU P 95 -29.76 13.66 21.11
C GLU P 95 -30.81 14.21 22.06
N ALA P 96 -31.91 14.74 21.52
CA ALA P 96 -32.95 15.34 22.35
C ALA P 96 -33.75 14.28 23.09
N LEU P 97 -33.87 13.08 22.53
CA LEU P 97 -34.49 11.96 23.23
C LEU P 97 -33.56 11.31 24.24
N ARG P 98 -32.30 11.75 24.31
CA ARG P 98 -31.28 11.08 25.10
C ARG P 98 -31.10 11.70 26.48
N GLU P 99 -31.43 12.99 26.66
CA GLU P 99 -31.41 13.55 28.00
C GLU P 99 -32.61 13.10 28.82
N LYS P 100 -33.76 12.95 28.17
CA LYS P 100 -34.99 12.54 28.84
C LYS P 100 -35.16 11.03 28.87
N SER P 101 -34.14 10.27 28.47
CA SER P 101 -34.21 8.81 28.56
C SER P 101 -33.81 8.36 29.95
N PRO P 102 -34.65 7.57 30.64
CA PRO P 102 -34.31 7.16 32.01
C PRO P 102 -33.17 6.17 32.10
N MET P 103 -32.86 5.42 31.03
CA MET P 103 -31.73 4.50 31.08
C MET P 103 -30.41 5.25 31.00
N HIS P 104 -30.34 6.26 30.15
CA HIS P 104 -29.11 7.01 29.96
C HIS P 104 -28.84 7.93 31.13
N ARG P 105 -29.87 8.34 31.85
CA ARG P 105 -29.67 9.08 33.10
C ARG P 105 -29.16 8.15 34.19
N ALA P 106 -29.74 6.95 34.30
CA ALA P 106 -29.33 6.00 35.32
C ALA P 106 -27.98 5.37 35.05
N LEU P 107 -27.55 5.32 33.78
CA LEU P 107 -26.22 4.82 33.46
C LEU P 107 -25.15 5.84 33.87
N ALA P 108 -25.38 7.11 33.58
CA ALA P 108 -24.41 8.15 33.87
C ALA P 108 -24.39 8.57 35.33
N ALA P 109 -25.39 8.18 36.12
CA ALA P 109 -25.39 8.51 37.54
C ALA P 109 -24.37 7.69 38.32
N LEU P 110 -23.99 6.53 37.81
CA LEU P 110 -22.98 5.69 38.46
C LEU P 110 -21.59 6.10 38.01
N ASP P 111 -20.62 5.89 38.90
CA ASP P 111 -19.24 6.31 38.67
C ASP P 111 -18.47 5.12 38.09
N TRP P 112 -18.62 4.91 36.79
CA TRP P 112 -17.94 3.82 36.13
C TRP P 112 -16.50 4.22 35.80
N ARG P 113 -15.70 3.23 35.42
CA ARG P 113 -14.35 3.47 34.92
C ARG P 113 -14.14 2.95 33.51
N THR P 114 -14.88 1.93 33.09
CA THR P 114 -14.74 1.38 31.74
C THR P 114 -16.12 0.93 31.28
N ILE P 115 -16.48 1.31 30.05
CA ILE P 115 -17.73 0.88 29.44
C ILE P 115 -17.42 0.36 28.05
N TYR P 116 -17.85 -0.88 27.78
CA TYR P 116 -17.74 -1.47 26.46
C TYR P 116 -19.07 -1.38 25.74
N THR P 117 -19.03 -0.99 24.46
CA THR P 117 -20.26 -0.86 23.64
C THR P 117 -20.04 -1.51 22.28
N THR P 118 -21.09 -2.09 21.70
CA THR P 118 -20.99 -2.70 20.34
C THR P 118 -21.91 -1.95 19.37
N ALA P 119 -22.19 -0.68 19.65
CA ALA P 119 -23.09 0.12 18.78
C ALA P 119 -22.30 1.26 18.14
N TYR P 120 -22.66 1.65 16.92
CA TYR P 120 -21.98 2.77 16.22
C TYR P 120 -22.76 4.07 16.44
N ASP P 121 -22.51 4.78 17.55
CA ASP P 121 -23.22 6.05 17.85
C ASP P 121 -22.60 6.69 19.11
N LYS P 122 -22.85 7.98 19.34
CA LYS P 122 -22.27 8.66 20.50
C LYS P 122 -23.30 8.92 21.59
N HIS P 123 -24.07 7.90 21.94
CA HIS P 123 -25.13 8.07 22.92
C HIS P 123 -24.83 7.39 24.25
N VAL P 124 -23.70 6.71 24.36
CA VAL P 124 -23.26 6.18 25.64
C VAL P 124 -22.27 7.12 26.31
N GLU P 125 -21.26 7.58 25.58
CA GLU P 125 -20.43 8.64 26.10
C GLU P 125 -21.15 9.98 26.08
N GLY P 126 -22.12 10.16 25.19
CA GLY P 126 -22.90 11.38 25.19
C GLY P 126 -23.85 11.49 26.37
N ALA P 127 -24.25 10.36 26.94
CA ALA P 127 -25.00 10.39 28.19
C ALA P 127 -24.12 10.80 29.36
N LEU P 128 -22.82 10.50 29.28
CA LEU P 128 -21.90 10.91 30.34
C LEU P 128 -21.60 12.40 30.29
N ARG P 129 -21.56 12.98 29.08
CA ARG P 129 -21.39 14.42 28.96
C ARG P 129 -22.62 15.18 29.43
N ASP P 130 -23.81 14.55 29.37
CA ASP P 130 -25.02 15.23 29.80
C ASP P 130 -25.08 15.33 31.32
N ALA P 131 -24.45 14.41 32.04
CA ALA P 131 -24.46 14.40 33.49
C ALA P 131 -23.30 15.17 34.09
N GLY P 132 -22.62 16.00 33.29
CA GLY P 132 -21.47 16.76 33.75
C GLY P 132 -20.16 16.01 33.73
N LYS P 133 -20.18 14.69 33.61
CA LYS P 133 -18.96 13.91 33.56
C LYS P 133 -18.33 14.00 32.18
N GLN P 134 -17.10 13.50 32.08
CA GLN P 134 -16.38 13.46 30.82
C GLN P 134 -15.92 12.04 30.53
N ALA P 135 -15.91 11.70 29.25
CA ALA P 135 -15.60 10.35 28.79
C ALA P 135 -14.44 10.40 27.81
N ALA P 136 -13.96 9.22 27.44
CA ALA P 136 -12.84 9.08 26.51
C ALA P 136 -13.14 7.93 25.57
N VAL P 137 -13.45 8.24 24.32
CA VAL P 137 -13.77 7.22 23.32
C VAL P 137 -12.47 6.59 22.85
N LEU P 138 -12.37 5.27 22.96
CA LEU P 138 -11.20 4.53 22.51
C LEU P 138 -11.68 3.47 21.52
N ALA P 139 -11.36 3.66 20.26
CA ALA P 139 -11.81 2.74 19.22
C ALA P 139 -10.68 2.19 18.37
N SER P 140 -9.68 2.99 18.06
CA SER P 140 -8.57 2.60 17.20
C SER P 140 -7.28 2.59 18.00
N PHE P 141 -6.19 2.21 17.33
CA PHE P 141 -4.88 2.16 17.96
C PHE P 141 -4.39 3.55 18.35
N ALA P 142 -4.71 4.57 17.55
CA ALA P 142 -4.29 5.92 17.85
C ALA P 142 -5.01 6.51 19.05
N ASP P 143 -6.19 5.99 19.39
CA ASP P 143 -6.90 6.47 20.57
C ASP P 143 -6.26 5.97 21.85
N PHE P 144 -5.85 4.70 21.87
CA PHE P 144 -5.17 4.15 23.03
C PHE P 144 -3.82 4.80 23.27
N GLN P 145 -3.09 5.10 22.19
CA GLN P 145 -1.80 5.77 22.31
C GLN P 145 -1.94 7.25 22.66
N GLY P 146 -3.06 7.87 22.34
CA GLY P 146 -3.23 9.30 22.53
C GLY P 146 -3.41 9.70 23.98
N PRO P 147 -3.44 11.01 24.22
CA PRO P 147 -3.53 11.49 25.61
C PRO P 147 -4.96 11.54 26.12
N ARG P 148 -5.08 11.20 27.40
CA ARG P 148 -6.39 11.29 28.10
C ARG P 148 -6.07 11.95 29.45
N ALA P 149 -7.07 12.22 30.26
CA ALA P 149 -6.87 12.83 31.60
C ALA P 149 -6.51 11.72 32.60
N ARG P 150 -6.12 12.09 33.82
CA ARG P 150 -5.66 11.06 34.80
C ARG P 150 -6.78 10.06 35.06
N ASP P 151 -7.99 10.52 35.39
CA ASP P 151 -9.10 9.60 35.73
C ASP P 151 -10.35 9.99 34.94
N VAL P 152 -10.66 9.25 33.87
CA VAL P 152 -11.86 9.54 33.03
C VAL P 152 -12.44 8.22 32.55
N CYS P 153 -13.74 7.99 32.75
CA CYS P 153 -14.36 6.76 32.26
C CYS P 153 -14.03 6.55 30.79
N GLU P 154 -13.37 5.43 30.50
CA GLU P 154 -12.95 5.09 29.15
C GLU P 154 -14.05 4.28 28.48
N VAL P 155 -14.64 4.82 27.42
CA VAL P 155 -15.67 4.13 26.66
C VAL P 155 -14.99 3.40 25.51
N ILE P 156 -14.98 2.07 25.57
CA ILE P 156 -14.31 1.25 24.57
C ILE P 156 -15.34 0.89 23.50
N LYS P 157 -15.19 1.47 22.32
CA LYS P 157 -16.05 1.12 21.19
C LYS P 157 -15.54 -0.20 20.61
N PHE P 158 -16.18 -1.29 21.03
CA PHE P 158 -15.74 -2.62 20.61
C PHE P 158 -16.05 -2.89 19.14
N ALA P 159 -17.05 -2.24 18.58
CA ALA P 159 -17.39 -2.45 17.18
C ALA P 159 -16.92 -1.34 16.27
N GLY P 160 -16.52 -0.20 16.81
CA GLY P 160 -16.11 0.93 16.01
C GLY P 160 -17.01 2.13 16.22
N THR P 161 -16.59 3.25 15.62
CA THR P 161 -17.29 4.51 15.78
C THR P 161 -17.52 5.09 14.38
N LEU P 162 -18.57 5.92 14.26
CA LEU P 162 -18.91 6.47 12.96
C LEU P 162 -17.96 7.57 12.51
N ASP P 163 -17.24 8.22 13.42
CA ASP P 163 -16.28 9.24 13.01
C ASP P 163 -14.94 8.65 12.58
N GLN P 164 -14.75 7.35 12.76
CA GLN P 164 -13.57 6.64 12.25
C GLN P 164 -14.11 5.43 11.49
N PRO P 165 -14.42 5.60 10.20
CA PRO P 165 -15.12 4.53 9.46
C PRO P 165 -14.26 3.29 9.18
N ASP P 166 -12.95 3.34 9.42
CA ASP P 166 -12.12 2.16 9.25
C ASP P 166 -12.26 1.18 10.40
N THR P 167 -12.79 1.61 11.53
CA THR P 167 -12.91 0.76 12.71
C THR P 167 -14.23 0.00 12.78
N ILE P 168 -15.16 0.28 11.88
CA ILE P 168 -16.50 -0.31 11.91
C ILE P 168 -16.42 -1.76 11.43
N VAL P 169 -16.88 -2.68 12.26
CA VAL P 169 -17.03 -4.08 11.87
C VAL P 169 -18.52 -4.35 11.62
N LEU P 170 -18.88 -4.43 10.36
CA LEU P 170 -20.26 -4.70 9.98
C LEU P 170 -20.39 -5.84 9.01
N THR P 171 -19.45 -5.97 8.07
CA THR P 171 -19.48 -7.01 7.06
C THR P 171 -18.79 -8.26 7.58
N GLU P 172 -18.97 -9.38 6.86
CA GLU P 172 -18.48 -10.67 7.32
C GLU P 172 -16.95 -10.73 7.30
N SER P 173 -16.32 -10.07 6.34
CA SER P 173 -14.86 -10.05 6.28
C SER P 173 -14.26 -9.26 7.44
N SER P 174 -15.01 -8.31 7.99
CA SER P 174 -14.54 -7.58 9.16
C SER P 174 -14.66 -8.40 10.43
N TYR P 175 -15.68 -9.26 10.53
CA TYR P 175 -15.78 -10.15 11.69
C TYR P 175 -14.73 -11.24 11.64
N PHE P 176 -14.38 -11.73 10.45
CA PHE P 176 -13.31 -12.72 10.33
C PHE P 176 -11.95 -12.12 10.62
N GLN P 177 -11.79 -10.81 10.39
CA GLN P 177 -10.54 -10.15 10.73
C GLN P 177 -10.39 -10.01 12.25
N ARG P 178 -11.50 -9.98 12.97
CA ARG P 178 -11.50 -9.88 14.43
C ARG P 178 -11.45 -11.23 15.11
N MET P 179 -11.46 -12.33 14.36
CA MET P 179 -11.35 -13.66 14.96
C MET P 179 -9.97 -13.92 15.54
N ALA P 180 -8.94 -13.24 15.05
CA ALA P 180 -7.59 -13.44 15.54
C ALA P 180 -7.35 -12.81 16.90
N LEU P 181 -8.29 -11.97 17.37
CA LEU P 181 -8.25 -11.31 18.68
C LEU P 181 -7.01 -10.44 18.83
N ASP P 182 -6.65 -9.75 17.76
CA ASP P 182 -5.44 -8.94 17.70
C ASP P 182 -5.74 -7.44 17.70
N ALA P 183 -7.00 -7.05 17.53
CA ALA P 183 -7.38 -5.64 17.52
C ALA P 183 -7.23 -5.06 18.93
N PRO P 184 -6.97 -3.76 19.05
CA PRO P 184 -6.88 -3.12 20.37
C PRO P 184 -8.16 -3.18 21.20
N PRO P 185 -9.38 -3.16 20.62
CA PRO P 185 -10.52 -3.51 21.48
C PRO P 185 -10.57 -4.97 21.89
N ASP P 186 -9.98 -5.87 21.10
CA ASP P 186 -9.97 -7.28 21.48
C ASP P 186 -8.97 -7.55 22.59
N GLN P 187 -7.80 -6.89 22.54
CA GLN P 187 -6.78 -7.11 23.56
C GLN P 187 -7.16 -6.47 24.89
N ARG P 188 -7.88 -5.35 24.84
CA ARG P 188 -8.30 -4.69 26.08
C ARG P 188 -9.44 -5.45 26.75
N LEU P 189 -10.30 -6.09 25.95
CA LEU P 189 -11.42 -6.84 26.52
C LEU P 189 -10.96 -8.11 27.22
N ARG P 190 -9.99 -8.82 26.63
CA ARG P 190 -9.52 -10.07 27.20
C ARG P 190 -8.72 -9.88 28.48
N ALA P 191 -8.12 -8.71 28.66
CA ALA P 191 -7.40 -8.45 29.91
C ALA P 191 -8.33 -7.96 31.00
N ASP P 192 -9.42 -7.27 30.65
CA ASP P 192 -10.39 -6.86 31.64
C ASP P 192 -11.28 -8.03 32.06
N LEU P 193 -11.43 -9.04 31.20
CA LEU P 193 -12.21 -10.22 31.55
C LEU P 193 -11.47 -11.10 32.54
N LEU P 194 -10.15 -10.97 32.64
CA LEU P 194 -9.36 -11.72 33.61
C LEU P 194 -9.68 -11.34 35.05
N ALA P 195 -10.17 -10.12 35.30
CA ALA P 195 -10.29 -9.63 36.66
C ALA P 195 -11.61 -8.97 37.01
N ASN P 196 -12.58 -8.91 36.10
CA ASN P 196 -13.77 -8.11 36.35
C ASN P 196 -15.03 -8.85 35.95
N SER P 197 -16.13 -8.52 36.62
CA SER P 197 -17.45 -8.97 36.24
C SER P 197 -18.03 -8.03 35.18
N PHE P 198 -18.77 -8.59 34.24
CA PHE P 198 -19.41 -7.79 33.21
C PHE P 198 -20.92 -7.84 33.36
N LEU P 199 -21.57 -6.76 32.92
CA LEU P 199 -23.02 -6.63 32.96
C LEU P 199 -23.51 -6.38 31.54
N PHE P 200 -24.11 -7.39 30.93
CA PHE P 200 -24.58 -7.32 29.55
C PHE P 200 -25.99 -6.72 29.54
N ILE P 201 -26.12 -5.54 28.94
CA ILE P 201 -27.39 -4.83 28.87
C ILE P 201 -27.66 -4.52 27.40
N GLY P 202 -28.81 -4.98 26.90
CA GLY P 202 -29.19 -4.67 25.54
C GLY P 202 -28.43 -5.42 24.47
N TYR P 203 -27.68 -6.45 24.84
CA TYR P 203 -26.90 -7.24 23.90
C TYR P 203 -27.33 -8.69 23.98
N SER P 204 -27.47 -9.32 22.81
CA SER P 204 -27.79 -10.73 22.71
C SER P 204 -26.61 -11.45 22.09
N PHE P 205 -26.20 -12.57 22.70
CA PHE P 205 -25.00 -13.31 22.25
C PHE P 205 -25.24 -14.02 20.91
N SER P 206 -25.26 -13.25 19.82
CA SER P 206 -25.42 -13.81 18.48
C SER P 206 -24.14 -13.74 17.66
N ASP P 207 -23.23 -12.84 18.04
CA ASP P 207 -21.93 -12.72 17.33
C ASP P 207 -20.97 -13.78 17.85
N THR P 208 -20.33 -14.53 16.95
CA THR P 208 -19.39 -15.57 17.35
C THR P 208 -18.04 -15.03 17.75
N ASN P 209 -17.81 -13.73 17.64
CA ASN P 209 -16.58 -13.15 18.16
C ASN P 209 -16.65 -12.89 19.66
N ILE P 210 -17.85 -12.68 20.20
CA ILE P 210 -17.98 -12.53 21.64
C ILE P 210 -17.99 -13.89 22.32
N ARG P 211 -18.74 -14.86 21.75
CA ARG P 211 -18.88 -16.17 22.36
C ARG P 211 -17.56 -16.95 22.37
N TYR P 212 -16.65 -16.63 21.46
CA TYR P 212 -15.34 -17.26 21.41
C TYR P 212 -14.38 -16.71 22.47
N ILE P 213 -14.59 -15.49 22.95
CA ILE P 213 -13.72 -14.93 23.97
C ILE P 213 -14.02 -15.56 25.33
N TRP P 214 -15.30 -15.66 25.68
CA TRP P 214 -15.72 -16.32 26.91
C TRP P 214 -15.48 -17.82 26.88
N TYR P 215 -15.38 -18.41 25.68
CA TYR P 215 -14.97 -19.80 25.59
C TYR P 215 -13.53 -19.99 26.06
N ARG P 216 -12.62 -19.16 25.55
CA ARG P 216 -11.19 -19.32 25.85
C ARG P 216 -10.78 -18.72 27.19
N MET P 217 -11.73 -18.10 27.89
CA MET P 217 -11.44 -17.63 29.27
C MET P 217 -11.77 -18.80 30.18
N ASN P 218 -12.78 -19.60 29.81
CA ASN P 218 -13.15 -20.80 30.60
C ASN P 218 -12.08 -21.88 30.39
N GLN P 219 -11.46 -21.91 29.22
CA GLN P 219 -10.37 -22.89 28.95
C GLN P 219 -9.23 -22.61 29.93
N LEU P 220 -8.88 -21.34 30.13
CA LEU P 220 -7.84 -20.96 31.12
C LEU P 220 -8.32 -21.40 32.51
N ARG P 221 -9.62 -21.24 32.78
CA ARG P 221 -10.18 -21.62 34.10
C ARG P 221 -10.08 -23.12 34.32
N GLU P 222 -10.35 -23.93 33.28
CA GLU P 222 -10.34 -25.37 33.48
C GLU P 222 -8.93 -25.94 33.58
N GLN P 223 -7.97 -25.36 32.86
CA GLN P 223 -6.59 -25.84 32.94
C GLN P 223 -5.91 -25.42 34.23
N SER P 224 -6.43 -24.40 34.92
CA SER P 224 -5.87 -23.98 36.19
C SER P 224 -6.26 -24.88 37.35
N GLN P 225 -7.22 -25.80 37.13
CA GLN P 225 -7.57 -26.89 38.05
C GLN P 225 -8.05 -26.37 39.40
N LEU P 226 -8.88 -25.32 39.37
CA LEU P 226 -9.54 -24.89 40.59
C LEU P 226 -10.67 -25.86 40.95
N GLY P 227 -11.15 -25.74 42.18
CA GLY P 227 -12.20 -26.61 42.67
C GLY P 227 -13.56 -26.26 42.09
N VAL P 228 -14.57 -26.96 42.60
CA VAL P 228 -15.94 -26.67 42.21
C VAL P 228 -16.39 -25.33 42.81
N LYS P 229 -15.92 -25.03 44.02
CA LYS P 229 -16.35 -23.82 44.70
C LYS P 229 -15.66 -22.58 44.14
N HIS P 230 -14.37 -22.67 43.85
CA HIS P 230 -13.59 -21.48 43.50
C HIS P 230 -13.65 -21.14 42.02
N SER P 231 -13.92 -22.10 41.15
CA SER P 231 -14.09 -21.79 39.74
C SER P 231 -15.43 -21.17 39.42
N GLN P 232 -16.38 -21.21 40.35
CA GLN P 232 -17.71 -20.64 40.15
C GLN P 232 -17.91 -19.35 40.93
N ALA P 233 -16.82 -18.73 41.39
CA ALA P 233 -16.94 -17.59 42.30
C ALA P 233 -17.21 -16.30 41.54
N ARG P 234 -16.46 -16.04 40.47
CA ARG P 234 -16.58 -14.81 39.71
C ARG P 234 -17.55 -15.02 38.56
N ARG P 235 -18.68 -14.32 38.61
CA ARG P 235 -19.76 -14.50 37.65
C ARG P 235 -19.85 -13.28 36.74
N CYS P 236 -20.55 -13.45 35.63
CA CYS P 236 -20.97 -12.35 34.77
C CYS P 236 -22.48 -12.35 34.67
N PHE P 237 -23.06 -11.20 34.34
CA PHE P 237 -24.49 -11.01 34.41
C PHE P 237 -25.04 -10.56 33.06
N PHE P 238 -26.17 -11.14 32.68
CA PHE P 238 -26.73 -11.05 31.33
C PHE P 238 -28.20 -10.69 31.44
N ALA P 239 -28.49 -9.40 31.45
CA ALA P 239 -29.86 -8.91 31.58
C ALA P 239 -30.55 -8.96 30.22
N THR P 240 -31.66 -9.69 30.15
CA THR P 240 -32.35 -9.91 28.88
C THR P 240 -33.84 -10.12 29.14
N HIS P 241 -34.66 -9.41 28.36
CA HIS P 241 -36.10 -9.56 28.49
C HIS P 241 -36.61 -10.86 27.91
N GLY P 242 -35.95 -11.36 26.87
CA GLY P 242 -36.49 -12.47 26.09
C GLY P 242 -35.56 -13.63 25.86
N ALA P 243 -34.80 -14.01 26.89
CA ALA P 243 -33.94 -15.18 26.78
C ALA P 243 -34.77 -16.45 26.68
N GLY P 244 -34.33 -17.37 25.82
CA GLY P 244 -35.07 -18.58 25.56
C GLY P 244 -34.87 -19.68 26.59
N LEU P 245 -34.78 -20.92 26.14
CA LEU P 245 -34.58 -22.06 27.01
C LEU P 245 -33.22 -22.73 26.84
N VAL P 246 -32.62 -22.60 25.66
CA VAL P 246 -31.32 -23.21 25.38
C VAL P 246 -30.18 -22.29 25.78
N GLN P 247 -30.26 -21.02 25.39
CA GLN P 247 -29.16 -20.08 25.59
C GLN P 247 -28.79 -19.76 27.05
N PRO P 248 -29.70 -19.70 28.05
CA PRO P 248 -29.21 -19.54 29.43
C PRO P 248 -28.41 -20.71 29.95
N ASP P 249 -28.63 -21.93 29.44
CA ASP P 249 -27.87 -23.08 29.92
C ASP P 249 -26.53 -23.24 29.23
N ILE P 250 -26.37 -22.67 28.03
CA ILE P 250 -25.05 -22.67 27.39
C ILE P 250 -24.10 -21.76 28.14
N LEU P 251 -24.63 -20.64 28.66
CA LEU P 251 -23.81 -19.63 29.30
C LEU P 251 -23.49 -19.95 30.76
N GLN P 252 -24.14 -20.95 31.36
CA GLN P 252 -23.74 -21.40 32.69
C GLN P 252 -22.38 -22.08 32.67
N GLN P 253 -21.99 -22.62 31.52
CA GLN P 253 -20.63 -23.12 31.34
C GLN P 253 -19.60 -22.02 31.48
N TRP P 254 -19.96 -20.80 31.09
CA TRP P 254 -19.00 -19.73 30.91
C TRP P 254 -19.08 -18.69 32.03
N ASN P 255 -19.69 -19.07 33.16
CA ASN P 255 -19.92 -18.22 34.34
C ASN P 255 -20.67 -16.94 33.97
N ILE P 256 -21.80 -17.11 33.28
CA ILE P 256 -22.66 -16.00 32.89
C ILE P 256 -24.04 -16.28 33.44
N ASP P 257 -24.51 -15.43 34.34
CA ASP P 257 -25.84 -15.55 34.91
C ASP P 257 -26.82 -14.67 34.16
N VAL P 258 -28.06 -15.14 34.06
CA VAL P 258 -29.11 -14.45 33.31
C VAL P 258 -30.03 -13.74 34.28
N ILE P 259 -30.26 -12.45 34.04
CA ILE P 259 -31.17 -11.64 34.83
C ILE P 259 -32.42 -11.43 33.98
N GLN P 260 -33.54 -12.01 34.40
CA GLN P 260 -34.78 -11.88 33.65
C GLN P 260 -35.44 -10.56 33.99
N LEU P 261 -35.59 -9.70 32.98
CA LEU P 261 -36.25 -8.42 33.14
C LEU P 261 -37.69 -8.51 32.65
N ASP P 262 -38.51 -7.57 33.09
CA ASP P 262 -39.93 -7.58 32.77
C ASP P 262 -40.15 -7.14 31.33
N PRO P 263 -40.72 -7.99 30.47
CA PRO P 263 -40.80 -7.67 29.04
C PRO P 263 -41.96 -6.77 28.65
N THR P 264 -42.76 -6.29 29.61
CA THR P 264 -43.89 -5.43 29.26
C THR P 264 -43.41 -4.03 28.85
N ASP P 265 -42.60 -3.41 29.70
CA ASP P 265 -41.96 -2.14 29.39
C ASP P 265 -40.45 -2.39 29.43
N LYS P 266 -39.83 -2.47 28.26
CA LYS P 266 -38.42 -2.83 28.19
C LYS P 266 -37.52 -1.68 28.63
N SER P 267 -37.99 -0.45 28.52
CA SER P 267 -37.17 0.70 28.89
C SER P 267 -37.10 0.88 30.40
N ALA P 268 -38.23 0.69 31.10
CA ALA P 268 -38.27 0.88 32.54
C ALA P 268 -37.65 -0.28 33.31
N SER P 269 -37.61 -1.47 32.72
CA SER P 269 -37.02 -2.61 33.42
C SER P 269 -35.51 -2.48 33.51
N VAL P 270 -34.88 -1.92 32.47
CA VAL P 270 -33.45 -1.71 32.49
C VAL P 270 -33.10 -0.57 33.44
N ALA P 271 -33.93 0.48 33.46
CA ALA P 271 -33.67 1.64 34.32
C ALA P 271 -33.77 1.29 35.79
N ARG P 272 -34.66 0.37 36.16
CA ARG P 272 -34.72 -0.08 37.55
C ARG P 272 -33.54 -0.96 37.92
N LEU P 273 -32.89 -1.59 36.94
CA LEU P 273 -31.68 -2.36 37.24
C LEU P 273 -30.50 -1.44 37.51
N LEU P 274 -30.35 -0.38 36.72
CA LEU P 274 -29.24 0.55 36.90
C LEU P 274 -29.41 1.42 38.14
N GLU P 275 -30.64 1.66 38.57
CA GLU P 275 -30.86 2.40 39.81
C GLU P 275 -30.71 1.51 41.03
N SER P 276 -30.83 0.19 40.87
CA SER P 276 -30.61 -0.73 41.99
C SER P 276 -29.14 -0.95 42.27
N ILE P 277 -28.26 -0.62 41.33
CA ILE P 277 -26.82 -0.71 41.60
C ILE P 277 -26.38 0.44 42.49
N ALA P 278 -26.98 1.61 42.32
CA ALA P 278 -26.68 2.77 43.14
C ALA P 278 -27.17 2.59 44.58
C4 Y43 Q . 33.17 -19.13 -58.66
C5 Y43 Q . 33.44 -17.94 -59.29
C6 Y43 Q . 34.61 -17.85 -60.28
C8 Y43 Q . 31.74 -17.66 -58.03
N1 Y43 Q . 35.41 -18.99 -60.54
N3 Y43 Q . 34.01 -20.33 -58.93
C2 Y43 Q . 35.12 -20.24 -59.86
CAB Y43 Q . 30.38 -20.07 -55.14
CAC Y43 Q . 31.65 -19.64 -55.74
CAD Y43 Q . 31.51 -19.91 -57.05
CAF Y43 Q . 29.32 -19.81 -56.28
CAG Y43 Q . 28.78 -18.37 -56.13
N7 Y43 Q . 32.54 -17.06 -58.87
N9 Y43 Q . 32.12 -18.92 -57.87
O6 Y43 Q . 34.84 -16.84 -60.80
OAA Y43 Q . 30.41 -21.38 -54.83
OAE Y43 Q . 29.93 -19.92 -57.37
OAH Y43 Q . 27.70 -18.40 -55.20
OAJ Y43 Q . 26.44 -17.28 -53.25
OAK Y43 Q . 27.94 -15.90 -54.62
OAL Y43 Q . 28.97 -17.68 -53.10
OAN Y43 Q . 27.77 -17.68 -50.79
OAO Y43 Q . 30.04 -18.64 -50.97
OAP Y43 Q . 29.78 -16.11 -51.09
OAR Y43 Q . 27.63 -14.82 -51.65
OAS Y43 Q . 29.76 -13.59 -51.53
OAT Y43 Q . 28.70 -14.44 -49.45
PAI Y43 Q . 27.71 -17.25 -54.02
PAM Y43 Q . 29.12 -17.54 -51.46
PAQ Y43 Q . 28.95 -14.71 -50.92
ZN ZN R . 25.70 -16.88 -50.95
ZN ZN S . 6.35 -20.35 -54.68
C4 Y43 T . 3.15 -29.84 -58.83
C5 Y43 T . 2.72 -30.60 -57.77
C6 Y43 T . 2.00 -31.92 -58.01
C8 Y43 T . 3.67 -28.84 -57.02
N1 Y43 T . 1.77 -32.38 -59.33
N3 Y43 T . 2.91 -30.32 -60.22
C2 Y43 T . 2.23 -31.58 -60.46
CAB Y43 T . 4.72 -25.54 -59.01
CAC Y43 T . 3.65 -26.56 -59.01
CAD Y43 T . 4.32 -27.72 -59.10
CAF Y43 T . 5.94 -26.25 -58.33
CAG Y43 T . 5.87 -26.00 -56.80
N7 Y43 T . 3.06 -29.94 -56.66
N9 Y43 T . 3.73 -28.76 -58.33
O6 Y43 T . 1.64 -32.55 -57.10
OAA Y43 T . 5.04 -25.18 -60.28
OAE Y43 T . 5.81 -27.48 -58.56
OAH Y43 T . 6.52 -24.75 -56.53
OAJ Y43 T . 5.24 -24.43 -54.30
OAK Y43 T . 6.56 -22.56 -55.18
OAL Y43 T . 4.43 -23.26 -56.44
OAN Y43 T . 3.10 -21.59 -57.84
OAO Y43 T . 4.69 -20.69 -56.19
OAP Y43 T . 2.50 -21.74 -55.37
OAR Y43 T . 4.13 -21.60 -53.40
OAS Y43 T . 2.32 -19.93 -53.56
OAT Y43 T . 1.80 -22.29 -52.98
PAI Y43 T . 5.70 -23.71 -55.55
PAM Y43 T . 3.70 -21.79 -56.47
PAQ Y43 T . 2.70 -21.38 -53.80
ZN ZN U . -19.88 53.83 15.76
C4 Y43 V . -26.39 62.65 17.21
C5 Y43 V . -26.37 63.36 16.03
C6 Y43 V . -27.35 64.52 15.82
C8 Y43 V . -24.87 61.84 15.95
N1 Y43 V . -28.27 64.87 16.82
N3 Y43 V . -27.37 63.01 18.27
C2 Y43 V . -28.30 64.12 18.07
CAB Y43 V . -24.38 58.70 18.35
CAC Y43 V . -25.46 59.51 17.77
CAD Y43 V . -25.16 60.77 18.13
CAF Y43 V . -23.13 59.64 18.34
CAG Y43 V . -22.39 59.46 16.99
N7 Y43 V . -25.41 62.83 15.27
N9 Y43 V . -25.46 61.71 17.11
O6 Y43 V . -27.31 65.12 14.82
OAA Y43 V . -24.68 58.35 19.63
OAE Y43 V . -23.58 60.83 18.41
OAH Y43 V . -21.49 58.37 17.14
OAJ Y43 V . -20.38 56.28 16.10
OAK Y43 V . -21.41 57.93 14.59
OAL Y43 V . -22.95 56.53 16.10
OAN Y43 V . -22.13 54.06 16.15
OAO Y43 V . -24.46 54.58 16.74
OAP Y43 V . -23.77 54.74 14.29
OAR Y43 V . -21.37 54.98 13.40
OAS Y43 V . -23.28 55.25 11.85
OAT Y43 V . -22.70 53.01 12.73
PAI Y43 V . -21.49 57.24 15.93
PAM Y43 V . -23.31 54.95 15.84
PAQ Y43 V . -22.76 54.49 13.05
ZN ZN W . -1.01 54.24 22.40
C4 Y43 X . 1.09 57.55 32.51
C5 Y43 X . 1.22 56.41 33.26
C6 Y43 X . 1.74 56.49 34.69
C8 Y43 X . 0.46 55.89 31.33
N1 Y43 X . 2.09 57.74 35.26
N3 Y43 X . 1.46 58.87 33.10
C2 Y43 X . 1.96 58.95 34.47
CAB Y43 X . 0.31 58.14 28.03
CAC Y43 X . 1.16 57.92 29.20
CAD Y43 X . 0.34 58.10 30.25
CAF Y43 X . -1.11 57.64 28.50
CAG Y43 X . -1.24 56.13 28.18
N7 Y43 X . 0.83 55.40 32.49
N9 Y43 X . 0.63 57.20 31.32
O6 Y43 X . 1.85 55.52 35.31
OAA Y43 X . 0.25 59.46 27.71
OAE Y43 X . -1.15 57.81 29.75
OAH Y43 X . -1.70 56.02 26.83
OAJ Y43 X . -0.75 53.63 26.58
OAK Y43 X . -1.60 54.77 24.57
OAL Y43 X . 0.56 55.64 25.68
OAN Y43 X . 2.34 56.88 24.32
OAO Y43 X . 0.69 55.53 23.09
OAP Y43 X . 2.53 54.33 24.42
OAR Y43 X . 0.65 52.65 23.90
OAS Y43 X . 2.72 52.57 22.55
OAT Y43 X . 2.74 51.84 24.91
PAI Y43 X . -0.89 54.95 25.87
PAM Y43 X . 1.52 55.60 24.34
PAQ Y43 X . 2.15 52.82 23.93
ZN ZN Y . 47.58 -8.72 33.22
C4 Y43 Z . 55.77 -1.77 35.36
C5 Y43 Z . 55.57 -0.69 34.55
C6 Y43 Z . 56.42 0.58 34.74
C8 Y43 Z . 54.23 -2.23 33.96
N1 Y43 Z . 57.40 0.64 35.76
N3 Y43 Z . 56.80 -1.72 36.43
C2 Y43 Z . 57.60 -0.52 36.62
CAB Y43 Z . 53.27 -5.57 35.92
CAC Y43 Z . 53.62 -4.17 36.19
CAD Y43 Z . 54.79 -4.00 35.56
CAF Y43 Z . 53.89 -5.86 34.49
CAG Y43 Z . 52.84 -5.50 33.41
N7 Y43 Z . 54.61 -1.01 33.69
N9 Y43 Z . 54.91 -2.70 34.97
O6 Y43 Z . 56.24 1.49 34.05
OAA Y43 Z . 53.83 -6.40 36.83
OAE Y43 Z . 54.89 -5.08 34.39
OAH Y43 Z . 52.02 -6.65 33.22
OAJ Y43 Z . 49.66 -7.61 32.79
OAK Y43 Z . 50.06 -5.24 32.28
OAL Y43 Z . 50.06 -5.97 34.73
OAN Y43 Z . 48.11 -7.65 35.16
OAO Y43 Z . 49.09 -6.42 37.07
OAP Y43 Z . 47.60 -5.14 35.42
OAR Y43 Z . 47.03 -5.86 33.02
OAS Y43 Z . 46.43 -3.60 33.78
OAT Y43 Z . 45.19 -5.56 34.64
PAI Y43 Z . 50.38 -6.38 33.20
PAM Y43 Z . 48.70 -6.34 35.60
PAQ Y43 Z . 46.54 -5.04 34.19
ZN ZN AA . 50.49 -24.06 20.69
C4 Y43 BA . 59.19 -30.44 21.85
C5 Y43 BA . 58.76 -31.54 22.56
C6 Y43 BA . 59.69 -32.76 22.70
C8 Y43 BA . 57.21 -30.08 22.58
N1 Y43 BA . 60.98 -32.75 22.12
N3 Y43 BA . 60.55 -30.43 21.25
C2 Y43 BA . 61.42 -31.57 21.38
CAB Y43 BA . 56.87 -26.77 20.37
CAC Y43 BA . 57.38 -28.14 20.26
CAD Y43 BA . 58.24 -28.26 21.29
CAF Y43 BA . 56.91 -26.47 21.91
CAG Y43 BA . 55.55 -26.89 22.53
N7 Y43 BA . 57.53 -31.28 22.99
N9 Y43 BA . 58.19 -29.55 21.89
O6 Y43 BA . 59.31 -33.69 23.29
OAA Y43 BA . 57.70 -25.90 19.72
OAE Y43 BA . 57.83 -27.18 22.39
OAH Y43 BA . 54.65 -25.79 22.38
OAJ Y43 BA . 52.57 -27.32 22.53
OAK Y43 BA . 52.25 -24.96 21.89
OAL Y43 BA . 53.45 -26.56 20.25
OAN Y43 BA . 53.39 -26.14 17.73
OAO Y43 BA . 51.71 -24.98 19.11
OAP Y43 BA . 51.47 -27.51 18.71
OAR Y43 BA . 50.01 -26.85 20.71
OAS Y43 BA . 48.92 -27.23 18.52
OAT Y43 BA . 49.84 -29.13 19.80
PAI Y43 BA . 53.15 -26.14 21.79
PAM Y43 BA . 52.49 -26.26 18.94
PAQ Y43 BA . 50.03 -27.68 19.45
ZN ZN CA . -52.90 -25.32 -0.77
C4 Y43 DA . -60.12 -25.92 -9.13
C5 Y43 DA . -59.63 -25.10 -10.11
C6 Y43 DA . -60.27 -25.12 -11.50
C8 Y43 DA . -58.47 -24.80 -8.35
N1 Y43 DA . -61.37 -25.96 -11.78
N3 Y43 DA . -61.28 -26.81 -9.40
C2 Y43 DA . -61.89 -26.82 -10.72
CAB Y43 DA . -58.39 -27.01 -5.02
CAC Y43 DA . -58.55 -27.18 -6.47
CAD Y43 DA . -59.57 -26.35 -6.79
CAF Y43 DA . -58.83 -25.52 -4.75
CAG Y43 DA . -57.58 -24.61 -4.88
N7 Y43 DA . -58.60 -24.43 -9.59
N9 Y43 DA . -59.37 -25.71 -8.05
O6 Y43 DA . -59.84 -24.43 -12.34
OAA Y43 DA . -59.22 -27.85 -4.35
OAE Y43 DA . -59.66 -25.22 -5.66
OAH Y43 DA . -56.94 -24.60 -3.60
OAJ Y43 DA . -54.73 -24.59 -2.25
OAK Y43 DA . -54.65 -23.93 -4.63
OAL Y43 DA . -55.15 -26.38 -4.06
OAN Y43 DA . -53.59 -27.18 -2.12
OAO Y43 DA . -54.64 -28.85 -3.61
OAP Y43 DA . -52.73 -27.43 -4.53
OAR Y43 DA . -51.92 -25.18 -3.59
OAS Y43 DA . -51.07 -25.95 -5.77
OAT Y43 DA . -50.32 -27.06 -3.69
PAI Y43 DA . -55.29 -24.83 -3.61
PAM Y43 DA . -54.02 -27.47 -3.54
PAQ Y43 DA . -51.49 -26.38 -4.38
ZN ZN EA . -56.28 -13.04 14.66
C4 Y43 FA . -66.07 -13.10 19.44
C5 Y43 FA . -65.94 -13.90 20.55
C6 Y43 FA . -67.07 -13.94 21.60
C8 Y43 FA . -64.19 -14.12 19.35
N1 Y43 FA . -68.23 -13.16 21.42
N3 Y43 FA . -67.30 -12.28 19.25
C2 Y43 FA . -68.36 -12.33 20.25
CAB Y43 FA . -62.99 -11.88 16.28
CAC Y43 FA . -63.69 -11.74 17.56
CAD Y43 FA . -64.71 -12.62 17.48
CAF Y43 FA . -63.21 -13.39 15.88
CAG Y43 FA . -62.05 -14.22 16.48
N7 Y43 FA . -64.77 -14.51 20.47
N9 Y43 FA . -64.96 -13.26 18.73
O6 Y43 FA . -66.95 -14.62 22.54
OAA Y43 FA . -63.55 -11.07 15.34
OAE Y43 FA . -64.30 -13.73 16.42
OAH Y43 FA . -60.97 -14.19 15.54
OAJ Y43 FA . -59.22 -14.74 17.36
OAK Y43 FA . -58.43 -14.06 15.13
OAL Y43 FA . -59.59 -12.31 16.62
OAN Y43 FA . -59.08 -9.82 16.37
OAO Y43 FA . -57.47 -11.42 15.41
OAP Y43 FA . -57.59 -11.14 17.96
OAR Y43 FA . -56.36 -13.33 17.41
OAS Y43 FA . -55.03 -11.36 18.09
OAT Y43 FA . -56.44 -12.55 19.75
PAI Y43 FA . -59.48 -13.86 16.16
PAM Y43 FA . -58.41 -11.17 16.55
PAQ Y43 FA . -56.34 -12.12 18.30
PA NAD GA . 21.36 0.45 -27.55
O1A NAD GA . 21.02 1.77 -28.23
O2A NAD GA . 21.62 0.73 -26.11
O5B NAD GA . 22.72 -0.20 -28.26
C5B NAD GA . 22.86 -0.11 -29.69
C4B NAD GA . 24.02 0.64 -29.96
O4B NAD GA . 25.25 -0.14 -29.54
C3B NAD GA . 24.22 0.88 -31.53
O3B NAD GA . 24.42 2.38 -31.79
C2B NAD GA . 25.22 0.23 -31.83
O2B NAD GA . 26.01 0.90 -32.90
C1B NAD GA . 26.12 0.16 -30.43
N9A NAD GA . 27.11 -0.86 -30.51
C8A NAD GA . 26.91 -2.13 -30.91
N7A NAD GA . 28.09 -2.79 -30.82
C5A NAD GA . 29.05 -1.93 -30.36
C6A NAD GA . 30.44 -1.99 -30.07
N6A NAD GA . 31.17 -3.27 -30.26
N1A NAD GA . 31.10 -0.93 -29.61
C2A NAD GA . 30.45 0.21 -29.44
N3A NAD GA . 29.15 0.34 -29.69
C4A NAD GA . 28.44 -0.72 -30.16
O3 NAD GA . 20.10 -0.55 -27.71
PN NAD GA . 20.10 -2.14 -27.42
O1N NAD GA . 21.48 -2.70 -27.51
O2N NAD GA . 19.23 -2.82 -28.42
O5D NAD GA . 19.48 -2.43 -25.88
C5D NAD GA . 18.13 -2.01 -25.61
C4D NAD GA . 18.06 -1.43 -24.13
O4D NAD GA . 17.75 -2.61 -23.10
C3D NAD GA . 19.19 -0.98 -23.80
O3D NAD GA . 19.25 0.44 -24.03
C2D NAD GA . 19.31 -1.30 -22.15
O2D NAD GA . 18.56 -0.28 -21.39
C1D NAD GA . 18.79 -2.46 -21.99
N1N NAD GA . 19.85 -3.52 -22.12
C2N NAD GA . 20.94 -3.47 -21.31
C3N NAD GA . 21.93 -4.44 -21.41
C7N NAD GA . 23.21 -4.42 -20.49
O7N NAD GA . 24.24 -4.03 -20.91
N7N NAD GA . 23.12 -4.89 -19.09
C4N NAD GA . 21.79 -5.45 -22.37
C5N NAD GA . 20.66 -5.47 -23.20
C6N NAD GA . 19.70 -4.47 -23.03
PA NAD HA . -3.81 2.24 -38.63
O1A NAD HA . -4.55 3.53 -38.62
O2A NAD HA . -3.75 1.71 -37.21
O5B NAD HA . -4.60 1.14 -39.61
C5B NAD HA . -4.29 -0.25 -39.47
C4B NAD HA . -5.49 -0.95 -39.18
O4B NAD HA . -6.41 -0.93 -40.37
C3B NAD HA . -5.23 -2.49 -38.90
O3B NAD HA . -5.84 -2.89 -37.55
C2B NAD HA . -5.77 -3.10 -39.84
O2B NAD HA . -6.36 -4.39 -39.41
C1B NAD HA . -6.98 -2.07 -40.34
N9A NAD HA . -7.45 -2.42 -41.65
C8A NAD HA . -6.68 -2.67 -42.71
N7A NAD HA . -7.50 -2.97 -43.76
C5A NAD HA . -8.80 -2.90 -43.34
C6A NAD HA . -10.08 -3.10 -43.93
N6A NAD HA . -10.18 -3.46 -45.36
N1A NAD HA . -11.19 -2.95 -43.21
C2A NAD HA . -11.10 -2.62 -41.93
N3A NAD HA . -9.93 -2.43 -41.32
C4A NAD HA . -8.77 -2.57 -42.02
O3 NAD HA . -2.29 2.47 -39.17
PN NAD HA . -1.88 2.95 -40.66
O1N NAD HA . -0.52 2.42 -40.98
O2N NAD HA . -2.86 2.42 -41.66
O5D NAD HA . -1.85 4.63 -40.73
C5D NAD HA . -0.92 5.33 -39.89
C4D NAD HA . -1.55 6.74 -39.52
O4D NAD HA . -1.20 7.81 -40.65
C3D NAD HA . -2.80 6.66 -39.51
O3D NAD HA . -3.28 6.40 -38.17
C2D NAD HA . -3.33 8.17 -40.01
O2D NAD HA . -3.27 9.12 -38.89
C1D NAD HA . -2.51 8.55 -40.94
N1N NAD HA . -3.05 8.13 -42.29
C2N NAD HA . -4.28 8.51 -42.65
C3N NAD HA . -4.81 8.13 -43.89
C7N NAD HA . -6.26 8.54 -44.35
O7N NAD HA . -7.14 7.77 -44.32
N7N NAD HA . -6.51 9.92 -44.85
C4N NAD HA . -4.01 7.35 -44.74
C5N NAD HA . -2.72 6.98 -44.33
C6N NAD HA . -2.27 7.39 -43.08
PA NAD IA . -16.49 30.64 -2.07
O1A NAD IA . -15.84 31.27 -3.29
O2A NAD IA . -16.87 29.23 -2.41
O5B NAD IA . -17.83 31.52 -1.64
C5B NAD IA . -17.74 32.94 -1.62
C4B NAD IA . -18.71 33.45 -2.51
O4B NAD IA . -20.10 33.21 -1.97
C3B NAD IA . -18.60 35.04 -2.66
O3B NAD IA . -18.50 35.41 -4.15
C2B NAD IA . -19.63 35.49 -2.15
O2B NAD IA . -20.11 36.71 -2.85
C1B NAD IA . -20.75 34.26 -2.32
N9A NAD IA . -21.86 34.45 -1.46
C8A NAD IA . -21.82 34.76 -0.16
N7A NAD IA . -23.09 34.85 0.30
C5A NAD IA . -23.95 34.58 -0.74
C6A NAD IA . -25.37 34.51 -0.89
N6A NAD IA . -26.26 34.77 0.25
N1A NAD IA . -25.90 34.22 -2.09
C2A NAD IA . -25.10 33.99 -3.12
N3A NAD IA . -23.78 34.04 -3.03
C4A NAD IA . -23.19 34.34 -1.84
O3 NAD IA . -15.41 30.64 -0.85
PN NAD IA . -15.71 30.20 0.68
O1N NAD IA . -17.15 30.50 1.03
O2N NAD IA . -14.82 30.98 1.59
O5D NAD IA . -15.41 28.57 0.87
C5D NAD IA . -14.07 28.10 0.64
C4D NAD IA . -14.14 26.63 0.05
O4D NAD IA . -14.19 25.57 1.24
C3D NAD IA . -15.20 26.47 -0.59
O3D NAD IA . -14.98 26.71 -2.00
C2D NAD IA . -15.63 24.88 -0.33
O2D NAD IA . -14.86 24.00 -1.22
C1D NAD IA . -15.34 24.62 0.90
N1N NAD IA . -16.54 24.91 1.76
C2N NAD IA . -17.71 24.30 1.50
C3N NAD IA . -18.83 24.54 2.28
C7N NAD IA . -20.21 23.84 2.00
O7N NAD IA . -21.08 24.43 1.46
N7N NAD IA . -20.43 22.44 2.42
C4N NAD IA . -18.72 25.45 3.36
C5N NAD IA . -17.49 26.07 3.59
C6N NAD IA . -16.41 25.77 2.77
PA NAD JA . 10.04 37.59 0.72
O1A NAD JA . 11.00 37.49 -0.41
O2A NAD JA . 9.64 36.19 1.16
O5B NAD JA . 10.74 38.38 2.01
C5B NAD JA . 10.19 38.21 3.32
C4B NAD JA . 11.22 37.73 4.16
O4B NAD JA . 12.28 38.79 4.35
C3B NAD JA . 10.68 37.42 5.63
O3B NAD JA . 11.01 35.98 6.02
C2B NAD JA . 11.26 38.23 6.37
O2B NAD JA . 11.59 37.64 7.69
C1B NAD JA . 12.66 38.60 5.56
N9A NAD JA . 13.26 39.80 6.07
C8A NAD JA . 12.64 40.96 6.26
N7A NAD JA . 13.54 41.85 6.75
C5A NAD JA . 14.75 41.22 6.87
C6A NAD JA . 16.07 41.59 7.31
N6A NAD JA . 16.32 42.97 7.78
N1A NAD JA . 17.06 40.70 7.29
C2A NAD JA . 16.82 39.47 6.87
N3A NAD JA . 15.64 39.07 6.45
C4A NAD JA . 14.57 39.93 6.45
O3 NAD JA . 8.71 38.38 0.24
PN NAD JA . 8.61 39.96 -0.12
O1N NAD JA . 7.25 40.47 0.26
O2N NAD JA . 9.66 40.73 0.62
O5D NAD JA . 8.83 40.15 -1.77
C5D NAD JA . 7.91 39.48 -2.66
C4D NAD JA . 8.71 39.02 -3.95
O4D NAD JA . 8.73 40.20 -5.03
C3D NAD JA . 9.91 38.82 -3.67
O3D NAD JA . 10.14 37.42 -3.36
C2D NAD JA . 10.75 39.25 -5.05
O2D NAD JA . 10.68 38.15 -6.04
C1D NAD JA . 10.18 40.29 -5.51
N1N NAD JA . 10.83 41.52 -4.95
C2N NAD JA . 12.15 41.70 -5.11
C3N NAD JA . 12.79 42.83 -4.59
C7N NAD JA . 14.33 43.07 -4.76
O7N NAD JA . 15.08 42.84 -3.88
N7N NAD JA . 14.86 43.61 -6.04
C4N NAD JA . 12.02 43.77 -3.90
C5N NAD JA . 10.64 43.55 -3.74
C6N NAD JA . 10.09 42.40 -4.28
PA NAD KA . 18.13 -9.99 32.92
O1A NAD KA . 17.78 -9.28 31.62
O2A NAD KA . 16.86 -10.19 33.69
O5B NAD KA . 19.20 -9.05 33.79
C5B NAD KA . 20.28 -8.41 33.11
C4B NAD KA . 20.18 -7.02 33.33
O4B NAD KA . 20.47 -6.71 34.77
C3B NAD KA . 21.26 -6.20 32.50
O3B NAD KA . 20.57 -5.10 31.68
C2B NAD KA . 22.02 -5.71 33.35
O2B NAD KA . 22.52 -4.38 32.95
C1B NAD KA . 21.07 -5.58 34.71
N9A NAD KA . 21.88 -5.39 35.88
C8A NAD KA . 22.94 -6.12 36.23
N7A NAD KA . 23.42 -5.64 37.41
C5A NAD KA . 22.63 -4.59 37.80
C6A NAD KA . 22.60 -3.68 38.91
N6A NAD KA . 23.62 -3.79 39.98
N1A NAD KA . 21.67 -2.73 38.98
C2A NAD KA . 20.76 -2.63 38.03
N3A NAD KA . 20.73 -3.44 36.98
C4A NAD KA . 21.66 -4.44 36.84
O3 NAD KA . 18.80 -11.43 32.57
PN NAD KA . 19.51 -12.42 33.62
O1N NAD KA . 20.06 -11.65 34.78
O2N NAD KA . 20.64 -13.14 32.93
O5D NAD KA . 18.40 -13.54 34.18
C5D NAD KA . 17.77 -14.40 33.21
C4D NAD KA . 16.25 -14.62 33.65
O4D NAD KA . 16.15 -15.85 34.65
C3D NAD KA . 15.85 -13.63 34.30
O3D NAD KA . 15.16 -12.70 33.42
C2D NAD KA . 14.78 -14.24 35.43
O2D NAD KA . 13.47 -14.47 34.80
C1D NAD KA . 15.28 -15.36 35.82
N1N NAD KA . 16.13 -15.14 37.04
C2N NAD KA . 15.58 -14.56 38.12
C3N NAD KA . 16.34 -14.34 39.27
C7N NAD KA . 15.72 -13.67 40.56
O7N NAD KA . 15.91 -12.52 40.77
N7N NAD KA . 14.91 -14.48 41.48
C4N NAD KA . 17.69 -14.71 39.26
C5N NAD KA . 18.24 -15.30 38.11
C6N NAD KA . 17.42 -15.50 37.00
PA NAD LA . 23.15 -24.29 10.01
O1A NAD LA . 22.33 -23.83 8.86
O2A NAD LA . 22.24 -25.02 11.00
O5B NAD LA . 24.35 -25.33 9.50
C5B NAD LA . 25.23 -25.89 10.47
C4B NAD LA . 25.29 -27.29 10.26
O4B NAD LA . 26.10 -27.58 9.03
C3B NAD LA . 26.05 -28.03 11.45
O3B NAD LA . 25.15 -29.15 12.00
C2B NAD LA . 27.07 -28.51 10.93
O2B NAD LA . 27.42 -29.82 11.51
C1B NAD LA . 26.71 -28.68 9.32
N9A NAD LA . 27.89 -28.79 8.53
C8A NAD LA . 28.98 -28.02 8.62
N7A NAD LA . 29.88 -28.45 7.69
C5A NAD LA . 29.34 -29.50 7.02
C6A NAD LA . 29.77 -30.36 5.96
N6A NAD LA . 31.11 -30.18 5.35
N1A NAD LA . 28.97 -31.33 5.52
C2A NAD LA . 27.78 -31.50 6.05
N3A NAD LA . 27.32 -30.73 7.04
C4A NAD LA . 28.10 -29.72 7.54
O3 NAD LA . 23.85 -23.04 10.76
PN NAD LA . 24.11 -21.59 10.09
O1N NAD LA . 24.95 -20.76 11.00
O2N NAD LA . 24.83 -21.76 8.78
O5D NAD LA . 22.64 -20.83 9.83
C5D NAD LA . 22.63 -19.54 9.19
C4D NAD LA . 21.38 -19.48 8.21
O4D NAD LA . 21.58 -18.32 7.14
C3D NAD LA . 21.31 -20.53 7.54
O3D NAD LA . 20.43 -21.47 8.19
C2D NAD LA . 20.68 -20.07 6.07
O2D NAD LA . 19.23 -19.91 6.17
C1D NAD LA . 21.23 -18.94 5.78
N1N NAD LA . 22.48 -19.17 4.98
C2N NAD LA . 22.42 -19.84 3.82
C3N NAD LA . 23.56 -20.05 3.06
C7N NAD LA . 23.52 -20.85 1.69
O7N NAD LA . 23.85 -21.98 1.66
N7N NAD LA . 23.08 -20.17 0.45
C4N NAD LA . 24.78 -19.56 3.53
C5N NAD LA . 24.82 -18.87 4.75
C6N NAD LA . 23.63 -18.69 5.45
PA NAD MA . -24.41 -29.91 4.96
O1A NAD MA . -23.75 -28.64 4.46
O2A NAD MA . -23.35 -30.91 5.25
O5B NAD MA . -25.45 -30.49 3.80
C5B NAD MA . -26.19 -29.56 2.99
C4B NAD MA . -25.90 -29.85 1.64
O4B NAD MA . -26.42 -31.22 1.27
C3B NAD MA . -26.64 -28.85 0.64
O3B NAD MA . -25.60 -28.14 -0.23
C2B NAD MA . -27.39 -29.56 -0.04
O2B NAD MA . -27.45 -29.12 -1.46
C1B NAD MA . -26.73 -31.08 0.04
N9A NAD MA . -27.67 -32.09 -0.35
C8A NAD MA . -28.88 -32.27 0.18
N7A NAD MA . -29.47 -33.33 -0.45
C5A NAD MA . -28.60 -33.81 -1.39
C6A NAD MA . -28.61 -34.87 -2.36
N6A NAD MA . -29.79 -35.74 -2.48
N1A NAD MA . -27.55 -35.06 -3.15
C2A NAD MA . -26.49 -34.28 -3.04
N3A NAD MA . -26.42 -33.29 -2.17
C4A NAD MA . -27.47 -33.04 -1.33
O3 NAD MA . -25.23 -29.57 6.32
PN NAD MA . -26.29 -30.56 7.06
O1N NAD MA . -26.83 -31.57 6.10
O2N NAD MA . -27.42 -29.75 7.60
O5D NAD MA . -25.52 -31.35 8.33
C5D NAD MA . -24.94 -30.54 9.37
C4D NAD MA . -23.54 -31.17 9.79
O4D NAD MA . -23.75 -32.23 10.98
C3D NAD MA . -23.06 -31.84 8.85
O3D NAD MA . -22.14 -31.03 8.09
C2D NAD MA . -22.26 -33.12 9.56
O2D NAD MA . -20.94 -32.68 10.04
C1D NAD MA . -22.99 -33.49 10.55
N1N NAD MA . -23.95 -34.55 10.11
C2N NAD MA . -23.48 -35.67 9.53
C3N NAD MA . -24.36 -36.68 9.11
C7N NAD MA . -23.84 -38.00 8.42
O7N NAD MA . -23.89 -38.10 7.25
N7N NAD MA . -23.34 -39.12 9.24
C4N NAD MA . -25.73 -36.50 9.32
C5N NAD MA . -26.18 -35.33 9.94
C6N NAD MA . -25.25 -34.37 10.33
PA NAD NA . -27.91 -6.92 19.73
O1A NAD NA . -26.86 -5.85 19.84
O2A NAD NA . -27.41 -8.16 20.45
O5B NAD NA . -29.32 -6.40 20.45
C5B NAD NA . -30.25 -7.38 20.94
C4B NAD NA . -30.51 -7.08 22.30
O4B NAD NA . -31.22 -5.76 22.41
C3B NAD NA . -31.52 -8.14 22.96
O3B NAD NA . -30.82 -8.80 24.16
C2B NAD NA . -32.50 -7.47 23.31
O2B NAD NA . -33.03 -7.93 24.62
C1B NAD NA . -31.95 -5.91 23.45
N9A NAD NA . -33.03 -4.97 23.44
C8A NAD NA . -33.96 -4.85 22.49
N7A NAD NA . -34.79 -3.84 22.85
C5A NAD NA . -34.37 -3.32 24.03
C6A NAD NA . -34.80 -2.27 24.92
N6A NAD NA . -35.99 -1.46 24.58
N1A NAD NA . -34.13 -2.01 26.04
C2A NAD NA . -33.06 -2.74 26.35
N3A NAD NA . -32.61 -3.71 25.57
C4A NAD NA . -33.26 -4.02 24.41
O3 NAD NA . -28.18 -7.29 18.17
PN NAD NA . -28.92 -6.33 17.10
O1N NAD NA . -29.73 -7.19 16.18
O2N NAD NA . -29.83 -5.36 17.79
O5D NAD NA . -27.77 -5.51 16.20
C5D NAD NA . -26.77 -6.26 15.49
C4D NAD NA . -25.37 -5.53 15.61
O4D NAD NA . -25.21 -4.47 14.42
C3D NAD NA . -25.32 -4.85 16.66
O3D NAD NA . -24.70 -5.62 17.73
C2D NAD NA . -24.39 -3.52 16.29
O2D NAD NA . -22.96 -3.89 16.34
C1D NAD NA . -24.70 -3.18 15.09
N1N NAD NA . -25.80 -2.16 15.12
C2N NAD NA . -25.64 -1.02 15.83
C3N NAD NA . -26.64 -0.06 15.87
C7N NAD NA . -26.48 1.28 16.69
O7N NAD NA . -26.96 1.37 17.77
N7N NAD NA . -25.77 2.43 16.11
C4N NAD NA . -27.83 -0.29 15.16
C5N NAD NA . -27.97 -1.48 14.43
C6N NAD NA . -26.92 -2.40 14.44
#